data_7CWN
#
_entry.id   7CWN
#
loop_
_entity.id
_entity.type
_entity.pdbx_description
1 polymer 'Spike glycoprotein'
2 polymer 'heavy chain of P17 Fab'
3 polymer 'light chain of P17 Fab'
4 polymer 'light chain of H014 Fab'
5 polymer 'heavy chain of H014 Fab'
6 branched 2-acetamido-2-deoxy-beta-D-glucopyranose-(1-4)-2-acetamido-2-deoxy-beta-D-glucopyranose
7 non-polymer 2-acetamido-2-deoxy-beta-D-glucopyranose
#
loop_
_entity_poly.entity_id
_entity_poly.type
_entity_poly.pdbx_seq_one_letter_code
_entity_poly.pdbx_strand_id
1 'polypeptide(L)'
;MFVFLVLLPLVSSQCVNLTTRTQLPPAYTNSFTRGVYYPDKVFRSSVLHSTQDLFLPFFSNVTWFHAIHVSGTNGTKRFD
NPVLPFNDGVYFASTEKSNIIRGWIFGTTLDSKTQSLLIVNNATNVVIKVCEFQFCNDPFLGVYYHKNNKSWMESEFRVY
SSANNCTFEYVSQPFLMDLEGKQGNFKNLREFVFKNIDGYFKIYSKHTPINLVRDLPQGFSALEPLVDLPIGINITRFQT
LLALHRSYLTPGDSSSGWTAGAAAYYVGYLQPRTFLLKYNENGTITDAVDCALDPLSETKCTLKSFTVEKGIYQTSNFRV
QPTESIVRFPNITNLCPFGEVFNATRFASVYAWNRKRISNCVADYSVLYNSASFSTFKCYGVSPTKLNDLCFTNVYADSF
VIRGDEVRQIAPGQTGKIADYNYKLPDDFTGCVIAWNSNNLDSKVGGNYNYLYRLFRKSNLKPFERDISTEIYQAGSTPC
NGVEGFNCYFPLQSYGFQPTNGVGYQPYRVVVLSFELLHAPATVCGPKKSTNLVKNKCVNFNFNGLTGTGVLTESNKKFL
PFQQFGRDIADTTDAVRDPQTLEILDITPCSFGGVSVITPGTNTSNQVAVLYQDVNCTEVPVAIHADQLTPTWRVYSTGS
NVFQTRAGCLIGAEHVNNSYECDIPIGAGICASYQTQTNSPRRARSVASQSIIAYTMSLGAENSVAYSNNSIAIPTNFTI
SVTTEILPVSMTKTSVDCTMYICGDSTECSNLLLQYGSFCTQLNRALTGIAVEQDKNTQEVFAQVKQIYKTPPIKDFGGF
NFSQILPDPSKPSKRSFIEDLLFNKVTLADAGFIKQYGDCLGDIAARDLICAQKFNGLTVLPPLLTDEMIAQYTSALLAG
TITSGWTFGAGAALQIPFAMQMAYRFNGIGVTQNVLYENQKLIANQFNSAIGKIQDSLSSTASALGKLQDVVNQNAQALN
TLVKQLSSNFGAISSVLNDILSRLDKVEAEVQIDRLITGRLQSLQTYVTQQLIRAAEIRASANLAATKMSECVLGQSKRV
DFCGKGYHLMSFPQSAPHGVVFLHVTYVPAQEKNFTTAPAICHDGKAHFPREGVFVSNGTHWFVTQRNFYEPQIITTDNT
FVSGNCDVVIGIVNNTVYDPLQPELDSFKEELDKYFKNHTSPDVDLGDISGINASVVNIQKEIDRLNEVAKNLNESLIDL
QELGKYEQYIKWPWYIWLGFIAGLIAIVMVTIMLCCMTSCCSCLKGCCSCGSCCKFDEDDSEPVLKGVKLHYT
;
A,B,C
2 'polypeptide(L)'
;QQLVESGGGVVQPGRSLRLSCAASGFTFSSYAMHWVRQAPGKGLEWVAVISYDGSNKYYADSVKGRFTISRDNSKNTLYL
QMNSLRAEDTAVYYCARHATLMNNKDIWGQGTLVTVSSASTKGPSVFPLAPSGGTAALGCLVKDYFPEPVTVSWNSGALT
SGVHTFPAVLQSSGLYSLSSVVTVPSSSLGTQTYICNVNHKPSNTKVDKKVEP
;
K,L,G
3 'polypeptide(L)'
;GDIQLTQSPSSLSASVGDRVTITCRASQSISSYLNWYQQKPGKAPKLLIYAASSLQSGVPSRFSGSGSGTDFTLTISSLQ
PEDFATYYCQQSYSTPRTFGQGTKVEIKRTVAAPSVFIFPPSDEQLKSGTASVVCLLNNFYPREAKVQWKVDNALQSGNS
ESVTEQDSKDSTYSLSSTLTLSKADYEKHKVYACEVTHQGLSSTKSFNR
;
I,J,F
4 'polypeptide(L)'
;IVLTQSPFQSVSPKEKVTITCRASQSISSNLHWYQQKPDQSPKLLIKYASQSISGIPSRFSGSGSGTDFTLTINSLEAED
FGIYFCQQTNFWPYIFGQGTKLEILKRTVAAPSVFIFPPSDEQLKSGTASVVCLLNNFYPREAKVQWKVDNALQSGNSES
VTEQDSKDSTYSLSSTLTLSKADYEKHKVYACEVTHQGLSSTKSFNR
;
D,N,M
5 'polypeptide(L)'
;VQLVQSGAEVKKPGATVKISCKVSGYSFSNYYIHWVKQAPGKSLEWIGYIDPFNGGTSDNLKFKGAATLTADTSTDTAYM
ELSSLRSEDTAVYYCARSEYDPYYVMDYWGQGTTVTVSSASTKGPSVFPLAPSGGTAALGCLVKDYFPEPVTVSWNSGAL
TSGVHTFPAVLQSSGLYSLSSVVTVPSSSLGTQTYICNVNHKPSNTKVDKKVEP
;
E,H,O
#
# COMPACT_ATOMS: atom_id res chain seq x y z
N GLN A 14 48.77 -8.93 41.80
CA GLN A 14 48.17 -8.38 43.00
C GLN A 14 46.96 -9.20 43.43
N CYS A 15 45.77 -8.65 43.20
CA CYS A 15 44.50 -9.28 43.59
C CYS A 15 44.48 -9.62 45.08
N VAL A 16 45.10 -8.77 45.88
CA VAL A 16 44.98 -8.92 47.34
C VAL A 16 43.52 -8.74 47.71
N ASN A 17 43.01 -9.62 48.58
CA ASN A 17 41.55 -9.59 48.84
C ASN A 17 41.16 -9.71 50.31
N LEU A 18 40.17 -8.94 50.75
CA LEU A 18 39.66 -9.02 52.15
C LEU A 18 38.13 -8.94 52.10
N THR A 19 37.45 -10.08 51.93
CA THR A 19 35.96 -10.05 51.75
C THR A 19 35.26 -9.46 52.98
N THR A 20 35.63 -9.90 54.19
CA THR A 20 35.05 -9.31 55.43
C THR A 20 33.52 -9.22 55.31
N ARG A 21 32.85 -10.31 54.93
CA ARG A 21 31.39 -10.27 54.68
C ARG A 21 30.64 -9.88 55.97
N THR A 22 29.58 -9.07 55.84
CA THR A 22 28.81 -8.60 57.03
C THR A 22 27.32 -8.86 56.82
N GLN A 23 26.57 -9.08 57.91
CA GLN A 23 25.12 -9.38 57.82
C GLN A 23 24.29 -8.08 57.92
N LEU A 24 22.97 -8.20 58.18
CA LEU A 24 22.04 -7.04 58.34
C LEU A 24 21.36 -6.70 57.00
N PRO A 25 20.13 -6.11 57.00
CA PRO A 25 19.41 -5.80 55.76
C PRO A 25 19.89 -4.51 55.06
N PRO A 26 19.86 -4.36 53.71
CA PRO A 26 20.29 -3.10 53.10
C PRO A 26 19.42 -1.97 53.61
N ALA A 27 20.07 -0.93 54.14
CA ALA A 27 19.35 0.20 54.71
C ALA A 27 18.79 1.00 53.54
N TYR A 28 17.47 1.13 53.50
CA TYR A 28 16.84 1.77 52.36
C TYR A 28 16.58 3.24 52.67
N THR A 29 16.06 3.94 51.68
CA THR A 29 15.73 5.34 51.81
C THR A 29 14.74 5.69 50.71
N ASN A 30 14.35 6.96 50.68
CA ASN A 30 13.30 7.43 49.79
C ASN A 30 13.85 8.63 49.04
N SER A 31 14.02 8.48 47.73
CA SER A 31 14.43 9.62 46.92
C SER A 31 13.19 10.47 46.65
N PHE A 32 13.20 11.70 47.14
CA PHE A 32 11.99 12.49 47.15
C PHE A 32 11.77 13.10 45.78
N THR A 33 12.60 14.10 45.45
CA THR A 33 12.74 14.59 44.10
C THR A 33 14.20 14.44 43.73
N ARG A 34 14.51 13.51 42.83
CA ARG A 34 15.90 13.17 42.61
C ARG A 34 16.07 12.55 41.24
N GLY A 35 17.30 12.60 40.74
CA GLY A 35 17.66 11.94 39.50
C GLY A 35 16.99 12.47 38.26
N VAL A 36 16.82 13.79 38.17
CA VAL A 36 16.27 14.42 36.97
C VAL A 36 17.40 15.11 36.24
N TYR A 37 17.79 14.54 35.10
CA TYR A 37 18.84 15.08 34.26
C TYR A 37 18.21 15.77 33.08
N TYR A 38 19.05 16.31 32.20
CA TYR A 38 18.58 16.95 30.99
C TYR A 38 18.68 15.96 29.84
N PRO A 39 17.57 15.40 29.37
CA PRO A 39 17.66 14.41 28.29
C PRO A 39 17.62 15.02 26.90
N ASP A 40 18.46 16.04 26.66
CA ASP A 40 18.69 16.72 25.39
C ASP A 40 19.66 17.86 25.61
N LYS A 41 20.26 18.31 24.51
CA LYS A 41 21.07 19.52 24.50
C LYS A 41 20.24 20.77 24.24
N VAL A 42 19.01 20.60 23.79
CA VAL A 42 18.20 21.71 23.30
C VAL A 42 17.87 22.63 24.46
N PHE A 43 18.15 23.91 24.27
CA PHE A 43 17.88 24.92 25.28
C PHE A 43 16.41 25.32 25.24
N ARG A 44 15.72 25.17 26.36
CA ARG A 44 14.32 25.57 26.47
C ARG A 44 14.17 26.47 27.69
N SER A 45 13.20 27.37 27.62
CA SER A 45 13.01 28.40 28.64
C SER A 45 11.56 28.42 29.11
N SER A 46 11.36 28.11 30.39
CA SER A 46 10.06 28.24 31.05
C SER A 46 8.94 27.59 30.25
N VAL A 47 9.13 26.33 29.88
CA VAL A 47 8.11 25.56 29.17
C VAL A 47 7.96 24.24 29.90
N LEU A 48 6.83 23.57 29.69
CA LEU A 48 6.63 22.25 30.25
C LEU A 48 6.81 21.20 29.17
N HIS A 49 7.92 20.48 29.24
CA HIS A 49 8.27 19.48 28.24
C HIS A 49 8.06 18.10 28.83
N SER A 50 7.59 17.16 28.02
CA SER A 50 7.23 15.83 28.50
C SER A 50 7.85 14.78 27.60
N THR A 51 8.68 13.93 28.18
CA THR A 51 9.21 12.75 27.50
C THR A 51 9.09 11.54 28.40
N GLN A 52 9.04 10.37 27.76
CA GLN A 52 9.06 9.09 28.47
C GLN A 52 10.43 8.47 28.24
N ASP A 53 11.24 8.44 29.30
CA ASP A 53 12.62 8.00 29.24
C ASP A 53 12.96 7.29 30.53
N LEU A 54 14.11 6.62 30.51
CA LEU A 54 14.63 5.99 31.72
C LEU A 54 14.95 7.05 32.76
N PHE A 55 14.37 6.90 33.96
CA PHE A 55 14.69 7.76 35.09
C PHE A 55 14.63 6.94 36.37
N LEU A 56 14.98 7.57 37.48
CA LEU A 56 14.71 7.01 38.79
C LEU A 56 13.40 7.61 39.28
N PRO A 57 12.29 6.88 39.30
CA PRO A 57 11.01 7.48 39.65
C PRO A 57 10.99 7.98 41.08
N PHE A 58 10.26 9.09 41.29
CA PHE A 58 10.22 9.76 42.61
C PHE A 58 9.62 8.87 43.70
N PHE A 59 9.88 9.21 44.96
CA PHE A 59 9.38 8.40 46.09
C PHE A 59 9.83 6.95 45.87
N SER A 60 11.10 6.77 45.48
CA SER A 60 11.59 5.41 45.16
C SER A 60 12.42 4.83 46.30
N ASN A 61 12.58 3.51 46.30
CA ASN A 61 13.40 2.80 47.31
C ASN A 61 14.84 2.84 46.84
N VAL A 62 15.69 3.50 47.62
CA VAL A 62 17.11 3.66 47.22
C VAL A 62 17.95 3.04 48.32
N THR A 63 18.92 2.21 47.96
CA THR A 63 19.67 1.49 49.02
C THR A 63 20.85 2.34 49.49
N TRP A 64 20.83 2.81 50.74
CA TRP A 64 21.99 3.54 51.31
C TRP A 64 23.02 2.49 51.70
N PHE A 65 23.93 2.14 50.78
CA PHE A 65 24.95 1.10 51.02
C PHE A 65 26.17 1.71 51.71
N HIS A 66 27.00 0.89 52.36
CA HIS A 66 28.27 1.41 52.95
C HIS A 66 29.43 0.56 52.43
N ALA A 67 30.36 1.15 51.68
CA ALA A 67 31.55 0.39 51.22
C ALA A 67 32.42 0.02 52.42
N ILE A 68 32.65 0.97 53.34
CA ILE A 68 33.41 0.69 54.60
C ILE A 68 32.53 1.18 55.74
N HIS A 69 32.29 0.35 56.76
CA HIS A 69 31.33 0.78 57.80
C HIS A 69 31.82 0.49 59.22
N VAL A 70 32.28 1.51 59.95
CA VAL A 70 32.60 1.31 61.35
C VAL A 70 31.33 1.31 62.20
N SER A 71 31.08 0.19 62.87
CA SER A 71 30.08 0.10 63.93
C SER A 71 30.87 -0.08 65.22
N GLY A 72 30.87 0.96 66.05
CA GLY A 72 31.88 1.10 67.09
C GLY A 72 31.90 0.10 68.22
N THR A 73 33.04 -0.59 68.35
CA THR A 73 33.51 -1.13 69.61
C THR A 73 34.97 -0.71 69.75
N ASN A 74 35.84 -1.24 68.89
CA ASN A 74 37.04 -0.54 68.47
C ASN A 74 37.29 -0.95 67.02
N GLY A 75 37.48 0.04 66.15
CA GLY A 75 37.70 -0.29 64.75
C GLY A 75 36.46 -0.94 64.14
N THR A 76 36.63 -2.16 63.66
CA THR A 76 35.59 -2.95 62.99
C THR A 76 35.09 -2.22 61.73
N LYS A 77 35.97 -2.19 60.73
CA LYS A 77 35.65 -1.66 59.42
C LYS A 77 35.07 -2.77 58.55
N ARG A 78 33.86 -2.54 58.04
CA ARG A 78 33.10 -3.56 57.32
C ARG A 78 33.11 -3.27 55.83
N PHE A 79 33.82 -4.10 55.07
CA PHE A 79 33.91 -3.98 53.62
C PHE A 79 32.82 -4.84 53.01
N ASP A 80 31.71 -4.21 52.61
CA ASP A 80 30.55 -4.94 52.11
C ASP A 80 30.30 -4.80 50.61
N ASN A 81 31.00 -3.93 49.90
CA ASN A 81 30.44 -3.46 48.62
C ASN A 81 30.29 -4.60 47.62
N PRO A 82 29.08 -4.99 47.27
CA PRO A 82 28.89 -6.15 46.38
C PRO A 82 29.02 -5.77 44.92
N VAL A 83 29.29 -6.80 44.11
CA VAL A 83 29.02 -6.69 42.68
C VAL A 83 27.53 -6.53 42.49
N LEU A 84 27.13 -5.51 41.75
CA LEU A 84 25.71 -5.24 41.65
C LEU A 84 25.25 -5.25 40.21
N PRO A 85 24.08 -5.83 39.94
CA PRO A 85 23.58 -5.84 38.56
C PRO A 85 23.28 -4.43 38.09
N PHE A 86 23.40 -4.21 36.78
CA PHE A 86 23.07 -2.92 36.20
C PHE A 86 21.58 -2.78 36.00
N ASN A 87 20.89 -3.86 35.66
CA ASN A 87 19.44 -3.89 35.39
C ASN A 87 19.16 -2.89 34.26
N ASP A 88 18.11 -2.08 34.35
CA ASP A 88 17.77 -1.12 33.31
C ASP A 88 18.73 0.06 33.26
N GLY A 89 18.79 0.85 34.31
CA GLY A 89 19.78 1.91 34.42
C GLY A 89 20.15 2.08 35.87
N VAL A 90 21.18 2.89 36.10
CA VAL A 90 21.78 3.02 37.42
C VAL A 90 21.89 4.49 37.81
N TYR A 91 21.56 4.77 39.06
CA TYR A 91 21.74 6.08 39.68
C TYR A 91 22.76 5.91 40.79
N PHE A 92 23.45 7.00 41.14
CA PHE A 92 24.46 6.94 42.18
C PHE A 92 24.54 8.29 42.91
N ALA A 93 24.80 8.22 44.22
CA ALA A 93 24.92 9.43 45.03
C ALA A 93 25.87 9.15 46.18
N SER A 94 26.63 10.19 46.58
CA SER A 94 27.57 10.06 47.69
C SER A 94 27.88 11.44 48.25
N THR A 95 28.40 11.45 49.47
CA THR A 95 28.85 12.68 50.10
C THR A 95 30.37 12.72 50.12
N GLU A 96 30.97 11.93 51.02
CA GLU A 96 32.41 11.62 51.01
C GLU A 96 33.24 12.90 51.03
N LYS A 97 33.10 13.67 52.11
CA LYS A 97 33.92 14.90 52.25
C LYS A 97 35.37 14.49 51.94
N SER A 98 35.82 13.38 52.51
CA SER A 98 37.17 12.84 52.15
C SER A 98 36.93 11.75 51.11
N ASN A 99 37.42 11.94 49.89
CA ASN A 99 37.09 10.96 48.83
C ASN A 99 37.67 9.59 49.17
N ILE A 100 36.88 8.56 48.96
CA ILE A 100 37.40 7.17 49.14
C ILE A 100 36.89 6.47 47.89
N ILE A 101 36.06 7.18 47.12
CA ILE A 101 35.43 6.60 45.94
C ILE A 101 36.04 7.23 44.70
N ARG A 102 36.25 6.42 43.67
CA ARG A 102 36.92 6.90 42.48
C ARG A 102 36.09 6.61 41.23
N GLY A 103 35.81 5.34 40.97
CA GLY A 103 35.15 4.95 39.75
C GLY A 103 34.41 3.64 39.95
N TRP A 104 33.94 3.08 38.83
CA TRP A 104 33.14 1.86 38.87
C TRP A 104 33.66 0.89 37.81
N ILE A 105 33.34 -0.38 37.97
CA ILE A 105 33.95 -1.45 37.20
C ILE A 105 33.11 -1.88 36.02
N PHE A 106 32.10 -1.07 35.64
CA PHE A 106 30.93 -1.56 34.89
C PHE A 106 31.32 -2.53 33.79
N GLY A 107 30.55 -3.62 33.69
CA GLY A 107 30.83 -4.66 32.74
C GLY A 107 29.74 -5.71 32.75
N THR A 108 30.07 -6.88 32.23
CA THR A 108 29.13 -7.99 32.23
C THR A 108 29.71 -9.20 32.96
N THR A 109 30.76 -9.79 32.39
CA THR A 109 31.41 -10.91 33.04
C THR A 109 32.26 -10.47 34.22
N LEU A 110 32.61 -9.18 34.28
CA LEU A 110 33.51 -8.63 35.30
C LEU A 110 34.87 -9.32 35.20
N ASP A 111 35.25 -9.61 33.97
CA ASP A 111 36.35 -10.52 33.64
C ASP A 111 36.72 -10.22 32.19
N SER A 112 37.56 -11.07 31.60
CA SER A 112 37.73 -11.04 30.16
C SER A 112 36.49 -11.65 29.50
N LYS A 113 36.56 -11.84 28.18
CA LYS A 113 35.52 -12.34 27.30
C LYS A 113 34.49 -11.26 26.97
N THR A 114 34.45 -10.16 27.71
CA THR A 114 33.64 -9.00 27.37
C THR A 114 34.53 -7.77 27.52
N GLN A 115 34.02 -6.63 27.04
CA GLN A 115 34.74 -5.40 27.31
C GLN A 115 34.59 -5.06 28.80
N SER A 116 35.23 -3.97 29.20
CA SER A 116 35.12 -3.52 30.58
C SER A 116 35.08 -2.01 30.61
N LEU A 117 34.11 -1.46 31.34
CA LEU A 117 34.11 -0.04 31.57
C LEU A 117 34.82 0.27 32.88
N LEU A 118 35.98 0.90 32.76
CA LEU A 118 36.80 1.17 33.93
C LEU A 118 36.98 2.67 34.06
N ILE A 119 36.26 3.22 35.02
CA ILE A 119 36.37 4.68 35.23
C ILE A 119 37.36 4.87 36.37
N VAL A 120 38.53 5.44 36.07
CA VAL A 120 39.43 5.75 37.21
C VAL A 120 39.61 7.26 37.28
N ASN A 121 39.13 7.87 38.36
CA ASN A 121 39.40 9.32 38.55
C ASN A 121 40.72 9.39 39.31
N ASN A 122 41.79 8.82 38.75
CA ASN A 122 43.10 8.94 39.41
C ASN A 122 43.45 10.43 39.41
N ALA A 123 43.86 10.97 40.55
CA ALA A 123 44.09 12.43 40.60
C ALA A 123 45.22 12.77 39.63
N THR A 124 45.11 13.90 38.92
CA THR A 124 43.83 14.62 38.78
C THR A 124 43.18 14.23 37.46
N ASN A 125 43.92 13.54 36.59
CA ASN A 125 43.36 13.24 35.25
C ASN A 125 42.61 11.92 35.32
N VAL A 126 41.28 12.00 35.37
CA VAL A 126 40.50 10.74 35.31
C VAL A 126 40.86 10.13 33.96
N VAL A 127 41.22 8.86 33.92
CA VAL A 127 41.47 8.23 32.60
C VAL A 127 40.34 7.22 32.35
N ILE A 128 39.20 7.69 31.85
CA ILE A 128 38.19 6.69 31.55
C ILE A 128 38.82 5.61 30.68
N LYS A 129 38.41 4.37 30.94
CA LYS A 129 38.91 3.23 30.18
C LYS A 129 37.77 2.30 29.82
N VAL A 130 37.65 2.02 28.52
CA VAL A 130 36.82 0.93 28.03
C VAL A 130 37.76 -0.09 27.41
N CYS A 131 37.96 -1.21 28.08
CA CYS A 131 39.00 -2.16 27.70
C CYS A 131 38.51 -3.56 28.03
N GLU A 132 39.43 -4.53 27.96
CA GLU A 132 39.21 -5.86 28.50
C GLU A 132 40.22 -6.09 29.62
N PHE A 133 39.72 -6.20 30.85
CA PHE A 133 40.57 -6.38 32.01
C PHE A 133 40.34 -7.74 32.64
N GLN A 134 41.13 -8.03 33.67
CA GLN A 134 40.84 -9.11 34.61
C GLN A 134 40.60 -8.48 35.97
N PHE A 135 39.35 -8.43 36.39
CA PHE A 135 39.03 -7.85 37.69
C PHE A 135 39.12 -8.92 38.78
N CYS A 136 39.78 -8.57 39.87
CA CYS A 136 40.04 -9.51 40.94
C CYS A 136 38.74 -9.82 41.68
N ASN A 137 38.85 -10.69 42.69
CA ASN A 137 37.70 -11.01 43.52
C ASN A 137 37.30 -9.87 44.45
N ASP A 138 38.26 -9.05 44.88
CA ASP A 138 37.99 -7.90 45.75
C ASP A 138 38.68 -6.68 45.16
N PRO A 139 38.20 -6.18 44.02
CA PRO A 139 38.91 -5.08 43.35
C PRO A 139 38.69 -3.74 44.06
N PHE A 140 39.74 -2.92 44.03
CA PHE A 140 39.72 -1.53 44.49
C PHE A 140 41.10 -0.96 44.25
N LEU A 141 41.17 0.36 44.19
CA LEU A 141 42.42 1.06 43.90
C LEU A 141 43.24 1.16 45.19
N GLY A 142 44.46 0.61 45.16
CA GLY A 142 45.36 0.80 46.26
C GLY A 142 46.11 2.12 46.14
N VAL A 143 46.34 2.76 47.28
CA VAL A 143 47.10 3.99 47.36
C VAL A 143 48.22 3.78 48.36
N TYR A 144 49.41 4.25 48.03
CA TYR A 144 50.57 4.10 48.90
C TYR A 144 51.39 5.37 48.80
N TYR A 145 52.56 5.37 49.41
CA TYR A 145 53.45 6.52 49.46
C TYR A 145 54.75 6.19 48.75
N HIS A 146 55.10 6.97 47.71
CA HIS A 146 56.26 6.62 46.84
C HIS A 146 57.63 6.83 47.49
N LYS A 147 57.81 7.83 48.36
CA LYS A 147 59.10 8.09 49.07
C LYS A 147 60.02 8.78 48.06
N ASN A 148 59.69 8.71 46.77
CA ASN A 148 60.45 9.42 45.72
C ASN A 148 59.57 10.58 45.28
N ASN A 149 59.95 11.83 45.59
CA ASN A 149 59.13 13.03 45.28
C ASN A 149 58.04 13.17 46.35
N LYS A 150 58.04 12.29 47.37
CA LYS A 150 57.08 12.40 48.50
C LYS A 150 55.64 12.46 48.00
N SER A 151 55.26 11.59 47.06
CA SER A 151 53.89 11.67 46.47
C SER A 151 53.10 10.37 46.72
N TRP A 152 51.81 10.49 47.04
CA TRP A 152 50.96 9.31 47.21
C TRP A 152 50.56 8.80 45.84
N MET A 153 51.12 7.69 45.40
CA MET A 153 50.69 7.09 44.15
C MET A 153 49.43 6.28 44.37
N GLU A 154 48.91 5.76 43.27
CA GLU A 154 47.76 4.86 43.31
C GLU A 154 48.14 3.61 42.55
N SER A 155 48.20 2.47 43.23
CA SER A 155 48.40 1.20 42.57
C SER A 155 47.06 0.80 41.98
N GLU A 156 47.00 0.74 40.65
CA GLU A 156 45.74 0.50 39.96
C GLU A 156 45.51 -0.98 39.68
N PHE A 157 46.51 -1.82 39.91
CA PHE A 157 46.33 -3.24 39.64
C PHE A 157 45.89 -4.01 40.88
N ARG A 158 45.66 -3.31 41.98
CA ARG A 158 44.93 -3.93 43.09
C ARG A 158 43.46 -4.10 42.71
N VAL A 159 43.01 -3.34 41.72
CA VAL A 159 41.70 -3.54 41.11
C VAL A 159 41.76 -4.78 40.24
N TYR A 160 42.54 -4.69 39.17
CA TYR A 160 42.55 -5.65 38.09
C TYR A 160 43.97 -6.10 37.77
N SER A 161 44.12 -7.37 37.45
CA SER A 161 45.44 -7.88 37.11
C SER A 161 45.85 -7.46 35.70
N SER A 162 45.16 -7.99 34.70
CA SER A 162 45.53 -7.78 33.30
C SER A 162 44.85 -6.52 32.77
N ALA A 163 45.59 -5.81 31.91
CA ALA A 163 45.03 -4.77 31.06
C ALA A 163 45.57 -4.98 29.66
N ASN A 164 44.67 -5.30 28.72
CA ASN A 164 45.07 -5.62 27.35
C ASN A 164 43.84 -5.53 26.45
N ASN A 165 44.06 -5.72 25.15
CA ASN A 165 43.00 -5.78 24.13
C ASN A 165 42.25 -4.46 24.00
N CYS A 166 42.60 -3.44 24.78
CA CYS A 166 41.70 -2.34 25.09
C CYS A 166 41.07 -1.72 23.86
N THR A 167 39.75 -1.54 23.90
CA THR A 167 38.97 -0.94 22.84
C THR A 167 38.99 0.59 22.85
N PHE A 168 38.85 1.21 24.02
CA PHE A 168 38.68 2.66 24.06
C PHE A 168 39.40 3.25 25.26
N GLU A 169 39.78 4.51 25.12
CA GLU A 169 40.47 5.26 26.16
C GLU A 169 40.06 6.73 26.03
N TYR A 170 39.97 7.41 27.18
CA TYR A 170 39.64 8.83 27.18
C TYR A 170 40.13 9.46 28.48
N VAL A 171 40.31 10.78 28.44
CA VAL A 171 40.73 11.57 29.59
C VAL A 171 39.92 12.86 29.61
N SER A 172 39.60 13.34 30.81
CA SER A 172 38.87 14.60 30.96
C SER A 172 39.23 15.23 32.30
N GLN A 173 38.66 16.40 32.56
CA GLN A 173 38.76 17.05 33.85
C GLN A 173 38.00 16.27 34.91
N PRO A 174 38.51 16.24 36.14
CA PRO A 174 37.97 15.30 37.13
C PRO A 174 36.50 15.53 37.43
N PHE A 175 35.73 14.46 37.31
CA PHE A 175 34.31 14.50 37.65
C PHE A 175 34.16 14.67 39.17
N LEU A 176 34.80 13.78 39.92
CA LEU A 176 34.95 13.92 41.36
C LEU A 176 35.79 15.16 41.61
N MET A 177 35.30 16.05 42.47
CA MET A 177 35.99 17.29 42.75
C MET A 177 35.72 17.65 44.20
N ASP A 178 36.71 18.20 44.88
CA ASP A 178 36.51 18.66 46.24
C ASP A 178 36.41 20.18 46.26
N LEU A 179 36.04 20.72 47.42
CA LEU A 179 36.09 22.13 47.74
C LEU A 179 36.67 22.24 49.14
N GLU A 180 35.93 21.68 50.08
CA GLU A 180 36.27 21.53 51.50
C GLU A 180 36.56 22.88 52.16
N GLY A 181 37.45 22.91 53.14
CA GLY A 181 37.56 24.04 54.03
C GLY A 181 36.31 24.35 54.83
N LYS A 182 35.25 23.56 54.67
CA LYS A 182 33.92 23.89 55.17
C LYS A 182 33.54 23.20 56.47
N GLN A 183 34.43 22.38 57.03
CA GLN A 183 34.16 21.61 58.26
C GLN A 183 32.77 20.98 58.24
N GLY A 184 32.38 20.48 57.08
CA GLY A 184 31.04 19.97 56.88
C GLY A 184 30.11 21.05 56.34
N ASN A 185 28.83 20.87 56.66
CA ASN A 185 27.75 21.79 56.28
C ASN A 185 27.51 21.79 54.77
N PHE A 186 28.45 21.22 54.01
CA PHE A 186 28.25 20.85 52.62
C PHE A 186 28.12 19.35 52.45
N LYS A 187 29.16 18.62 52.87
CA LYS A 187 29.31 17.17 52.66
C LYS A 187 29.60 16.91 51.19
N ASN A 188 29.48 17.95 50.36
CA ASN A 188 29.70 17.88 48.93
C ASN A 188 28.98 16.67 48.35
N LEU A 189 27.66 16.70 48.42
CA LEU A 189 26.88 15.59 47.89
C LEU A 189 27.08 15.50 46.39
N ARG A 190 27.47 14.32 45.92
CA ARG A 190 27.88 14.12 44.55
C ARG A 190 27.08 12.96 43.96
N GLU A 191 26.47 13.21 42.80
CA GLU A 191 25.59 12.26 42.15
C GLU A 191 26.10 11.96 40.75
N PHE A 192 25.95 10.71 40.33
CA PHE A 192 26.35 10.33 39.00
C PHE A 192 25.34 9.33 38.44
N VAL A 193 24.81 9.66 37.27
CA VAL A 193 23.83 8.81 36.59
C VAL A 193 24.49 8.14 35.41
N PHE A 194 24.18 6.86 35.22
CA PHE A 194 24.82 6.03 34.22
C PHE A 194 23.74 5.32 33.43
N LYS A 195 23.61 5.64 32.15
CA LYS A 195 22.57 5.09 31.30
C LYS A 195 23.20 4.58 30.02
N ASN A 196 22.97 3.31 29.71
CA ASN A 196 23.61 2.66 28.57
C ASN A 196 22.55 2.35 27.52
N ILE A 197 22.59 3.08 26.42
CA ILE A 197 21.63 2.95 25.32
C ILE A 197 22.35 3.20 24.01
N ASP A 198 21.79 2.65 22.94
CA ASP A 198 22.03 3.04 21.54
C ASP A 198 23.49 3.34 21.23
N GLY A 199 24.41 2.55 21.79
CA GLY A 199 25.82 2.79 21.55
C GLY A 199 26.40 3.96 22.31
N TYR A 200 25.57 4.76 22.97
CA TYR A 200 26.03 5.88 23.78
C TYR A 200 25.72 5.60 25.24
N PHE A 201 26.76 5.33 26.03
CA PHE A 201 26.67 5.32 27.47
C PHE A 201 27.07 6.70 27.95
N LYS A 202 26.12 7.44 28.50
CA LYS A 202 26.31 8.83 28.85
C LYS A 202 26.41 8.99 30.36
N ILE A 203 27.26 9.91 30.78
CA ILE A 203 27.52 10.14 32.19
C ILE A 203 26.93 11.49 32.58
N TYR A 204 26.37 11.55 33.77
CA TYR A 204 25.77 12.76 34.30
C TYR A 204 26.40 13.03 35.67
N SER A 205 26.33 14.28 36.13
CA SER A 205 26.99 14.63 37.37
C SER A 205 26.25 15.80 38.00
N LYS A 206 26.72 16.19 39.19
CA LYS A 206 26.17 17.29 39.98
C LYS A 206 27.02 17.39 41.24
N HIS A 207 26.98 18.56 41.87
CA HIS A 207 27.60 18.77 43.17
C HIS A 207 26.68 19.65 44.00
N THR A 208 26.35 19.20 45.20
CA THR A 208 25.38 19.91 46.00
C THR A 208 25.81 19.97 47.46
N PRO A 209 25.59 21.10 48.13
CA PRO A 209 25.74 21.15 49.58
C PRO A 209 24.56 20.43 50.25
N ILE A 210 24.85 19.72 51.34
CA ILE A 210 23.80 19.13 52.18
C ILE A 210 24.22 19.28 53.64
N ASN A 211 23.33 19.83 54.45
CA ASN A 211 23.56 19.97 55.88
C ASN A 211 22.98 18.81 56.68
N LEU A 212 22.19 17.95 56.07
CA LEU A 212 21.57 16.85 56.82
C LEU A 212 22.62 15.80 57.15
N VAL A 213 22.33 15.00 58.18
CA VAL A 213 23.30 14.04 58.68
C VAL A 213 23.68 13.04 57.58
N ARG A 214 22.69 12.41 56.96
CA ARG A 214 22.98 11.44 55.90
C ARG A 214 22.12 11.65 54.66
N ASP A 215 20.82 11.37 54.79
CA ASP A 215 19.97 11.14 53.64
C ASP A 215 19.65 12.46 52.93
N LEU A 216 18.87 12.36 51.86
CA LEU A 216 18.76 13.37 50.82
C LEU A 216 17.69 14.41 51.16
N PRO A 217 17.84 15.64 50.65
CA PRO A 217 16.81 16.68 50.89
C PRO A 217 15.67 16.61 49.88
N GLN A 218 14.80 17.62 49.92
CA GLN A 218 13.65 17.71 49.04
C GLN A 218 13.96 18.43 47.73
N GLY A 219 15.17 18.95 47.56
CA GLY A 219 15.51 19.75 46.40
C GLY A 219 15.69 18.93 45.14
N PHE A 220 15.58 19.63 44.01
CA PHE A 220 15.77 19.03 42.69
C PHE A 220 17.24 19.13 42.29
N SER A 221 17.73 18.07 41.65
CA SER A 221 19.11 18.02 41.19
C SER A 221 19.13 17.79 39.69
N ALA A 222 19.58 18.78 38.94
CA ALA A 222 19.68 18.64 37.49
C ALA A 222 21.09 18.20 37.11
N LEU A 223 21.16 17.18 36.26
CA LEU A 223 22.44 16.55 35.90
C LEU A 223 22.68 16.75 34.40
N GLU A 224 23.74 17.44 34.07
CA GLU A 224 24.03 17.60 32.65
C GLU A 224 24.77 16.36 32.15
N PRO A 225 24.64 16.00 30.88
CA PRO A 225 25.49 14.95 30.33
C PRO A 225 26.93 15.42 30.27
N LEU A 226 27.84 14.59 30.79
CA LEU A 226 29.25 14.95 30.73
C LEU A 226 29.81 14.64 29.35
N VAL A 227 29.91 13.36 29.00
CA VAL A 227 30.39 12.92 27.71
C VAL A 227 29.43 11.86 27.18
N ASP A 228 29.12 11.93 25.90
CA ASP A 228 28.32 10.92 25.23
C ASP A 228 29.26 10.01 24.45
N LEU A 229 29.55 8.81 24.99
CA LEU A 229 30.64 8.02 24.35
C LEU A 229 30.19 6.77 23.61
N PRO A 230 30.89 6.41 22.50
CA PRO A 230 30.61 5.16 21.80
C PRO A 230 31.07 4.04 22.73
N ILE A 231 30.12 3.27 23.26
CA ILE A 231 30.45 2.19 24.22
C ILE A 231 30.10 0.88 23.54
N GLY A 232 28.92 0.79 22.95
CA GLY A 232 28.49 -0.39 22.22
C GLY A 232 28.45 -1.69 22.98
N ILE A 233 28.72 -1.69 24.29
CA ILE A 233 28.60 -2.92 25.08
C ILE A 233 27.37 -2.83 25.99
N ASN A 234 26.75 -3.98 26.21
CA ASN A 234 25.75 -4.13 27.27
C ASN A 234 26.45 -4.37 28.59
N ILE A 235 26.08 -3.60 29.60
CA ILE A 235 26.62 -3.74 30.95
C ILE A 235 25.48 -4.22 31.84
N THR A 236 25.56 -5.47 32.29
CA THR A 236 24.53 -6.02 33.17
C THR A 236 24.91 -6.03 34.64
N ARG A 237 26.15 -5.70 35.00
CA ARG A 237 26.55 -5.81 36.40
C ARG A 237 27.79 -4.97 36.64
N PHE A 238 28.02 -4.62 37.91
CA PHE A 238 29.12 -3.72 38.23
C PHE A 238 29.40 -3.76 39.73
N GLN A 239 30.39 -2.98 40.14
CA GLN A 239 30.72 -2.68 41.52
C GLN A 239 31.50 -1.38 41.51
N THR A 240 31.55 -0.69 42.65
CA THR A 240 32.27 0.58 42.74
C THR A 240 33.74 0.32 42.97
N LEU A 241 34.51 1.40 43.08
CA LEU A 241 35.94 1.32 43.36
C LEU A 241 36.26 2.14 44.60
N LEU A 242 37.46 1.89 45.13
CA LEU A 242 37.82 2.41 46.44
C LEU A 242 39.25 2.91 46.40
N ALA A 243 39.57 3.76 47.38
CA ALA A 243 40.94 4.23 47.58
C ALA A 243 41.30 4.00 49.05
N LEU A 244 42.26 3.11 49.29
CA LEU A 244 42.69 2.76 50.63
C LEU A 244 44.20 2.96 50.67
N HIS A 245 44.82 2.76 51.83
CA HIS A 245 46.24 3.01 51.96
C HIS A 245 46.88 2.04 52.95
N ARG A 246 48.13 2.33 53.30
CA ARG A 246 48.87 1.51 54.25
C ARG A 246 49.19 2.30 55.50
N SER A 247 49.16 1.61 56.64
CA SER A 247 49.62 2.21 57.89
C SER A 247 50.84 1.44 58.42
N TYR A 248 51.40 1.92 59.52
CA TYR A 248 52.62 1.36 60.08
C TYR A 248 52.51 1.32 61.59
N LEU A 249 53.48 0.66 62.24
CA LEU A 249 53.17 -0.14 63.41
C LEU A 249 52.38 0.65 64.45
N THR A 250 51.19 0.14 64.75
CA THR A 250 50.27 0.60 65.77
C THR A 250 49.52 -0.62 66.28
N PRO A 251 49.03 -0.59 67.53
CA PRO A 251 48.27 -1.75 68.00
C PRO A 251 46.91 -1.89 67.32
N SER A 256 48.06 -4.97 57.94
CA SER A 256 48.49 -3.57 57.67
C SER A 256 47.28 -2.62 57.76
N GLY A 257 47.51 -1.31 57.74
CA GLY A 257 46.41 -0.34 57.78
C GLY A 257 45.57 -0.41 56.52
N TRP A 258 44.25 -0.20 56.63
CA TRP A 258 43.32 -0.29 55.48
C TRP A 258 42.06 0.52 55.79
N THR A 259 41.11 0.60 54.84
CA THR A 259 39.79 1.23 55.10
C THR A 259 39.90 2.68 55.60
N ALA A 260 40.66 3.53 54.91
CA ALA A 260 40.75 4.97 55.28
C ALA A 260 39.35 5.58 55.50
N GLY A 261 39.14 6.25 56.64
CA GLY A 261 37.87 6.88 56.93
C GLY A 261 36.67 5.94 56.84
N ALA A 262 35.52 6.56 56.60
CA ALA A 262 34.28 5.83 56.42
C ALA A 262 33.79 6.04 55.00
N ALA A 263 33.01 5.09 54.50
CA ALA A 263 32.49 5.15 53.13
C ALA A 263 31.05 4.64 53.09
N ALA A 264 30.18 5.44 52.48
CA ALA A 264 28.80 5.03 52.22
C ALA A 264 28.30 5.80 51.01
N TYR A 265 27.37 5.18 50.28
CA TYR A 265 26.82 5.82 49.10
C TYR A 265 25.40 5.33 48.86
N TYR A 266 24.78 5.88 47.82
CA TYR A 266 23.40 5.63 47.47
C TYR A 266 23.32 5.07 46.07
N VAL A 267 22.45 4.08 45.88
CA VAL A 267 22.24 3.46 44.57
C VAL A 267 20.75 3.23 44.38
N GLY A 268 20.29 3.48 43.16
CA GLY A 268 18.94 3.17 42.76
C GLY A 268 18.91 2.86 41.28
N TYR A 269 17.90 2.12 40.83
CA TYR A 269 17.85 1.69 39.45
C TYR A 269 16.88 2.55 38.66
N LEU A 270 17.21 2.77 37.39
CA LEU A 270 16.38 3.60 36.53
C LEU A 270 15.18 2.78 36.03
N GLN A 271 14.36 3.43 35.21
CA GLN A 271 13.07 2.90 34.80
C GLN A 271 12.41 3.87 33.82
N PRO A 272 11.76 3.39 32.77
CA PRO A 272 11.06 4.30 31.86
C PRO A 272 9.86 4.93 32.56
N ARG A 273 9.80 6.26 32.50
CA ARG A 273 8.71 7.03 33.07
C ARG A 273 8.56 8.31 32.27
N THR A 274 7.36 8.86 32.25
CA THR A 274 7.08 10.10 31.56
C THR A 274 7.14 11.24 32.57
N PHE A 275 8.12 12.13 32.41
CA PHE A 275 8.22 13.31 33.25
C PHE A 275 7.79 14.56 32.48
N LEU A 276 7.11 15.46 33.17
CA LEU A 276 6.93 16.81 32.69
C LEU A 276 8.05 17.67 33.25
N LEU A 277 8.73 18.39 32.37
CA LEU A 277 9.95 19.10 32.71
C LEU A 277 9.68 20.59 32.64
N LYS A 278 9.86 21.28 33.77
CA LYS A 278 9.69 22.72 33.80
C LYS A 278 11.05 23.39 33.77
N TYR A 279 11.39 23.96 32.62
CA TYR A 279 12.60 24.76 32.50
C TYR A 279 12.39 26.12 33.16
N ASN A 280 13.49 26.78 33.48
CA ASN A 280 13.41 28.13 34.01
C ASN A 280 13.70 29.13 32.89
N GLU A 281 13.61 30.42 33.21
CA GLU A 281 13.97 31.46 32.21
C GLU A 281 15.40 31.18 31.70
N ASN A 282 16.25 30.60 32.55
CA ASN A 282 17.66 30.30 32.16
C ASN A 282 17.80 28.83 31.75
N GLY A 283 16.68 28.08 31.69
CA GLY A 283 16.72 26.67 31.26
C GLY A 283 17.08 25.72 32.40
N THR A 284 17.15 26.23 33.63
CA THR A 284 17.46 25.37 34.81
C THR A 284 16.18 24.67 35.28
N ILE A 285 16.05 23.36 35.02
CA ILE A 285 14.86 22.64 35.40
C ILE A 285 14.77 22.58 36.92
N THR A 286 13.65 23.05 37.47
CA THR A 286 13.36 22.81 38.88
C THR A 286 12.33 21.69 39.04
N ASP A 287 11.06 22.00 38.79
CA ASP A 287 9.99 21.05 39.04
C ASP A 287 9.91 20.03 37.90
N ALA A 288 10.01 18.76 38.29
CA ALA A 288 9.68 17.64 37.42
C ALA A 288 8.61 16.81 38.12
N VAL A 289 7.73 16.22 37.32
CA VAL A 289 6.62 15.43 37.86
C VAL A 289 6.51 14.14 37.06
N ASP A 290 6.49 13.02 37.76
CA ASP A 290 6.20 11.74 37.13
C ASP A 290 4.70 11.61 36.88
N CYS A 291 4.36 11.03 35.73
CA CYS A 291 2.95 10.82 35.43
C CYS A 291 2.34 9.62 36.11
N ALA A 292 3.08 8.51 36.14
CA ALA A 292 2.56 7.25 36.72
C ALA A 292 2.69 7.22 38.25
N LEU A 293 3.25 8.24 38.89
CA LEU A 293 3.54 8.13 40.35
C LEU A 293 2.27 7.78 41.15
N ASP A 294 1.21 8.55 40.95
CA ASP A 294 -0.05 8.26 41.67
C ASP A 294 -1.21 8.66 40.75
N PRO A 295 -2.49 8.30 41.02
CA PRO A 295 -3.58 8.79 40.15
C PRO A 295 -3.68 10.30 40.13
N LEU A 296 -3.07 10.98 41.11
CA LEU A 296 -3.06 12.44 41.10
C LEU A 296 -2.01 12.98 40.15
N SER A 297 -0.84 12.32 40.11
CA SER A 297 0.26 12.79 39.28
C SER A 297 0.00 12.62 37.79
N GLU A 298 -0.89 11.70 37.41
CA GLU A 298 -1.11 11.43 35.99
C GLU A 298 -1.99 12.47 35.32
N THR A 299 -2.79 13.18 36.14
CA THR A 299 -3.67 14.26 35.62
C THR A 299 -2.85 15.52 35.35
N LYS A 300 -1.85 15.79 36.20
CA LYS A 300 -1.01 16.99 36.02
C LYS A 300 -0.24 16.84 34.71
N CYS A 301 -0.21 15.63 34.14
CA CYS A 301 0.60 15.42 32.95
C CYS A 301 -0.39 15.67 31.83
N THR A 302 -1.67 15.55 32.15
CA THR A 302 -2.69 15.88 31.13
C THR A 302 -2.81 17.39 30.96
N LEU A 303 -2.82 18.15 32.04
CA LEU A 303 -2.87 19.62 31.91
C LEU A 303 -1.50 20.21 31.59
N LYS A 304 -0.40 19.45 31.67
CA LYS A 304 0.94 19.94 31.41
C LYS A 304 1.34 21.01 32.43
N SER A 305 0.48 21.40 33.35
CA SER A 305 0.75 22.49 34.28
C SER A 305 1.07 21.97 35.66
N PHE A 306 1.94 22.69 36.37
CA PHE A 306 2.14 22.42 37.79
C PHE A 306 1.05 23.03 38.66
N THR A 307 0.30 23.98 38.15
CA THR A 307 -0.88 24.49 38.82
C THR A 307 -2.08 23.74 38.28
N VAL A 308 -2.89 23.19 39.18
CA VAL A 308 -4.07 22.43 38.83
C VAL A 308 -5.27 23.16 39.40
N GLU A 309 -6.09 23.70 38.50
CA GLU A 309 -7.22 24.51 38.93
C GLU A 309 -8.28 23.66 39.60
N LYS A 310 -8.99 24.28 40.53
CA LYS A 310 -10.06 23.59 41.24
C LYS A 310 -11.07 23.03 40.25
N GLY A 311 -11.32 21.74 40.36
CA GLY A 311 -12.27 21.10 39.47
C GLY A 311 -11.95 19.62 39.31
N ILE A 312 -12.69 19.00 38.39
CA ILE A 312 -12.56 17.58 38.11
C ILE A 312 -11.93 17.42 36.73
N TYR A 313 -10.94 16.54 36.64
CA TYR A 313 -10.21 16.30 35.42
C TYR A 313 -10.21 14.82 35.13
N GLN A 314 -10.21 14.45 33.87
CA GLN A 314 -10.31 13.05 33.50
C GLN A 314 -8.93 12.54 33.14
N THR A 315 -8.37 11.75 34.05
CA THR A 315 -7.14 11.01 33.89
C THR A 315 -7.39 9.76 33.04
N SER A 316 -6.31 9.16 32.57
CA SER A 316 -6.39 8.01 31.68
C SER A 316 -7.27 6.92 32.28
N ASN A 317 -7.94 6.20 31.40
CA ASN A 317 -8.90 5.18 31.78
C ASN A 317 -8.20 4.00 32.44
N PHE A 318 -8.97 3.21 33.17
CA PHE A 318 -8.46 1.97 33.72
C PHE A 318 -9.28 0.81 33.18
N ARG A 319 -8.69 -0.37 33.21
CA ARG A 319 -9.36 -1.58 32.77
C ARG A 319 -9.14 -2.65 33.82
N VAL A 320 -10.12 -3.54 33.84
CA VAL A 320 -9.98 -4.69 34.74
C VAL A 320 -9.25 -5.66 33.84
N GLN A 321 -8.41 -6.47 34.42
CA GLN A 321 -7.59 -7.32 33.56
C GLN A 321 -7.96 -8.78 33.79
N PRO A 322 -7.67 -9.73 32.88
CA PRO A 322 -8.17 -11.10 33.01
C PRO A 322 -7.30 -11.92 33.95
N THR A 323 -7.97 -12.75 34.74
CA THR A 323 -7.26 -13.65 35.63
C THR A 323 -6.64 -14.83 34.89
N GLU A 324 -7.40 -15.45 33.99
CA GLU A 324 -7.00 -16.72 33.42
C GLU A 324 -7.70 -16.90 32.07
N SER A 325 -7.21 -17.87 31.32
CA SER A 325 -7.85 -18.31 30.08
C SER A 325 -8.72 -19.52 30.35
N ILE A 326 -9.85 -19.59 29.68
CA ILE A 326 -10.77 -20.72 29.81
C ILE A 326 -10.92 -21.35 28.43
N VAL A 327 -10.32 -22.51 28.21
CA VAL A 327 -10.57 -23.20 26.90
C VAL A 327 -11.71 -24.19 27.17
N ARG A 328 -12.75 -24.19 26.33
CA ARG A 328 -13.84 -25.18 26.50
C ARG A 328 -14.21 -25.84 25.17
N PHE A 329 -14.12 -27.18 25.13
CA PHE A 329 -14.53 -27.93 23.91
C PHE A 329 -15.56 -28.96 24.38
N PRO A 330 -16.59 -29.29 23.58
CA PRO A 330 -17.68 -30.17 24.03
C PRO A 330 -17.19 -31.46 24.72
N ASN A 334 -18.11 -37.20 18.29
CA ASN A 334 -18.33 -38.64 18.21
C ASN A 334 -17.39 -39.37 19.17
N LEU A 335 -17.11 -40.62 18.81
CA LEU A 335 -16.03 -41.41 19.40
C LEU A 335 -15.53 -42.36 18.33
N CYS A 336 -14.24 -42.63 18.34
CA CYS A 336 -13.70 -43.53 17.33
C CYS A 336 -13.79 -44.96 17.82
N PRO A 337 -14.16 -45.93 16.96
CA PRO A 337 -14.49 -47.29 17.41
C PRO A 337 -13.29 -48.16 17.79
N PHE A 338 -12.49 -47.68 18.74
CA PHE A 338 -11.34 -48.47 19.18
C PHE A 338 -11.78 -49.59 20.10
N GLY A 339 -12.95 -49.45 20.73
CA GLY A 339 -13.54 -50.58 21.40
C GLY A 339 -14.12 -51.60 20.43
N GLU A 340 -14.37 -51.17 19.19
CA GLU A 340 -14.86 -52.07 18.16
C GLU A 340 -13.75 -52.63 17.27
N VAL A 341 -12.57 -52.01 17.30
CA VAL A 341 -11.44 -52.49 16.53
C VAL A 341 -10.53 -53.30 17.43
N PHE A 342 -10.20 -52.75 18.58
CA PHE A 342 -9.17 -53.34 19.41
C PHE A 342 -9.73 -54.46 20.28
N ASN A 343 -11.00 -54.37 20.64
CA ASN A 343 -11.68 -55.47 21.31
C ASN A 343 -12.51 -56.30 20.34
N ALA A 344 -12.18 -56.28 19.05
CA ALA A 344 -12.95 -57.02 18.06
C ALA A 344 -12.75 -58.52 18.23
N THR A 345 -13.72 -59.28 17.73
CA THR A 345 -13.77 -60.70 18.07
C THR A 345 -13.15 -61.58 16.99
N ARG A 346 -12.92 -61.06 15.79
CA ARG A 346 -12.54 -61.91 14.67
C ARG A 346 -11.72 -61.11 13.68
N PHE A 347 -10.41 -61.26 13.76
CA PHE A 347 -9.50 -60.70 12.77
C PHE A 347 -9.27 -61.72 11.67
N ALA A 348 -9.23 -61.25 10.44
CA ALA A 348 -8.92 -62.13 9.33
C ALA A 348 -7.41 -62.35 9.24
N SER A 349 -7.02 -63.19 8.30
CA SER A 349 -5.61 -63.46 8.09
C SER A 349 -4.97 -62.35 7.27
N VAL A 350 -3.75 -62.60 6.82
CA VAL A 350 -2.96 -61.55 6.20
C VAL A 350 -3.14 -61.59 4.68
N TYR A 351 -3.71 -62.68 4.16
CA TYR A 351 -3.95 -62.73 2.72
C TYR A 351 -5.17 -61.90 2.35
N ALA A 352 -6.07 -61.71 3.31
CA ALA A 352 -7.29 -60.92 3.14
C ALA A 352 -7.55 -60.00 4.31
N TRP A 353 -6.55 -59.22 4.71
CA TRP A 353 -6.62 -58.41 5.92
C TRP A 353 -7.69 -57.32 5.85
N ASN A 354 -8.33 -57.09 6.99
CA ASN A 354 -9.43 -56.15 7.08
C ASN A 354 -8.90 -54.74 7.25
N ARG A 355 -9.54 -53.80 6.55
CA ARG A 355 -9.15 -52.40 6.54
C ARG A 355 -10.37 -51.55 6.84
N LYS A 356 -10.22 -50.60 7.75
CA LYS A 356 -11.34 -49.79 8.22
C LYS A 356 -10.91 -48.33 8.17
N ARG A 357 -11.43 -47.60 7.18
CA ARG A 357 -11.19 -46.17 7.08
C ARG A 357 -11.94 -45.46 8.20
N ILE A 358 -11.20 -44.73 9.03
CA ILE A 358 -11.78 -44.08 10.20
C ILE A 358 -11.50 -42.59 10.12
N SER A 359 -12.54 -41.80 10.34
CA SER A 359 -12.51 -40.34 10.37
C SER A 359 -13.76 -39.88 11.10
N ASN A 360 -13.83 -38.57 11.35
CA ASN A 360 -15.01 -37.89 11.89
C ASN A 360 -15.41 -38.40 13.27
N CYS A 361 -14.42 -38.48 14.15
CA CYS A 361 -14.61 -38.93 15.53
C CYS A 361 -13.44 -38.41 16.36
N VAL A 362 -13.31 -38.89 17.59
CA VAL A 362 -12.26 -38.39 18.47
C VAL A 362 -11.44 -39.54 19.03
N ALA A 363 -10.16 -39.26 19.25
CA ALA A 363 -9.19 -40.29 19.58
C ALA A 363 -9.10 -40.48 21.08
N ASP A 364 -9.09 -41.74 21.51
CA ASP A 364 -9.00 -42.11 22.92
C ASP A 364 -7.60 -42.59 23.26
N TYR A 365 -6.57 -41.91 22.76
CA TYR A 365 -5.17 -42.31 22.81
C TYR A 365 -4.58 -42.59 24.18
N SER A 366 -5.28 -42.17 25.24
CA SER A 366 -4.86 -42.41 26.61
C SER A 366 -4.76 -43.90 26.94
N VAL A 367 -5.87 -44.64 26.81
CA VAL A 367 -5.91 -46.02 27.26
C VAL A 367 -5.14 -46.95 26.36
N LEU A 368 -4.73 -46.47 25.19
CA LEU A 368 -3.76 -47.16 24.35
C LEU A 368 -2.49 -47.43 25.14
N TYR A 369 -2.01 -46.40 25.83
CA TYR A 369 -0.79 -46.55 26.61
C TYR A 369 -1.11 -47.17 27.96
N ASN A 370 -2.33 -46.93 28.45
CA ASN A 370 -2.74 -47.49 29.73
C ASN A 370 -3.15 -48.94 29.61
N SER A 371 -3.23 -49.48 28.39
CA SER A 371 -3.52 -50.90 28.21
C SER A 371 -2.43 -51.77 28.80
N ALA A 372 -1.21 -51.66 28.26
CA ALA A 372 0.03 -52.25 28.82
C ALA A 372 -0.02 -53.77 28.92
N SER A 373 -0.90 -54.39 28.15
CA SER A 373 -0.89 -55.85 27.96
C SER A 373 -0.37 -56.22 26.58
N PHE A 374 0.30 -55.30 25.89
CA PHE A 374 0.63 -55.43 24.49
C PHE A 374 2.12 -55.68 24.35
N SER A 375 2.47 -56.74 23.62
CA SER A 375 3.85 -57.16 23.46
C SER A 375 4.71 -56.13 22.74
N THR A 376 4.42 -55.87 21.47
CA THR A 376 5.27 -55.03 20.65
C THR A 376 4.45 -53.84 20.16
N PHE A 377 4.76 -52.67 20.70
CA PHE A 377 3.94 -51.48 20.52
C PHE A 377 4.88 -50.36 20.12
N LYS A 378 4.99 -50.07 18.83
CA LYS A 378 5.92 -49.03 18.41
C LYS A 378 5.22 -48.03 17.51
N CYS A 379 5.86 -46.87 17.36
CA CYS A 379 5.25 -45.77 16.64
C CYS A 379 6.32 -45.04 15.84
N TYR A 380 5.85 -44.10 15.01
CA TYR A 380 6.69 -43.34 14.10
C TYR A 380 6.09 -41.95 13.95
N GLY A 381 6.58 -41.23 12.95
CA GLY A 381 6.09 -39.91 12.63
C GLY A 381 6.56 -38.83 13.59
N VAL A 382 6.05 -38.83 14.82
CA VAL A 382 6.61 -38.08 15.94
C VAL A 382 6.17 -38.90 17.16
N SER A 383 6.79 -38.64 18.32
CA SER A 383 6.79 -39.43 19.55
C SER A 383 5.40 -39.90 20.00
N PRO A 384 5.29 -41.06 20.66
CA PRO A 384 3.96 -41.54 21.08
C PRO A 384 3.31 -40.68 22.16
N THR A 385 4.09 -40.05 23.03
CA THR A 385 3.50 -39.13 23.99
C THR A 385 2.99 -37.87 23.30
N LYS A 386 3.62 -37.53 22.17
CA LYS A 386 3.23 -36.30 21.48
C LYS A 386 1.97 -36.51 20.65
N LEU A 387 1.61 -37.75 20.34
CA LEU A 387 0.54 -37.94 19.37
C LEU A 387 -0.85 -37.85 19.98
N ASN A 388 -0.95 -37.57 21.29
CA ASN A 388 -2.23 -37.46 21.96
C ASN A 388 -3.08 -36.33 21.36
N ASP A 389 -2.43 -35.22 21.02
CA ASP A 389 -3.17 -34.08 20.49
C ASP A 389 -2.88 -33.85 19.00
N LEU A 390 -1.66 -34.18 18.56
CA LEU A 390 -1.26 -33.95 17.18
C LEU A 390 -2.02 -34.90 16.27
N CYS A 391 -3.02 -34.37 15.55
CA CYS A 391 -4.11 -35.20 15.06
C CYS A 391 -4.22 -35.15 13.55
N PHE A 392 -5.20 -35.89 13.04
CA PHE A 392 -5.10 -36.57 11.75
C PHE A 392 -6.29 -36.26 10.85
N THR A 393 -6.05 -36.22 9.56
CA THR A 393 -7.14 -36.00 8.61
C THR A 393 -7.98 -37.24 8.43
N ASN A 394 -7.33 -38.38 8.18
CA ASN A 394 -8.01 -39.61 7.80
C ASN A 394 -7.14 -40.82 8.07
N VAL A 395 -7.57 -41.66 8.99
CA VAL A 395 -6.70 -42.74 9.41
C VAL A 395 -7.19 -44.04 8.80
N TYR A 396 -6.26 -44.96 8.62
CA TYR A 396 -6.55 -46.28 8.10
C TYR A 396 -6.19 -47.28 9.17
N ALA A 397 -7.19 -47.95 9.71
CA ALA A 397 -6.97 -48.97 10.73
C ALA A 397 -7.11 -50.34 10.10
N ASP A 398 -6.00 -51.02 9.84
CA ASP A 398 -6.08 -52.33 9.23
C ASP A 398 -5.38 -53.37 10.10
N SER A 399 -6.03 -54.51 10.27
CA SER A 399 -5.56 -55.48 11.24
C SER A 399 -5.53 -56.88 10.63
N PHE A 400 -4.70 -57.73 11.22
CA PHE A 400 -4.55 -59.12 10.81
C PHE A 400 -3.86 -59.88 11.93
N VAL A 401 -3.64 -61.18 11.70
CA VAL A 401 -3.06 -62.08 12.67
C VAL A 401 -1.87 -62.79 12.05
N ILE A 402 -0.70 -62.68 12.67
CA ILE A 402 0.51 -63.31 12.18
C ILE A 402 1.19 -64.05 13.32
N ARG A 403 2.34 -64.64 13.03
CA ARG A 403 3.04 -65.48 13.99
C ARG A 403 3.92 -64.65 14.92
N GLY A 404 4.28 -65.26 16.04
CA GLY A 404 5.07 -64.56 17.04
C GLY A 404 6.52 -64.38 16.64
N ASP A 405 6.97 -65.10 15.61
CA ASP A 405 8.33 -64.94 15.14
C ASP A 405 8.41 -63.91 14.01
N GLU A 406 7.41 -63.89 13.14
CA GLU A 406 7.48 -63.08 11.93
C GLU A 406 7.14 -61.62 12.15
N VAL A 407 6.80 -61.23 13.38
CA VAL A 407 6.28 -59.88 13.62
C VAL A 407 7.38 -58.83 13.48
N ARG A 408 8.64 -59.25 13.61
CA ARG A 408 9.75 -58.33 13.38
C ARG A 408 9.88 -58.03 11.88
N GLN A 409 9.34 -58.91 11.02
CA GLN A 409 9.18 -58.56 9.62
C GLN A 409 8.28 -57.35 9.47
N ILE A 410 7.23 -57.26 10.28
CA ILE A 410 6.40 -56.07 10.27
C ILE A 410 7.21 -54.93 10.88
N ALA A 411 7.69 -54.06 10.02
CA ALA A 411 8.46 -52.86 10.27
C ALA A 411 8.52 -52.15 8.94
N PRO A 412 8.40 -50.83 8.90
CA PRO A 412 8.37 -50.13 7.61
C PRO A 412 9.72 -50.18 6.91
N GLY A 413 9.79 -50.96 5.83
CA GLY A 413 11.02 -51.14 5.10
C GLY A 413 11.88 -52.29 5.60
N GLN A 414 11.30 -53.48 5.66
CA GLN A 414 12.05 -54.71 5.93
C GLN A 414 11.65 -55.77 4.92
N THR A 415 12.22 -56.95 5.07
CA THR A 415 11.93 -58.09 4.21
C THR A 415 11.41 -59.23 5.06
N GLY A 416 11.23 -60.38 4.43
CA GLY A 416 10.56 -61.50 5.03
C GLY A 416 9.11 -61.58 4.59
N LYS A 417 8.54 -62.79 4.77
CA LYS A 417 7.42 -63.27 3.96
C LYS A 417 6.19 -62.38 4.07
N ILE A 418 5.87 -61.97 5.30
CA ILE A 418 4.68 -61.15 5.55
C ILE A 418 4.84 -59.78 4.89
N ALA A 419 6.04 -59.23 4.96
CA ALA A 419 6.28 -57.98 4.25
C ALA A 419 6.70 -58.20 2.81
N ASP A 420 6.82 -59.44 2.36
CA ASP A 420 7.25 -59.63 0.98
C ASP A 420 6.06 -59.89 0.07
N TYR A 421 5.12 -60.71 0.51
CA TYR A 421 4.04 -61.12 -0.36
C TYR A 421 2.67 -60.96 0.27
N ASN A 422 2.59 -60.59 1.54
CA ASN A 422 1.34 -60.64 2.28
C ASN A 422 0.82 -59.24 2.58
N TYR A 423 1.62 -58.37 3.20
CA TYR A 423 1.18 -57.06 3.61
C TYR A 423 2.38 -56.14 3.65
N LYS A 424 2.29 -54.99 2.98
CA LYS A 424 3.49 -54.20 2.75
C LYS A 424 3.34 -52.81 3.34
N LEU A 425 4.11 -52.52 4.37
CA LEU A 425 4.31 -51.17 4.84
C LEU A 425 5.09 -50.36 3.80
N PRO A 426 4.79 -49.07 3.65
CA PRO A 426 5.40 -48.30 2.57
C PRO A 426 6.85 -47.93 2.83
N ASP A 427 7.43 -47.13 1.93
CA ASP A 427 8.79 -46.65 2.16
C ASP A 427 8.83 -45.49 3.12
N ASP A 428 7.79 -44.67 3.15
CA ASP A 428 7.68 -43.55 4.08
C ASP A 428 6.37 -43.72 4.83
N PHE A 429 6.45 -43.96 6.13
CA PHE A 429 5.32 -44.41 6.91
C PHE A 429 5.20 -43.54 8.16
N THR A 430 3.99 -43.42 8.68
CA THR A 430 3.72 -42.57 9.82
C THR A 430 3.23 -43.33 11.04
N GLY A 431 2.41 -44.35 10.84
CA GLY A 431 1.57 -44.90 11.88
C GLY A 431 2.28 -45.76 12.90
N CYS A 432 1.47 -46.36 13.76
CA CYS A 432 1.94 -47.21 14.83
C CYS A 432 1.63 -48.66 14.53
N VAL A 433 2.55 -49.54 14.92
CA VAL A 433 2.32 -50.97 14.87
C VAL A 433 1.98 -51.42 16.27
N ILE A 434 0.79 -51.93 16.42
CA ILE A 434 0.34 -52.43 17.71
C ILE A 434 0.22 -53.94 17.62
N ALA A 435 0.88 -54.62 18.55
CA ALA A 435 1.05 -56.06 18.46
C ALA A 435 0.92 -56.67 19.84
N TRP A 436 0.09 -57.70 19.95
CA TRP A 436 0.00 -58.47 21.19
C TRP A 436 -0.34 -59.90 20.86
N ASN A 437 -0.24 -60.73 21.88
CA ASN A 437 -0.59 -62.14 21.79
C ASN A 437 -2.06 -62.35 22.09
N SER A 438 -2.67 -63.24 21.32
CA SER A 438 -3.98 -63.74 21.60
C SER A 438 -3.99 -65.25 21.68
N ASN A 439 -3.05 -65.84 22.42
CA ASN A 439 -2.88 -67.29 22.45
C ASN A 439 -4.06 -67.99 23.10
N ASN A 440 -4.72 -67.33 24.05
CA ASN A 440 -5.85 -67.93 24.74
C ASN A 440 -7.11 -67.98 23.90
N LEU A 441 -7.12 -67.34 22.73
CA LEU A 441 -8.29 -67.33 21.87
C LEU A 441 -8.06 -68.08 20.57
N ASP A 442 -7.00 -67.72 19.84
CA ASP A 442 -6.78 -68.20 18.49
C ASP A 442 -6.36 -69.66 18.46
N SER A 443 -5.25 -69.96 19.14
CA SER A 443 -4.71 -71.32 19.12
C SER A 443 -5.58 -72.25 19.95
N LYS A 444 -6.13 -73.25 19.29
CA LYS A 444 -7.10 -74.13 19.92
C LYS A 444 -6.57 -75.56 19.93
N VAL A 445 -6.95 -76.32 20.97
CA VAL A 445 -6.63 -77.74 21.00
C VAL A 445 -7.46 -78.45 19.94
N GLY A 446 -6.88 -79.49 19.36
CA GLY A 446 -7.39 -80.05 18.13
C GLY A 446 -6.90 -79.34 16.90
N GLY A 447 -6.19 -78.23 17.05
CA GLY A 447 -5.54 -77.52 15.97
C GLY A 447 -6.34 -76.33 15.47
N ASN A 448 -5.65 -75.19 15.35
CA ASN A 448 -6.18 -74.01 14.67
C ASN A 448 -5.56 -74.00 13.27
N TYR A 449 -6.43 -74.07 12.26
CA TYR A 449 -6.02 -73.92 10.88
C TYR A 449 -6.97 -73.02 10.12
N ASN A 450 -7.71 -72.17 10.84
CA ASN A 450 -8.49 -71.13 10.19
C ASN A 450 -7.59 -70.14 9.46
N TYR A 451 -6.46 -69.81 10.06
CA TYR A 451 -5.65 -68.73 9.55
C TYR A 451 -4.82 -69.18 8.35
N LEU A 452 -4.47 -68.22 7.51
CA LEU A 452 -3.78 -68.47 6.26
C LEU A 452 -2.79 -67.34 6.01
N TYR A 453 -2.07 -67.45 4.90
CA TYR A 453 -1.15 -66.43 4.39
C TYR A 453 -0.76 -66.86 2.99
N ARG A 454 -0.20 -65.91 2.24
CA ARG A 454 0.33 -66.19 0.92
C ARG A 454 1.83 -66.40 1.03
N LEU A 455 2.32 -67.49 0.45
CA LEU A 455 3.73 -67.82 0.53
C LEU A 455 4.51 -67.47 -0.73
N PHE A 456 3.83 -67.27 -1.86
CA PHE A 456 4.55 -66.97 -3.10
C PHE A 456 3.71 -66.05 -3.99
N ARG A 457 4.41 -65.30 -4.83
CA ARG A 457 3.87 -64.39 -5.83
C ARG A 457 5.05 -64.03 -6.72
N LYS A 458 4.76 -63.69 -7.97
CA LYS A 458 5.80 -63.43 -8.96
C LYS A 458 6.42 -62.04 -8.86
N SER A 459 6.12 -61.28 -7.82
CA SER A 459 6.81 -60.03 -7.53
C SER A 459 6.63 -59.71 -6.06
N ASN A 460 7.45 -58.79 -5.57
CA ASN A 460 7.22 -58.21 -4.25
C ASN A 460 5.95 -57.36 -4.28
N LEU A 461 5.38 -57.16 -3.10
CA LEU A 461 4.03 -56.63 -3.00
C LEU A 461 4.04 -55.10 -2.91
N LYS A 462 3.15 -54.49 -3.67
CA LYS A 462 2.99 -53.04 -3.63
C LYS A 462 2.44 -52.63 -2.27
N PRO A 463 2.76 -51.43 -1.78
CA PRO A 463 2.44 -51.08 -0.38
C PRO A 463 0.95 -50.90 -0.14
N PHE A 464 0.49 -51.46 0.97
CA PHE A 464 -0.90 -51.49 1.45
C PHE A 464 -1.88 -52.19 0.54
N GLU A 465 -1.44 -52.97 -0.43
CA GLU A 465 -2.40 -53.62 -1.32
C GLU A 465 -2.44 -55.10 -0.99
N ARG A 466 -3.63 -55.58 -0.63
CA ARG A 466 -3.81 -57.00 -0.33
C ARG A 466 -3.75 -57.83 -1.61
N ASP A 467 -3.75 -59.14 -1.43
CA ASP A 467 -3.70 -60.08 -2.54
C ASP A 467 -4.63 -61.23 -2.22
N ILE A 468 -5.87 -61.15 -2.72
CA ILE A 468 -6.84 -62.21 -2.50
C ILE A 468 -6.87 -63.18 -3.67
N SER A 469 -6.11 -62.88 -4.74
CA SER A 469 -6.10 -63.73 -5.93
C SER A 469 -5.41 -65.05 -5.62
N THR A 470 -6.20 -66.09 -5.43
CA THR A 470 -5.71 -67.40 -5.03
C THR A 470 -5.42 -68.32 -6.21
N GLU A 471 -5.14 -67.77 -7.39
CA GLU A 471 -4.81 -68.58 -8.54
C GLU A 471 -3.41 -69.18 -8.38
N ILE A 472 -3.10 -70.15 -9.21
CA ILE A 472 -1.84 -70.87 -9.13
C ILE A 472 -0.76 -70.04 -9.80
N TYR A 473 0.36 -69.85 -9.11
CA TYR A 473 1.55 -69.25 -9.71
C TYR A 473 2.38 -70.36 -10.33
N GLN A 474 3.01 -70.05 -11.45
CA GLN A 474 3.79 -71.03 -12.20
C GLN A 474 5.27 -70.64 -12.09
N ALA A 475 5.97 -71.27 -11.14
CA ALA A 475 7.37 -70.92 -10.90
C ALA A 475 8.24 -71.33 -12.07
N GLY A 476 8.19 -72.60 -12.44
CA GLY A 476 8.79 -73.04 -13.68
C GLY A 476 7.93 -72.69 -14.87
N SER A 477 8.48 -72.94 -16.05
CA SER A 477 7.84 -72.51 -17.28
C SER A 477 6.67 -73.39 -17.72
N THR A 478 6.49 -74.56 -17.11
CA THR A 478 5.45 -75.49 -17.53
C THR A 478 4.07 -74.99 -17.11
N PRO A 479 3.18 -74.69 -18.05
CA PRO A 479 1.91 -74.05 -17.68
C PRO A 479 0.94 -75.02 -17.02
N CYS A 480 0.59 -74.72 -15.77
CA CYS A 480 -0.41 -75.49 -15.05
C CYS A 480 -1.83 -75.01 -15.32
N ASN A 481 -2.00 -73.70 -15.51
CA ASN A 481 -3.22 -73.07 -16.00
C ASN A 481 -4.41 -73.33 -15.08
N GLY A 482 -4.32 -72.82 -13.86
CA GLY A 482 -5.41 -72.83 -12.92
C GLY A 482 -5.46 -74.03 -12.02
N VAL A 483 -5.28 -75.22 -12.55
CA VAL A 483 -5.19 -76.42 -11.73
C VAL A 483 -3.75 -76.54 -11.26
N GLU A 484 -3.54 -77.28 -10.18
CA GLU A 484 -2.20 -77.48 -9.65
C GLU A 484 -1.41 -78.42 -10.55
N GLY A 485 -0.11 -78.54 -10.29
CA GLY A 485 0.69 -79.46 -11.06
C GLY A 485 2.17 -79.42 -10.73
N PHE A 486 3.01 -79.63 -11.74
CA PHE A 486 4.46 -79.61 -11.57
C PHE A 486 5.03 -78.27 -12.01
N ASN A 487 6.06 -77.84 -11.26
CA ASN A 487 6.79 -76.57 -11.28
C ASN A 487 5.95 -75.45 -10.69
N CYS A 488 4.70 -75.74 -10.35
CA CYS A 488 3.76 -74.76 -9.83
C CYS A 488 3.25 -75.26 -8.49
N TYR A 489 3.03 -74.34 -7.56
CA TYR A 489 2.51 -74.70 -6.26
C TYR A 489 1.19 -73.97 -6.04
N PHE A 490 0.53 -74.35 -4.96
CA PHE A 490 -0.63 -73.60 -4.50
C PHE A 490 -0.13 -72.29 -3.90
N PRO A 491 -0.90 -71.20 -4.02
CA PRO A 491 -0.43 -69.93 -3.46
C PRO A 491 -0.43 -69.86 -1.95
N LEU A 492 -1.49 -70.32 -1.29
CA LEU A 492 -1.69 -70.03 0.12
C LEU A 492 -1.25 -71.21 0.98
N GLN A 493 -1.09 -70.93 2.26
CA GLN A 493 -0.77 -71.95 3.25
C GLN A 493 -1.35 -71.48 4.57
N SER A 494 -1.66 -72.43 5.45
CA SER A 494 -2.12 -72.09 6.78
C SER A 494 -0.93 -71.81 7.69
N TYR A 495 -1.25 -71.41 8.91
CA TYR A 495 -0.37 -71.51 10.06
C TYR A 495 -0.78 -72.75 10.85
N GLY A 496 0.12 -73.23 11.70
CA GLY A 496 -0.26 -74.26 12.66
C GLY A 496 -0.31 -73.69 14.06
N PHE A 497 -1.51 -73.44 14.58
CA PHE A 497 -1.64 -72.91 15.94
C PHE A 497 -2.30 -73.91 16.85
N GLN A 498 -1.65 -74.20 17.97
CA GLN A 498 -2.15 -74.89 19.14
C GLN A 498 -1.51 -74.23 20.34
N PRO A 499 -2.09 -74.36 21.54
CA PRO A 499 -1.37 -73.92 22.75
C PRO A 499 -0.18 -74.79 23.13
N THR A 500 0.04 -75.89 22.39
CA THR A 500 1.27 -76.67 22.52
C THR A 500 2.46 -75.98 21.88
N ASN A 501 2.24 -74.88 21.16
CA ASN A 501 3.34 -74.15 20.57
C ASN A 501 4.17 -73.46 21.64
N GLY A 502 5.42 -73.19 21.33
CA GLY A 502 6.24 -72.35 22.18
C GLY A 502 5.84 -70.88 22.09
N VAL A 503 6.56 -70.06 22.86
CA VAL A 503 6.22 -68.64 22.97
C VAL A 503 6.56 -67.90 21.68
N GLY A 504 7.51 -68.43 20.91
CA GLY A 504 7.85 -67.80 19.66
C GLY A 504 6.84 -68.09 18.55
N TYR A 505 5.99 -69.10 18.75
CA TYR A 505 5.02 -69.49 17.75
C TYR A 505 3.60 -69.12 18.15
N GLN A 506 3.43 -68.07 18.95
CA GLN A 506 2.12 -67.69 19.44
C GLN A 506 1.49 -66.67 18.51
N PRO A 507 0.17 -66.69 18.33
CA PRO A 507 -0.46 -65.77 17.38
C PRO A 507 -0.56 -64.35 17.92
N TYR A 508 -0.10 -63.42 17.11
CA TYR A 508 -0.23 -62.01 17.40
C TYR A 508 -1.37 -61.45 16.57
N ARG A 509 -2.21 -60.64 17.22
CA ARG A 509 -3.26 -59.91 16.52
C ARG A 509 -2.73 -58.52 16.25
N VAL A 510 -1.94 -58.38 15.20
CA VAL A 510 -1.29 -57.12 14.85
C VAL A 510 -2.33 -56.23 14.22
N VAL A 511 -2.60 -55.11 14.86
CA VAL A 511 -3.38 -54.03 14.25
C VAL A 511 -2.40 -52.90 13.93
N VAL A 512 -2.54 -52.35 12.74
CA VAL A 512 -1.65 -51.31 12.26
C VAL A 512 -2.50 -50.06 12.04
N LEU A 513 -2.04 -48.96 12.60
CA LEU A 513 -2.70 -47.68 12.41
C LEU A 513 -1.84 -46.81 11.51
N SER A 514 -2.44 -46.27 10.46
CA SER A 514 -1.69 -45.49 9.51
C SER A 514 -2.36 -44.14 9.34
N PHE A 515 -1.55 -43.10 9.16
CA PHE A 515 -2.08 -41.75 9.25
C PHE A 515 -1.64 -40.95 8.04
N GLU A 516 -2.22 -39.77 7.88
CA GLU A 516 -1.94 -38.93 6.72
C GLU A 516 -2.29 -37.48 7.05
N LEU A 517 -2.14 -36.62 6.05
CA LEU A 517 -2.46 -35.19 6.16
C LEU A 517 -2.72 -34.64 4.77
N LEU A 518 -3.81 -33.86 4.63
CA LEU A 518 -4.28 -33.45 3.32
C LEU A 518 -4.86 -32.04 3.39
N HIS A 519 -5.34 -31.55 2.23
CA HIS A 519 -6.22 -30.40 2.13
C HIS A 519 -7.51 -30.57 2.95
N ALA A 520 -7.93 -31.82 3.18
CA ALA A 520 -9.00 -32.17 4.09
C ALA A 520 -8.61 -31.77 5.52
N PRO A 521 -9.59 -31.40 6.34
CA PRO A 521 -9.26 -31.01 7.72
C PRO A 521 -9.00 -32.23 8.58
N ALA A 522 -8.56 -31.96 9.80
CA ALA A 522 -8.30 -32.99 10.79
C ALA A 522 -9.63 -33.50 11.30
N THR A 523 -10.24 -34.41 10.54
CA THR A 523 -11.58 -34.88 10.87
C THR A 523 -11.59 -35.79 12.09
N VAL A 524 -10.52 -36.54 12.34
CA VAL A 524 -10.38 -37.33 13.55
C VAL A 524 -9.34 -36.66 14.44
N CYS A 525 -9.76 -36.28 15.64
CA CYS A 525 -8.85 -35.49 16.46
C CYS A 525 -9.12 -35.70 17.93
N GLY A 526 -8.04 -35.80 18.70
CA GLY A 526 -8.13 -36.00 20.12
C GLY A 526 -8.58 -34.75 20.86
N PRO A 527 -8.61 -34.83 22.19
CA PRO A 527 -9.09 -33.73 23.03
C PRO A 527 -8.14 -32.54 23.06
N THR A 531 -10.49 -26.35 29.87
CA THR A 531 -10.01 -25.77 31.15
C THR A 531 -11.19 -25.38 32.04
N ASN A 532 -11.04 -25.54 33.35
CA ASN A 532 -12.18 -25.30 34.28
C ASN A 532 -12.76 -23.92 34.04
N LEU A 533 -14.08 -23.84 33.98
CA LEU A 533 -14.81 -22.58 33.68
C LEU A 533 -14.71 -21.64 34.88
N VAL A 534 -14.69 -20.33 34.62
CA VAL A 534 -14.61 -19.30 35.71
C VAL A 534 -15.94 -18.55 35.78
N LYS A 535 -16.52 -18.44 36.98
CA LYS A 535 -17.83 -17.76 37.16
C LYS A 535 -17.67 -16.54 38.07
N ASN A 536 -18.25 -15.40 37.65
CA ASN A 536 -18.22 -14.12 38.42
C ASN A 536 -16.78 -13.67 38.65
N LYS A 537 -15.95 -13.68 37.60
CA LYS A 537 -14.58 -13.24 37.68
C LYS A 537 -14.07 -12.99 36.28
N CYS A 538 -13.41 -11.85 36.09
CA CYS A 538 -12.88 -11.51 34.76
C CYS A 538 -11.96 -12.60 34.27
N VAL A 539 -12.26 -13.13 33.09
CA VAL A 539 -11.48 -14.22 32.53
C VAL A 539 -11.37 -14.04 31.02
N ASN A 540 -10.18 -14.27 30.49
CA ASN A 540 -10.09 -14.57 29.09
C ASN A 540 -10.73 -15.93 28.86
N PHE A 541 -11.22 -16.15 27.64
CA PHE A 541 -11.94 -17.41 27.42
C PHE A 541 -11.88 -17.82 25.97
N ASN A 542 -12.12 -19.11 25.76
CA ASN A 542 -12.46 -19.67 24.46
C ASN A 542 -13.55 -20.70 24.66
N PHE A 543 -14.64 -20.58 23.90
CA PHE A 543 -15.68 -21.59 23.81
C PHE A 543 -15.78 -22.03 22.36
N ASN A 544 -15.49 -23.30 22.09
CA ASN A 544 -15.69 -23.88 20.77
C ASN A 544 -14.94 -23.12 19.69
N GLY A 545 -13.86 -22.46 20.07
CA GLY A 545 -13.13 -21.59 19.19
C GLY A 545 -13.55 -20.14 19.27
N LEU A 546 -14.77 -19.86 19.69
CA LEU A 546 -15.17 -18.49 19.96
C LEU A 546 -14.32 -17.92 21.09
N THR A 547 -13.70 -16.76 20.85
CA THR A 547 -12.81 -16.18 21.84
C THR A 547 -13.23 -14.75 22.16
N GLY A 548 -12.98 -14.38 23.40
CA GLY A 548 -13.21 -13.01 23.84
C GLY A 548 -12.78 -12.90 25.29
N THR A 549 -13.15 -11.78 25.92
CA THR A 549 -12.85 -11.60 27.33
C THR A 549 -14.05 -10.96 28.01
N GLY A 550 -14.52 -11.58 29.08
CA GLY A 550 -15.70 -11.07 29.73
C GLY A 550 -15.86 -11.62 31.13
N VAL A 551 -17.03 -11.36 31.70
CA VAL A 551 -17.40 -11.87 33.00
C VAL A 551 -18.54 -12.86 32.79
N LEU A 552 -18.24 -14.14 32.99
CA LEU A 552 -19.21 -15.19 32.72
C LEU A 552 -20.11 -15.39 33.92
N THR A 553 -21.42 -15.40 33.69
CA THR A 553 -22.40 -15.53 34.76
C THR A 553 -23.46 -16.54 34.36
N GLU A 554 -24.27 -16.93 35.33
CA GLU A 554 -25.49 -17.68 35.03
C GLU A 554 -26.54 -16.74 34.47
N SER A 555 -27.25 -17.20 33.45
CA SER A 555 -28.21 -16.37 32.77
C SER A 555 -29.42 -17.21 32.37
N ASN A 556 -30.59 -16.57 32.42
CA ASN A 556 -31.86 -17.25 32.22
C ASN A 556 -32.41 -17.14 30.80
N LYS A 557 -31.73 -16.43 29.90
CA LYS A 557 -32.17 -16.42 28.53
C LYS A 557 -32.11 -17.84 27.95
N LYS A 558 -33.07 -18.17 27.10
CA LYS A 558 -33.39 -19.56 26.80
C LYS A 558 -33.16 -19.82 25.31
N PHE A 559 -32.14 -20.62 25.00
CA PHE A 559 -31.82 -20.93 23.62
C PHE A 559 -32.79 -21.93 23.00
N LEU A 560 -32.78 -21.97 21.69
CA LEU A 560 -33.22 -23.14 20.96
C LEU A 560 -32.07 -24.14 20.86
N PRO A 561 -32.37 -25.43 20.92
CA PRO A 561 -31.31 -26.44 21.14
C PRO A 561 -30.14 -26.38 20.18
N PHE A 562 -30.39 -26.28 18.87
CA PHE A 562 -29.30 -26.35 17.91
C PHE A 562 -28.36 -25.16 18.02
N GLN A 563 -28.81 -24.09 18.67
CA GLN A 563 -28.11 -22.82 18.65
C GLN A 563 -26.77 -22.89 19.38
N GLN A 564 -25.93 -21.90 19.09
CA GLN A 564 -24.67 -21.78 19.78
C GLN A 564 -24.59 -20.47 20.54
N PHE A 565 -24.33 -19.39 19.81
CA PHE A 565 -24.18 -18.07 20.41
C PHE A 565 -25.53 -17.49 20.80
N GLY A 566 -25.49 -16.50 21.67
CA GLY A 566 -26.42 -15.40 21.62
C GLY A 566 -25.73 -14.16 21.07
N ARG A 567 -26.51 -13.15 20.73
CA ARG A 567 -25.95 -11.88 20.32
C ARG A 567 -26.88 -10.74 20.73
N ASP A 568 -26.31 -9.56 20.75
CA ASP A 568 -26.99 -8.34 21.12
C ASP A 568 -27.25 -7.51 19.87
N ILE A 569 -27.86 -6.33 20.05
CA ILE A 569 -28.18 -5.45 18.94
C ILE A 569 -26.93 -5.09 18.15
N ALA A 570 -25.79 -5.01 18.82
CA ALA A 570 -24.59 -4.41 18.26
C ALA A 570 -23.69 -5.42 17.54
N ASP A 571 -24.14 -6.66 17.38
CA ASP A 571 -23.35 -7.74 16.80
C ASP A 571 -22.14 -8.10 17.66
N THR A 572 -22.19 -7.75 18.93
CA THR A 572 -21.29 -8.29 19.92
C THR A 572 -21.70 -9.72 20.25
N THR A 573 -20.80 -10.46 20.89
CA THR A 573 -21.18 -11.78 21.40
C THR A 573 -21.64 -11.60 22.84
N ASP A 574 -22.95 -11.62 23.05
CA ASP A 574 -23.52 -11.31 24.36
C ASP A 574 -23.60 -12.51 25.30
N ALA A 575 -24.04 -13.65 24.80
CA ALA A 575 -24.33 -14.80 25.65
C ALA A 575 -23.93 -16.05 24.90
N VAL A 576 -23.27 -16.96 25.60
CA VAL A 576 -22.82 -18.20 25.00
C VAL A 576 -23.26 -19.35 25.88
N ARG A 577 -23.31 -20.53 25.28
CA ARG A 577 -23.72 -21.73 25.98
C ARG A 577 -22.51 -22.60 26.20
N ASP A 578 -22.31 -23.05 27.44
CA ASP A 578 -21.18 -23.89 27.76
C ASP A 578 -21.34 -25.18 27.00
N PRO A 579 -20.42 -25.58 26.08
CA PRO A 579 -20.55 -26.88 25.41
C PRO A 579 -20.66 -28.12 26.32
N GLN A 580 -19.73 -28.30 27.26
CA GLN A 580 -19.72 -29.55 28.07
C GLN A 580 -20.98 -29.68 28.94
N THR A 581 -21.34 -28.63 29.68
CA THR A 581 -22.59 -28.66 30.49
C THR A 581 -23.49 -27.57 29.94
N LEU A 582 -24.58 -27.94 29.26
CA LEU A 582 -25.34 -26.89 28.59
C LEU A 582 -25.85 -25.92 29.65
N GLU A 583 -25.42 -24.67 29.54
CA GLU A 583 -25.95 -23.61 30.39
C GLU A 583 -25.76 -22.30 29.67
N ILE A 584 -26.62 -21.35 29.99
CA ILE A 584 -26.64 -20.08 29.27
C ILE A 584 -25.76 -19.12 30.05
N LEU A 585 -24.64 -18.76 29.48
CA LEU A 585 -23.64 -17.95 30.15
C LEU A 585 -23.59 -16.58 29.49
N ASP A 586 -23.89 -15.54 30.26
CA ASP A 586 -23.68 -14.21 29.76
C ASP A 586 -22.21 -13.93 29.54
N ILE A 587 -21.93 -12.93 28.71
CA ILE A 587 -20.60 -12.37 28.58
C ILE A 587 -20.74 -10.87 28.79
N THR A 588 -20.22 -10.38 29.91
CA THR A 588 -20.06 -8.96 30.12
C THR A 588 -18.57 -8.70 30.21
N PRO A 589 -17.96 -8.00 29.26
CA PRO A 589 -16.54 -7.71 29.39
C PRO A 589 -16.28 -6.89 30.64
N CYS A 590 -15.11 -7.11 31.22
CA CYS A 590 -14.79 -6.55 32.52
C CYS A 590 -15.01 -5.05 32.50
N SER A 591 -15.54 -4.54 33.61
CA SER A 591 -15.91 -3.13 33.67
C SER A 591 -14.70 -2.24 33.47
N PHE A 592 -14.95 -1.04 32.97
CA PHE A 592 -13.91 -0.05 32.84
C PHE A 592 -14.57 1.32 32.82
N GLY A 593 -13.79 2.34 33.10
CA GLY A 593 -14.34 3.68 33.16
C GLY A 593 -13.24 4.70 33.27
N GLY A 594 -13.60 5.95 33.01
CA GLY A 594 -12.64 7.03 33.14
C GLY A 594 -12.30 7.27 34.59
N VAL A 595 -11.01 7.29 34.89
CA VAL A 595 -10.58 7.85 36.16
C VAL A 595 -10.81 9.35 36.14
N SER A 596 -11.33 9.88 37.23
CA SER A 596 -11.52 11.32 37.36
C SER A 596 -10.85 11.75 38.65
N VAL A 597 -9.87 12.64 38.54
CA VAL A 597 -9.19 13.13 39.72
C VAL A 597 -9.91 14.39 40.18
N ILE A 598 -10.60 14.27 41.30
CA ILE A 598 -11.30 15.41 41.89
C ILE A 598 -10.33 16.10 42.82
N THR A 599 -10.07 17.38 42.58
CA THR A 599 -9.17 18.11 43.42
C THR A 599 -9.66 19.54 43.59
N PRO A 600 -9.47 20.11 44.78
CA PRO A 600 -9.48 21.57 44.87
C PRO A 600 -8.25 22.07 44.14
N GLY A 601 -8.07 23.38 44.02
CA GLY A 601 -6.86 23.87 43.38
C GLY A 601 -5.64 23.30 44.08
N THR A 602 -4.61 22.97 43.29
CA THR A 602 -3.34 22.60 43.90
C THR A 602 -2.86 23.69 44.83
N ASN A 603 -3.39 24.90 44.65
CA ASN A 603 -3.15 26.00 45.56
C ASN A 603 -3.49 25.63 46.99
N THR A 604 -4.73 25.18 47.21
CA THR A 604 -5.21 24.94 48.57
C THR A 604 -4.70 23.62 49.15
N SER A 605 -4.49 22.61 48.31
CA SER A 605 -4.09 21.33 48.85
C SER A 605 -3.40 20.49 47.79
N ASN A 606 -2.68 19.48 48.26
CA ASN A 606 -2.16 18.41 47.44
C ASN A 606 -3.02 17.17 47.47
N GLN A 607 -4.15 17.22 48.16
CA GLN A 607 -4.97 16.05 48.38
C GLN A 607 -5.98 15.90 47.27
N VAL A 608 -6.12 14.69 46.76
CA VAL A 608 -7.06 14.41 45.69
C VAL A 608 -8.01 13.31 46.13
N ALA A 609 -9.21 13.33 45.56
CA ALA A 609 -10.19 12.27 45.75
C ALA A 609 -10.52 11.70 44.38
N VAL A 610 -10.13 10.47 44.15
CA VAL A 610 -10.29 9.88 42.82
C VAL A 610 -11.68 9.31 42.69
N LEU A 611 -12.28 9.52 41.53
CA LEU A 611 -13.56 8.93 41.18
C LEU A 611 -13.34 7.94 40.05
N TYR A 612 -13.51 6.65 40.34
CA TYR A 612 -13.62 5.68 39.27
C TYR A 612 -15.04 5.69 38.76
N GLN A 613 -15.22 6.01 37.49
CA GLN A 613 -16.56 6.16 36.95
C GLN A 613 -17.15 4.82 36.58
N ASP A 614 -18.40 4.61 37.00
CA ASP A 614 -19.23 3.52 36.49
C ASP A 614 -18.58 2.15 36.74
N VAL A 615 -18.18 1.92 37.98
CA VAL A 615 -17.80 0.59 38.44
C VAL A 615 -18.40 0.39 39.81
N ASN A 616 -18.76 -0.85 40.11
CA ASN A 616 -19.10 -1.21 41.48
C ASN A 616 -17.80 -1.21 42.25
N CYS A 617 -17.86 -0.95 43.57
CA CYS A 617 -16.58 -0.81 44.26
C CYS A 617 -16.16 -2.20 44.73
N THR A 618 -15.32 -2.83 43.92
CA THR A 618 -14.51 -3.97 44.27
C THR A 618 -13.16 -3.79 43.58
N GLU A 619 -13.21 -3.72 42.24
CA GLU A 619 -12.04 -3.84 41.37
C GLU A 619 -10.94 -2.84 41.66
N VAL A 620 -11.20 -1.86 42.52
CA VAL A 620 -10.16 -1.04 43.08
C VAL A 620 -8.97 -1.88 43.54
N ASN A 641 -10.26 5.57 52.19
CA ASN A 641 -11.70 5.58 52.40
C ASN A 641 -12.45 5.42 51.10
N VAL A 642 -13.50 4.60 51.11
CA VAL A 642 -14.25 4.27 49.90
C VAL A 642 -15.72 4.63 50.12
N PHE A 643 -16.31 5.26 49.11
CA PHE A 643 -17.72 5.62 49.12
C PHE A 643 -18.32 5.30 47.77
N GLN A 644 -19.28 4.38 47.74
CA GLN A 644 -20.00 4.06 46.52
C GLN A 644 -20.98 5.18 46.20
N THR A 645 -21.19 5.41 44.90
CA THR A 645 -22.02 6.52 44.45
C THR A 645 -22.99 6.03 43.41
N ARG A 646 -23.78 6.97 42.89
CA ARG A 646 -24.55 6.71 41.68
C ARG A 646 -23.68 6.86 40.44
N ALA A 647 -22.69 7.75 40.49
CA ALA A 647 -21.85 7.99 39.32
C ALA A 647 -20.79 6.92 39.16
N GLY A 648 -20.17 6.50 40.25
CA GLY A 648 -19.10 5.54 40.17
C GLY A 648 -18.52 5.29 41.54
N CYS A 649 -17.32 4.73 41.55
CA CYS A 649 -16.65 4.40 42.80
C CYS A 649 -15.74 5.56 43.17
N LEU A 650 -16.08 6.26 44.25
CA LEU A 650 -15.38 7.47 44.66
C LEU A 650 -14.47 7.15 45.84
N ILE A 651 -13.17 7.32 45.65
CA ILE A 651 -12.17 6.98 46.65
C ILE A 651 -11.56 8.26 47.18
N GLY A 652 -11.49 8.37 48.51
CA GLY A 652 -10.70 9.42 49.11
C GLY A 652 -11.47 10.62 49.60
N ALA A 653 -12.79 10.57 49.61
CA ALA A 653 -13.58 11.66 50.16
C ALA A 653 -14.67 11.09 51.05
N GLU A 654 -14.64 11.46 52.31
CA GLU A 654 -15.66 10.98 53.23
C GLU A 654 -17.02 11.54 52.86
N HIS A 655 -18.02 10.69 52.93
CA HIS A 655 -19.39 11.10 52.62
C HIS A 655 -19.85 12.13 53.64
N VAL A 656 -20.76 13.02 53.23
CA VAL A 656 -21.37 13.99 54.12
C VAL A 656 -22.87 13.98 53.87
N ASN A 657 -23.66 14.01 54.94
CA ASN A 657 -25.10 14.14 54.77
C ASN A 657 -25.50 15.57 54.42
N ASN A 658 -25.31 16.51 55.34
CA ASN A 658 -25.87 17.85 55.20
C ASN A 658 -25.38 18.46 53.90
N SER A 659 -26.33 18.84 53.05
CA SER A 659 -26.02 19.16 51.66
C SER A 659 -25.89 20.66 51.49
N TYR A 660 -24.90 21.06 50.68
CA TYR A 660 -24.57 22.45 50.50
C TYR A 660 -24.69 22.77 49.01
N GLU A 661 -24.49 24.03 48.67
CA GLU A 661 -24.56 24.38 47.26
C GLU A 661 -23.42 23.72 46.51
N CYS A 662 -23.65 23.46 45.24
CA CYS A 662 -22.68 22.69 44.47
C CYS A 662 -21.38 23.45 44.35
N ASP A 663 -20.29 22.69 44.26
CA ASP A 663 -18.96 23.28 44.24
C ASP A 663 -18.16 22.74 43.08
N ILE A 664 -17.82 21.46 43.14
CA ILE A 664 -17.22 20.76 42.01
C ILE A 664 -18.22 19.70 41.57
N PRO A 665 -18.88 19.87 40.44
CA PRO A 665 -19.83 18.86 39.98
C PRO A 665 -19.12 17.55 39.69
N ILE A 666 -19.83 16.45 39.89
CA ILE A 666 -19.28 15.12 39.64
C ILE A 666 -20.23 14.36 38.74
N GLY A 667 -21.41 14.06 39.27
CA GLY A 667 -22.45 13.42 38.49
C GLY A 667 -23.61 13.04 39.39
N ALA A 668 -24.79 12.84 38.80
CA ALA A 668 -25.97 12.43 39.54
C ALA A 668 -26.19 13.31 40.76
N GLY A 669 -25.85 14.59 40.64
CA GLY A 669 -26.05 15.51 41.75
C GLY A 669 -25.19 15.21 42.95
N ILE A 670 -23.91 14.91 42.74
CA ILE A 670 -22.94 14.74 43.80
C ILE A 670 -21.86 15.79 43.59
N CYS A 671 -21.76 16.73 44.52
CA CYS A 671 -20.81 17.83 44.39
C CYS A 671 -19.83 17.80 45.55
N ALA A 672 -18.55 17.84 45.21
CA ALA A 672 -17.47 17.74 46.19
C ALA A 672 -16.87 19.11 46.45
N SER A 673 -16.60 19.40 47.71
CA SER A 673 -15.91 20.62 48.11
C SER A 673 -14.85 20.27 49.13
N TYR A 674 -13.93 21.21 49.35
CA TYR A 674 -12.71 20.86 50.06
C TYR A 674 -12.87 20.85 51.57
N GLN A 675 -13.62 21.80 52.12
CA GLN A 675 -13.53 22.09 53.55
C GLN A 675 -14.00 20.90 54.39
N THR A 676 -13.62 20.91 55.67
CA THR A 676 -14.17 19.98 56.67
C THR A 676 -15.66 19.78 56.50
N SER A 689 -6.86 18.79 59.56
CA SER A 689 -8.23 19.25 59.69
C SER A 689 -9.05 18.89 58.47
N GLN A 690 -9.01 19.75 57.47
CA GLN A 690 -9.89 19.63 56.33
C GLN A 690 -9.58 18.40 55.49
N SER A 691 -10.61 17.89 54.82
CA SER A 691 -10.50 16.77 53.91
C SER A 691 -11.57 16.92 52.83
N ILE A 692 -11.25 16.45 51.63
CA ILE A 692 -12.22 16.49 50.54
C ILE A 692 -13.45 15.71 50.94
N ILE A 693 -14.62 16.32 50.77
CA ILE A 693 -15.86 15.63 51.07
C ILE A 693 -16.64 15.43 49.79
N ALA A 694 -17.77 14.74 49.88
CA ALA A 694 -18.68 14.58 48.77
C ALA A 694 -20.07 14.44 49.34
N TYR A 695 -21.05 15.03 48.67
CA TYR A 695 -22.39 15.07 49.22
C TYR A 695 -23.38 15.25 48.09
N THR A 696 -24.64 14.89 48.37
CA THR A 696 -25.69 15.12 47.41
C THR A 696 -25.85 16.61 47.18
N MET A 697 -25.79 17.00 45.92
CA MET A 697 -25.87 18.43 45.58
C MET A 697 -27.19 19.00 46.09
N SER A 698 -27.09 20.05 46.88
CA SER A 698 -28.28 20.78 47.29
C SER A 698 -28.60 21.81 46.24
N LEU A 699 -29.88 22.00 45.97
CA LEU A 699 -30.32 22.92 44.94
C LEU A 699 -30.76 24.20 45.64
N GLY A 700 -29.97 25.26 45.47
CA GLY A 700 -30.33 26.52 46.06
C GLY A 700 -30.54 26.42 47.55
N ALA A 701 -31.25 27.41 48.08
CA ALA A 701 -31.65 27.43 49.48
C ALA A 701 -33.17 27.46 49.52
N GLU A 702 -33.75 26.55 50.30
CA GLU A 702 -35.20 26.42 50.31
C GLU A 702 -35.88 27.68 50.79
N ASN A 703 -37.02 28.00 50.18
CA ASN A 703 -37.93 29.02 50.66
C ASN A 703 -39.35 28.55 50.42
N SER A 704 -40.25 28.95 51.31
CA SER A 704 -41.67 28.72 51.12
C SER A 704 -42.34 30.08 51.27
N VAL A 705 -42.88 30.60 50.16
CA VAL A 705 -43.43 31.94 50.19
C VAL A 705 -44.72 31.92 50.99
N ALA A 706 -44.79 32.76 52.01
CA ALA A 706 -46.03 32.84 52.77
C ALA A 706 -47.08 33.46 51.87
N TYR A 707 -48.15 32.73 51.62
CA TYR A 707 -49.07 33.07 50.56
C TYR A 707 -50.49 32.98 51.07
N SER A 708 -51.30 33.96 50.73
CA SER A 708 -52.72 33.84 50.94
C SER A 708 -53.42 34.79 49.99
N ASN A 709 -54.69 34.50 49.75
CA ASN A 709 -55.44 35.14 48.69
C ASN A 709 -55.60 36.64 48.91
N ASN A 710 -55.44 37.13 50.13
CA ASN A 710 -55.43 38.57 50.35
C ASN A 710 -54.04 39.15 50.56
N SER A 711 -52.99 38.35 50.46
CA SER A 711 -51.66 38.77 50.87
C SER A 711 -50.84 39.27 49.69
N ILE A 712 -50.42 40.53 49.74
CA ILE A 712 -49.53 41.09 48.73
C ILE A 712 -48.31 41.69 49.41
N ALA A 713 -47.18 41.64 48.72
CA ALA A 713 -45.92 42.15 49.23
C ALA A 713 -45.33 43.13 48.23
N ILE A 714 -45.31 44.40 48.59
CA ILE A 714 -44.83 45.48 47.74
C ILE A 714 -43.48 45.93 48.24
N PRO A 715 -42.46 45.98 47.39
CA PRO A 715 -41.17 46.51 47.84
C PRO A 715 -41.26 48.01 48.08
N THR A 716 -40.70 48.44 49.20
CA THR A 716 -40.67 49.86 49.53
C THR A 716 -39.40 50.53 49.06
N ASN A 717 -38.42 49.79 48.59
CA ASN A 717 -37.12 50.37 48.34
C ASN A 717 -36.37 49.46 47.38
N PHE A 718 -35.35 50.01 46.75
CA PHE A 718 -34.71 49.33 45.65
C PHE A 718 -33.21 49.44 45.77
N THR A 719 -32.53 48.68 44.93
CA THR A 719 -31.11 48.81 44.73
C THR A 719 -30.83 48.85 43.24
N ILE A 720 -29.72 49.47 42.88
CA ILE A 720 -29.30 49.58 41.49
C ILE A 720 -28.01 48.79 41.36
N SER A 721 -28.08 47.65 40.69
CA SER A 721 -26.91 46.80 40.55
C SER A 721 -26.36 46.92 39.14
N VAL A 722 -25.04 46.85 39.02
CA VAL A 722 -24.36 46.85 37.74
C VAL A 722 -23.74 45.49 37.57
N THR A 723 -24.18 44.75 36.56
CA THR A 723 -23.75 43.38 36.38
C THR A 723 -23.01 43.24 35.05
N THR A 724 -21.71 42.95 35.13
CA THR A 724 -20.93 42.67 33.96
C THR A 724 -21.48 41.47 33.21
N GLU A 725 -21.55 41.58 31.90
CA GLU A 725 -21.92 40.47 31.04
C GLU A 725 -20.93 40.41 29.90
N ILE A 726 -20.36 39.24 29.67
CA ILE A 726 -19.19 39.08 28.84
C ILE A 726 -19.53 38.17 27.68
N LEU A 727 -19.17 38.57 26.47
CA LEU A 727 -19.50 37.82 25.28
C LEU A 727 -18.31 37.79 24.33
N PRO A 728 -18.06 36.67 23.68
CA PRO A 728 -17.15 36.69 22.54
C PRO A 728 -17.81 37.36 21.37
N VAL A 729 -17.00 37.96 20.51
CA VAL A 729 -17.53 38.63 19.33
C VAL A 729 -16.83 38.09 18.10
N SER A 730 -15.51 38.25 18.05
CA SER A 730 -14.73 37.70 16.98
C SER A 730 -13.72 36.73 17.55
N MET A 731 -13.19 35.88 16.67
CA MET A 731 -12.12 34.98 17.01
C MET A 731 -10.93 35.32 16.12
N THR A 732 -9.74 34.90 16.56
CA THR A 732 -8.53 35.24 15.85
C THR A 732 -8.61 34.78 14.40
N LYS A 733 -8.41 35.72 13.47
CA LYS A 733 -8.48 35.40 12.06
C LYS A 733 -7.21 34.71 11.63
N THR A 734 -7.33 33.47 11.17
CA THR A 734 -6.17 32.73 10.71
C THR A 734 -6.38 32.29 9.28
N SER A 735 -5.29 32.19 8.55
CA SER A 735 -5.31 31.69 7.19
C SER A 735 -4.09 30.81 7.02
N VAL A 736 -4.31 29.58 6.55
CA VAL A 736 -3.26 28.58 6.46
C VAL A 736 -2.91 28.37 5.00
N ASP A 737 -1.62 28.21 4.73
CA ASP A 737 -1.14 27.91 3.39
C ASP A 737 -1.13 26.41 3.22
N CYS A 738 -2.04 25.90 2.41
CA CYS A 738 -2.24 24.46 2.33
C CYS A 738 -1.05 23.78 1.67
N THR A 739 -0.58 24.31 0.54
CA THR A 739 0.53 23.66 -0.15
C THR A 739 1.79 23.65 0.70
N MET A 740 2.07 24.75 1.39
CA MET A 740 3.27 24.77 2.23
C MET A 740 3.10 23.92 3.46
N TYR A 741 2.01 24.11 4.21
CA TYR A 741 1.82 23.36 5.44
C TYR A 741 1.95 21.87 5.20
N ILE A 742 1.37 21.39 4.09
CA ILE A 742 1.48 19.98 3.78
C ILE A 742 2.88 19.67 3.30
N CYS A 743 3.27 20.26 2.18
CA CYS A 743 4.57 20.00 1.60
C CYS A 743 5.47 21.20 1.89
N GLY A 744 6.40 21.05 2.83
CA GLY A 744 7.41 22.06 3.04
C GLY A 744 8.46 22.00 1.96
N ASP A 745 8.69 23.11 1.27
CA ASP A 745 9.88 23.30 0.43
C ASP A 745 10.25 22.09 -0.43
N SER A 746 9.26 21.35 -0.91
CA SER A 746 9.51 20.19 -1.74
C SER A 746 8.55 20.19 -2.91
N THR A 747 9.09 20.30 -4.12
CA THR A 747 8.25 20.12 -5.28
C THR A 747 7.79 18.67 -5.37
N GLU A 748 8.64 17.74 -4.94
CA GLU A 748 8.29 16.33 -4.96
C GLU A 748 6.96 16.10 -4.29
N CYS A 749 6.84 16.55 -3.04
CA CYS A 749 5.56 16.48 -2.35
C CYS A 749 4.54 17.40 -3.01
N SER A 750 4.98 18.57 -3.46
CA SER A 750 4.05 19.55 -4.00
C SER A 750 3.33 19.01 -5.23
N ASN A 751 4.05 18.25 -6.07
CA ASN A 751 3.41 17.66 -7.24
C ASN A 751 2.35 16.65 -6.84
N LEU A 752 2.67 15.79 -5.87
CA LEU A 752 1.70 14.80 -5.40
C LEU A 752 0.42 15.47 -4.94
N LEU A 753 0.53 16.61 -4.26
CA LEU A 753 -0.66 17.28 -3.75
C LEU A 753 -1.64 17.61 -4.86
N LEU A 754 -1.13 17.88 -6.06
CA LEU A 754 -1.99 18.17 -7.20
C LEU A 754 -2.93 17.01 -7.52
N GLN A 755 -2.57 15.80 -7.11
CA GLN A 755 -3.38 14.65 -7.42
C GLN A 755 -4.56 14.50 -6.47
N TYR A 756 -4.63 15.30 -5.41
CA TYR A 756 -5.82 15.41 -4.60
C TYR A 756 -6.70 16.57 -5.02
N GLY A 757 -6.32 17.28 -6.07
CA GLY A 757 -7.21 18.26 -6.65
C GLY A 757 -7.41 19.48 -5.77
N SER A 758 -8.67 19.79 -5.52
CA SER A 758 -9.08 21.08 -4.99
C SER A 758 -9.10 21.14 -3.48
N PHE A 759 -8.66 20.08 -2.79
CA PHE A 759 -8.55 20.14 -1.34
C PHE A 759 -7.78 21.37 -0.91
N CYS A 760 -6.58 21.56 -1.46
CA CYS A 760 -5.74 22.68 -1.07
C CYS A 760 -6.49 24.00 -1.23
N THR A 761 -7.15 24.19 -2.37
CA THR A 761 -7.83 25.46 -2.60
C THR A 761 -9.09 25.59 -1.76
N GLN A 762 -9.90 24.53 -1.68
CA GLN A 762 -11.15 24.66 -0.95
C GLN A 762 -10.94 24.90 0.53
N LEU A 763 -9.77 24.57 1.07
CA LEU A 763 -9.48 24.91 2.45
C LEU A 763 -9.33 26.42 2.61
N ASN A 764 -8.57 27.05 1.73
CA ASN A 764 -8.49 28.51 1.75
C ASN A 764 -9.86 29.13 1.55
N ARG A 765 -10.64 28.59 0.61
CA ARG A 765 -12.01 29.09 0.45
C ARG A 765 -12.80 28.92 1.73
N ALA A 766 -12.54 27.84 2.48
CA ALA A 766 -13.23 27.65 3.74
C ALA A 766 -12.77 28.68 4.77
N LEU A 767 -11.48 28.74 5.03
CA LEU A 767 -10.99 29.61 6.10
C LEU A 767 -11.25 31.07 5.80
N THR A 768 -11.19 31.45 4.53
CA THR A 768 -11.49 32.83 4.19
C THR A 768 -12.93 33.17 4.54
N GLY A 769 -13.86 32.25 4.29
CA GLY A 769 -15.23 32.47 4.72
C GLY A 769 -15.33 32.80 6.19
N ILE A 770 -14.62 32.04 7.03
CA ILE A 770 -14.49 32.41 8.43
C ILE A 770 -13.87 33.80 8.54
N ALA A 771 -12.63 33.93 8.07
CA ALA A 771 -11.87 35.16 8.29
C ALA A 771 -12.64 36.39 7.83
N VAL A 772 -13.41 36.28 6.75
CA VAL A 772 -14.21 37.42 6.30
C VAL A 772 -15.24 37.79 7.34
N GLU A 773 -16.09 36.85 7.73
CA GLU A 773 -17.21 37.19 8.57
C GLU A 773 -16.79 37.58 9.97
N GLN A 774 -15.57 37.23 10.39
CA GLN A 774 -15.09 37.71 11.67
C GLN A 774 -15.11 39.23 11.71
N ASP A 775 -14.60 39.87 10.67
CA ASP A 775 -14.68 41.32 10.59
C ASP A 775 -16.07 41.78 10.21
N LYS A 776 -16.97 40.87 9.85
CA LYS A 776 -18.37 41.21 9.75
C LYS A 776 -19.04 41.18 11.12
N ASN A 777 -18.70 40.19 11.94
CA ASN A 777 -19.19 40.15 13.30
C ASN A 777 -18.84 41.45 14.03
N THR A 778 -17.55 41.71 14.18
CA THR A 778 -17.09 42.94 14.81
C THR A 778 -17.72 44.16 14.17
N GLN A 779 -18.08 44.06 12.89
CA GLN A 779 -18.74 45.17 12.23
C GLN A 779 -20.17 45.31 12.72
N GLU A 780 -20.90 44.20 12.77
CA GLU A 780 -22.30 44.25 13.17
C GLU A 780 -22.44 44.72 14.60
N VAL A 781 -21.66 44.13 15.49
CA VAL A 781 -21.74 44.45 16.91
C VAL A 781 -21.45 45.91 17.15
N PHE A 782 -20.21 46.32 16.91
CA PHE A 782 -19.73 47.59 17.45
C PHE A 782 -20.28 48.77 16.68
N ALA A 783 -20.23 48.75 15.36
CA ALA A 783 -20.67 49.93 14.61
C ALA A 783 -22.08 49.67 14.15
N GLN A 784 -23.03 50.11 14.96
CA GLN A 784 -24.41 50.30 14.59
C GLN A 784 -24.76 51.77 14.47
N VAL A 785 -23.82 52.64 14.79
CA VAL A 785 -24.08 54.05 14.94
C VAL A 785 -23.51 54.77 13.73
N LYS A 786 -24.27 55.73 13.20
CA LYS A 786 -23.88 56.39 11.97
C LYS A 786 -22.67 57.29 12.19
N GLN A 787 -22.65 58.02 13.30
CA GLN A 787 -21.64 59.02 13.57
C GLN A 787 -20.86 58.65 14.81
N ILE A 788 -19.67 59.22 14.95
CA ILE A 788 -18.91 59.09 16.19
C ILE A 788 -19.25 60.29 17.06
N TYR A 789 -20.01 60.04 18.12
CA TYR A 789 -20.27 61.04 19.13
C TYR A 789 -19.11 61.07 20.12
N LYS A 790 -18.92 62.21 20.76
CA LYS A 790 -17.96 62.26 21.84
C LYS A 790 -18.56 63.04 22.99
N THR A 791 -18.22 62.61 24.20
CA THR A 791 -18.76 63.22 25.40
C THR A 791 -18.48 64.72 25.40
N PRO A 792 -19.32 65.51 26.04
CA PRO A 792 -19.04 66.94 26.15
C PRO A 792 -17.80 67.16 26.97
N PRO A 793 -17.22 68.36 26.90
CA PRO A 793 -15.99 68.60 27.68
C PRO A 793 -16.18 68.46 29.17
N ILE A 794 -17.30 68.93 29.71
CA ILE A 794 -17.52 68.96 31.15
C ILE A 794 -18.59 67.95 31.52
N LYS A 795 -18.35 67.22 32.59
CA LYS A 795 -19.23 66.13 33.02
C LYS A 795 -20.07 66.62 34.18
N ASP A 796 -21.35 66.89 33.94
CA ASP A 796 -22.34 66.98 35.00
C ASP A 796 -23.51 66.10 34.59
N PHE A 797 -23.61 64.93 35.21
CA PHE A 797 -24.68 64.00 34.94
C PHE A 797 -25.73 63.95 36.04
N GLY A 798 -25.60 64.78 37.05
CA GLY A 798 -26.48 64.70 38.20
C GLY A 798 -25.94 63.87 39.32
N GLY A 799 -24.64 63.65 39.35
CA GLY A 799 -24.01 62.84 40.36
C GLY A 799 -23.51 61.50 39.90
N PHE A 800 -23.84 61.06 38.70
CA PHE A 800 -23.37 59.77 38.21
C PHE A 800 -21.97 59.99 37.67
N ASN A 801 -21.03 59.16 38.08
CA ASN A 801 -19.62 59.35 37.75
C ASN A 801 -19.22 58.35 36.68
N PHE A 802 -19.05 58.83 35.46
CA PHE A 802 -18.69 57.97 34.35
C PHE A 802 -17.20 57.97 34.03
N SER A 803 -16.39 58.70 34.79
CA SER A 803 -14.96 58.70 34.54
C SER A 803 -14.41 57.29 34.54
N GLN A 804 -15.05 56.39 35.28
CA GLN A 804 -14.71 54.98 35.18
C GLN A 804 -14.83 54.48 33.76
N ILE A 805 -16.03 54.62 33.18
CA ILE A 805 -16.34 53.98 31.90
C ILE A 805 -16.08 54.85 30.69
N LEU A 806 -15.80 56.12 30.87
CA LEU A 806 -15.58 56.91 29.67
C LEU A 806 -14.13 56.85 29.23
N PRO A 807 -13.85 57.11 27.96
CA PRO A 807 -12.48 57.05 27.47
C PRO A 807 -11.56 57.89 28.32
N ASP A 808 -10.36 57.36 28.55
CA ASP A 808 -9.39 58.02 29.41
C ASP A 808 -8.61 59.01 28.56
N PRO A 809 -8.77 60.32 28.75
CA PRO A 809 -8.09 61.28 27.88
C PRO A 809 -6.58 61.22 27.98
N SER A 810 -6.03 60.65 29.05
CA SER A 810 -4.60 60.63 29.28
C SER A 810 -3.94 59.33 28.84
N LYS A 811 -4.67 58.41 28.33
CA LYS A 811 -3.94 57.28 27.78
C LYS A 811 -3.59 57.52 26.32
N PRO A 812 -2.44 57.02 25.85
CA PRO A 812 -2.11 57.19 24.43
C PRO A 812 -3.13 56.54 23.51
N SER A 813 -3.49 55.30 23.79
CA SER A 813 -4.66 54.68 23.18
C SER A 813 -5.81 54.94 24.15
N LYS A 814 -6.78 55.74 23.74
CA LYS A 814 -7.79 56.17 24.69
C LYS A 814 -8.75 55.02 24.89
N ARG A 815 -8.76 54.49 26.11
CA ARG A 815 -9.63 53.39 26.51
C ARG A 815 -10.00 53.61 27.95
N SER A 816 -11.28 53.41 28.26
CA SER A 816 -11.79 53.71 29.58
C SER A 816 -11.02 52.92 30.62
N PHE A 817 -10.95 53.50 31.82
CA PHE A 817 -10.16 52.90 32.91
C PHE A 817 -10.46 51.41 33.05
N ILE A 818 -11.73 51.03 32.90
CA ILE A 818 -12.10 49.64 33.06
C ILE A 818 -11.45 48.79 31.98
N GLU A 819 -11.53 49.23 30.72
CA GLU A 819 -11.08 48.38 29.63
C GLU A 819 -9.64 47.95 29.81
N ASP A 820 -8.82 48.76 30.47
CA ASP A 820 -7.44 48.36 30.73
C ASP A 820 -7.39 47.16 31.66
N LEU A 821 -8.28 47.12 32.66
CA LEU A 821 -8.35 45.94 33.50
C LEU A 821 -8.59 44.69 32.66
N LEU A 822 -9.37 44.82 31.60
CA LEU A 822 -9.70 43.67 30.78
C LEU A 822 -8.52 43.25 29.92
N PHE A 823 -7.89 44.20 29.24
CA PHE A 823 -6.80 43.86 28.34
C PHE A 823 -5.60 43.29 29.08
N ASN A 824 -5.51 43.48 30.40
CA ASN A 824 -4.45 42.85 31.13
C ASN A 824 -4.78 41.39 31.45
N LYS A 825 -6.03 41.12 31.82
CA LYS A 825 -6.43 39.76 32.14
C LYS A 825 -6.24 38.84 30.94
N VAL A 826 -6.89 39.17 29.83
CA VAL A 826 -6.75 38.37 28.63
C VAL A 826 -5.34 38.49 28.09
N THR A 827 -4.89 37.45 27.40
CA THR A 827 -3.57 37.46 26.77
C THR A 827 -3.68 37.13 25.29
N ASP A 848 7.53 31.43 20.76
CA ASP A 848 6.17 31.62 21.24
C ASP A 848 5.16 31.17 20.19
N LEU A 849 3.90 31.60 20.34
CA LEU A 849 2.90 31.32 19.28
C LEU A 849 3.03 32.46 18.27
N ILE A 850 3.90 33.44 18.57
CA ILE A 850 4.04 34.65 17.71
C ILE A 850 4.55 34.31 16.31
N CYS A 851 5.56 33.43 16.17
CA CYS A 851 6.15 33.18 14.83
C CYS A 851 6.21 31.67 14.54
N ALA A 852 6.22 30.83 15.56
CA ALA A 852 6.24 29.38 15.42
C ALA A 852 5.17 28.90 14.44
N GLN A 853 3.90 29.16 14.76
CA GLN A 853 2.84 28.93 13.78
C GLN A 853 3.22 29.52 12.45
N LYS A 854 3.67 30.78 12.46
CA LYS A 854 3.99 31.50 11.24
C LYS A 854 5.17 30.89 10.50
N PHE A 855 5.84 29.91 11.09
CA PHE A 855 6.84 29.16 10.34
C PHE A 855 6.18 28.42 9.17
N ASN A 856 5.20 27.59 9.46
CA ASN A 856 4.75 26.55 8.54
C ASN A 856 3.64 27.02 7.61
N GLY A 857 3.29 28.29 7.65
CA GLY A 857 2.17 28.76 6.88
C GLY A 857 0.92 28.97 7.68
N LEU A 858 1.00 28.93 9.00
CA LEU A 858 -0.12 29.30 9.85
C LEU A 858 0.02 30.78 10.14
N THR A 859 -0.87 31.57 9.57
CA THR A 859 -0.77 33.01 9.65
C THR A 859 -1.91 33.55 10.48
N VAL A 860 -1.63 34.64 11.20
CA VAL A 860 -2.64 35.35 11.95
C VAL A 860 -2.84 36.69 11.27
N LEU A 861 -3.96 36.85 10.61
CA LEU A 861 -4.18 38.09 9.92
C LEU A 861 -4.67 39.15 10.90
N PRO A 862 -4.32 40.40 10.69
CA PRO A 862 -4.75 41.44 11.61
C PRO A 862 -6.25 41.67 11.49
N PRO A 863 -6.95 41.79 12.60
CA PRO A 863 -8.37 42.14 12.54
C PRO A 863 -8.53 43.51 11.89
N LEU A 864 -9.49 43.60 10.98
CA LEU A 864 -9.67 44.83 10.21
C LEU A 864 -9.71 46.06 11.10
N LEU A 865 -10.36 45.97 12.25
CA LEU A 865 -10.52 47.10 13.14
C LEU A 865 -9.50 47.00 14.26
N THR A 866 -8.62 48.00 14.34
CA THR A 866 -7.68 48.05 15.45
C THR A 866 -8.43 48.26 16.76
N ASP A 867 -7.81 47.81 17.85
CA ASP A 867 -8.44 47.98 19.15
C ASP A 867 -8.74 49.43 19.45
N GLU A 868 -7.88 50.34 19.01
CA GLU A 868 -8.15 51.76 19.24
C GLU A 868 -9.42 52.20 18.55
N MET A 869 -9.73 51.59 17.40
CA MET A 869 -10.98 51.92 16.74
C MET A 869 -12.16 51.35 17.51
N ILE A 870 -12.05 50.09 17.95
CA ILE A 870 -13.10 49.48 18.75
C ILE A 870 -13.42 50.37 19.94
N ALA A 871 -12.40 50.97 20.53
CA ALA A 871 -12.61 51.88 21.64
C ALA A 871 -13.20 53.21 21.22
N GLN A 872 -13.19 53.54 19.94
CA GLN A 872 -13.92 54.74 19.53
C GLN A 872 -15.40 54.46 19.35
N TYR A 873 -15.75 53.34 18.73
CA TYR A 873 -17.14 52.92 18.71
C TYR A 873 -17.71 52.88 20.12
N THR A 874 -17.17 52.00 20.96
CA THR A 874 -17.68 51.89 22.31
C THR A 874 -17.55 53.19 23.09
N SER A 875 -16.82 54.18 22.57
CA SER A 875 -16.97 55.53 23.08
C SER A 875 -18.22 56.19 22.52
N ALA A 876 -18.40 56.11 21.20
CA ALA A 876 -19.58 56.69 20.58
C ALA A 876 -20.85 56.13 21.20
N LEU A 877 -21.06 54.83 21.06
CA LEU A 877 -22.22 54.18 21.65
C LEU A 877 -22.41 54.62 23.09
N LEU A 878 -21.32 54.72 23.83
CA LEU A 878 -21.41 55.17 25.20
C LEU A 878 -21.56 56.69 25.29
N ALA A 879 -21.08 57.43 24.31
CA ALA A 879 -21.28 58.87 24.38
C ALA A 879 -22.71 59.24 24.05
N GLY A 880 -23.31 58.57 23.07
CA GLY A 880 -24.69 58.87 22.73
C GLY A 880 -25.65 58.35 23.77
N THR A 881 -25.37 57.18 24.34
CA THR A 881 -26.23 56.65 25.38
C THR A 881 -26.38 57.62 26.53
N ILE A 882 -25.28 58.25 26.92
CA ILE A 882 -25.30 59.14 28.06
C ILE A 882 -26.03 60.43 27.73
N THR A 883 -25.60 61.10 26.66
CA THR A 883 -26.17 62.41 26.35
C THR A 883 -27.54 62.28 25.71
N SER A 884 -27.64 61.47 24.66
CA SER A 884 -28.77 61.49 23.75
C SER A 884 -29.87 60.50 24.10
N GLY A 885 -29.74 59.77 25.20
CA GLY A 885 -30.76 58.79 25.52
C GLY A 885 -30.68 57.62 24.57
N TRP A 886 -31.84 57.09 24.19
CA TRP A 886 -31.89 56.00 23.24
C TRP A 886 -32.16 56.45 21.81
N THR A 887 -32.38 57.75 21.60
CA THR A 887 -32.85 58.19 20.30
C THR A 887 -31.76 58.11 19.23
N PHE A 888 -30.50 58.01 19.60
CA PHE A 888 -29.47 58.03 18.58
C PHE A 888 -29.48 56.77 17.74
N GLY A 889 -30.05 55.69 18.26
CA GLY A 889 -30.21 54.50 17.45
C GLY A 889 -31.32 54.60 16.44
N ALA A 890 -32.30 55.47 16.67
CA ALA A 890 -33.42 55.65 15.77
C ALA A 890 -33.24 56.80 14.80
N GLY A 891 -32.11 57.47 14.81
CA GLY A 891 -31.95 58.62 13.95
C GLY A 891 -30.90 59.57 14.53
N ALA A 892 -31.05 60.84 14.19
CA ALA A 892 -30.18 61.86 14.75
C ALA A 892 -30.29 61.87 16.27
N ALA A 893 -29.14 61.89 16.93
CA ALA A 893 -29.12 61.91 18.38
C ALA A 893 -29.78 63.17 18.90
N LEU A 894 -30.48 63.05 20.03
CA LEU A 894 -31.21 64.18 20.61
C LEU A 894 -30.67 64.41 22.02
N GLN A 895 -29.99 65.54 22.22
CA GLN A 895 -29.49 65.80 23.55
C GLN A 895 -30.66 65.89 24.51
N ILE A 896 -30.53 65.22 25.64
CA ILE A 896 -31.56 65.24 26.67
C ILE A 896 -30.85 65.20 28.02
N PRO A 897 -31.34 65.92 29.02
CA PRO A 897 -30.67 65.89 30.32
C PRO A 897 -30.65 64.48 30.86
N PHE A 898 -29.47 64.04 31.28
CA PHE A 898 -29.32 62.64 31.66
C PHE A 898 -30.29 62.29 32.79
N ALA A 899 -30.43 63.17 33.77
CA ALA A 899 -31.40 62.92 34.83
C ALA A 899 -32.82 62.85 34.30
N MET A 900 -33.10 63.53 33.20
CA MET A 900 -34.39 63.37 32.55
C MET A 900 -34.42 62.19 31.59
N GLN A 901 -33.28 61.60 31.31
CA GLN A 901 -33.29 60.30 30.65
C GLN A 901 -33.77 59.24 31.62
N MET A 902 -33.15 59.16 32.79
CA MET A 902 -33.50 58.14 33.75
C MET A 902 -34.93 58.23 34.25
N ALA A 903 -35.61 59.36 34.04
CA ALA A 903 -37.02 59.36 34.35
C ALA A 903 -37.78 58.48 33.38
N TYR A 904 -37.35 58.44 32.13
CA TYR A 904 -38.01 57.56 31.18
C TYR A 904 -37.71 56.11 31.52
N ARG A 905 -36.42 55.78 31.66
CA ARG A 905 -36.05 54.39 31.88
C ARG A 905 -36.68 53.81 33.13
N PHE A 906 -37.18 54.64 34.05
CA PHE A 906 -38.04 54.11 35.09
C PHE A 906 -39.46 53.87 34.57
N ASN A 907 -40.01 54.80 33.81
CA ASN A 907 -41.30 54.54 33.19
C ASN A 907 -41.26 53.27 32.37
N GLY A 908 -40.12 52.96 31.78
CA GLY A 908 -39.99 51.72 31.05
C GLY A 908 -40.25 50.51 31.91
N ILE A 909 -39.74 50.51 33.13
CA ILE A 909 -39.87 49.38 34.04
C ILE A 909 -41.06 49.53 34.97
N GLY A 910 -41.87 50.57 34.79
CA GLY A 910 -43.09 50.70 35.56
C GLY A 910 -42.97 51.50 36.83
N VAL A 911 -41.78 51.95 37.18
CA VAL A 911 -41.60 52.82 38.33
C VAL A 911 -41.84 54.25 37.88
N THR A 912 -42.82 54.90 38.48
CA THR A 912 -43.14 56.27 38.09
C THR A 912 -41.95 57.17 38.34
N GLN A 913 -41.73 58.10 37.41
CA GLN A 913 -40.57 58.96 37.43
C GLN A 913 -40.43 59.78 38.70
N ASN A 914 -41.52 60.01 39.43
CA ASN A 914 -41.39 60.78 40.67
C ASN A 914 -40.49 60.09 41.66
N VAL A 915 -40.20 58.81 41.45
CA VAL A 915 -39.22 58.13 42.36
C VAL A 915 -37.84 58.74 42.13
N LEU A 916 -37.37 58.79 40.88
CA LEU A 916 -35.99 59.29 40.60
C LEU A 916 -35.83 60.76 40.98
N TYR A 917 -36.79 61.63 40.65
CA TYR A 917 -36.62 63.08 40.90
C TYR A 917 -36.49 63.31 42.40
N GLU A 918 -36.94 62.36 43.22
CA GLU A 918 -36.87 62.46 44.65
C GLU A 918 -35.67 61.70 45.21
N ASN A 919 -35.34 60.57 44.62
CA ASN A 919 -34.25 59.73 45.09
C ASN A 919 -32.94 59.96 44.36
N GLN A 920 -32.87 60.98 43.51
CA GLN A 920 -31.74 61.12 42.60
C GLN A 920 -30.41 61.00 43.33
N LYS A 921 -30.20 61.78 44.39
CA LYS A 921 -28.93 61.75 45.10
C LYS A 921 -28.61 60.34 45.57
N LEU A 922 -29.56 59.67 46.19
CA LEU A 922 -29.36 58.29 46.59
C LEU A 922 -28.99 57.42 45.40
N ILE A 923 -29.77 57.48 44.33
CA ILE A 923 -29.52 56.64 43.18
C ILE A 923 -28.14 56.94 42.61
N ALA A 924 -27.70 58.18 42.72
CA ALA A 924 -26.36 58.53 42.29
C ALA A 924 -25.32 57.66 43.00
N ASN A 925 -25.36 57.66 44.33
CA ASN A 925 -24.35 56.93 45.09
C ASN A 925 -24.42 55.43 44.80
N GLN A 926 -25.62 54.87 44.82
CA GLN A 926 -25.77 53.46 44.51
C GLN A 926 -25.16 53.13 43.16
N PHE A 927 -25.36 54.02 42.18
CA PHE A 927 -24.74 53.78 40.88
C PHE A 927 -23.23 53.79 41.01
N ASN A 928 -22.67 54.89 41.52
CA ASN A 928 -21.22 55.04 41.58
C ASN A 928 -20.59 53.92 42.37
N SER A 929 -21.09 53.67 43.57
CA SER A 929 -20.55 52.59 44.40
C SER A 929 -20.71 51.24 43.72
N ALA A 930 -21.70 51.11 42.84
CA ALA A 930 -21.80 49.89 42.06
C ALA A 930 -20.72 49.82 41.01
N ILE A 931 -20.42 50.94 40.36
CA ILE A 931 -19.37 50.93 39.34
C ILE A 931 -18.04 50.56 39.96
N GLY A 932 -17.76 51.09 41.16
CA GLY A 932 -16.49 50.80 41.80
C GLY A 932 -16.23 49.32 41.93
N LYS A 933 -17.20 48.59 42.48
CA LYS A 933 -17.02 47.17 42.68
C LYS A 933 -16.83 46.41 41.38
N ILE A 934 -17.24 46.99 40.25
CA ILE A 934 -16.99 46.33 38.97
C ILE A 934 -15.50 46.23 38.72
N GLN A 935 -14.75 47.24 39.15
CA GLN A 935 -13.30 47.19 39.05
C GLN A 935 -12.76 45.95 39.75
N ASP A 936 -13.05 45.82 41.04
CA ASP A 936 -12.49 44.74 41.82
C ASP A 936 -13.05 43.39 41.40
N SER A 937 -14.33 43.36 41.01
CA SER A 937 -14.88 42.14 40.42
C SER A 937 -14.01 41.64 39.29
N LEU A 938 -13.53 42.54 38.46
CA LEU A 938 -12.56 42.19 37.43
C LEU A 938 -11.16 42.14 38.02
N SER A 939 -10.82 43.10 38.87
CA SER A 939 -9.43 43.25 39.30
C SER A 939 -8.97 42.06 40.12
N SER A 940 -9.82 41.56 41.01
CA SER A 940 -9.41 40.58 42.01
C SER A 940 -9.68 39.14 41.59
N THR A 941 -10.31 38.91 40.44
CA THR A 941 -10.61 37.56 39.99
C THR A 941 -10.38 37.47 38.49
N ALA A 942 -9.61 36.48 38.06
CA ALA A 942 -9.28 36.30 36.66
C ALA A 942 -10.20 35.33 35.93
N SER A 943 -11.18 34.76 36.61
CA SER A 943 -12.08 33.79 35.99
C SER A 943 -13.32 34.42 35.36
N ALA A 944 -13.57 35.71 35.61
CA ALA A 944 -14.75 36.35 35.02
C ALA A 944 -14.67 36.36 33.50
N LEU A 945 -13.47 36.51 32.97
CA LEU A 945 -13.27 36.60 31.53
C LEU A 945 -13.08 35.25 30.87
N GLY A 946 -13.31 34.16 31.61
CA GLY A 946 -13.10 32.83 31.06
C GLY A 946 -13.69 32.65 29.67
N LYS A 947 -14.89 33.20 29.46
CA LYS A 947 -15.53 33.06 28.15
C LYS A 947 -14.62 33.53 27.04
N LEU A 948 -14.11 34.76 27.15
CA LEU A 948 -13.08 35.21 26.22
C LEU A 948 -11.85 34.34 26.31
N GLN A 949 -11.35 34.10 27.52
CA GLN A 949 -10.13 33.35 27.70
C GLN A 949 -10.23 31.97 27.08
N ASP A 950 -11.42 31.37 27.14
CA ASP A 950 -11.60 30.05 26.54
C ASP A 950 -11.50 30.13 25.03
N VAL A 951 -12.10 31.15 24.42
CA VAL A 951 -12.04 31.31 22.98
C VAL A 951 -10.59 31.43 22.53
N VAL A 952 -9.83 32.32 23.16
CA VAL A 952 -8.45 32.54 22.75
C VAL A 952 -7.64 31.27 22.91
N ASN A 953 -7.84 30.55 24.02
CA ASN A 953 -7.10 29.32 24.24
C ASN A 953 -7.41 28.29 23.17
N GLN A 954 -8.69 28.01 22.96
CA GLN A 954 -9.06 26.96 22.01
C GLN A 954 -8.49 27.24 20.63
N ASN A 955 -8.45 28.50 20.22
CA ASN A 955 -7.80 28.83 18.97
C ASN A 955 -6.33 28.49 19.02
N ALA A 956 -5.60 29.05 19.98
CA ALA A 956 -4.20 28.71 20.14
C ALA A 956 -4.02 27.23 20.44
N GLN A 957 -5.01 26.61 21.06
CA GLN A 957 -4.95 25.17 21.28
C GLN A 957 -4.80 24.42 19.96
N ALA A 958 -5.83 24.48 19.12
CA ALA A 958 -5.83 23.68 17.89
C ALA A 958 -4.62 23.99 17.03
N LEU A 959 -4.17 25.24 17.03
CA LEU A 959 -2.96 25.57 16.28
C LEU A 959 -1.78 24.75 16.78
N ASN A 960 -1.56 24.71 18.09
CA ASN A 960 -0.53 23.83 18.63
C ASN A 960 -0.73 22.40 18.14
N THR A 961 -1.93 21.87 18.34
CA THR A 961 -2.22 20.53 17.84
C THR A 961 -1.95 20.42 16.35
N LEU A 962 -2.41 21.41 15.59
CA LEU A 962 -2.19 21.37 14.14
C LEU A 962 -0.71 21.35 13.82
N VAL A 963 0.09 22.12 14.58
CA VAL A 963 1.52 22.10 14.36
C VAL A 963 2.10 20.75 14.75
N LYS A 964 1.80 20.27 15.94
CA LYS A 964 2.36 19.01 16.39
C LYS A 964 2.05 17.87 15.44
N GLN A 965 0.99 17.99 14.66
CA GLN A 965 0.72 16.97 13.66
C GLN A 965 1.80 16.90 12.60
N LEU A 966 2.59 17.96 12.43
CA LEU A 966 3.68 17.90 11.47
C LEU A 966 4.74 16.89 11.89
N SER A 967 4.90 16.67 13.19
CA SER A 967 5.95 15.81 13.69
C SER A 967 5.52 14.35 13.82
N SER A 968 4.32 14.00 13.39
CA SER A 968 3.86 12.63 13.52
C SER A 968 4.16 11.83 12.27
N ASN A 969 4.50 10.55 12.46
CA ASN A 969 4.91 9.72 11.35
C ASN A 969 3.75 9.41 10.41
N PHE A 970 2.55 9.23 10.96
CA PHE A 970 1.39 8.85 10.16
C PHE A 970 1.65 7.57 9.37
N GLY A 971 2.49 6.70 9.91
CA GLY A 971 2.88 5.49 9.23
C GLY A 971 4.07 5.64 8.31
N ALA A 972 4.41 6.86 7.91
CA ALA A 972 5.59 7.07 7.10
C ALA A 972 6.85 6.88 7.94
N ILE A 973 7.97 6.67 7.26
CA ILE A 973 9.22 6.36 7.94
C ILE A 973 9.73 7.52 8.79
N SER A 974 9.39 8.76 8.46
CA SER A 974 9.79 9.88 9.29
C SER A 974 8.87 11.05 9.04
N SER A 975 8.88 12.00 9.96
CA SER A 975 8.03 13.18 9.86
C SER A 975 8.71 14.34 9.16
N VAL A 976 9.99 14.22 8.83
CA VAL A 976 10.68 15.23 8.06
C VAL A 976 10.51 14.91 6.58
N LEU A 977 9.86 15.81 5.85
CA LEU A 977 9.50 15.51 4.47
C LEU A 977 10.73 15.26 3.61
N ASN A 978 11.86 15.85 3.98
CA ASN A 978 13.06 15.67 3.17
C ASN A 978 13.75 14.34 3.44
N ASP A 979 13.69 13.86 4.68
CA ASP A 979 14.35 12.61 5.02
C ASP A 979 13.83 11.46 4.17
N ILE A 980 12.52 11.38 4.00
CA ILE A 980 11.95 10.38 3.11
C ILE A 980 12.53 10.55 1.70
N LEU A 981 12.74 11.79 1.28
CA LEU A 981 13.35 12.01 -0.02
C LEU A 981 14.85 11.72 0.03
N SER A 982 15.50 11.97 1.16
CA SER A 982 16.93 11.77 1.24
C SER A 982 17.28 10.29 1.27
N ARG A 983 16.64 9.54 2.17
CA ARG A 983 17.02 8.14 2.33
C ARG A 983 16.63 7.31 1.13
N LEU A 984 15.38 7.42 0.70
CA LEU A 984 14.79 6.49 -0.23
C LEU A 984 14.80 7.04 -1.65
N ASP A 985 14.98 6.14 -2.60
CA ASP A 985 14.73 6.47 -3.99
C ASP A 985 13.26 6.87 -4.15
N LYS A 986 12.97 7.87 -4.96
CA LYS A 986 11.61 8.42 -5.05
C LYS A 986 10.55 7.35 -5.29
N VAL A 987 10.74 6.41 -6.24
CA VAL A 987 9.62 5.53 -6.60
C VAL A 987 8.93 4.89 -5.42
N GLU A 988 9.69 4.49 -4.40
CA GLU A 988 9.07 4.04 -3.17
C GLU A 988 8.66 5.22 -2.30
N ALA A 989 9.51 6.24 -2.21
CA ALA A 989 9.22 7.39 -1.37
C ALA A 989 7.89 8.04 -1.73
N GLU A 990 7.42 7.85 -2.96
CA GLU A 990 6.09 8.32 -3.32
C GLU A 990 5.04 7.78 -2.35
N VAL A 991 5.04 6.46 -2.16
CA VAL A 991 4.04 5.85 -1.30
C VAL A 991 4.18 6.35 0.13
N GLN A 992 5.42 6.55 0.58
CA GLN A 992 5.63 7.09 1.91
C GLN A 992 4.98 8.46 2.06
N ILE A 993 5.33 9.38 1.17
CA ILE A 993 4.86 10.76 1.29
C ILE A 993 3.34 10.81 1.28
N ASP A 994 2.69 9.86 0.62
CA ASP A 994 1.24 9.75 0.72
C ASP A 994 0.81 9.70 2.16
N ARG A 995 1.36 8.75 2.93
CA ARG A 995 0.96 8.63 4.32
C ARG A 995 1.21 9.92 5.09
N LEU A 996 2.25 10.68 4.73
CA LEU A 996 2.36 12.02 5.29
C LEU A 996 1.25 12.91 4.79
N ILE A 997 1.12 13.03 3.47
CA ILE A 997 0.12 13.91 2.91
C ILE A 997 -1.27 13.51 3.38
N THR A 998 -1.66 12.27 3.11
CA THR A 998 -2.96 11.79 3.55
C THR A 998 -3.17 12.09 5.03
N GLY A 999 -2.15 11.86 5.83
CA GLY A 999 -2.24 12.21 7.24
C GLY A 999 -2.39 13.69 7.44
N ARG A 1000 -1.45 14.48 6.91
CA ARG A 1000 -1.49 15.92 7.13
C ARG A 1000 -2.72 16.53 6.48
N LEU A 1001 -2.93 16.22 5.21
CA LEU A 1001 -4.07 16.79 4.49
C LEU A 1001 -5.37 16.51 5.22
N GLN A 1002 -5.53 15.30 5.73
CA GLN A 1002 -6.65 15.04 6.63
C GLN A 1002 -6.58 15.95 7.85
N SER A 1003 -5.39 16.05 8.45
CA SER A 1003 -5.25 16.79 9.69
C SER A 1003 -5.63 18.25 9.53
N LEU A 1004 -5.55 18.79 8.32
CA LEU A 1004 -6.09 20.12 8.09
C LEU A 1004 -7.61 20.10 8.14
N GLN A 1005 -8.24 19.20 7.40
CA GLN A 1005 -9.69 19.16 7.36
C GLN A 1005 -10.26 19.01 8.76
N THR A 1006 -9.58 18.25 9.62
CA THR A 1006 -9.95 18.24 11.02
C THR A 1006 -9.90 19.65 11.59
N TYR A 1007 -8.76 20.32 11.45
CA TYR A 1007 -8.63 21.66 11.99
C TYR A 1007 -9.63 22.61 11.36
N VAL A 1008 -9.76 22.56 10.03
CA VAL A 1008 -10.68 23.46 9.35
C VAL A 1008 -12.09 23.23 9.84
N THR A 1009 -12.52 21.97 9.88
CA THR A 1009 -13.88 21.69 10.32
C THR A 1009 -14.11 22.20 11.73
N GLN A 1010 -13.13 22.05 12.60
CA GLN A 1010 -13.27 22.60 13.94
C GLN A 1010 -13.52 24.09 13.89
N GLN A 1011 -12.71 24.81 13.13
CA GLN A 1011 -12.86 26.25 13.05
C GLN A 1011 -14.24 26.63 12.54
N LEU A 1012 -14.69 25.97 11.47
CA LEU A 1012 -16.03 26.23 10.95
C LEU A 1012 -17.08 26.05 12.04
N ILE A 1013 -17.03 24.92 12.72
CA ILE A 1013 -17.98 24.67 13.80
C ILE A 1013 -17.82 25.71 14.88
N ARG A 1014 -16.59 25.95 15.31
CA ARG A 1014 -16.37 26.90 16.39
C ARG A 1014 -16.77 28.30 15.98
N ALA A 1015 -16.46 28.70 14.75
CA ALA A 1015 -16.89 30.01 14.29
C ALA A 1015 -18.40 30.12 14.28
N ALA A 1016 -19.09 29.05 13.90
CA ALA A 1016 -20.54 29.07 13.89
C ALA A 1016 -21.10 29.30 15.29
N GLU A 1017 -20.37 28.89 16.31
CA GLU A 1017 -20.76 29.27 17.67
C GLU A 1017 -20.56 30.75 17.90
N ILE A 1018 -19.36 31.26 17.61
CA ILE A 1018 -19.10 32.67 17.74
C ILE A 1018 -20.10 33.47 16.92
N ARG A 1019 -20.35 33.04 15.68
CA ARG A 1019 -21.34 33.68 14.85
C ARG A 1019 -22.67 33.77 15.57
N ALA A 1020 -23.02 32.75 16.35
CA ALA A 1020 -24.24 32.82 17.15
C ALA A 1020 -24.07 33.77 18.32
N SER A 1021 -22.91 33.72 18.98
CA SER A 1021 -22.68 34.63 20.08
C SER A 1021 -22.59 36.07 19.61
N ALA A 1022 -22.05 36.30 18.42
CA ALA A 1022 -21.96 37.66 17.90
C ALA A 1022 -23.34 38.26 17.75
N ASN A 1023 -24.29 37.51 17.19
CA ASN A 1023 -25.65 38.02 17.06
C ASN A 1023 -26.25 38.32 18.41
N LEU A 1024 -25.98 37.48 19.40
CA LEU A 1024 -26.45 37.77 20.74
C LEU A 1024 -25.95 39.12 21.22
N ALA A 1025 -24.68 39.42 20.97
CA ALA A 1025 -24.16 40.74 21.29
C ALA A 1025 -24.88 41.81 20.47
N ALA A 1026 -24.84 41.67 19.15
CA ALA A 1026 -25.49 42.63 18.27
C ALA A 1026 -26.95 42.81 18.63
N THR A 1027 -27.58 41.77 19.16
CA THR A 1027 -28.93 41.92 19.65
C THR A 1027 -28.96 42.75 20.91
N LYS A 1028 -28.11 42.41 21.88
CA LYS A 1028 -28.04 43.22 23.10
C LYS A 1028 -27.62 44.64 22.78
N MET A 1029 -26.54 44.79 22.02
CA MET A 1029 -26.06 46.12 21.67
C MET A 1029 -27.18 46.97 21.09
N SER A 1030 -27.99 46.39 20.21
CA SER A 1030 -29.10 47.13 19.64
C SER A 1030 -30.19 47.34 20.66
N GLU A 1031 -30.67 46.26 21.27
CA GLU A 1031 -31.83 46.38 22.13
C GLU A 1031 -31.46 46.94 23.50
N CYS A 1032 -30.41 46.39 24.10
CA CYS A 1032 -30.11 46.73 25.48
C CYS A 1032 -29.43 48.08 25.58
N VAL A 1033 -28.27 48.24 24.93
CA VAL A 1033 -27.56 49.51 24.95
C VAL A 1033 -28.38 50.60 24.26
N LEU A 1034 -28.68 50.41 22.98
CA LEU A 1034 -29.28 51.49 22.21
C LEU A 1034 -30.70 51.77 22.64
N GLY A 1035 -31.46 50.75 23.01
CA GLY A 1035 -32.79 50.97 23.51
C GLY A 1035 -32.90 50.68 24.99
N GLN A 1036 -34.09 50.35 25.46
CA GLN A 1036 -34.29 49.77 26.77
C GLN A 1036 -35.06 48.48 26.59
N SER A 1037 -34.58 47.41 27.19
CA SER A 1037 -35.12 46.09 26.95
C SER A 1037 -36.27 45.79 27.89
N LYS A 1038 -37.36 45.29 27.32
CA LYS A 1038 -38.48 44.77 28.09
C LYS A 1038 -38.41 43.26 28.27
N ARG A 1039 -37.37 42.63 27.74
CA ARG A 1039 -37.24 41.19 27.81
C ARG A 1039 -36.64 40.81 29.14
N VAL A 1040 -37.38 40.06 29.94
CA VAL A 1040 -36.95 39.78 31.30
C VAL A 1040 -35.68 38.95 31.27
N ASP A 1041 -34.66 39.41 31.99
CA ASP A 1041 -33.40 38.71 32.16
C ASP A 1041 -32.71 38.43 30.85
N PHE A 1042 -33.01 39.20 29.82
CA PHE A 1042 -32.17 39.19 28.63
C PHE A 1042 -30.94 40.05 28.85
N CYS A 1043 -31.12 41.20 29.49
CA CYS A 1043 -30.02 42.09 29.84
C CYS A 1043 -29.41 41.76 31.19
N GLY A 1044 -29.80 40.66 31.81
CA GLY A 1044 -29.28 40.37 33.13
C GLY A 1044 -30.31 40.63 34.22
N LYS A 1045 -30.13 39.93 35.33
CA LYS A 1045 -31.17 39.83 36.33
C LYS A 1045 -31.64 41.20 36.81
N GLY A 1046 -32.94 41.36 36.90
CA GLY A 1046 -33.55 42.59 37.35
C GLY A 1046 -34.20 43.35 36.21
N TYR A 1047 -35.01 44.33 36.59
CA TYR A 1047 -35.53 45.28 35.62
C TYR A 1047 -34.38 46.09 35.07
N HIS A 1048 -34.33 46.23 33.75
CA HIS A 1048 -33.19 46.84 33.10
C HIS A 1048 -33.37 48.32 32.88
N LEU A 1049 -32.33 49.10 33.20
CA LEU A 1049 -32.36 50.52 32.95
C LEU A 1049 -31.56 50.87 31.71
N MET A 1050 -30.24 50.65 31.75
CA MET A 1050 -29.41 50.98 30.61
C MET A 1050 -28.19 50.06 30.63
N SER A 1051 -27.51 49.98 29.50
CA SER A 1051 -26.32 49.17 29.40
C SER A 1051 -25.18 49.98 28.81
N PHE A 1052 -23.97 49.67 29.27
CA PHE A 1052 -22.76 50.35 28.85
C PHE A 1052 -21.84 49.36 28.18
N PRO A 1053 -21.64 49.44 26.87
CA PRO A 1053 -20.74 48.50 26.23
C PRO A 1053 -19.30 48.83 26.60
N GLN A 1054 -18.47 47.80 26.68
CA GLN A 1054 -17.05 47.96 26.90
C GLN A 1054 -16.34 46.91 26.07
N SER A 1055 -15.30 47.32 25.37
CA SER A 1055 -14.59 46.38 24.52
C SER A 1055 -13.67 45.49 25.36
N ALA A 1056 -13.44 44.29 24.87
CA ALA A 1056 -12.49 43.36 25.45
C ALA A 1056 -11.91 42.55 24.31
N PRO A 1057 -10.71 41.99 24.48
CA PRO A 1057 -10.03 41.42 23.30
C PRO A 1057 -10.86 40.34 22.66
N HIS A 1058 -11.12 40.50 21.36
CA HIS A 1058 -11.95 39.58 20.61
C HIS A 1058 -13.26 39.32 21.34
N GLY A 1059 -13.84 40.36 21.91
CA GLY A 1059 -15.06 40.19 22.64
C GLY A 1059 -15.67 41.53 22.99
N VAL A 1060 -16.72 41.50 23.80
CA VAL A 1060 -17.35 42.72 24.27
C VAL A 1060 -17.91 42.46 25.65
N VAL A 1061 -17.97 43.50 26.46
CA VAL A 1061 -18.43 43.41 27.83
C VAL A 1061 -19.45 44.50 28.08
N PHE A 1062 -20.61 44.12 28.57
CA PHE A 1062 -21.70 45.05 28.85
C PHE A 1062 -21.79 45.27 30.34
N LEU A 1063 -22.02 46.50 30.74
CA LEU A 1063 -22.33 46.82 32.12
C LEU A 1063 -23.81 47.15 32.17
N HIS A 1064 -24.60 46.24 32.73
CA HIS A 1064 -26.04 46.40 32.75
C HIS A 1064 -26.43 47.08 34.04
N VAL A 1065 -27.00 48.27 33.94
CA VAL A 1065 -27.48 48.98 35.11
C VAL A 1065 -28.94 48.59 35.30
N THR A 1066 -29.22 47.83 36.35
CA THR A 1066 -30.52 47.22 36.53
C THR A 1066 -31.13 47.68 37.84
N TYR A 1067 -32.44 47.52 37.94
CA TYR A 1067 -33.23 48.01 39.05
C TYR A 1067 -33.77 46.82 39.82
N VAL A 1068 -33.27 46.59 41.02
CA VAL A 1068 -33.67 45.44 41.81
C VAL A 1068 -34.36 45.95 43.07
N PRO A 1069 -35.63 45.61 43.30
CA PRO A 1069 -36.30 46.04 44.52
C PRO A 1069 -35.72 45.36 45.75
N ALA A 1070 -35.98 45.96 46.91
CA ALA A 1070 -35.34 45.47 48.12
C ALA A 1070 -36.30 45.09 49.23
N GLN A 1071 -36.85 46.08 49.93
CA GLN A 1071 -37.49 45.86 51.23
C GLN A 1071 -38.98 45.72 51.06
N GLU A 1072 -39.54 44.67 51.65
CA GLU A 1072 -40.94 44.31 51.48
C GLU A 1072 -41.73 44.65 52.73
N LYS A 1073 -43.01 44.95 52.54
CA LYS A 1073 -43.94 45.07 53.65
C LYS A 1073 -45.23 44.34 53.31
N ASN A 1074 -45.54 43.31 54.09
CA ASN A 1074 -46.77 42.57 53.91
C ASN A 1074 -47.96 43.52 53.98
N PHE A 1075 -48.83 43.45 52.98
CA PHE A 1075 -50.03 44.27 52.93
C PHE A 1075 -51.23 43.41 52.62
N THR A 1076 -52.30 43.60 53.38
CA THR A 1076 -53.58 43.08 52.97
C THR A 1076 -54.04 43.83 51.74
N THR A 1077 -54.47 43.10 50.73
CA THR A 1077 -54.86 43.69 49.46
C THR A 1077 -56.29 43.31 49.11
N ALA A 1078 -56.85 44.05 48.18
CA ALA A 1078 -58.14 43.71 47.62
C ALA A 1078 -58.13 44.04 46.14
N PRO A 1079 -58.72 43.20 45.29
CA PRO A 1079 -58.72 43.49 43.86
C PRO A 1079 -59.60 44.65 43.48
N ALA A 1080 -60.55 45.04 44.31
CA ALA A 1080 -61.50 46.07 43.95
C ALA A 1080 -62.08 46.66 45.21
N ILE A 1081 -62.76 47.79 45.07
CA ILE A 1081 -63.39 48.45 46.20
C ILE A 1081 -64.80 48.87 45.82
N CYS A 1082 -65.80 48.33 46.53
CA CYS A 1082 -67.15 48.85 46.41
C CYS A 1082 -67.20 50.26 46.98
N HIS A 1083 -67.81 51.17 46.23
CA HIS A 1083 -68.10 52.43 46.89
C HIS A 1083 -69.59 52.56 47.12
N ASP A 1084 -70.32 52.87 46.06
CA ASP A 1084 -71.76 53.01 46.15
C ASP A 1084 -72.48 51.73 45.76
N GLY A 1085 -71.73 50.66 45.53
CA GLY A 1085 -72.20 49.50 44.83
C GLY A 1085 -71.61 49.36 43.46
N LYS A 1086 -71.09 50.45 42.92
CA LYS A 1086 -70.16 50.34 41.81
C LYS A 1086 -68.86 49.74 42.31
N ALA A 1087 -68.08 49.22 41.39
CA ALA A 1087 -66.76 48.72 41.72
C ALA A 1087 -65.73 49.70 41.18
N HIS A 1088 -64.63 49.85 41.91
CA HIS A 1088 -63.54 50.72 41.50
C HIS A 1088 -62.28 49.89 41.36
N PHE A 1089 -61.69 49.92 40.19
CA PHE A 1089 -60.47 49.15 40.11
C PHE A 1089 -59.29 50.08 39.90
N PRO A 1090 -58.10 49.72 40.38
CA PRO A 1090 -56.96 50.62 40.23
C PRO A 1090 -56.65 50.86 38.77
N ARG A 1091 -56.51 52.13 38.39
CA ARG A 1091 -56.16 52.40 36.99
C ARG A 1091 -54.79 51.83 36.66
N GLU A 1092 -53.81 52.06 37.52
CA GLU A 1092 -52.48 51.49 37.37
C GLU A 1092 -51.96 51.13 38.75
N GLY A 1093 -51.35 49.97 38.86
CA GLY A 1093 -50.98 49.47 40.17
C GLY A 1093 -52.16 48.76 40.81
N VAL A 1094 -52.14 48.72 42.15
CA VAL A 1094 -53.14 47.97 42.90
C VAL A 1094 -53.49 48.65 44.21
N PHE A 1095 -54.62 48.22 44.76
CA PHE A 1095 -55.04 48.62 46.09
C PHE A 1095 -54.28 47.84 47.13
N VAL A 1096 -53.92 48.50 48.21
CA VAL A 1096 -53.40 47.84 49.40
C VAL A 1096 -53.92 48.58 50.61
N SER A 1097 -53.80 47.93 51.76
CA SER A 1097 -53.88 48.63 53.02
C SER A 1097 -52.89 48.01 53.99
N ASN A 1098 -52.42 48.83 54.90
CA ASN A 1098 -51.62 48.39 56.01
C ASN A 1098 -52.48 47.84 57.13
N GLY A 1099 -53.78 47.72 56.88
CA GLY A 1099 -54.74 47.23 57.85
C GLY A 1099 -55.78 48.24 58.30
N THR A 1100 -55.65 49.51 57.92
CA THR A 1100 -56.68 50.50 58.24
C THR A 1100 -57.18 51.21 57.01
N HIS A 1101 -56.33 51.97 56.33
CA HIS A 1101 -56.72 52.83 55.23
C HIS A 1101 -56.30 52.19 53.92
N TRP A 1102 -57.22 52.14 52.98
CA TRP A 1102 -56.92 51.51 51.71
C TRP A 1102 -56.15 52.47 50.82
N PHE A 1103 -55.07 51.95 50.25
CA PHE A 1103 -54.16 52.75 49.46
C PHE A 1103 -53.98 52.11 48.10
N VAL A 1104 -54.21 52.88 47.07
CA VAL A 1104 -53.78 52.51 45.73
C VAL A 1104 -52.33 52.90 45.59
N THR A 1105 -51.55 52.07 44.89
CA THR A 1105 -50.15 52.40 44.70
C THR A 1105 -49.64 51.70 43.46
N GLN A 1106 -48.51 52.18 42.98
CA GLN A 1106 -47.83 51.54 41.87
C GLN A 1106 -47.24 50.21 42.32
N ARG A 1107 -47.02 49.33 41.36
CA ARG A 1107 -46.70 47.95 41.70
C ARG A 1107 -45.30 47.80 42.27
N ASN A 1108 -44.28 48.28 41.57
CA ASN A 1108 -42.90 47.91 41.85
C ASN A 1108 -42.22 48.83 42.85
N PHE A 1109 -42.92 49.79 43.42
CA PHE A 1109 -42.35 50.61 44.47
C PHE A 1109 -43.51 51.08 45.33
N TYR A 1110 -43.26 51.26 46.62
CA TYR A 1110 -44.33 51.56 47.55
C TYR A 1110 -44.45 53.07 47.69
N GLU A 1111 -45.53 53.63 47.17
CA GLU A 1111 -45.84 55.04 47.32
C GLU A 1111 -47.34 55.15 47.56
N PRO A 1112 -47.77 54.99 48.81
CA PRO A 1112 -49.21 54.95 49.07
C PRO A 1112 -49.85 56.27 48.72
N GLN A 1113 -51.06 56.20 48.21
CA GLN A 1113 -51.79 57.38 47.78
C GLN A 1113 -53.24 57.23 48.15
N ILE A 1114 -53.84 58.31 48.65
CA ILE A 1114 -55.25 58.28 48.96
C ILE A 1114 -56.03 57.95 47.70
N ILE A 1115 -57.09 57.17 47.85
CA ILE A 1115 -57.83 56.67 46.72
C ILE A 1115 -58.84 57.71 46.28
N THR A 1116 -58.72 58.16 45.04
CA THR A 1116 -59.69 59.06 44.45
C THR A 1116 -60.06 58.54 43.08
N THR A 1117 -61.19 59.04 42.56
CA THR A 1117 -61.67 58.55 41.27
C THR A 1117 -60.66 58.72 40.16
N ASP A 1118 -59.72 59.65 40.30
CA ASP A 1118 -58.69 59.75 39.29
C ASP A 1118 -57.67 58.63 39.38
N ASN A 1119 -57.71 57.84 40.46
CA ASN A 1119 -56.88 56.65 40.53
C ASN A 1119 -57.60 55.39 40.05
N THR A 1120 -58.91 55.45 39.86
CA THR A 1120 -59.71 54.25 39.68
C THR A 1120 -60.78 54.46 38.63
N PHE A 1121 -60.97 53.46 37.78
CA PHE A 1121 -62.07 53.47 36.83
C PHE A 1121 -63.16 52.52 37.30
N VAL A 1122 -64.39 52.90 37.08
CA VAL A 1122 -65.52 52.11 37.53
C VAL A 1122 -65.83 51.02 36.52
N SER A 1123 -66.25 49.86 36.99
CA SER A 1123 -66.73 48.82 36.09
C SER A 1123 -67.74 47.94 36.80
N GLY A 1124 -68.73 47.48 36.05
CA GLY A 1124 -69.72 46.56 36.57
C GLY A 1124 -70.34 47.05 37.86
N ASN A 1125 -70.53 46.12 38.79
CA ASN A 1125 -70.94 46.45 40.15
C ASN A 1125 -70.47 45.33 41.06
N CYS A 1126 -70.91 45.36 42.31
CA CYS A 1126 -70.22 44.64 43.37
C CYS A 1126 -70.40 43.12 43.33
N ASP A 1127 -71.61 42.63 43.10
CA ASP A 1127 -71.92 41.24 43.43
C ASP A 1127 -71.03 40.23 42.72
N VAL A 1128 -70.27 40.63 41.71
CA VAL A 1128 -69.47 39.70 40.91
C VAL A 1128 -68.06 39.57 41.46
N VAL A 1129 -67.31 40.66 41.48
CA VAL A 1129 -65.88 40.59 41.75
C VAL A 1129 -65.63 39.88 43.06
N ILE A 1130 -64.79 38.84 43.01
CA ILE A 1130 -64.47 38.09 44.21
C ILE A 1130 -63.56 38.92 45.10
N GLY A 1131 -63.87 38.94 46.40
CA GLY A 1131 -62.96 39.57 47.33
C GLY A 1131 -62.97 41.08 47.33
N ILE A 1132 -63.95 41.70 46.68
CA ILE A 1132 -64.06 43.14 46.75
C ILE A 1132 -64.38 43.55 48.19
N VAL A 1133 -63.91 44.73 48.59
CA VAL A 1133 -64.03 45.17 49.97
C VAL A 1133 -64.70 46.53 50.02
N ASN A 1134 -65.23 46.87 51.18
CA ASN A 1134 -65.84 48.17 51.38
C ASN A 1134 -64.78 49.24 51.59
N ASN A 1135 -65.07 50.44 51.13
CA ASN A 1135 -64.33 51.63 51.45
C ASN A 1135 -65.09 52.81 50.87
N THR A 1136 -64.56 54.02 51.07
CA THR A 1136 -65.10 55.21 50.46
C THR A 1136 -64.01 55.81 49.60
N VAL A 1137 -64.28 55.91 48.30
CA VAL A 1137 -63.30 56.47 47.37
C VAL A 1137 -63.50 57.97 47.34
N TYR A 1138 -62.52 58.69 47.83
CA TYR A 1138 -62.62 60.13 47.96
C TYR A 1138 -62.79 60.78 46.60
N ASP A 1139 -63.54 61.86 46.58
CA ASP A 1139 -63.75 62.61 45.34
C ASP A 1139 -62.84 63.82 45.30
N PRO A 1140 -62.06 64.01 44.25
CA PRO A 1140 -61.41 65.31 44.07
C PRO A 1140 -62.39 66.44 43.95
N LEU A 1141 -63.47 66.24 43.21
CA LEU A 1141 -64.36 67.33 42.86
C LEU A 1141 -65.22 67.79 44.02
N GLN A 1142 -65.88 66.84 44.70
CA GLN A 1142 -66.82 67.15 45.77
C GLN A 1142 -66.35 68.23 46.74
N PRO A 1143 -65.15 68.20 47.29
CA PRO A 1143 -64.75 69.30 48.18
C PRO A 1143 -64.66 70.62 47.47
N GLU A 1144 -64.16 70.62 46.24
CA GLU A 1144 -64.05 71.85 45.46
C GLU A 1144 -65.39 72.57 45.40
N LEU A 1145 -66.48 71.81 45.44
CA LEU A 1145 -67.80 72.41 45.29
C LEU A 1145 -68.07 73.46 46.36
N ASP A 1146 -68.13 73.03 47.63
CA ASP A 1146 -69.14 73.57 48.54
C ASP A 1146 -69.20 75.09 48.53
N SER A 1147 -68.07 75.75 48.26
CA SER A 1147 -68.15 77.18 48.09
C SER A 1147 -68.78 77.49 46.74
N GLN B 14 23.31 21.56 -56.69
CA GLN B 14 23.00 22.97 -56.57
C GLN B 14 23.78 23.61 -55.42
N CYS B 15 23.07 23.88 -54.32
CA CYS B 15 23.64 24.54 -53.14
C CYS B 15 24.30 25.85 -53.50
N VAL B 16 23.73 26.57 -54.47
CA VAL B 16 24.19 27.92 -54.75
C VAL B 16 23.95 28.78 -53.51
N ASN B 17 24.97 29.51 -53.10
CA ASN B 17 24.98 30.17 -51.80
C ASN B 17 25.23 31.67 -51.98
N LEU B 18 24.44 32.48 -51.27
CA LEU B 18 24.72 33.90 -51.09
C LEU B 18 24.50 34.20 -49.61
N THR B 19 25.54 34.69 -48.92
CA THR B 19 25.41 34.87 -47.45
C THR B 19 25.51 36.34 -47.02
N THR B 20 26.06 37.21 -47.87
CA THR B 20 26.24 38.65 -47.55
C THR B 20 27.06 38.85 -46.26
N ARG B 21 26.63 39.73 -45.35
CA ARG B 21 27.38 40.03 -44.14
C ARG B 21 26.54 40.22 -42.88
N THR B 22 25.68 41.23 -42.89
CA THR B 22 25.28 41.89 -41.65
C THR B 22 24.20 41.11 -40.92
N GLN B 23 24.12 41.34 -39.60
CA GLN B 23 23.01 40.91 -38.77
C GLN B 23 22.12 42.11 -38.45
N LEU B 24 22.70 43.16 -37.84
CA LEU B 24 22.05 44.30 -37.21
C LEU B 24 21.49 43.84 -35.88
N PRO B 25 21.29 44.74 -34.92
CA PRO B 25 20.51 44.37 -33.74
C PRO B 25 19.13 43.93 -34.17
N PRO B 26 18.68 42.76 -33.74
CA PRO B 26 17.35 42.30 -34.17
C PRO B 26 16.28 43.26 -33.69
N ALA B 27 15.47 43.73 -34.64
CA ALA B 27 14.43 44.69 -34.31
C ALA B 27 13.34 43.94 -33.58
N TYR B 28 13.06 44.35 -32.34
CA TYR B 28 12.12 43.62 -31.53
C TYR B 28 10.73 44.27 -31.62
N THR B 29 9.78 43.65 -30.96
CA THR B 29 8.42 44.14 -30.92
C THR B 29 7.72 43.51 -29.73
N ASN B 30 6.46 43.83 -29.57
CA ASN B 30 5.69 43.43 -28.41
C ASN B 30 4.41 42.78 -28.90
N SER B 31 4.27 41.48 -28.67
CA SER B 31 3.01 40.81 -29.00
C SER B 31 2.01 41.11 -27.90
N PHE B 32 0.94 41.79 -28.26
CA PHE B 32 0.05 42.35 -27.26
C PHE B 32 -0.87 41.25 -26.76
N THR B 33 -1.82 40.87 -27.60
CA THR B 33 -2.62 39.66 -27.42
C THR B 33 -2.39 38.82 -28.67
N ARG B 34 -1.68 37.71 -28.53
CA ARG B 34 -1.25 36.99 -29.73
C ARG B 34 -0.95 35.55 -29.37
N GLY B 35 -0.99 34.71 -30.40
CA GLY B 35 -0.59 33.32 -30.26
C GLY B 35 -1.46 32.48 -29.36
N VAL B 36 -2.77 32.69 -29.40
CA VAL B 36 -3.72 31.88 -28.64
C VAL B 36 -4.44 30.96 -29.60
N TYR B 37 -4.11 29.67 -29.54
CA TYR B 37 -4.71 28.65 -30.38
C TYR B 37 -5.73 27.89 -29.56
N TYR B 38 -6.36 26.90 -30.19
CA TYR B 38 -7.31 26.05 -29.49
C TYR B 38 -6.59 24.77 -29.08
N PRO B 39 -6.29 24.58 -27.80
CA PRO B 39 -5.57 23.37 -27.41
C PRO B 39 -6.48 22.20 -27.07
N ASP B 40 -7.43 21.90 -27.96
CA ASP B 40 -8.35 20.77 -27.91
C ASP B 40 -9.31 20.87 -29.10
N LYS B 41 -9.95 19.75 -29.41
CA LYS B 41 -11.03 19.70 -30.38
C LYS B 41 -12.38 19.96 -29.73
N VAL B 42 -12.45 19.90 -28.42
CA VAL B 42 -13.71 19.92 -27.70
C VAL B 42 -14.37 21.28 -27.89
N PHE B 43 -15.63 21.24 -28.30
CA PHE B 43 -16.40 22.47 -28.51
C PHE B 43 -16.95 22.97 -27.19
N ARG B 44 -16.61 24.21 -26.84
CA ARG B 44 -17.12 24.83 -25.62
C ARG B 44 -17.73 26.17 -25.99
N SER B 45 -18.71 26.59 -25.20
CA SER B 45 -19.51 27.78 -25.50
C SER B 45 -19.55 28.69 -24.28
N SER B 46 -18.99 29.89 -24.41
CA SER B 46 -19.10 30.95 -23.40
C SER B 46 -18.77 30.44 -22.00
N VAL B 47 -17.60 29.80 -21.85
CA VAL B 47 -17.13 29.33 -20.57
C VAL B 47 -15.69 29.81 -20.40
N LEU B 48 -15.22 29.86 -19.16
CA LEU B 48 -13.82 30.20 -18.93
C LEU B 48 -13.04 28.93 -18.60
N HIS B 49 -12.22 28.50 -19.55
CA HIS B 49 -11.45 27.28 -19.40
C HIS B 49 -10.00 27.65 -19.15
N SER B 50 -9.32 26.86 -18.32
CA SER B 50 -7.96 27.18 -17.88
C SER B 50 -7.08 25.95 -18.03
N THR B 51 -6.04 26.06 -18.84
CA THR B 51 -5.01 25.04 -18.94
C THR B 51 -3.63 25.68 -18.88
N GLN B 52 -2.65 24.90 -18.45
CA GLN B 52 -1.26 25.29 -18.46
C GLN B 52 -0.57 24.53 -19.59
N ASP B 53 -0.21 25.26 -20.65
CA ASP B 53 0.33 24.67 -21.85
C ASP B 53 1.37 25.63 -22.44
N LEU B 54 2.13 25.12 -23.40
CA LEU B 54 3.06 25.96 -24.14
C LEU B 54 2.32 27.02 -24.92
N PHE B 55 2.67 28.29 -24.71
CA PHE B 55 2.14 29.39 -25.48
C PHE B 55 3.22 30.45 -25.65
N LEU B 56 2.90 31.48 -26.41
CA LEU B 56 3.71 32.69 -26.44
C LEU B 56 3.10 33.68 -25.46
N PRO B 57 3.72 33.91 -24.30
CA PRO B 57 3.07 34.76 -23.29
C PRO B 57 2.90 36.19 -23.79
N PHE B 58 1.80 36.81 -23.36
CA PHE B 58 1.46 38.18 -23.85
C PHE B 58 2.48 39.22 -23.42
N PHE B 59 2.47 40.38 -24.09
CA PHE B 59 3.41 41.48 -23.75
C PHE B 59 4.84 40.92 -23.76
N SER B 60 5.15 40.12 -24.78
CA SER B 60 6.48 39.46 -24.83
C SER B 60 7.36 40.08 -25.94
N ASN B 61 8.62 39.67 -25.99
CA ASN B 61 9.59 40.18 -26.98
C ASN B 61 9.55 39.28 -28.20
N VAL B 62 9.20 39.87 -29.33
CA VAL B 62 9.15 39.08 -30.59
C VAL B 62 10.12 39.72 -31.56
N THR B 63 10.99 38.93 -32.16
CA THR B 63 12.00 39.53 -33.06
C THR B 63 11.41 39.74 -34.44
N TRP B 64 11.22 40.99 -34.86
CA TRP B 64 10.76 41.26 -36.25
C TRP B 64 11.97 41.10 -37.16
N PHE B 65 12.10 39.97 -37.84
CA PHE B 65 13.33 39.66 -38.65
C PHE B 65 13.34 40.34 -40.03
N HIS B 66 14.47 40.21 -40.74
CA HIS B 66 14.61 40.81 -42.10
C HIS B 66 15.23 39.81 -43.08
N ALA B 67 14.75 39.76 -44.33
CA ALA B 67 15.36 38.90 -45.38
C ALA B 67 15.14 39.60 -46.72
N ILE B 68 16.02 39.41 -47.72
CA ILE B 68 15.85 40.17 -49.00
C ILE B 68 15.39 41.58 -48.58
N HIS B 69 16.15 42.21 -47.68
CA HIS B 69 15.79 43.51 -47.13
C HIS B 69 16.46 44.62 -47.91
N VAL B 70 15.69 45.66 -48.24
CA VAL B 70 16.25 46.82 -48.91
C VAL B 70 16.31 48.01 -47.97
N SER B 71 17.53 48.51 -47.74
CA SER B 71 17.75 49.79 -47.10
C SER B 71 18.30 50.71 -48.18
N GLY B 72 17.48 51.68 -48.60
CA GLY B 72 17.69 52.34 -49.87
C GLY B 72 18.92 53.19 -50.05
N THR B 73 19.73 52.82 -51.05
CA THR B 73 20.60 53.74 -51.77
C THR B 73 20.37 53.48 -53.25
N ASN B 74 20.78 52.31 -53.74
CA ASN B 74 20.13 51.65 -54.85
C ASN B 74 20.21 50.15 -54.60
N GLY B 75 19.08 49.47 -54.69
CA GLY B 75 19.09 48.04 -54.43
C GLY B 75 19.46 47.75 -52.99
N THR B 76 20.55 47.01 -52.80
CA THR B 76 21.05 46.59 -51.49
C THR B 76 20.01 45.71 -50.76
N LYS B 77 19.83 44.51 -51.31
CA LYS B 77 18.99 43.50 -50.71
C LYS B 77 19.80 42.66 -49.73
N ARG B 78 19.33 42.62 -48.48
CA ARG B 78 20.09 42.01 -47.39
C ARG B 78 19.46 40.68 -47.01
N PHE B 79 20.16 39.59 -47.31
CA PHE B 79 19.72 38.24 -47.00
C PHE B 79 20.30 37.86 -45.64
N ASP B 80 19.49 37.96 -44.59
CA ASP B 80 19.95 37.73 -43.23
C ASP B 80 19.45 36.45 -42.58
N ASN B 81 18.52 35.72 -43.17
CA ASN B 81 17.72 34.82 -42.36
C ASN B 81 18.57 33.71 -41.73
N PRO B 82 18.75 33.70 -40.42
CA PRO B 82 19.65 32.73 -39.79
C PRO B 82 18.97 31.39 -39.55
N VAL B 83 19.80 30.36 -39.40
CA VAL B 83 19.33 29.14 -38.75
C VAL B 83 18.98 29.49 -37.31
N LEU B 84 17.78 29.11 -36.89
CA LEU B 84 17.35 29.53 -35.58
C LEU B 84 16.99 28.33 -34.71
N PRO B 85 17.37 28.35 -33.44
CA PRO B 85 17.00 27.23 -32.55
C PRO B 85 15.50 27.14 -32.38
N PHE B 86 15.00 25.93 -32.15
CA PHE B 86 13.59 25.75 -31.89
C PHE B 86 13.24 26.06 -30.44
N ASN B 87 14.14 25.77 -29.51
CA ASN B 87 13.95 25.98 -28.07
C ASN B 87 12.71 25.20 -27.64
N ASP B 88 11.83 25.77 -26.82
CA ASP B 88 10.63 25.10 -26.36
C ASP B 88 9.58 24.96 -27.44
N GLY B 89 9.05 26.07 -27.94
CA GLY B 89 8.16 26.05 -29.08
C GLY B 89 8.37 27.30 -29.89
N VAL B 90 7.74 27.33 -31.06
CA VAL B 90 7.98 28.40 -32.03
C VAL B 90 6.67 28.99 -32.49
N TYR B 91 6.65 30.32 -32.59
CA TYR B 91 5.54 31.08 -33.17
C TYR B 91 6.06 31.75 -34.43
N PHE B 92 5.16 32.06 -35.36
CA PHE B 92 5.55 32.69 -36.61
C PHE B 92 4.43 33.59 -37.13
N ALA B 93 4.82 34.70 -37.74
CA ALA B 93 3.86 35.64 -38.30
C ALA B 93 4.48 36.36 -39.48
N SER B 94 3.65 36.67 -40.47
CA SER B 94 4.12 37.38 -41.65
C SER B 94 2.95 38.05 -42.35
N THR B 95 3.27 39.02 -43.20
CA THR B 95 2.27 39.69 -44.02
C THR B 95 2.40 39.23 -45.47
N GLU B 96 3.43 39.73 -46.15
CA GLU B 96 3.87 39.20 -47.45
C GLU B 96 2.71 39.18 -48.46
N LYS B 97 2.23 40.39 -48.80
CA LYS B 97 1.18 40.46 -49.85
C LYS B 97 1.71 39.66 -51.04
N SER B 98 2.96 39.90 -51.44
CA SER B 98 3.58 39.05 -52.49
C SER B 98 4.34 37.96 -51.75
N ASN B 99 3.88 36.72 -51.83
CA ASN B 99 4.52 35.66 -51.00
C ASN B 99 5.96 35.45 -51.46
N ILE B 100 6.87 35.37 -50.49
CA ILE B 100 8.28 35.04 -50.83
C ILE B 100 8.61 33.91 -49.87
N ILE B 101 7.65 33.58 -49.01
CA ILE B 101 7.87 32.58 -47.98
C ILE B 101 7.04 31.35 -48.29
N ARG B 102 7.61 30.18 -48.05
CA ARG B 102 6.93 28.94 -48.41
C ARG B 102 6.85 28.00 -47.23
N GLY B 103 7.99 27.61 -46.67
CA GLY B 103 8.02 26.63 -45.62
C GLY B 103 9.25 26.80 -44.76
N TRP B 104 9.50 25.80 -43.91
CA TRP B 104 10.60 25.87 -42.95
C TRP B 104 11.34 24.54 -42.97
N ILE B 105 12.59 24.56 -42.50
CA ILE B 105 13.51 23.45 -42.67
C ILE B 105 13.57 22.54 -41.45
N PHE B 106 12.60 22.66 -40.54
CA PHE B 106 12.77 22.26 -39.14
C PHE B 106 13.50 20.92 -39.01
N GLY B 107 14.44 20.88 -38.08
CA GLY B 107 15.27 19.71 -37.89
C GLY B 107 16.17 19.87 -36.68
N THR B 108 17.22 19.07 -36.65
CA THR B 108 18.20 19.16 -35.57
C THR B 108 19.59 19.42 -36.13
N THR B 109 20.15 18.45 -36.85
CA THR B 109 21.46 18.64 -37.46
C THR B 109 21.38 19.54 -38.69
N LEU B 110 20.18 19.73 -39.24
CA LEU B 110 19.97 20.49 -40.48
C LEU B 110 20.75 19.83 -41.62
N ASP B 111 20.80 18.51 -41.57
CA ASP B 111 21.71 17.68 -42.35
C ASP B 111 21.12 16.28 -42.33
N SER B 112 21.90 15.30 -42.81
CA SER B 112 21.57 13.91 -42.55
C SER B 112 21.88 13.59 -41.09
N LYS B 113 21.76 12.31 -40.74
CA LYS B 113 21.94 11.72 -39.41
C LYS B 113 20.71 11.94 -38.53
N THR B 114 19.81 12.85 -38.89
CA THR B 114 18.52 13.01 -38.23
C THR B 114 17.46 13.09 -39.31
N GLN B 115 16.19 13.02 -38.90
CA GLN B 115 15.14 13.28 -39.86
C GLN B 115 15.13 14.76 -40.20
N SER B 116 14.24 15.14 -41.10
CA SER B 116 14.11 16.54 -41.48
C SER B 116 12.65 16.87 -41.71
N LEU B 117 12.19 17.96 -41.10
CA LEU B 117 10.85 18.44 -41.41
C LEU B 117 10.94 19.48 -42.51
N LEU B 118 10.71 18.99 -43.72
CA LEU B 118 10.78 19.91 -44.88
C LEU B 118 9.34 20.21 -45.28
N ILE B 119 8.72 21.11 -44.54
CA ILE B 119 7.36 21.50 -45.00
C ILE B 119 7.57 22.43 -46.19
N VAL B 120 7.06 22.05 -47.36
CA VAL B 120 7.14 22.96 -48.54
C VAL B 120 5.74 23.12 -49.10
N ASN B 121 5.29 24.35 -49.29
CA ASN B 121 4.01 24.55 -50.01
C ASN B 121 4.18 24.07 -51.45
N ASN B 122 5.33 24.35 -52.09
CA ASN B 122 5.47 24.02 -53.54
C ASN B 122 4.41 24.84 -54.30
N ALA B 123 3.73 25.76 -53.63
CA ALA B 123 2.73 26.68 -54.25
C ALA B 123 1.45 25.98 -54.72
N THR B 124 1.55 25.00 -55.64
CA THR B 124 0.32 24.37 -56.19
C THR B 124 -0.51 23.74 -55.07
N ASN B 125 0.15 23.04 -54.13
CA ASN B 125 -0.55 22.37 -53.01
C ASN B 125 0.51 22.07 -51.96
N VAL B 126 0.26 22.38 -50.69
CA VAL B 126 1.37 22.19 -49.72
C VAL B 126 1.79 20.71 -49.73
N VAL B 127 3.08 20.44 -49.89
CA VAL B 127 3.56 19.03 -49.79
C VAL B 127 4.40 18.92 -48.52
N ILE B 128 3.90 18.21 -47.52
CA ILE B 128 4.63 18.13 -46.22
C ILE B 128 5.64 17.01 -46.37
N LYS B 129 6.91 17.28 -46.02
CA LYS B 129 7.88 16.20 -46.09
C LYS B 129 8.56 16.06 -44.74
N VAL B 130 8.53 14.85 -44.20
CA VAL B 130 9.40 14.46 -43.09
C VAL B 130 10.33 13.38 -43.63
N CYS B 131 11.60 13.73 -43.83
CA CYS B 131 12.53 12.87 -44.53
C CYS B 131 13.91 13.08 -43.93
N GLU B 132 14.92 12.53 -44.61
CA GLU B 132 16.33 12.85 -44.34
C GLU B 132 16.89 13.54 -45.58
N PHE B 133 17.23 14.82 -45.44
CA PHE B 133 17.76 15.59 -46.55
C PHE B 133 19.20 15.99 -46.29
N GLN B 134 19.80 16.64 -47.28
CA GLN B 134 21.03 17.40 -47.10
C GLN B 134 20.70 18.86 -47.38
N PHE B 135 20.63 19.66 -46.33
CA PHE B 135 20.33 21.08 -46.52
C PHE B 135 21.63 21.86 -46.72
N CYS B 136 21.60 22.72 -47.73
CA CYS B 136 22.79 23.46 -48.13
C CYS B 136 23.12 24.51 -47.07
N ASN B 137 24.21 25.25 -47.32
CA ASN B 137 24.58 26.33 -46.42
C ASN B 137 23.66 27.53 -46.51
N ASP B 138 23.06 27.78 -47.68
CA ASP B 138 22.13 28.89 -47.88
C ASP B 138 20.88 28.35 -48.56
N PRO B 139 20.09 27.54 -47.87
CA PRO B 139 18.94 26.89 -48.52
C PRO B 139 17.79 27.86 -48.75
N PHE B 140 17.09 27.65 -49.86
CA PHE B 140 15.85 28.35 -50.21
C PHE B 140 15.38 27.78 -51.54
N LEU B 141 14.09 27.96 -51.81
CA LEU B 141 13.49 27.42 -53.02
C LEU B 141 13.76 28.36 -54.18
N GLY B 142 14.41 27.85 -55.23
CA GLY B 142 14.58 28.62 -56.43
C GLY B 142 13.34 28.50 -57.32
N VAL B 143 13.01 29.61 -57.98
CA VAL B 143 11.92 29.66 -58.94
C VAL B 143 12.47 30.20 -60.25
N TYR B 144 12.06 29.59 -61.35
CA TYR B 144 12.52 30.00 -62.67
C TYR B 144 11.35 29.87 -63.63
N TYR B 145 11.62 30.13 -64.90
CA TYR B 145 10.57 30.04 -65.95
C TYR B 145 10.80 28.75 -66.73
N HIS B 146 9.82 27.84 -66.75
CA HIS B 146 9.99 26.51 -67.41
C HIS B 146 10.22 26.66 -68.91
N LYS B 147 9.52 27.59 -69.58
CA LYS B 147 9.65 27.80 -71.07
C LYS B 147 8.89 26.66 -71.74
N ASN B 148 8.37 25.72 -70.96
CA ASN B 148 7.52 24.62 -71.49
C ASN B 148 6.22 24.85 -70.74
N ASN B 149 5.09 24.89 -71.43
CA ASN B 149 3.82 25.29 -70.75
C ASN B 149 4.02 26.76 -70.33
N LYS B 150 5.24 27.29 -70.48
CA LYS B 150 5.48 28.70 -70.24
C LYS B 150 5.07 29.10 -68.83
N SER B 151 5.40 28.27 -67.85
CA SER B 151 5.01 28.53 -66.47
C SER B 151 6.27 28.79 -65.64
N TRP B 152 6.04 29.07 -64.37
CA TRP B 152 7.14 29.28 -63.42
C TRP B 152 7.27 28.04 -62.55
N MET B 153 8.30 27.24 -62.77
CA MET B 153 8.55 26.11 -61.90
C MET B 153 9.25 26.57 -60.64
N GLU B 154 9.47 25.62 -59.73
CA GLU B 154 10.22 25.86 -58.51
C GLU B 154 11.30 24.79 -58.43
N SER B 155 12.55 25.20 -58.51
CA SER B 155 13.65 24.28 -58.29
C SER B 155 13.76 24.09 -56.78
N GLU B 156 13.52 22.87 -56.33
CA GLU B 156 13.47 22.58 -54.90
C GLU B 156 14.81 22.13 -54.36
N PHE B 157 15.78 21.86 -55.22
CA PHE B 157 17.07 21.40 -54.74
C PHE B 157 18.05 22.55 -54.55
N ARG B 158 17.60 23.79 -54.76
CA ARG B 158 18.38 24.93 -54.29
C ARG B 158 18.31 25.01 -52.78
N VAL B 159 17.30 24.37 -52.18
CA VAL B 159 17.22 24.20 -50.74
C VAL B 159 18.23 23.14 -50.35
N TYR B 160 17.97 21.91 -50.78
CA TYR B 160 18.66 20.72 -50.31
C TYR B 160 19.16 19.90 -51.48
N SER B 161 20.35 19.31 -51.31
CA SER B 161 20.89 18.47 -52.38
C SER B 161 20.20 17.11 -52.42
N SER B 162 20.41 16.30 -51.38
CA SER B 162 19.92 14.93 -51.36
C SER B 162 18.52 14.88 -50.77
N ALA B 163 17.71 13.97 -51.34
CA ALA B 163 16.44 13.57 -50.75
C ALA B 163 16.38 12.05 -50.80
N ASN B 164 16.38 11.41 -49.63
CA ASN B 164 16.42 9.96 -49.55
C ASN B 164 16.01 9.53 -48.15
N ASN B 165 15.90 8.22 -47.95
CA ASN B 165 15.63 7.60 -46.65
C ASN B 165 14.24 7.96 -46.12
N CYS B 166 13.47 8.76 -46.85
CA CYS B 166 12.38 9.55 -46.27
C CYS B 166 11.43 8.72 -45.44
N THR B 167 11.14 9.22 -44.23
CA THR B 167 10.23 8.59 -43.29
C THR B 167 8.76 8.89 -43.57
N PHE B 168 8.41 10.13 -43.89
CA PHE B 168 7.00 10.49 -43.98
C PHE B 168 6.78 11.49 -45.11
N GLU B 169 5.56 11.46 -45.64
CA GLU B 169 5.14 12.35 -46.71
C GLU B 169 3.65 12.64 -46.53
N TYR B 170 3.25 13.86 -46.91
CA TYR B 170 1.85 14.23 -46.84
C TYR B 170 1.58 15.39 -47.78
N VAL B 171 0.31 15.55 -48.16
CA VAL B 171 -0.14 16.63 -49.03
C VAL B 171 -1.47 17.15 -48.48
N SER B 172 -1.70 18.45 -48.63
CA SER B 172 -2.95 19.06 -48.18
C SER B 172 -3.22 20.30 -49.03
N GLN B 173 -4.35 20.95 -48.76
CA GLN B 173 -4.68 22.24 -49.35
C GLN B 173 -3.75 23.32 -48.80
N PRO B 174 -3.39 24.30 -49.63
CA PRO B 174 -2.31 25.21 -49.27
C PRO B 174 -2.61 26.00 -48.00
N PHE B 175 -1.68 25.94 -47.06
CA PHE B 175 -1.79 26.73 -45.84
C PHE B 175 -1.62 28.21 -46.16
N LEU B 176 -0.52 28.53 -46.84
CA LEU B 176 -0.32 29.85 -47.41
C LEU B 176 -1.37 30.05 -48.49
N MET B 177 -2.08 31.16 -48.43
CA MET B 177 -3.15 31.44 -49.38
C MET B 177 -3.19 32.94 -49.60
N ASP B 178 -3.46 33.35 -50.84
CA ASP B 178 -3.63 34.76 -51.12
C ASP B 178 -5.10 35.10 -51.28
N LEU B 179 -5.38 36.39 -51.37
CA LEU B 179 -6.67 36.94 -51.75
C LEU B 179 -6.40 38.08 -52.72
N GLU B 180 -5.72 39.09 -52.20
CA GLU B 180 -5.21 40.26 -52.90
C GLU B 180 -6.34 41.03 -53.60
N GLY B 181 -6.05 41.66 -54.73
CA GLY B 181 -6.93 42.66 -55.30
C GLY B 181 -7.17 43.86 -54.40
N LYS B 182 -6.55 43.91 -53.22
CA LYS B 182 -6.91 44.86 -52.16
C LYS B 182 -5.96 46.06 -52.08
N GLN B 183 -4.95 46.14 -52.93
CA GLN B 183 -3.96 47.22 -52.92
C GLN B 183 -3.49 47.54 -51.49
N GLY B 184 -3.32 46.50 -50.70
CA GLY B 184 -3.01 46.64 -49.30
C GLY B 184 -4.26 46.65 -48.44
N ASN B 185 -4.16 47.31 -47.30
CA ASN B 185 -5.25 47.48 -46.33
C ASN B 185 -5.62 46.15 -45.67
N PHE B 186 -5.13 45.05 -46.23
CA PHE B 186 -5.12 43.75 -45.58
C PHE B 186 -3.72 43.36 -45.15
N LYS B 187 -2.80 43.27 -46.12
CA LYS B 187 -1.45 42.77 -45.96
C LYS B 187 -1.50 41.26 -45.77
N ASN B 188 -2.70 40.72 -45.57
CA ASN B 188 -2.95 39.30 -45.36
C ASN B 188 -1.98 38.76 -44.30
N LEU B 189 -2.13 39.27 -43.08
CA LEU B 189 -1.25 38.83 -42.01
C LEU B 189 -1.49 37.34 -41.75
N ARG B 190 -0.41 36.57 -41.78
CA ARG B 190 -0.49 35.11 -41.73
C ARG B 190 0.41 34.62 -40.62
N GLU B 191 -0.17 33.79 -39.73
CA GLU B 191 0.51 33.29 -38.56
C GLU B 191 0.54 31.76 -38.58
N PHE B 192 1.64 31.20 -38.10
CA PHE B 192 1.75 29.75 -38.03
C PHE B 192 2.47 29.38 -36.74
N VAL B 193 1.83 28.51 -35.95
CA VAL B 193 2.41 28.06 -34.70
C VAL B 193 2.84 26.61 -34.85
N PHE B 194 4.00 26.30 -34.30
CA PHE B 194 4.64 25.00 -34.48
C PHE B 194 5.04 24.49 -33.10
N LYS B 195 4.42 23.41 -32.66
CA LYS B 195 4.67 22.84 -31.33
C LYS B 195 4.92 21.35 -31.47
N ASN B 196 6.06 20.90 -30.95
CA ASN B 196 6.49 19.52 -31.11
C ASN B 196 6.44 18.83 -29.74
N ILE B 197 5.48 17.94 -29.59
CA ILE B 197 5.26 17.21 -28.34
C ILE B 197 4.78 15.80 -28.69
N ASP B 198 5.02 14.87 -27.75
CA ASP B 198 4.35 13.58 -27.64
C ASP B 198 4.13 12.87 -28.98
N GLY B 199 5.11 12.94 -29.86
CA GLY B 199 4.98 12.32 -31.16
C GLY B 199 4.08 13.06 -32.12
N TYR B 200 3.36 14.09 -31.67
CA TYR B 200 2.53 14.90 -32.54
C TYR B 200 3.10 16.31 -32.62
N PHE B 201 3.64 16.64 -33.77
CA PHE B 201 3.98 18.02 -34.12
C PHE B 201 2.78 18.58 -34.88
N LYS B 202 2.10 19.54 -34.26
CA LYS B 202 0.86 20.06 -34.78
C LYS B 202 1.05 21.46 -35.32
N ILE B 203 0.35 21.76 -36.42
CA ILE B 203 0.48 23.03 -37.11
C ILE B 203 -0.80 23.82 -36.89
N TYR B 204 -0.64 25.13 -36.72
CA TYR B 204 -1.75 26.04 -36.52
C TYR B 204 -1.64 27.15 -37.56
N SER B 205 -2.74 27.83 -37.83
CA SER B 205 -2.73 28.85 -38.89
C SER B 205 -3.79 29.88 -38.57
N LYS B 206 -3.85 30.90 -39.42
CA LYS B 206 -4.79 32.01 -39.33
C LYS B 206 -4.51 32.93 -40.51
N HIS B 207 -5.50 33.75 -40.85
CA HIS B 207 -5.34 34.80 -41.84
C HIS B 207 -6.10 36.03 -41.38
N THR B 208 -5.42 37.16 -41.35
CA THR B 208 -6.03 38.35 -40.78
C THR B 208 -5.70 39.59 -41.62
N PRO B 209 -6.67 40.47 -41.80
CA PRO B 209 -6.35 41.80 -42.37
C PRO B 209 -5.64 42.65 -41.35
N ILE B 210 -4.67 43.44 -41.80
CA ILE B 210 -4.02 44.45 -40.97
C ILE B 210 -3.78 45.70 -41.81
N ASN B 211 -4.22 46.85 -41.30
CA ASN B 211 -4.00 48.12 -41.95
C ASN B 211 -2.75 48.84 -41.46
N LEU B 212 -2.14 48.37 -40.38
CA LEU B 212 -0.98 49.05 -39.83
C LEU B 212 0.23 48.82 -40.74
N VAL B 213 1.21 49.73 -40.62
CA VAL B 213 2.35 49.69 -41.53
C VAL B 213 3.11 48.37 -41.40
N ARG B 214 3.47 47.99 -40.18
CA ARG B 214 4.20 46.74 -39.97
C ARG B 214 3.62 45.90 -38.85
N ASP B 215 3.79 46.38 -37.62
CA ASP B 215 3.66 45.54 -36.43
C ASP B 215 2.19 45.23 -36.15
N LEU B 216 1.96 44.46 -35.08
CA LEU B 216 0.72 43.74 -34.85
C LEU B 216 -0.32 44.59 -34.11
N PRO B 217 -1.60 44.30 -34.32
CA PRO B 217 -2.66 45.03 -33.59
C PRO B 217 -2.93 44.47 -32.21
N GLN B 218 -3.99 44.97 -31.57
CA GLN B 218 -4.40 44.52 -30.25
C GLN B 218 -5.37 43.35 -30.28
N GLY B 219 -5.78 42.90 -31.46
CA GLY B 219 -6.79 41.87 -31.57
C GLY B 219 -6.27 40.49 -31.24
N PHE B 220 -7.21 39.60 -30.92
CA PHE B 220 -6.91 38.21 -30.62
C PHE B 220 -6.96 37.37 -31.90
N SER B 221 -6.03 36.43 -32.00
CA SER B 221 -5.94 35.55 -33.16
C SER B 221 -6.06 34.10 -32.69
N ALA B 222 -7.15 33.44 -33.07
CA ALA B 222 -7.33 32.05 -32.72
C ALA B 222 -6.85 31.15 -33.85
N LEU B 223 -6.06 30.15 -33.51
CA LEU B 223 -5.40 29.29 -34.49
C LEU B 223 -5.91 27.87 -34.31
N GLU B 224 -6.55 27.34 -35.33
CA GLU B 224 -6.99 25.96 -35.22
C GLU B 224 -5.84 25.03 -35.56
N PRO B 225 -5.79 23.82 -35.00
CA PRO B 225 -4.81 22.84 -35.46
C PRO B 225 -5.13 22.40 -36.89
N LEU B 226 -4.13 22.45 -37.75
CA LEU B 226 -4.33 22.00 -39.13
C LEU B 226 -4.29 20.48 -39.20
N VAL B 227 -3.13 19.89 -38.97
CA VAL B 227 -2.96 18.45 -38.96
C VAL B 227 -2.13 18.08 -37.73
N ASP B 228 -2.54 16.99 -37.09
CA ASP B 228 -1.79 16.44 -35.97
C ASP B 228 -0.99 15.25 -36.47
N LEU B 229 0.32 15.44 -36.68
CA LEU B 229 1.07 14.36 -37.39
C LEU B 229 2.02 13.55 -36.51
N PRO B 230 2.19 12.24 -36.79
CA PRO B 230 3.17 11.43 -36.08
C PRO B 230 4.54 11.88 -36.60
N ILE B 231 5.29 12.59 -35.76
CA ILE B 231 6.61 13.13 -36.20
C ILE B 231 7.68 12.36 -35.46
N GLY B 232 7.55 12.26 -34.14
CA GLY B 232 8.48 11.49 -33.34
C GLY B 232 9.92 11.97 -33.30
N ILE B 233 10.24 13.10 -33.93
CA ILE B 233 11.59 13.65 -33.84
C ILE B 233 11.60 14.90 -32.97
N ASN B 234 12.69 15.10 -32.25
CA ASN B 234 12.98 16.36 -31.59
C ASN B 234 13.59 17.32 -32.60
N ILE B 235 13.03 18.53 -32.68
CA ILE B 235 13.53 19.58 -33.56
C ILE B 235 14.09 20.68 -32.66
N THR B 236 15.41 20.84 -32.65
CA THR B 236 16.03 21.88 -31.85
C THR B 236 16.43 23.13 -32.63
N ARG B 237 16.32 23.13 -33.96
CA ARG B 237 16.79 24.27 -34.72
C ARG B 237 16.15 24.25 -36.11
N PHE B 238 16.13 25.42 -36.75
CA PHE B 238 15.45 25.54 -38.04
C PHE B 238 15.87 26.82 -38.73
N GLN B 239 15.30 27.04 -39.91
CA GLN B 239 15.36 28.28 -40.67
C GLN B 239 14.17 28.25 -41.63
N THR B 240 13.77 29.42 -42.12
CA THR B 240 12.63 29.51 -43.03
C THR B 240 13.10 29.20 -44.45
N LEU B 241 12.16 29.26 -45.39
CA LEU B 241 12.44 29.05 -46.80
C LEU B 241 11.97 30.24 -47.61
N LEU B 242 12.46 30.31 -48.84
CA LEU B 242 12.29 31.50 -49.66
C LEU B 242 11.95 31.10 -51.09
N ALA B 243 11.38 32.06 -51.81
CA ALA B 243 11.11 31.91 -53.23
C ALA B 243 11.70 33.10 -53.97
N LEU B 244 12.72 32.85 -54.79
CA LEU B 244 13.41 33.89 -55.53
C LEU B 244 13.38 33.48 -57.00
N HIS B 245 13.91 34.32 -57.88
CA HIS B 245 13.85 34.03 -59.30
C HIS B 245 15.06 34.57 -60.03
N ARG B 246 14.99 34.54 -61.36
CA ARG B 246 16.09 35.03 -62.19
C ARG B 246 15.65 36.24 -62.99
N SER B 247 16.56 37.18 -63.18
CA SER B 247 16.33 38.30 -64.08
C SER B 247 17.32 38.25 -65.24
N TYR B 248 17.16 39.19 -66.18
CA TYR B 248 17.96 39.21 -67.39
C TYR B 248 18.32 40.65 -67.73
N LEU B 249 19.22 40.80 -68.71
CA LEU B 249 20.23 41.86 -68.63
C LEU B 249 19.62 43.22 -68.32
N THR B 250 20.06 43.78 -67.20
CA THR B 250 19.75 45.11 -66.72
C THR B 250 20.98 45.60 -65.95
N PRO B 251 21.19 46.92 -65.86
CA PRO B 251 22.34 47.39 -65.09
C PRO B 251 22.17 47.17 -63.59
N SER B 256 23.91 37.14 -61.33
CA SER B 256 22.61 36.70 -61.89
C SER B 256 21.47 37.46 -61.21
N GLY B 257 20.29 37.55 -61.83
CA GLY B 257 19.13 38.21 -61.19
C GLY B 257 18.63 37.43 -59.97
N TRP B 258 18.26 38.12 -58.88
CA TRP B 258 17.86 37.46 -57.62
C TRP B 258 17.04 38.41 -56.73
N THR B 259 16.65 37.98 -55.52
CA THR B 259 16.00 38.88 -54.51
C THR B 259 14.68 39.54 -54.95
N ALA B 260 13.59 38.76 -55.10
CA ALA B 260 12.26 39.32 -55.46
C ALA B 260 11.63 40.08 -54.29
N GLY B 261 11.04 41.26 -54.53
CA GLY B 261 10.37 42.06 -53.53
C GLY B 261 11.14 42.18 -52.22
N ALA B 262 10.37 42.45 -51.16
CA ALA B 262 10.91 42.54 -49.81
C ALA B 262 10.33 41.42 -48.98
N ALA B 263 11.05 41.03 -47.93
CA ALA B 263 10.63 39.95 -47.05
C ALA B 263 10.97 40.27 -45.60
N ALA B 264 9.97 40.14 -44.75
CA ALA B 264 10.15 40.25 -43.30
C ALA B 264 9.08 39.44 -42.60
N TYR B 265 9.42 38.94 -41.41
CA TYR B 265 8.47 38.14 -40.65
C TYR B 265 8.74 38.29 -39.17
N TYR B 266 7.91 37.62 -38.37
CA TYR B 266 7.93 37.69 -36.93
C TYR B 266 8.14 36.30 -36.35
N VAL B 267 8.97 36.23 -35.31
CA VAL B 267 9.25 34.97 -34.62
C VAL B 267 9.27 35.23 -33.13
N GLY B 268 8.70 34.29 -32.37
CA GLY B 268 8.78 34.29 -30.93
C GLY B 268 8.72 32.87 -30.43
N TYR B 269 9.23 32.64 -29.22
CA TYR B 269 9.34 31.30 -28.69
C TYR B 269 8.22 31.04 -27.70
N LEU B 270 7.75 29.79 -27.68
CA LEU B 270 6.67 29.41 -26.78
C LEU B 270 7.22 29.17 -25.37
N GLN B 271 6.31 28.80 -24.46
CA GLN B 271 6.60 28.74 -23.04
C GLN B 271 5.38 28.23 -22.30
N PRO B 272 5.54 27.36 -21.29
CA PRO B 272 4.37 26.92 -20.53
C PRO B 272 3.80 28.07 -19.71
N ARG B 273 2.49 28.28 -19.86
CA ARG B 273 1.76 29.30 -19.12
C ARG B 273 0.32 28.85 -18.97
N THR B 274 -0.34 29.33 -17.92
CA THR B 274 -1.73 29.00 -17.67
C THR B 274 -2.60 30.13 -18.22
N PHE B 275 -3.38 29.84 -19.24
CA PHE B 275 -4.33 30.80 -19.78
C PHE B 275 -5.75 30.46 -19.37
N LEU B 276 -6.54 31.49 -19.07
CA LEU B 276 -7.97 31.34 -19.00
C LEU B 276 -8.56 31.66 -20.37
N LEU B 277 -9.39 30.77 -20.87
CA LEU B 277 -9.87 30.81 -22.24
C LEU B 277 -11.36 31.12 -22.21
N LYS B 278 -11.76 32.22 -22.86
CA LYS B 278 -13.22 32.57 -22.93
C LYS B 278 -13.77 32.28 -24.32
N TYR B 279 -14.14 31.00 -24.46
CA TYR B 279 -14.64 30.56 -25.77
C TYR B 279 -15.92 31.33 -25.99
N ASN B 280 -16.13 31.94 -27.16
CA ASN B 280 -17.34 32.81 -27.33
C ASN B 280 -18.65 32.02 -27.19
N GLU B 281 -19.78 32.71 -27.23
CA GLU B 281 -21.11 32.06 -27.02
C GLU B 281 -21.34 31.00 -28.10
N ASN B 282 -20.93 31.28 -29.35
CA ASN B 282 -21.09 30.31 -30.47
C ASN B 282 -19.81 29.50 -30.59
N GLY B 283 -18.93 29.58 -29.58
CA GLY B 283 -17.61 28.91 -29.66
C GLY B 283 -16.57 29.90 -30.11
N THR B 284 -15.30 29.48 -30.25
CA THR B 284 -14.19 30.38 -30.70
C THR B 284 -13.62 31.17 -29.51
N ILE B 285 -12.35 30.97 -29.13
CA ILE B 285 -11.77 31.84 -28.05
C ILE B 285 -11.85 33.30 -28.50
N THR B 286 -12.53 34.15 -27.73
CA THR B 286 -12.59 35.61 -28.06
C THR B 286 -11.62 36.39 -27.16
N ASP B 287 -11.17 35.80 -26.06
CA ASP B 287 -10.29 36.54 -25.11
C ASP B 287 -9.48 35.54 -24.27
N ALA B 288 -8.26 35.92 -23.86
CA ALA B 288 -7.41 35.01 -23.12
C ALA B 288 -6.56 35.84 -22.17
N VAL B 289 -6.25 35.28 -21.00
CA VAL B 289 -5.48 35.99 -19.98
C VAL B 289 -4.43 35.03 -19.44
N ASP B 290 -3.18 35.49 -19.43
CA ASP B 290 -2.12 34.75 -18.75
C ASP B 290 -2.21 34.98 -17.26
N CYS B 291 -1.95 33.92 -16.48
CA CYS B 291 -1.96 34.04 -15.04
C CYS B 291 -0.69 34.73 -14.54
N ALA B 292 0.46 34.20 -14.95
CA ALA B 292 1.76 34.74 -14.48
C ALA B 292 2.19 35.91 -15.36
N LEU B 293 1.24 36.68 -15.87
CA LEU B 293 1.61 37.89 -16.65
C LEU B 293 2.09 38.97 -15.66
N ASP B 294 1.25 39.26 -14.66
CA ASP B 294 1.60 40.23 -13.60
C ASP B 294 0.70 39.89 -12.41
N PRO B 295 1.04 40.23 -11.14
CA PRO B 295 0.13 39.97 -10.01
C PRO B 295 -1.27 40.49 -10.37
N LEU B 296 -1.34 41.45 -11.29
CA LEU B 296 -2.65 42.04 -11.72
C LEU B 296 -3.54 40.99 -12.38
N SER B 297 -2.99 40.17 -13.28
CA SER B 297 -3.81 39.20 -14.03
C SER B 297 -4.11 37.99 -13.14
N GLU B 298 -3.18 37.64 -12.25
CA GLU B 298 -3.39 36.55 -11.28
C GLU B 298 -4.74 36.70 -10.56
N THR B 299 -5.29 37.91 -10.42
CA THR B 299 -6.58 37.95 -9.70
C THR B 299 -7.71 37.47 -10.60
N LYS B 300 -7.70 37.84 -11.87
CA LYS B 300 -8.73 37.35 -12.81
C LYS B 300 -8.56 35.85 -12.91
N CYS B 301 -7.31 35.36 -13.01
CA CYS B 301 -7.03 33.90 -13.07
C CYS B 301 -7.50 33.19 -11.79
N THR B 302 -7.09 33.68 -10.61
CA THR B 302 -7.44 33.01 -9.33
C THR B 302 -8.97 33.01 -9.14
N LEU B 303 -9.63 34.13 -9.45
CA LEU B 303 -11.10 34.21 -9.35
C LEU B 303 -11.72 33.21 -10.33
N LYS B 304 -11.09 33.02 -11.51
CA LYS B 304 -11.65 32.15 -12.57
C LYS B 304 -12.78 32.94 -13.24
N SER B 305 -12.82 34.26 -13.01
CA SER B 305 -13.91 35.12 -13.56
C SER B 305 -13.35 36.39 -14.18
N PHE B 306 -13.79 36.75 -15.40
CA PHE B 306 -13.25 37.93 -16.11
C PHE B 306 -13.57 39.25 -15.39
N THR B 307 -14.80 39.42 -14.92
CA THR B 307 -15.19 40.72 -14.30
C THR B 307 -14.65 40.72 -12.87
N VAL B 308 -13.67 41.58 -12.57
CA VAL B 308 -13.12 41.50 -11.22
C VAL B 308 -13.83 42.55 -10.39
N GLU B 309 -14.64 42.09 -9.44
CA GLU B 309 -15.45 43.00 -8.65
C GLU B 309 -14.57 43.81 -7.70
N LYS B 310 -15.02 45.01 -7.41
CA LYS B 310 -14.31 45.89 -6.51
C LYS B 310 -14.10 45.21 -5.17
N GLY B 311 -12.85 45.13 -4.73
CA GLY B 311 -12.54 44.50 -3.47
C GLY B 311 -11.12 43.98 -3.47
N ILE B 312 -10.80 43.25 -2.40
CA ILE B 312 -9.48 42.66 -2.20
C ILE B 312 -9.59 41.16 -2.36
N TYR B 313 -8.66 40.59 -3.10
CA TYR B 313 -8.63 39.17 -3.40
C TYR B 313 -7.26 38.63 -3.05
N GLN B 314 -7.21 37.39 -2.62
CA GLN B 314 -5.94 36.81 -2.18
C GLN B 314 -5.39 35.93 -3.29
N THR B 315 -4.36 36.44 -3.95
CA THR B 315 -3.56 35.76 -4.93
C THR B 315 -2.57 34.82 -4.23
N SER B 316 -1.99 33.91 -5.00
CA SER B 316 -1.09 32.90 -4.47
C SER B 316 0.01 33.54 -3.63
N ASN B 317 0.43 32.80 -2.62
CA ASN B 317 1.41 33.28 -1.65
C ASN B 317 2.77 33.43 -2.30
N PHE B 318 3.62 34.22 -1.66
CA PHE B 318 5.01 34.33 -2.08
C PHE B 318 5.91 33.87 -0.95
N ARG B 319 7.13 33.49 -1.31
CA ARG B 319 8.12 33.07 -0.35
C ARG B 319 9.43 33.77 -0.67
N VAL B 320 10.23 33.92 0.36
CA VAL B 320 11.57 34.50 0.08
C VAL B 320 12.38 33.25 -0.19
N GLN B 321 13.38 33.38 -1.03
CA GLN B 321 14.10 32.16 -1.42
C GLN B 321 15.52 32.22 -0.84
N PRO B 322 16.21 31.08 -0.57
CA PRO B 322 17.51 31.11 0.09
C PRO B 322 18.61 31.54 -0.85
N THR B 323 19.54 32.33 -0.31
CA THR B 323 20.68 32.77 -1.09
C THR B 323 21.71 31.66 -1.25
N GLU B 324 22.03 30.95 -0.17
CA GLU B 324 23.16 30.04 -0.15
C GLU B 324 22.95 28.99 0.92
N SER B 325 23.77 27.95 0.86
CA SER B 325 23.83 26.93 1.89
C SER B 325 24.97 27.24 2.84
N ILE B 326 24.75 27.02 4.14
CA ILE B 326 25.80 27.30 5.17
C ILE B 326 25.86 26.13 6.16
N VAL B 327 26.32 24.96 5.72
CA VAL B 327 26.45 23.79 6.64
C VAL B 327 27.49 24.16 7.70
N ARG B 328 27.23 23.84 8.97
CA ARG B 328 28.18 24.18 10.05
C ARG B 328 28.63 22.91 10.78
N PHE B 329 29.94 22.65 10.78
CA PHE B 329 30.51 21.46 11.47
C PHE B 329 31.48 22.00 12.51
N PRO B 330 31.80 21.26 13.59
CA PRO B 330 32.62 21.81 14.68
C PRO B 330 34.06 22.23 14.34
N LEU B 335 41.96 15.45 17.42
CA LEU B 335 42.98 15.50 16.37
C LEU B 335 43.71 14.16 16.38
N CYS B 336 44.09 13.70 15.20
CA CYS B 336 44.79 12.43 15.14
C CYS B 336 46.28 12.65 15.32
N PRO B 337 46.98 11.79 16.09
CA PRO B 337 48.37 12.06 16.50
C PRO B 337 49.41 11.85 15.41
N PHE B 338 49.26 12.57 14.30
CA PHE B 338 50.23 12.47 13.21
C PHE B 338 51.49 13.26 13.54
N GLY B 339 51.38 14.22 14.44
CA GLY B 339 52.57 14.84 15.00
C GLY B 339 53.26 13.94 15.99
N GLU B 340 52.55 12.94 16.51
CA GLU B 340 53.13 11.98 17.43
C GLU B 340 53.57 10.69 16.74
N VAL B 341 53.11 10.45 15.51
CA VAL B 341 53.51 9.28 14.76
C VAL B 341 54.59 9.67 13.78
N PHE B 342 54.35 10.75 13.04
CA PHE B 342 55.23 11.07 11.93
C PHE B 342 56.45 11.85 12.39
N ASN B 343 56.32 12.62 13.46
CA ASN B 343 57.47 13.24 14.09
C ASN B 343 57.96 12.46 15.30
N ALA B 344 57.68 11.15 15.35
CA ALA B 344 58.09 10.35 16.49
C ALA B 344 59.60 10.15 16.51
N THR B 345 60.13 9.86 17.70
CA THR B 345 61.57 9.92 17.90
C THR B 345 62.23 8.56 17.77
N ARG B 346 61.48 7.48 17.81
CA ARG B 346 62.08 6.16 17.94
C ARG B 346 61.16 5.11 17.31
N PHE B 347 61.46 4.73 16.08
CA PHE B 347 60.79 3.63 15.42
C PHE B 347 61.54 2.34 15.69
N ALA B 348 60.80 1.28 15.94
CA ALA B 348 61.43 -0.01 16.11
C ALA B 348 61.78 -0.62 14.76
N SER B 349 62.43 -1.77 14.81
CA SER B 349 62.77 -2.48 13.59
C SER B 349 61.57 -3.24 13.04
N VAL B 350 61.85 -4.08 12.06
CA VAL B 350 60.76 -4.73 11.32
C VAL B 350 60.43 -6.08 11.95
N TYR B 351 61.31 -6.59 12.81
CA TYR B 351 61.00 -7.86 13.47
C TYR B 351 60.00 -7.65 14.59
N ALA B 352 59.93 -6.43 15.13
CA ALA B 352 59.01 -6.05 16.19
C ALA B 352 58.35 -4.72 15.94
N TRP B 353 57.80 -4.51 14.75
CA TRP B 353 57.29 -3.22 14.32
C TRP B 353 56.12 -2.74 15.16
N ASN B 354 56.09 -1.43 15.39
CA ASN B 354 55.08 -0.82 16.24
C ASN B 354 53.80 -0.56 15.45
N ARG B 355 52.68 -0.83 16.10
CA ARG B 355 51.36 -0.71 15.51
C ARG B 355 50.48 0.12 16.42
N LYS B 356 49.78 1.09 15.86
CA LYS B 356 48.99 2.03 16.63
C LYS B 356 47.61 2.12 16.00
N ARG B 357 46.62 1.51 16.66
CA ARG B 357 45.23 1.62 16.22
C ARG B 357 44.74 3.02 16.48
N ILE B 358 44.30 3.69 15.42
CA ILE B 358 43.87 5.08 15.52
C ILE B 358 42.44 5.21 15.01
N SER B 359 41.62 5.89 15.80
CA SER B 359 40.22 6.17 15.51
C SER B 359 39.82 7.35 16.40
N ASN B 360 38.60 7.84 16.18
CA ASN B 360 37.93 8.85 17.01
C ASN B 360 38.72 10.17 17.07
N CYS B 361 39.09 10.66 15.90
CA CYS B 361 39.83 11.90 15.75
C CYS B 361 39.63 12.39 14.32
N VAL B 362 40.40 13.41 13.91
CA VAL B 362 40.22 13.99 12.59
C VAL B 362 41.55 14.02 11.84
N ALA B 363 41.46 13.87 10.53
CA ALA B 363 42.63 13.67 9.69
C ALA B 363 43.18 15.00 9.20
N ASP B 364 44.50 15.16 9.29
CA ASP B 364 45.18 16.37 8.85
C ASP B 364 45.87 16.16 7.50
N TYR B 365 45.19 15.47 6.57
CA TYR B 365 45.74 14.99 5.30
C TYR B 365 46.38 16.04 4.40
N SER B 366 46.14 17.31 4.67
CA SER B 366 46.74 18.41 3.92
C SER B 366 48.26 18.40 3.98
N VAL B 367 48.84 18.50 5.19
CA VAL B 367 50.28 18.69 5.33
C VAL B 367 51.06 17.41 5.03
N LEU B 368 50.36 16.28 4.90
CA LEU B 368 50.93 15.07 4.35
C LEU B 368 51.50 15.34 2.96
N TYR B 369 50.72 16.02 2.13
CA TYR B 369 51.17 16.34 0.79
C TYR B 369 52.05 17.56 0.81
N ASN B 370 51.80 18.46 1.77
CA ASN B 370 52.60 19.68 1.86
C ASN B 370 53.94 19.43 2.54
N SER B 371 54.17 18.21 3.05
CA SER B 371 55.46 17.88 3.63
C SER B 371 56.56 17.91 2.57
N ALA B 372 56.44 17.04 1.56
CA ALA B 372 57.27 17.05 0.34
C ALA B 372 58.77 16.88 0.60
N SER B 373 59.11 16.32 1.76
CA SER B 373 60.46 15.87 2.05
C SER B 373 60.56 14.36 2.04
N PHE B 374 59.58 13.68 1.45
CA PHE B 374 59.42 12.25 1.57
C PHE B 374 59.79 11.59 0.25
N SER B 375 60.67 10.60 0.31
CA SER B 375 61.18 9.93 -0.88
C SER B 375 60.11 9.17 -1.64
N THR B 376 59.54 8.14 -1.05
CA THR B 376 58.62 7.26 -1.75
C THR B 376 57.28 7.30 -1.04
N PHE B 377 56.30 7.91 -1.67
CA PHE B 377 55.02 8.23 -1.06
C PHE B 377 53.93 7.76 -2.01
N LYS B 378 53.37 6.59 -1.79
CA LYS B 378 52.37 6.09 -2.71
C LYS B 378 51.12 5.67 -1.97
N CYS B 379 50.03 5.55 -2.72
CA CYS B 379 48.73 5.26 -2.12
C CYS B 379 47.95 4.32 -3.01
N TYR B 380 46.80 3.89 -2.49
CA TYR B 380 45.95 2.91 -3.15
C TYR B 380 44.51 3.22 -2.77
N GLY B 381 43.62 2.27 -3.07
CA GLY B 381 42.23 2.39 -2.73
C GLY B 381 41.44 3.33 -3.63
N VAL B 382 41.67 4.63 -3.51
CA VAL B 382 41.27 5.63 -4.49
C VAL B 382 42.30 6.75 -4.29
N SER B 383 42.37 7.68 -5.27
CA SER B 383 43.43 8.67 -5.49
C SER B 383 43.84 9.44 -4.24
N PRO B 384 45.11 9.87 -4.12
CA PRO B 384 45.52 10.61 -2.92
C PRO B 384 44.88 11.97 -2.76
N THR B 385 44.56 12.64 -3.86
CA THR B 385 43.82 13.90 -3.74
C THR B 385 42.40 13.65 -3.28
N LYS B 386 41.86 12.48 -3.59
CA LYS B 386 40.48 12.19 -3.23
C LYS B 386 40.36 11.78 -1.76
N LEU B 387 41.46 11.38 -1.12
CA LEU B 387 41.30 10.79 0.20
C LEU B 387 41.22 11.82 1.31
N ASN B 388 41.23 13.12 0.98
CA ASN B 388 41.15 14.17 1.97
C ASN B 388 39.83 14.11 2.75
N ASP B 389 38.75 13.78 2.06
CA ASP B 389 37.45 13.73 2.70
C ASP B 389 36.92 12.31 2.83
N LEU B 390 37.25 11.45 1.87
CA LEU B 390 36.75 10.07 1.86
C LEU B 390 37.39 9.30 3.01
N CYS B 391 36.61 9.05 4.06
CA CYS B 391 37.18 8.80 5.37
C CYS B 391 36.77 7.43 5.91
N PHE B 392 37.27 7.13 7.10
CA PHE B 392 37.65 5.78 7.51
C PHE B 392 37.02 5.40 8.83
N THR B 393 36.71 4.11 8.98
CA THR B 393 36.16 3.63 10.24
C THR B 393 37.25 3.50 11.30
N ASN B 394 38.35 2.84 10.95
CA ASN B 394 39.38 2.48 11.91
C ASN B 394 40.70 2.23 11.20
N VAL B 395 41.69 3.07 11.49
CA VAL B 395 42.92 2.97 10.72
C VAL B 395 43.99 2.32 11.59
N TYR B 396 44.93 1.68 10.92
CA TYR B 396 46.06 1.05 11.58
C TYR B 396 47.31 1.74 11.09
N ALA B 397 47.98 2.44 11.98
CA ALA B 397 49.22 3.12 11.65
C ALA B 397 50.39 2.32 12.20
N ASP B 398 51.11 1.60 11.34
CA ASP B 398 52.23 0.81 11.82
C ASP B 398 53.50 1.21 11.09
N SER B 399 54.58 1.35 11.84
CA SER B 399 55.80 1.92 11.27
C SER B 399 57.00 1.09 11.66
N PHE B 400 58.04 1.21 10.85
CA PHE B 400 59.31 0.52 11.05
C PHE B 400 60.38 1.19 10.22
N VAL B 401 61.60 0.67 10.30
CA VAL B 401 62.76 1.22 9.62
C VAL B 401 63.42 0.12 8.80
N ILE B 402 63.58 0.35 7.50
CA ILE B 402 64.19 -0.62 6.61
C ILE B 402 65.24 0.09 5.76
N ARG B 403 65.86 -0.67 4.86
CA ARG B 403 66.97 -0.16 4.06
C ARG B 403 66.48 0.57 2.82
N GLY B 404 67.36 1.39 2.26
CA GLY B 404 66.99 2.19 1.10
C GLY B 404 66.88 1.40 -0.18
N ASP B 405 67.38 0.16 -0.18
CA ASP B 405 67.25 -0.69 -1.35
C ASP B 405 66.01 -1.57 -1.27
N GLU B 406 65.68 -2.05 -0.07
CA GLU B 406 64.63 -3.05 0.07
C GLU B 406 63.23 -2.45 0.10
N VAL B 407 63.10 -1.13 -0.03
CA VAL B 407 61.80 -0.50 0.18
C VAL B 407 60.87 -0.79 -0.99
N ARG B 408 61.43 -1.15 -2.15
CA ARG B 408 60.61 -1.55 -3.27
C ARG B 408 59.98 -2.92 -3.02
N GLN B 409 60.57 -3.71 -2.12
CA GLN B 409 59.90 -4.90 -1.61
C GLN B 409 58.59 -4.53 -0.92
N ILE B 410 58.59 -3.41 -0.19
CA ILE B 410 57.35 -2.93 0.40
C ILE B 410 56.48 -2.41 -0.72
N ALA B 411 55.49 -3.21 -1.09
CA ALA B 411 54.46 -2.99 -2.08
C ALA B 411 53.48 -4.12 -1.88
N PRO B 412 52.17 -3.87 -1.96
CA PRO B 412 51.20 -4.93 -1.68
C PRO B 412 51.22 -6.03 -2.74
N GLY B 413 51.73 -7.19 -2.37
CA GLY B 413 51.86 -8.29 -3.28
C GLY B 413 53.18 -8.31 -4.03
N GLN B 414 54.29 -8.31 -3.31
CA GLN B 414 55.61 -8.52 -3.88
C GLN B 414 56.37 -9.52 -3.02
N THR B 415 57.61 -9.80 -3.42
CA THR B 415 58.48 -10.71 -2.69
C THR B 415 59.72 -9.97 -2.26
N GLY B 416 60.67 -10.72 -1.72
CA GLY B 416 61.82 -10.14 -1.07
C GLY B 416 61.66 -10.10 0.43
N LYS B 417 62.81 -9.98 1.12
CA LYS B 417 62.97 -10.46 2.50
C LYS B 417 62.01 -9.79 3.48
N ILE B 418 61.86 -8.47 3.34
CA ILE B 418 61.01 -7.72 4.25
C ILE B 418 59.55 -8.11 4.06
N ALA B 419 59.15 -8.34 2.81
CA ALA B 419 57.81 -8.84 2.60
C ALA B 419 57.73 -10.35 2.66
N ASP B 420 58.84 -11.04 2.88
CA ASP B 420 58.75 -12.49 2.92
C ASP B 420 58.66 -13.01 4.34
N TYR B 421 59.47 -12.45 5.24
CA TYR B 421 59.56 -12.99 6.58
C TYR B 421 59.41 -11.93 7.66
N ASN B 422 59.33 -10.66 7.30
CA ASN B 422 59.42 -9.57 8.26
C ASN B 422 58.08 -8.86 8.43
N TYR B 423 57.48 -8.39 7.36
CA TYR B 423 56.24 -7.61 7.43
C TYR B 423 55.49 -7.79 6.13
N LYS B 424 54.22 -8.18 6.21
CA LYS B 424 53.51 -8.62 5.02
C LYS B 424 52.28 -7.78 4.75
N LEU B 425 52.34 -7.01 3.67
CA LEU B 425 51.14 -6.38 3.13
C LEU B 425 50.20 -7.45 2.57
N PRO B 426 48.90 -7.25 2.66
CA PRO B 426 47.96 -8.31 2.27
C PRO B 426 47.82 -8.46 0.77
N ASP B 427 46.90 -9.32 0.35
CA ASP B 427 46.63 -9.48 -1.07
C ASP B 427 45.72 -8.37 -1.59
N ASP B 428 44.82 -7.87 -0.76
CA ASP B 428 43.96 -6.75 -1.12
C ASP B 428 44.14 -5.67 -0.07
N PHE B 429 44.68 -4.53 -0.48
CA PHE B 429 45.19 -3.52 0.43
C PHE B 429 44.62 -2.16 0.03
N THR B 430 44.51 -1.27 1.00
CA THR B 430 43.90 0.04 0.76
C THR B 430 44.89 1.19 1.01
N GLY B 431 45.74 1.06 2.01
CA GLY B 431 46.42 2.20 2.60
C GLY B 431 47.56 2.76 1.77
N CYS B 432 48.27 3.70 2.38
CA CYS B 432 49.38 4.39 1.77
C CYS B 432 50.69 3.95 2.39
N VAL B 433 51.71 3.85 1.57
CA VAL B 433 53.06 3.60 2.03
C VAL B 433 53.78 4.93 2.02
N ILE B 434 54.21 5.36 3.19
CA ILE B 434 54.93 6.60 3.32
C ILE B 434 56.36 6.28 3.70
N ALA B 435 57.29 6.80 2.93
CA ALA B 435 58.69 6.40 3.05
C ALA B 435 59.59 7.61 2.87
N TRP B 436 60.52 7.78 3.79
CA TRP B 436 61.54 8.80 3.63
C TRP B 436 62.82 8.35 4.30
N ASN B 437 63.87 9.12 4.05
CA ASN B 437 65.16 8.88 4.63
C ASN B 437 65.29 9.59 5.96
N SER B 438 65.91 8.89 6.91
CA SER B 438 66.32 9.49 8.16
C SER B 438 67.81 9.28 8.40
N ASN B 439 68.64 9.56 7.40
CA ASN B 439 70.07 9.26 7.47
C ASN B 439 70.77 10.12 8.51
N ASN B 440 70.29 11.34 8.74
CA ASN B 440 70.92 12.23 9.70
C ASN B 440 70.64 11.83 11.15
N LEU B 441 69.74 10.88 11.39
CA LEU B 441 69.41 10.46 12.75
C LEU B 441 69.87 9.03 13.03
N ASP B 442 69.47 8.09 12.19
CA ASP B 442 69.64 6.67 12.45
C ASP B 442 71.10 6.24 12.31
N SER B 443 71.65 6.45 11.12
CA SER B 443 73.01 6.00 10.84
C SER B 443 74.02 6.88 11.58
N LYS B 444 74.78 6.27 12.46
CA LYS B 444 75.68 7.00 13.34
C LYS B 444 77.11 6.56 13.07
N VAL B 445 78.04 7.50 13.26
CA VAL B 445 79.46 7.17 13.19
C VAL B 445 79.83 6.33 14.40
N GLY B 446 80.76 5.41 14.21
CA GLY B 446 80.96 4.32 15.13
C GLY B 446 80.03 3.15 14.92
N GLY B 447 79.07 3.27 14.00
CA GLY B 447 78.20 2.19 13.59
C GLY B 447 76.85 2.21 14.29
N ASN B 448 75.80 2.08 13.48
CA ASN B 448 74.45 1.84 13.99
C ASN B 448 74.18 0.36 13.82
N TYR B 449 73.93 -0.32 14.93
CA TYR B 449 73.50 -1.71 14.93
C TYR B 449 72.36 -1.94 15.89
N ASN B 450 71.62 -0.88 16.23
CA ASN B 450 70.39 -1.03 16.99
C ASN B 450 69.36 -1.81 16.18
N TYR B 451 69.29 -1.55 14.88
CA TYR B 451 68.21 -2.09 14.09
C TYR B 451 68.46 -3.55 13.73
N LEU B 452 67.36 -4.27 13.49
CA LEU B 452 67.39 -5.70 13.25
C LEU B 452 66.35 -6.05 12.20
N TYR B 453 66.26 -7.33 11.87
CA TYR B 453 65.27 -7.90 10.98
C TYR B 453 65.39 -9.41 11.08
N ARG B 454 64.36 -10.10 10.61
CA ARG B 454 64.38 -11.55 10.54
C ARG B 454 64.77 -11.97 9.14
N LEU B 455 65.73 -12.87 9.04
CA LEU B 455 66.21 -13.31 7.74
C LEU B 455 65.66 -14.66 7.32
N PHE B 456 65.14 -15.46 8.25
CA PHE B 456 64.64 -16.79 7.89
C PHE B 456 63.47 -17.17 8.78
N ARG B 457 62.61 -18.03 8.24
CA ARG B 457 61.45 -18.62 8.88
C ARG B 457 61.01 -19.76 7.97
N LYS B 458 60.35 -20.77 8.56
CA LYS B 458 59.99 -21.97 7.83
C LYS B 458 58.73 -21.82 6.98
N SER B 459 58.20 -20.60 6.82
CA SER B 459 57.13 -20.33 5.88
C SER B 459 57.14 -18.84 5.56
N ASN B 460 56.45 -18.48 4.49
CA ASN B 460 56.17 -17.08 4.24
C ASN B 460 55.21 -16.54 5.29
N LEU B 461 55.23 -15.22 5.45
CA LEU B 461 54.59 -14.60 6.60
C LEU B 461 53.15 -14.22 6.30
N LYS B 462 52.28 -14.53 7.26
CA LYS B 462 50.88 -14.18 7.16
C LYS B 462 50.74 -12.65 7.20
N PRO B 463 49.72 -12.08 6.55
CA PRO B 463 49.67 -10.62 6.39
C PRO B 463 49.40 -9.89 7.70
N PHE B 464 50.14 -8.80 7.90
CA PHE B 464 50.15 -7.91 9.07
C PHE B 464 50.51 -8.58 10.38
N GLU B 465 51.09 -9.76 10.38
CA GLU B 465 51.41 -10.41 11.64
C GLU B 465 52.92 -10.37 11.84
N ARG B 466 53.35 -9.74 12.94
CA ARG B 466 54.77 -9.66 13.27
C ARG B 466 55.29 -11.01 13.72
N ASP B 467 56.60 -11.10 13.88
CA ASP B 467 57.25 -12.33 14.32
C ASP B 467 58.35 -11.94 15.30
N ILE B 468 58.03 -12.00 16.60
CA ILE B 468 59.01 -11.68 17.63
C ILE B 468 59.67 -12.94 18.16
N SER B 469 59.22 -14.11 17.71
CA SER B 469 59.76 -15.38 18.18
C SER B 469 61.17 -15.56 17.67
N THR B 470 62.15 -15.33 18.54
CA THR B 470 63.55 -15.36 18.18
C THR B 470 64.20 -16.72 18.41
N GLU B 471 63.43 -17.79 18.40
CA GLU B 471 63.98 -19.13 18.56
C GLU B 471 64.74 -19.54 17.30
N ILE B 472 65.53 -20.59 17.41
CA ILE B 472 66.37 -21.06 16.32
C ILE B 472 65.53 -21.87 15.35
N TYR B 473 65.62 -21.55 14.07
CA TYR B 473 65.02 -22.37 13.03
C TYR B 473 66.04 -23.43 12.62
N GLN B 474 65.55 -24.61 12.29
CA GLN B 474 66.40 -25.75 11.94
C GLN B 474 66.18 -26.05 10.45
N ALA B 475 67.08 -25.52 9.62
CA ALA B 475 66.95 -25.68 8.18
C ALA B 475 67.17 -27.12 7.77
N GLY B 476 68.30 -27.68 8.14
CA GLY B 476 68.51 -29.10 8.01
C GLY B 476 67.80 -29.86 9.11
N SER B 477 67.84 -31.18 8.98
CA SER B 477 67.07 -32.04 9.86
C SER B 477 67.71 -32.22 11.23
N THR B 478 68.95 -31.83 11.42
CA THR B 478 69.65 -32.06 12.70
C THR B 478 69.13 -31.14 13.77
N PRO B 479 68.53 -31.65 14.85
CA PRO B 479 67.86 -30.79 15.82
C PRO B 479 68.86 -30.05 16.71
N CYS B 480 68.81 -28.72 16.63
CA CYS B 480 69.63 -27.88 17.48
C CYS B 480 68.96 -27.57 18.81
N ASN B 481 67.62 -27.46 18.81
CA ASN B 481 66.77 -27.40 19.99
C ASN B 481 67.12 -26.22 20.90
N GLY B 482 66.92 -25.02 20.36
CA GLY B 482 67.02 -23.80 21.13
C GLY B 482 68.40 -23.16 21.10
N VAL B 483 69.44 -23.94 21.29
CA VAL B 483 70.81 -23.44 21.17
C VAL B 483 71.17 -23.48 19.70
N GLU B 484 72.15 -22.69 19.31
CA GLU B 484 72.61 -22.66 17.92
C GLU B 484 73.39 -23.92 17.61
N GLY B 485 73.70 -24.12 16.34
CA GLY B 485 74.51 -25.26 15.95
C GLY B 485 74.69 -25.43 14.45
N PHE B 486 74.73 -26.67 13.99
CA PHE B 486 74.91 -26.97 12.58
C PHE B 486 73.57 -27.32 11.94
N ASN B 487 73.43 -26.87 10.68
CA ASN B 487 72.27 -26.89 9.79
C ASN B 487 71.24 -25.86 10.21
N CYS B 488 71.47 -25.20 11.35
CA CYS B 488 70.55 -24.23 11.90
C CYS B 488 71.29 -22.92 12.09
N TYR B 489 70.59 -21.81 11.87
CA TYR B 489 71.18 -20.50 12.03
C TYR B 489 70.41 -19.73 13.09
N PHE B 490 70.95 -18.59 13.46
CA PHE B 490 70.20 -17.66 14.29
C PHE B 490 69.11 -17.01 13.43
N PRO B 491 67.96 -16.67 14.00
CA PRO B 491 66.91 -16.07 13.17
C PRO B 491 67.19 -14.65 12.73
N LEU B 492 67.68 -13.79 13.61
CA LEU B 492 67.71 -12.36 13.34
C LEU B 492 69.08 -11.92 12.87
N GLN B 493 69.12 -10.73 12.29
CA GLN B 493 70.37 -10.11 11.88
C GLN B 493 70.17 -8.61 11.96
N SER B 494 71.25 -7.88 12.15
CA SER B 494 71.18 -6.43 12.15
C SER B 494 71.24 -5.91 10.72
N TYR B 495 71.11 -4.60 10.58
CA TYR B 495 71.56 -3.83 9.44
C TYR B 495 72.89 -3.20 9.80
N GLY B 496 73.66 -2.79 8.80
CA GLY B 496 74.82 -1.97 9.05
C GLY B 496 74.59 -0.55 8.58
N PHE B 497 74.35 0.37 9.52
CA PHE B 497 74.13 1.77 9.15
C PHE B 497 75.25 2.64 9.68
N GLN B 498 75.85 3.41 8.78
CA GLN B 498 76.74 4.54 9.04
C GLN B 498 76.43 5.57 7.96
N PRO B 499 76.78 6.84 8.18
CA PRO B 499 76.70 7.82 7.08
C PRO B 499 77.75 7.63 6.00
N THR B 500 78.67 6.67 6.19
CA THR B 500 79.59 6.25 5.13
C THR B 500 78.90 5.39 4.08
N ASN B 501 77.64 5.00 4.31
CA ASN B 501 76.91 4.24 3.32
C ASN B 501 76.57 5.10 2.11
N GLY B 502 76.36 4.45 0.97
CA GLY B 502 75.83 5.14 -0.18
C GLY B 502 74.35 5.46 -0.03
N VAL B 503 73.80 6.09 -1.07
CA VAL B 503 72.42 6.57 -1.02
C VAL B 503 71.45 5.40 -1.09
N GLY B 504 71.88 4.28 -1.66
CA GLY B 504 71.02 3.12 -1.72
C GLY B 504 70.94 2.37 -0.41
N TYR B 505 71.87 2.65 0.51
CA TYR B 505 71.93 1.95 1.78
C TYR B 505 71.52 2.85 2.94
N GLN B 506 70.67 3.84 2.68
CA GLN B 506 70.28 4.78 3.71
C GLN B 506 69.00 4.32 4.40
N PRO B 507 68.85 4.58 5.70
CA PRO B 507 67.68 4.06 6.42
C PRO B 507 66.43 4.86 6.11
N TYR B 508 65.37 4.13 5.76
CA TYR B 508 64.06 4.71 5.56
C TYR B 508 63.22 4.41 6.78
N ARG B 509 62.50 5.43 7.25
CA ARG B 509 61.52 5.26 8.30
C ARG B 509 60.16 5.10 7.66
N VAL B 510 59.88 3.89 7.19
CA VAL B 510 58.65 3.60 6.48
C VAL B 510 57.52 3.52 7.49
N VAL B 511 56.56 4.41 7.36
CA VAL B 511 55.31 4.29 8.09
C VAL B 511 54.23 3.89 7.08
N VAL B 512 53.41 2.93 7.46
CA VAL B 512 52.38 2.39 6.60
C VAL B 512 51.04 2.69 7.24
N LEU B 513 50.14 3.27 6.46
CA LEU B 513 48.80 3.54 6.92
C LEU B 513 47.84 2.60 6.23
N SER B 514 47.01 1.92 7.01
CA SER B 514 46.11 0.93 6.44
C SER B 514 44.70 1.25 6.90
N PHE B 515 43.74 1.02 6.01
CA PHE B 515 42.40 1.53 6.27
C PHE B 515 41.39 0.40 6.06
N GLU B 516 40.15 0.67 6.46
CA GLU B 516 39.10 -0.35 6.39
C GLU B 516 37.74 0.34 6.39
N LEU B 517 36.68 -0.48 6.38
CA LEU B 517 35.30 0.00 6.41
C LEU B 517 34.42 -1.11 6.97
N LEU B 518 33.53 -0.74 7.90
CA LEU B 518 32.77 -1.72 8.67
C LEU B 518 31.37 -1.21 8.95
N HIS B 519 30.58 -2.04 9.66
CA HIS B 519 29.35 -1.63 10.33
C HIS B 519 29.57 -0.50 11.32
N ALA B 520 30.78 -0.38 11.87
CA ALA B 520 31.23 0.74 12.66
C ALA B 520 31.21 2.02 11.82
N PRO B 521 30.94 3.17 12.43
CA PRO B 521 30.92 4.42 11.67
C PRO B 521 32.32 4.90 11.37
N ALA B 522 32.38 5.94 10.54
CA ALA B 522 33.63 6.58 10.18
C ALA B 522 34.11 7.39 11.38
N THR B 523 34.76 6.72 12.32
CA THR B 523 35.15 7.36 13.56
C THR B 523 36.31 8.33 13.38
N VAL B 524 37.20 8.08 12.43
CA VAL B 524 38.26 9.01 12.08
C VAL B 524 37.92 9.63 10.72
N CYS B 525 37.79 10.96 10.70
CA CYS B 525 37.31 11.56 9.47
C CYS B 525 37.82 12.97 9.34
N GLY B 526 38.20 13.32 8.10
CA GLY B 526 38.71 14.63 7.82
C GLY B 526 37.62 15.69 7.81
N THR B 531 31.04 26.81 6.43
CA THR B 531 30.51 27.88 5.53
C THR B 531 30.33 29.15 6.35
N ASN B 532 30.83 30.30 5.85
CA ASN B 532 30.83 31.56 6.65
C ASN B 532 29.42 31.90 7.13
N LEU B 533 29.31 32.39 8.35
CA LEU B 533 27.96 32.61 8.91
C LEU B 533 27.30 33.79 8.22
N VAL B 534 26.01 33.68 7.88
CA VAL B 534 25.31 34.88 7.31
C VAL B 534 24.25 35.35 8.29
N LYS B 535 24.27 36.65 8.62
CA LYS B 535 23.31 37.17 9.64
C LYS B 535 22.14 37.86 8.92
N ASN B 536 20.90 37.53 9.31
CA ASN B 536 19.71 38.21 8.75
C ASN B 536 19.61 38.00 7.24
N LYS B 537 20.00 36.84 6.72
CA LYS B 537 19.78 36.63 5.27
C LYS B 537 18.97 35.34 5.14
N CYS B 538 17.97 35.32 4.26
CA CYS B 538 17.29 34.01 4.10
C CYS B 538 18.37 33.10 3.56
N VAL B 539 18.68 32.01 4.28
CA VAL B 539 19.83 31.19 3.85
C VAL B 539 19.60 29.74 4.23
N ASN B 540 19.77 28.83 3.28
CA ASN B 540 19.76 27.44 3.65
C ASN B 540 20.96 27.18 4.56
N PHE B 541 20.83 26.17 5.42
CA PHE B 541 21.92 25.96 6.37
C PHE B 541 21.99 24.52 6.80
N ASN B 542 23.16 24.16 7.32
CA ASN B 542 23.35 22.96 8.12
C ASN B 542 24.29 23.31 9.27
N PHE B 543 23.88 22.97 10.48
CA PHE B 543 24.73 23.04 11.67
C PHE B 543 24.81 21.64 12.26
N ASN B 544 26.00 21.06 12.28
CA ASN B 544 26.25 19.79 12.96
C ASN B 544 25.33 18.70 12.45
N GLY B 545 24.89 18.82 11.20
CA GLY B 545 23.92 17.93 10.63
C GLY B 545 22.49 18.42 10.75
N LEU B 546 22.20 19.26 11.73
CA LEU B 546 20.88 19.89 11.78
C LEU B 546 20.69 20.76 10.56
N THR B 547 19.59 20.56 9.85
CA THR B 547 19.34 21.30 8.63
C THR B 547 17.99 22.00 8.68
N GLY B 548 17.93 23.14 8.01
CA GLY B 548 16.70 23.89 7.86
C GLY B 548 16.97 25.11 7.01
N THR B 549 16.00 26.02 6.98
CA THR B 549 16.19 27.27 6.26
C THR B 549 15.60 28.41 7.07
N GLY B 550 16.40 29.44 7.31
CA GLY B 550 15.94 30.52 8.15
C GLY B 550 16.79 31.75 7.98
N VAL B 551 16.54 32.71 8.86
CA VAL B 551 17.29 33.96 8.92
C VAL B 551 18.08 33.94 10.21
N LEU B 552 19.40 33.78 10.10
CA LEU B 552 20.25 33.64 11.27
C LEU B 552 20.63 35.02 11.79
N THR B 553 20.46 35.23 13.09
CA THR B 553 20.73 36.51 13.72
C THR B 553 21.50 36.29 15.01
N GLU B 554 22.02 37.39 15.56
CA GLU B 554 22.55 37.36 16.91
C GLU B 554 21.40 37.36 17.91
N SER B 555 21.54 36.55 18.95
CA SER B 555 20.47 36.38 19.93
C SER B 555 21.06 36.26 21.32
N ASN B 556 20.34 36.80 22.30
CA ASN B 556 20.81 36.89 23.66
C ASN B 556 20.32 35.78 24.58
N LYS B 557 19.50 34.86 24.08
CA LYS B 557 19.12 33.73 24.90
C LYS B 557 20.36 32.91 25.25
N LYS B 558 20.39 32.38 26.46
CA LYS B 558 21.64 31.93 27.08
C LYS B 558 21.56 30.44 27.36
N PHE B 559 22.36 29.66 26.63
CA PHE B 559 22.37 28.22 26.79
C PHE B 559 23.10 27.78 28.05
N LEU B 560 22.83 26.54 28.43
CA LEU B 560 23.75 25.79 29.26
C LEU B 560 24.81 25.14 28.38
N PRO B 561 26.05 25.04 28.88
CA PRO B 561 27.18 24.71 27.98
C PRO B 561 27.02 23.45 27.15
N PHE B 562 26.60 22.35 27.75
CA PHE B 562 26.54 21.09 27.02
C PHE B 562 25.51 21.11 25.90
N GLN B 563 24.59 22.06 25.94
CA GLN B 563 23.42 22.06 25.08
C GLN B 563 23.81 22.27 23.62
N GLN B 564 22.87 21.93 22.75
CA GLN B 564 23.05 22.18 21.33
C GLN B 564 21.96 23.10 20.81
N PHE B 565 20.77 22.56 20.60
CA PHE B 565 19.66 23.31 20.06
C PHE B 565 19.05 24.21 21.11
N GLY B 566 18.29 25.19 20.65
CA GLY B 566 17.12 25.66 21.35
C GLY B 566 15.88 25.15 20.64
N ARG B 567 14.73 25.29 21.31
CA ARG B 567 13.46 24.96 20.69
C ARG B 567 12.37 25.85 21.24
N ASP B 568 11.28 25.92 20.49
CA ASP B 568 10.12 26.72 20.82
C ASP B 568 8.99 25.79 21.29
N ILE B 569 7.84 26.38 21.60
CA ILE B 569 6.70 25.62 22.07
C ILE B 569 6.29 24.55 21.08
N ALA B 570 6.48 24.82 19.79
CA ALA B 570 5.91 24.02 18.73
C ALA B 570 6.80 22.88 18.26
N ASP B 571 7.92 22.64 18.95
CA ASP B 571 8.91 21.63 18.56
C ASP B 571 9.59 21.98 17.24
N THR B 572 9.55 23.24 16.85
CA THR B 572 10.38 23.77 15.79
C THR B 572 11.80 23.93 16.33
N THR B 573 12.76 24.10 15.43
CA THR B 573 14.11 24.44 15.86
C THR B 573 14.23 25.96 15.83
N ASP B 574 14.17 26.58 17.02
CA ASP B 574 14.11 28.03 17.12
C ASP B 574 15.47 28.70 17.12
N ALA B 575 16.41 28.16 17.87
CA ALA B 575 17.69 28.83 18.10
C ALA B 575 18.77 27.77 18.15
N VAL B 576 19.89 28.03 17.48
CA VAL B 576 20.99 27.09 17.45
C VAL B 576 22.26 27.84 17.80
N ARG B 577 23.26 27.08 18.22
CA ARG B 577 24.54 27.63 18.61
C ARG B 577 25.57 27.28 17.55
N ASP B 578 26.29 28.28 17.08
CA ASP B 578 27.30 28.06 16.06
C ASP B 578 28.37 27.15 16.66
N PRO B 579 28.61 25.91 16.20
CA PRO B 579 29.69 25.10 16.81
C PRO B 579 31.10 25.72 16.74
N GLN B 580 31.52 26.24 15.58
CA GLN B 580 32.92 26.75 15.43
C GLN B 580 33.20 27.93 16.36
N THR B 581 32.28 28.90 16.45
CA THR B 581 32.43 30.03 17.40
C THR B 581 31.14 30.05 18.21
N LEU B 582 31.22 29.78 19.52
CA LEU B 582 29.97 29.60 20.25
C LEU B 582 29.22 30.93 20.26
N GLU B 583 28.03 30.93 19.67
CA GLU B 583 27.16 32.09 19.73
C GLU B 583 25.74 31.60 19.54
N ILE B 584 24.81 32.35 20.09
CA ILE B 584 23.41 31.94 20.11
C ILE B 584 22.75 32.57 18.88
N LEU B 585 22.38 31.72 17.93
CA LEU B 585 21.86 32.18 16.66
C LEU B 585 20.40 31.81 16.57
N ASP B 586 19.54 32.82 16.45
CA ASP B 586 18.15 32.54 16.18
C ASP B 586 17.98 31.91 14.80
N ILE B 587 16.86 31.25 14.61
CA ILE B 587 16.42 30.81 13.30
C ILE B 587 15.01 31.31 13.12
N THR B 588 14.85 32.27 12.22
CA THR B 588 13.53 32.69 11.76
C THR B 588 13.46 32.35 10.29
N PRO B 589 12.63 31.40 9.88
CA PRO B 589 12.52 31.10 8.45
C PRO B 589 12.04 32.34 7.70
N CYS B 590 12.52 32.46 6.47
CA CYS B 590 12.31 33.66 5.69
C CYS B 590 10.82 34.00 5.64
N SER B 591 10.53 35.29 5.72
CA SER B 591 9.16 35.73 5.82
C SER B 591 8.38 35.33 4.58
N PHE B 592 7.07 35.18 4.76
CA PHE B 592 6.19 34.90 3.65
C PHE B 592 4.80 35.36 4.04
N GLY B 593 3.95 35.55 3.05
CA GLY B 593 2.62 36.03 3.32
C GLY B 593 1.78 35.97 2.07
N GLY B 594 0.47 36.09 2.28
CA GLY B 594 -0.45 36.09 1.15
C GLY B 594 -0.32 37.37 0.36
N VAL B 595 -0.13 37.25 -0.95
CA VAL B 595 -0.32 38.39 -1.82
C VAL B 595 -1.80 38.72 -1.85
N SER B 596 -2.12 40.00 -1.76
CA SER B 596 -3.50 40.45 -1.89
C SER B 596 -3.55 41.52 -2.96
N VAL B 597 -4.33 41.27 -4.00
CA VAL B 597 -4.46 42.23 -5.08
C VAL B 597 -5.64 43.13 -4.75
N ILE B 598 -5.35 44.37 -4.41
CA ILE B 598 -6.39 45.35 -4.12
C ILE B 598 -6.73 46.04 -5.43
N THR B 599 -7.99 45.97 -5.81
CA THR B 599 -8.41 46.60 -7.03
C THR B 599 -9.80 47.19 -6.87
N PRO B 600 -10.06 48.32 -7.50
CA PRO B 600 -11.45 48.69 -7.77
C PRO B 600 -11.98 47.70 -8.79
N GLY B 601 -13.25 47.78 -9.15
CA GLY B 601 -13.75 46.90 -10.18
C GLY B 601 -12.91 47.04 -11.44
N THR B 602 -12.67 45.91 -12.12
CA THR B 602 -12.03 46.00 -13.42
C THR B 602 -12.83 46.90 -14.34
N ASN B 603 -14.09 47.13 -14.00
CA ASN B 603 -14.92 48.11 -14.69
C ASN B 603 -14.26 49.48 -14.72
N THR B 604 -13.90 50.00 -13.54
CA THR B 604 -13.41 51.36 -13.45
C THR B 604 -11.96 51.48 -13.87
N SER B 605 -11.14 50.45 -13.64
CA SER B 605 -9.73 50.59 -13.96
C SER B 605 -9.09 49.22 -14.15
N ASN B 606 -7.94 49.23 -14.80
CA ASN B 606 -7.04 48.10 -14.86
C ASN B 606 -5.92 48.17 -13.84
N GLN B 607 -5.92 49.20 -13.00
CA GLN B 607 -4.83 49.45 -12.09
C GLN B 607 -5.05 48.71 -10.78
N VAL B 608 -4.01 48.06 -10.29
CA VAL B 608 -4.09 47.31 -9.05
C VAL B 608 -3.02 47.82 -8.10
N ALA B 609 -3.29 47.68 -6.81
CA ALA B 609 -2.33 47.99 -5.76
C ALA B 609 -2.13 46.71 -4.96
N VAL B 610 -0.95 46.14 -5.04
CA VAL B 610 -0.71 44.86 -4.40
C VAL B 610 -0.34 45.08 -2.95
N LEU B 611 -0.87 44.24 -2.08
CA LEU B 611 -0.51 44.21 -0.67
C LEU B 611 0.20 42.90 -0.37
N TYR B 612 1.49 42.99 -0.08
CA TYR B 612 2.18 41.84 0.50
C TYR B 612 1.90 41.84 1.99
N GLN B 613 1.29 40.77 2.47
CA GLN B 613 0.87 40.75 3.86
C GLN B 613 2.01 40.32 4.77
N ASP B 614 2.19 41.08 5.85
CA ASP B 614 3.04 40.67 6.96
C ASP B 614 4.48 40.45 6.52
N VAL B 615 5.05 41.43 5.81
CA VAL B 615 6.48 41.47 5.55
C VAL B 615 6.93 42.91 5.75
N ASN B 616 8.16 43.06 6.22
CA ASN B 616 8.78 44.36 6.19
C ASN B 616 9.09 44.67 4.73
N CYS B 617 9.15 45.96 4.36
CA CYS B 617 9.31 46.22 2.93
C CYS B 617 10.80 46.24 2.63
N THR B 618 11.31 45.10 2.20
CA THR B 618 12.60 44.94 1.53
C THR B 618 12.39 43.91 0.43
N GLU B 619 12.01 42.69 0.85
CA GLU B 619 12.04 41.48 0.04
C GLU B 619 11.26 41.58 -1.25
N VAL B 620 10.48 42.65 -1.42
CA VAL B 620 9.93 42.98 -2.72
C VAL B 620 10.97 42.87 -3.84
N ASN B 641 5.65 52.70 -6.43
CA ASN B 641 5.54 53.37 -5.16
C ASN B 641 5.31 52.38 -4.03
N VAL B 642 6.00 52.58 -2.90
CA VAL B 642 5.96 51.65 -1.79
C VAL B 642 5.51 52.38 -0.54
N PHE B 643 4.60 51.76 0.21
CA PHE B 643 4.11 52.29 1.47
C PHE B 643 4.05 51.17 2.49
N GLN B 644 4.83 51.29 3.56
CA GLN B 644 4.78 50.33 4.65
C GLN B 644 3.52 50.56 5.47
N THR B 645 2.97 49.48 6.01
CA THR B 645 1.71 49.54 6.73
C THR B 645 1.83 48.78 8.05
N ARG B 646 0.73 48.74 8.77
CA ARG B 646 0.62 47.82 9.89
C ARG B 646 0.27 46.42 9.42
N ALA B 647 -0.47 46.30 8.32
CA ALA B 647 -0.90 44.99 7.83
C ALA B 647 0.21 44.30 7.06
N GLY B 648 0.93 45.04 6.23
CA GLY B 648 1.96 44.43 5.41
C GLY B 648 2.58 45.46 4.50
N CYS B 649 3.24 44.98 3.46
CA CYS B 649 3.92 45.87 2.53
C CYS B 649 2.99 46.13 1.36
N LEU B 650 2.52 47.37 1.25
CA LEU B 650 1.52 47.76 0.26
C LEU B 650 2.20 48.49 -0.87
N ILE B 651 2.12 47.92 -2.07
CA ILE B 651 2.79 48.47 -3.25
C ILE B 651 1.74 49.00 -4.21
N GLY B 652 1.95 50.22 -4.68
CA GLY B 652 1.16 50.73 -5.78
C GLY B 652 0.04 51.65 -5.41
N ALA B 653 -0.05 52.08 -4.15
CA ALA B 653 -1.06 53.04 -3.77
C ALA B 653 -0.42 54.12 -2.91
N GLU B 654 -0.47 55.35 -3.37
CA GLU B 654 0.09 56.45 -2.60
C GLU B 654 -0.68 56.64 -1.31
N HIS B 655 0.06 56.87 -0.23
CA HIS B 655 -0.55 57.11 1.06
C HIS B 655 -1.35 58.40 1.03
N VAL B 656 -2.40 58.48 1.84
CA VAL B 656 -3.19 59.69 2.00
C VAL B 656 -3.41 59.94 3.48
N ASN B 657 -3.26 61.19 3.91
CA ASN B 657 -3.58 61.53 5.28
C ASN B 657 -5.08 61.61 5.51
N ASN B 658 -5.76 62.58 4.91
CA ASN B 658 -7.14 62.88 5.25
C ASN B 658 -7.99 61.63 5.06
N SER B 659 -8.65 61.22 6.13
CA SER B 659 -9.25 59.90 6.21
C SER B 659 -10.73 59.97 5.87
N TYR B 660 -11.19 58.98 5.12
CA TYR B 660 -12.55 58.96 4.62
C TYR B 660 -13.22 57.69 5.11
N GLU B 661 -14.51 57.54 4.81
CA GLU B 661 -15.18 56.33 5.23
C GLU B 661 -14.59 55.14 4.49
N CYS B 662 -14.66 53.98 5.13
CA CYS B 662 -13.99 52.81 4.57
C CYS B 662 -14.62 52.42 3.25
N ASP B 663 -13.80 51.84 2.39
CA ASP B 663 -14.23 51.50 1.04
C ASP B 663 -13.90 50.06 0.73
N ILE B 664 -12.61 49.77 0.61
CA ILE B 664 -12.13 48.40 0.49
C ILE B 664 -11.31 48.11 1.74
N PRO B 665 -11.82 47.31 2.68
CA PRO B 665 -11.04 47.00 3.87
C PRO B 665 -9.77 46.25 3.51
N ILE B 666 -8.74 46.46 4.31
CA ILE B 666 -7.46 45.81 4.09
C ILE B 666 -7.02 45.13 5.39
N GLY B 667 -6.73 45.95 6.39
CA GLY B 667 -6.41 45.44 7.70
C GLY B 667 -5.95 46.58 8.59
N ALA B 668 -6.01 46.37 9.90
CA ALA B 668 -5.57 47.37 10.88
C ALA B 668 -6.15 48.75 10.57
N GLY B 669 -7.38 48.77 10.08
CA GLY B 669 -8.04 50.02 9.77
C GLY B 669 -7.38 50.81 8.66
N ILE B 670 -7.01 50.14 7.57
CA ILE B 670 -6.48 50.78 6.37
C ILE B 670 -7.45 50.43 5.25
N CYS B 671 -8.13 51.43 4.71
CA CYS B 671 -9.12 51.21 3.68
C CYS B 671 -8.72 51.96 2.41
N ALA B 672 -8.70 51.24 1.29
CA ALA B 672 -8.27 51.79 0.02
C ALA B 672 -9.47 52.08 -0.87
N SER B 673 -9.43 53.23 -1.53
CA SER B 673 -10.44 53.59 -2.50
C SER B 673 -9.76 54.13 -3.74
N TYR B 674 -10.52 54.22 -4.83
CA TYR B 674 -9.88 54.42 -6.13
C TYR B 674 -9.55 55.87 -6.42
N GLN B 675 -10.41 56.80 -6.04
CA GLN B 675 -10.34 58.15 -6.60
C GLN B 675 -9.05 58.85 -6.20
N THR B 676 -8.73 59.92 -6.93
CA THR B 676 -7.66 60.84 -6.55
C THR B 676 -7.65 61.14 -5.06
N SER B 689 -5.06 60.93 -14.07
CA SER B 689 -5.63 61.59 -12.91
C SER B 689 -5.64 60.65 -11.71
N GLN B 690 -6.71 59.87 -11.60
CA GLN B 690 -6.94 59.08 -10.40
C GLN B 690 -5.92 57.97 -10.25
N SER B 691 -5.70 57.58 -9.00
CA SER B 691 -4.81 56.49 -8.64
C SER B 691 -5.32 55.87 -7.35
N ILE B 692 -5.11 54.57 -7.21
CA ILE B 692 -5.51 53.88 -5.99
C ILE B 692 -4.78 54.50 -4.80
N ILE B 693 -5.53 54.84 -3.77
CA ILE B 693 -4.91 55.39 -2.57
C ILE B 693 -5.12 54.42 -1.42
N ALA B 694 -4.54 54.73 -0.27
CA ALA B 694 -4.74 53.97 0.93
C ALA B 694 -4.62 54.93 2.10
N TYR B 695 -5.44 54.72 3.12
CA TYR B 695 -5.48 55.68 4.21
C TYR B 695 -6.03 54.99 5.45
N THR B 696 -5.75 55.59 6.60
CA THR B 696 -6.30 55.08 7.84
C THR B 696 -7.81 55.20 7.79
N MET B 697 -8.49 54.09 8.04
CA MET B 697 -9.93 54.07 7.98
C MET B 697 -10.51 55.07 8.96
N SER B 698 -11.34 55.97 8.47
CA SER B 698 -12.07 56.88 9.34
C SER B 698 -13.35 56.21 9.76
N LEU B 699 -13.73 56.40 11.02
CA LEU B 699 -14.91 55.77 11.58
C LEU B 699 -16.02 56.80 11.56
N GLY B 700 -17.00 56.58 10.69
CA GLY B 700 -18.13 57.48 10.65
C GLY B 700 -17.70 58.92 10.42
N ALA B 701 -18.61 59.82 10.75
CA ALA B 701 -18.34 61.25 10.73
C ALA B 701 -18.51 61.80 12.13
N GLU B 702 -17.52 62.54 12.60
CA GLU B 702 -17.54 62.99 13.98
C GLU B 702 -18.72 63.90 14.26
N ASN B 703 -19.28 63.75 15.46
CA ASN B 703 -20.26 64.68 16.00
C ASN B 703 -20.00 64.84 17.49
N SER B 704 -20.27 66.03 18.00
CA SER B 704 -20.25 66.26 19.43
C SER B 704 -21.60 66.88 19.79
N VAL B 705 -22.40 66.13 20.53
CA VAL B 705 -23.76 66.59 20.81
C VAL B 705 -23.69 67.74 21.79
N ALA B 706 -24.27 68.87 21.42
CA ALA B 706 -24.30 69.98 22.35
C ALA B 706 -25.22 69.61 23.49
N TYR B 707 -24.67 69.59 24.70
CA TYR B 707 -25.34 68.97 25.82
C TYR B 707 -25.28 69.89 27.02
N SER B 708 -26.40 70.01 27.71
CA SER B 708 -26.39 70.65 29.00
C SER B 708 -27.60 70.18 29.78
N ASN B 709 -27.50 70.31 31.09
CA ASN B 709 -28.46 69.70 32.00
C ASN B 709 -29.87 70.22 31.83
N ASN B 710 -30.04 71.40 31.23
CA ASN B 710 -31.37 71.88 30.91
C ASN B 710 -31.74 71.72 29.44
N SER B 711 -30.88 71.14 28.62
CA SER B 711 -31.05 71.17 27.18
C SER B 711 -31.74 69.91 26.67
N ILE B 712 -32.90 70.07 26.04
CA ILE B 712 -33.59 68.95 25.41
C ILE B 712 -33.86 69.29 23.96
N ALA B 713 -33.87 68.27 23.11
CA ALA B 713 -34.12 68.43 21.69
C ALA B 713 -35.23 67.50 21.27
N ILE B 714 -36.38 68.07 20.91
CA ILE B 714 -37.57 67.31 20.53
C ILE B 714 -37.74 67.43 19.03
N PRO B 715 -37.88 66.32 18.31
CA PRO B 715 -38.16 66.41 16.88
C PRO B 715 -39.56 66.96 16.63
N THR B 716 -39.66 67.89 15.70
CA THR B 716 -40.94 68.45 15.34
C THR B 716 -41.59 67.74 14.17
N ASN B 717 -40.86 66.84 13.51
CA ASN B 717 -41.35 66.30 12.26
C ASN B 717 -40.63 65.00 11.99
N PHE B 718 -41.19 64.19 11.12
CA PHE B 718 -40.73 62.83 10.96
C PHE B 718 -40.66 62.47 9.50
N THR B 719 -40.03 61.34 9.24
CA THR B 719 -40.06 60.71 7.94
C THR B 719 -40.42 59.25 8.10
N ILE B 720 -40.99 58.67 7.06
CA ILE B 720 -41.38 57.26 7.05
C ILE B 720 -40.51 56.58 6.01
N SER B 721 -39.57 55.76 6.47
CA SER B 721 -38.66 55.09 5.57
C SER B 721 -39.05 53.64 5.44
N VAL B 722 -38.88 53.09 4.25
CA VAL B 722 -39.10 51.68 3.99
C VAL B 722 -37.75 51.06 3.68
N THR B 723 -37.31 50.12 4.52
CA THR B 723 -35.99 49.55 4.41
C THR B 723 -36.10 48.07 4.12
N THR B 724 -35.66 47.67 2.93
CA THR B 724 -35.58 46.27 2.58
C THR B 724 -34.66 45.53 3.53
N GLU B 725 -35.07 44.36 3.97
CA GLU B 725 -34.24 43.46 4.76
C GLU B 725 -34.34 42.07 4.17
N ILE B 726 -33.20 41.46 3.90
CA ILE B 726 -33.13 40.27 3.07
C ILE B 726 -32.55 39.15 3.89
N LEU B 727 -33.18 37.98 3.84
CA LEU B 727 -32.77 36.84 4.63
C LEU B 727 -32.84 35.58 3.79
N PRO B 728 -31.88 34.68 3.94
CA PRO B 728 -32.06 33.33 3.41
C PRO B 728 -33.05 32.59 4.28
N VAL B 729 -33.75 31.64 3.67
CA VAL B 729 -34.73 30.84 4.39
C VAL B 729 -34.42 29.37 4.18
N SER B 730 -34.45 28.94 2.93
CA SER B 730 -34.10 27.58 2.60
C SER B 730 -32.91 27.59 1.64
N MET B 731 -32.24 26.46 1.56
CA MET B 731 -31.18 26.24 0.60
C MET B 731 -31.59 25.10 -0.32
N THR B 732 -30.96 25.05 -1.48
CA THR B 732 -31.34 24.05 -2.48
C THR B 732 -31.24 22.66 -1.89
N LYS B 733 -32.33 21.91 -1.97
CA LYS B 733 -32.36 20.56 -1.43
C LYS B 733 -31.66 19.63 -2.39
N THR B 734 -30.59 19.00 -1.93
CA THR B 734 -29.86 18.06 -2.76
C THR B 734 -29.78 16.71 -2.06
N SER B 735 -29.75 15.66 -2.86
CA SER B 735 -29.59 14.31 -2.35
C SER B 735 -28.64 13.60 -3.29
N VAL B 736 -27.60 13.00 -2.74
CA VAL B 736 -26.54 12.39 -3.52
C VAL B 736 -26.63 10.89 -3.38
N ASP B 737 -26.40 10.18 -4.50
CA ASP B 737 -26.39 8.73 -4.50
C ASP B 737 -24.96 8.28 -4.21
N CYS B 738 -24.76 7.73 -3.02
CA CYS B 738 -23.41 7.45 -2.56
C CYS B 738 -22.77 6.33 -3.38
N THR B 739 -23.50 5.23 -3.58
CA THR B 739 -22.92 4.11 -4.30
C THR B 739 -22.58 4.49 -5.73
N MET B 740 -23.45 5.24 -6.38
CA MET B 740 -23.16 5.63 -7.75
C MET B 740 -22.06 6.67 -7.82
N TYR B 741 -22.19 7.75 -7.05
CA TYR B 741 -21.20 8.81 -7.10
C TYR B 741 -19.80 8.26 -6.90
N ILE B 742 -19.65 7.35 -5.95
CA ILE B 742 -18.35 6.76 -5.72
C ILE B 742 -18.02 5.78 -6.84
N CYS B 743 -18.81 4.74 -6.99
CA CYS B 743 -18.56 3.73 -8.00
C CYS B 743 -19.56 3.93 -9.12
N GLY B 744 -19.09 4.48 -10.24
CA GLY B 744 -19.92 4.53 -11.43
C GLY B 744 -20.01 3.18 -12.10
N ASP B 745 -21.22 2.66 -12.29
CA ASP B 745 -21.47 1.54 -13.20
C ASP B 745 -20.48 0.39 -13.09
N SER B 746 -19.97 0.14 -11.89
CA SER B 746 -19.01 -0.93 -11.69
C SER B 746 -19.39 -1.70 -10.44
N THR B 747 -19.71 -2.98 -10.61
CA THR B 747 -19.89 -3.82 -9.44
C THR B 747 -18.57 -4.04 -8.73
N GLU B 748 -17.47 -4.09 -9.50
CA GLU B 748 -16.15 -4.26 -8.92
C GLU B 748 -15.91 -3.23 -7.82
N CYS B 749 -16.07 -1.97 -8.16
CA CYS B 749 -15.98 -0.92 -7.15
C CYS B 749 -17.12 -1.03 -6.16
N SER B 750 -18.32 -1.36 -6.64
CA SER B 750 -19.49 -1.38 -5.77
C SER B 750 -19.31 -2.39 -4.65
N ASN B 751 -18.71 -3.54 -4.94
CA ASN B 751 -18.49 -4.53 -3.90
C ASN B 751 -17.51 -4.01 -2.85
N LEU B 752 -16.42 -3.38 -3.28
CA LEU B 752 -15.46 -2.82 -2.34
C LEU B 752 -16.12 -1.84 -1.38
N LEU B 753 -17.06 -1.04 -1.88
CA LEU B 753 -17.71 -0.05 -1.03
C LEU B 753 -18.39 -0.70 0.16
N LEU B 754 -18.89 -1.93 -0.01
CA LEU B 754 -19.52 -2.64 1.09
C LEU B 754 -18.57 -2.85 2.25
N GLN B 755 -17.27 -2.82 2.01
CA GLN B 755 -16.31 -3.06 3.06
C GLN B 755 -16.07 -1.84 3.92
N TYR B 756 -16.60 -0.67 3.53
CA TYR B 756 -16.64 0.49 4.39
C TYR B 756 -17.96 0.60 5.14
N GLY B 757 -18.84 -0.37 4.98
CA GLY B 757 -20.02 -0.42 5.82
C GLY B 757 -21.01 0.68 5.54
N SER B 758 -21.39 1.38 6.60
CA SER B 758 -22.55 2.24 6.60
C SER B 758 -22.26 3.67 6.16
N PHE B 759 -21.03 3.96 5.73
CA PHE B 759 -20.74 5.29 5.19
C PHE B 759 -21.75 5.66 4.12
N CYS B 760 -21.93 4.80 3.13
CA CYS B 760 -22.83 5.11 2.03
C CYS B 760 -24.23 5.44 2.56
N THR B 761 -24.74 4.64 3.49
CA THR B 761 -26.10 4.88 3.97
C THR B 761 -26.16 6.11 4.88
N GLN B 762 -25.21 6.24 5.81
CA GLN B 762 -25.29 7.34 6.75
C GLN B 762 -25.14 8.69 6.07
N LEU B 763 -24.58 8.74 4.87
CA LEU B 763 -24.56 9.99 4.13
C LEU B 763 -25.97 10.38 3.69
N ASN B 764 -26.70 9.43 3.12
CA ASN B 764 -28.10 9.70 2.79
C ASN B 764 -28.89 10.08 4.03
N ARG B 765 -28.68 9.36 5.14
CA ARG B 765 -29.32 9.75 6.38
C ARG B 765 -28.95 11.16 6.77
N ALA B 766 -27.72 11.57 6.50
CA ALA B 766 -27.30 12.93 6.81
C ALA B 766 -28.01 13.93 5.91
N LEU B 767 -27.88 13.76 4.59
CA LEU B 767 -28.41 14.75 3.67
C LEU B 767 -29.92 14.83 3.76
N THR B 768 -30.58 13.71 4.00
CA THR B 768 -32.03 13.75 4.16
C THR B 768 -32.42 14.62 5.34
N GLY B 769 -31.68 14.51 6.45
CA GLY B 769 -31.94 15.39 7.58
C GLY B 769 -31.92 16.85 7.18
N ILE B 770 -30.92 17.26 6.40
CA ILE B 770 -30.94 18.58 5.79
C ILE B 770 -32.19 18.74 4.95
N ALA B 771 -32.30 17.93 3.89
CA ALA B 771 -33.36 18.12 2.91
C ALA B 771 -34.74 18.18 3.54
N VAL B 772 -34.96 17.41 4.61
CA VAL B 772 -36.25 17.45 5.29
C VAL B 772 -36.49 18.83 5.90
N GLU B 773 -35.56 19.28 6.75
CA GLU B 773 -35.82 20.50 7.50
C GLU B 773 -35.82 21.73 6.62
N GLN B 774 -35.27 21.66 5.41
CA GLN B 774 -35.38 22.78 4.50
C GLN B 774 -36.83 23.11 4.24
N ASP B 775 -37.64 22.11 3.96
CA ASP B 775 -39.08 22.32 3.82
C ASP B 775 -39.75 22.52 5.15
N LYS B 776 -39.04 22.29 6.27
CA LYS B 776 -39.55 22.72 7.55
C LYS B 776 -39.27 24.20 7.77
N ASN B 777 -38.09 24.66 7.39
CA ASN B 777 -37.78 26.09 7.45
C ASN B 777 -38.82 26.88 6.69
N THR B 778 -38.91 26.65 5.38
CA THR B 778 -39.90 27.32 4.56
C THR B 778 -41.29 27.16 5.13
N GLN B 779 -41.54 26.08 5.85
CA GLN B 779 -42.84 25.89 6.49
C GLN B 779 -43.01 26.82 7.67
N GLU B 780 -42.00 26.90 8.52
CA GLU B 780 -42.11 27.74 9.72
C GLU B 780 -42.23 29.20 9.35
N VAL B 781 -41.38 29.66 8.45
CA VAL B 781 -41.35 31.06 8.06
C VAL B 781 -42.69 31.47 7.46
N PHE B 782 -43.01 30.91 6.29
CA PHE B 782 -44.07 31.50 5.47
C PHE B 782 -45.45 31.19 6.01
N ALA B 783 -45.72 29.95 6.36
CA ALA B 783 -47.07 29.63 6.78
C ALA B 783 -47.08 29.60 8.30
N GLN B 784 -47.41 30.75 8.88
CA GLN B 784 -47.83 30.88 10.25
C GLN B 784 -49.31 31.16 10.36
N VAL B 785 -49.99 31.33 9.23
CA VAL B 785 -51.35 31.80 9.18
C VAL B 785 -52.27 30.63 8.89
N LYS B 786 -53.38 30.58 9.60
CA LYS B 786 -54.28 29.43 9.47
C LYS B 786 -54.98 29.41 8.11
N GLN B 787 -55.42 30.57 7.64
CA GLN B 787 -56.22 30.68 6.44
C GLN B 787 -55.48 31.50 5.41
N ILE B 788 -55.88 31.36 4.15
CA ILE B 788 -55.39 32.24 3.10
C ILE B 788 -56.38 33.38 2.95
N TYR B 789 -55.98 34.56 3.40
CA TYR B 789 -56.73 35.77 3.17
C TYR B 789 -56.41 36.32 1.78
N LYS B 790 -57.35 37.06 1.22
CA LYS B 790 -57.05 37.76 -0.01
C LYS B 790 -57.58 39.17 0.09
N THR B 791 -56.86 40.11 -0.51
CA THR B 791 -57.22 41.50 -0.46
C THR B 791 -58.64 41.70 -0.99
N PRO B 792 -59.35 42.71 -0.52
CA PRO B 792 -60.67 42.99 -1.05
C PRO B 792 -60.57 43.40 -2.51
N PRO B 793 -61.68 43.37 -3.24
CA PRO B 793 -61.61 43.73 -4.66
C PRO B 793 -61.14 45.15 -4.90
N ILE B 794 -61.59 46.10 -4.09
CA ILE B 794 -61.30 47.51 -4.31
C ILE B 794 -60.35 48.01 -3.23
N LYS B 795 -59.36 48.79 -3.65
CA LYS B 795 -58.31 49.27 -2.77
C LYS B 795 -58.60 50.72 -2.39
N ASP B 796 -59.05 50.95 -1.17
CA ASP B 796 -58.99 52.27 -0.55
C ASP B 796 -58.36 52.10 0.81
N PHE B 797 -57.09 52.49 0.92
CA PHE B 797 -56.37 52.41 2.17
C PHE B 797 -56.17 53.77 2.84
N GLY B 798 -56.74 54.82 2.28
CA GLY B 798 -56.47 56.15 2.78
C GLY B 798 -55.36 56.86 2.08
N GLY B 799 -55.00 56.43 0.88
CA GLY B 799 -53.91 57.02 0.14
C GLY B 799 -52.66 56.16 0.03
N PHE B 800 -52.56 55.07 0.78
CA PHE B 800 -51.38 54.23 0.69
C PHE B 800 -51.57 53.31 -0.50
N ASN B 801 -50.57 53.23 -1.36
CA ASN B 801 -50.70 52.50 -2.62
C ASN B 801 -49.93 51.20 -2.52
N PHE B 802 -50.66 50.09 -2.40
CA PHE B 802 -50.05 48.78 -2.26
C PHE B 802 -49.97 48.02 -3.56
N SER B 803 -50.42 48.60 -4.68
CA SER B 803 -50.33 47.89 -5.95
C SER B 803 -48.91 47.45 -6.23
N GLN B 804 -47.93 48.17 -5.68
CA GLN B 804 -46.56 47.71 -5.74
C GLN B 804 -46.41 46.33 -5.12
N ILE B 805 -46.81 46.21 -3.85
CA ILE B 805 -46.53 45.02 -3.07
C ILE B 805 -47.62 43.96 -3.11
N LEU B 806 -48.77 44.27 -3.64
CA LEU B 806 -49.80 43.24 -3.62
C LEU B 806 -49.69 42.36 -4.86
N PRO B 807 -50.21 41.13 -4.78
CA PRO B 807 -50.12 40.22 -5.91
C PRO B 807 -50.64 40.87 -7.18
N ASP B 808 -49.96 40.60 -8.28
CA ASP B 808 -50.30 41.20 -9.55
C ASP B 808 -51.36 40.34 -10.21
N PRO B 809 -52.60 40.82 -10.34
CA PRO B 809 -53.66 39.97 -10.89
C PRO B 809 -53.42 39.56 -12.33
N SER B 810 -52.57 40.28 -13.06
CA SER B 810 -52.35 40.02 -14.47
C SER B 810 -51.13 39.15 -14.74
N LYS B 811 -50.43 38.74 -13.75
CA LYS B 811 -49.38 37.79 -14.08
C LYS B 811 -49.93 36.36 -14.02
N PRO B 812 -49.43 35.47 -14.88
CA PRO B 812 -49.90 34.07 -14.80
C PRO B 812 -49.58 33.42 -13.46
N SER B 813 -48.35 33.56 -12.99
CA SER B 813 -48.02 33.28 -11.59
C SER B 813 -48.16 34.59 -10.85
N LYS B 814 -49.14 34.67 -9.96
CA LYS B 814 -49.43 35.95 -9.36
C LYS B 814 -48.37 36.24 -8.31
N ARG B 815 -47.58 37.27 -8.58
CA ARG B 815 -46.51 37.71 -7.69
C ARG B 815 -46.43 39.22 -7.79
N SER B 816 -46.30 39.87 -6.65
CA SER B 816 -46.33 41.33 -6.62
C SER B 816 -45.24 41.90 -7.51
N PHE B 817 -45.52 43.09 -8.04
CA PHE B 817 -44.61 43.72 -8.99
C PHE B 817 -43.16 43.68 -8.49
N ILE B 818 -42.97 43.89 -7.20
CA ILE B 818 -41.61 43.88 -6.65
C ILE B 818 -40.97 42.51 -6.80
N GLU B 819 -41.70 41.46 -6.42
CA GLU B 819 -41.09 40.14 -6.38
C GLU B 819 -40.49 39.75 -7.72
N ASP B 820 -41.04 40.26 -8.82
CA ASP B 820 -40.44 39.97 -10.12
C ASP B 820 -39.06 40.60 -10.24
N LEU B 821 -38.88 41.80 -9.69
CA LEU B 821 -37.54 42.38 -9.66
C LEU B 821 -36.56 41.46 -8.99
N LEU B 822 -37.01 40.74 -7.95
CA LEU B 822 -36.12 39.87 -7.21
C LEU B 822 -35.80 38.61 -7.99
N PHE B 823 -36.81 37.95 -8.55
CA PHE B 823 -36.58 36.70 -9.26
C PHE B 823 -35.72 36.89 -10.50
N ASN B 824 -35.60 38.12 -11.00
CA ASN B 824 -34.70 38.34 -12.12
C ASN B 824 -33.26 38.46 -11.64
N LYS B 825 -33.04 39.16 -10.53
CA LYS B 825 -31.69 39.33 -10.02
C LYS B 825 -31.05 37.99 -9.68
N VAL B 826 -31.70 37.23 -8.80
CA VAL B 826 -31.19 35.92 -8.43
C VAL B 826 -31.29 34.97 -9.63
N THR B 827 -30.40 34.00 -9.67
CA THR B 827 -30.43 32.99 -10.72
C THR B 827 -30.46 31.59 -10.14
N ASP B 848 -24.83 22.68 -18.36
CA ASP B 848 -25.04 23.60 -17.25
C ASP B 848 -24.97 22.87 -15.92
N LEU B 849 -25.47 23.51 -14.86
CA LEU B 849 -25.57 22.78 -13.56
C LEU B 849 -26.90 22.03 -13.59
N ILE B 850 -27.67 22.21 -14.66
CA ILE B 850 -29.04 21.59 -14.76
C ILE B 850 -28.97 20.06 -14.77
N CYS B 851 -28.05 19.44 -15.52
CA CYS B 851 -28.05 17.95 -15.64
C CYS B 851 -26.67 17.38 -15.34
N ALA B 852 -25.60 18.17 -15.50
CA ALA B 852 -24.23 17.77 -15.23
C ALA B 852 -24.10 17.10 -13.85
N GLN B 853 -24.42 17.86 -12.80
CA GLN B 853 -24.53 17.27 -11.48
C GLN B 853 -25.39 16.02 -11.53
N LYS B 854 -26.55 16.12 -12.17
CA LYS B 854 -27.50 15.02 -12.25
C LYS B 854 -26.96 13.84 -13.04
N PHE B 855 -25.79 13.98 -13.68
CA PHE B 855 -25.14 12.82 -14.26
C PHE B 855 -24.77 11.81 -13.17
N ASN B 856 -23.99 12.24 -12.20
CA ASN B 856 -23.26 11.34 -11.32
C ASN B 856 -24.04 10.93 -10.08
N GLY B 857 -25.30 11.32 -9.98
CA GLY B 857 -26.06 11.06 -8.78
C GLY B 857 -26.20 12.24 -7.87
N LEU B 858 -25.85 13.43 -8.34
CA LEU B 858 -26.11 14.65 -7.60
C LEU B 858 -27.46 15.15 -8.06
N THR B 859 -28.46 15.06 -7.20
CA THR B 859 -29.82 15.37 -7.58
C THR B 859 -30.27 16.62 -6.83
N VAL B 860 -31.12 17.40 -7.48
CA VAL B 860 -31.74 18.57 -6.88
C VAL B 860 -33.21 18.25 -6.73
N LEU B 861 -33.64 18.02 -5.50
CA LEU B 861 -35.03 17.70 -5.32
C LEU B 861 -35.86 18.97 -5.32
N PRO B 862 -37.09 18.90 -5.80
CA PRO B 862 -37.94 20.08 -5.84
C PRO B 862 -38.33 20.49 -4.44
N PRO B 863 -38.25 21.78 -4.13
CA PRO B 863 -38.76 22.24 -2.83
C PRO B 863 -40.24 21.95 -2.73
N LEU B 864 -40.64 21.44 -1.57
CA LEU B 864 -42.03 21.01 -1.39
C LEU B 864 -43.02 22.07 -1.83
N LEU B 865 -42.72 23.34 -1.53
CA LEU B 865 -43.63 24.44 -1.84
C LEU B 865 -43.17 25.11 -3.12
N THR B 866 -44.03 25.10 -4.13
CA THR B 866 -43.72 25.83 -5.35
C THR B 866 -43.70 27.32 -5.07
N ASP B 867 -42.95 28.05 -5.90
CA ASP B 867 -42.86 29.49 -5.72
C ASP B 867 -44.23 30.14 -5.77
N GLU B 868 -45.13 29.62 -6.60
CA GLU B 868 -46.47 30.19 -6.67
C GLU B 868 -47.19 30.04 -5.34
N MET B 869 -46.90 28.98 -4.60
CA MET B 869 -47.50 28.83 -3.29
C MET B 869 -46.90 29.81 -2.31
N ILE B 870 -45.58 29.94 -2.33
CA ILE B 870 -44.91 30.91 -1.47
C ILE B 870 -45.52 32.29 -1.67
N ALA B 871 -45.85 32.62 -2.91
CA ALA B 871 -46.49 33.89 -3.20
C ALA B 871 -47.93 33.95 -2.74
N GLN B 872 -48.56 32.82 -2.43
CA GLN B 872 -49.89 32.90 -1.84
C GLN B 872 -49.82 33.16 -0.34
N TYR B 873 -48.92 32.48 0.36
CA TYR B 873 -48.66 32.84 1.75
C TYR B 873 -48.35 34.32 1.87
N THR B 874 -47.25 34.75 1.27
CA THR B 874 -46.87 36.16 1.37
C THR B 874 -47.94 37.08 0.80
N SER B 875 -48.94 36.55 0.10
CA SER B 875 -50.14 37.32 -0.15
C SER B 875 -51.03 37.33 1.08
N ALA B 876 -51.29 36.15 1.65
CA ALA B 876 -52.12 36.06 2.84
C ALA B 876 -51.57 36.95 3.95
N LEU B 877 -50.36 36.64 4.41
CA LEU B 877 -49.72 37.45 5.45
C LEU B 877 -49.82 38.92 5.13
N LEU B 878 -49.63 39.28 3.86
CA LEU B 878 -49.76 40.66 3.48
C LEU B 878 -51.22 41.07 3.32
N ALA B 879 -52.12 40.15 3.03
CA ALA B 879 -53.52 40.55 2.95
C ALA B 879 -54.11 40.78 4.33
N GLY B 880 -53.73 39.94 5.30
CA GLY B 880 -54.26 40.13 6.65
C GLY B 880 -53.61 41.32 7.34
N THR B 881 -52.32 41.53 7.11
CA THR B 881 -51.64 42.67 7.70
C THR B 881 -52.33 43.97 7.33
N ILE B 882 -52.74 44.08 6.07
CA ILE B 882 -53.34 45.33 5.60
C ILE B 882 -54.74 45.49 6.17
N THR B 883 -55.59 44.50 5.96
CA THR B 883 -56.98 44.64 6.36
C THR B 883 -57.15 44.46 7.86
N SER B 884 -56.62 43.37 8.40
CA SER B 884 -56.97 42.90 9.73
C SER B 884 -56.05 43.39 10.83
N GLY B 885 -55.08 44.23 10.51
CA GLY B 885 -54.16 44.67 11.55
C GLY B 885 -53.23 43.55 11.95
N TRP B 886 -52.94 43.47 13.24
CA TRP B 886 -52.10 42.39 13.75
C TRP B 886 -52.91 41.25 14.34
N THR B 887 -54.22 41.36 14.40
CA THR B 887 -55.01 40.39 15.15
C THR B 887 -55.07 39.05 14.46
N PHE B 888 -54.75 38.96 13.17
CA PHE B 888 -54.91 37.67 12.50
C PHE B 888 -53.88 36.67 12.97
N GLY B 889 -52.77 37.13 13.55
CA GLY B 889 -51.83 36.20 14.14
C GLY B 889 -52.28 35.65 15.46
N ALA B 890 -53.17 36.34 16.16
CA ALA B 890 -53.67 35.91 17.46
C ALA B 890 -54.99 35.16 17.37
N GLY B 891 -55.52 34.93 16.19
CA GLY B 891 -56.81 34.31 16.10
C GLY B 891 -57.48 34.68 14.78
N ALA B 892 -58.81 34.66 14.79
CA ALA B 892 -59.57 35.08 13.64
C ALA B 892 -59.25 36.52 13.29
N ALA B 893 -58.98 36.76 12.01
CA ALA B 893 -58.66 38.11 11.57
C ALA B 893 -59.84 39.04 11.82
N LEU B 894 -59.53 40.30 12.16
CA LEU B 894 -60.55 41.28 12.48
C LEU B 894 -60.40 42.45 11.53
N GLN B 895 -61.37 42.64 10.63
CA GLN B 895 -61.27 43.76 9.72
C GLN B 895 -61.24 45.05 10.52
N ILE B 896 -60.31 45.92 10.18
CA ILE B 896 -60.21 47.22 10.85
C ILE B 896 -59.78 48.23 9.80
N PRO B 897 -60.29 49.46 9.84
CA PRO B 897 -59.89 50.44 8.83
C PRO B 897 -58.40 50.67 8.89
N PHE B 898 -57.75 50.57 7.74
CA PHE B 898 -56.30 50.63 7.73
C PHE B 898 -55.80 51.91 8.37
N ALA B 899 -56.44 53.04 8.07
CA ALA B 899 -56.04 54.29 8.70
C ALA B 899 -56.25 54.24 10.21
N MET B 900 -57.20 53.44 10.68
CA MET B 900 -57.32 53.22 12.12
C MET B 900 -56.41 52.13 12.62
N GLN B 901 -55.79 51.37 11.73
CA GLN B 901 -54.68 50.53 12.16
C GLN B 901 -53.47 51.38 12.51
N MET B 902 -53.06 52.26 11.59
CA MET B 902 -51.89 53.07 11.81
C MET B 902 -52.01 54.00 13.00
N ALA B 903 -53.21 54.25 13.50
CA ALA B 903 -53.30 55.00 14.74
C ALA B 903 -52.76 54.18 15.89
N TYR B 904 -52.96 52.86 15.85
CA TYR B 904 -52.38 52.04 16.90
C TYR B 904 -50.88 51.98 16.78
N ARG B 905 -50.40 51.63 15.58
CA ARG B 905 -48.97 51.45 15.41
C ARG B 905 -48.17 52.71 15.72
N PHE B 906 -48.82 53.87 15.78
CA PHE B 906 -48.15 55.02 16.38
C PHE B 906 -48.18 54.96 17.90
N ASN B 907 -49.32 54.61 18.49
CA ASN B 907 -49.35 54.41 19.93
C ASN B 907 -48.31 53.40 20.35
N GLY B 908 -48.03 52.40 19.50
CA GLY B 908 -46.99 51.46 19.82
C GLY B 908 -45.64 52.11 20.01
N ILE B 909 -45.30 53.09 19.17
CA ILE B 909 -44.02 53.76 19.23
C ILE B 909 -44.07 55.02 20.05
N GLY B 910 -45.20 55.32 20.68
CA GLY B 910 -45.27 56.44 21.57
C GLY B 910 -45.73 57.74 20.95
N VAL B 911 -45.97 57.76 19.64
CA VAL B 911 -46.52 58.94 18.99
C VAL B 911 -48.03 58.86 19.11
N THR B 912 -48.63 59.87 19.75
CA THR B 912 -50.06 59.86 19.92
C THR B 912 -50.75 59.88 18.57
N GLN B 913 -51.86 59.13 18.48
CA GLN B 913 -52.56 58.92 17.24
C GLN B 913 -53.04 60.22 16.59
N ASN B 914 -53.21 61.29 17.36
CA ASN B 914 -53.65 62.54 16.75
C ASN B 914 -52.66 63.04 15.72
N VAL B 915 -51.44 62.50 15.72
CA VAL B 915 -50.47 62.90 14.66
C VAL B 915 -50.98 62.35 13.32
N LEU B 916 -51.27 61.06 13.24
CA LEU B 916 -51.67 60.43 11.94
C LEU B 916 -53.00 61.02 11.43
N TYR B 917 -54.01 61.19 12.29
CA TYR B 917 -55.33 61.65 11.80
C TYR B 917 -55.20 63.04 11.19
N GLU B 918 -54.13 63.75 11.55
CA GLU B 918 -53.88 65.08 11.03
C GLU B 918 -52.90 65.07 9.88
N ASN B 919 -51.90 64.19 9.93
CA ASN B 919 -50.86 64.13 8.91
C ASN B 919 -51.12 63.07 7.86
N GLN B 920 -52.30 62.45 7.87
CA GLN B 920 -52.53 61.26 7.04
C GLN B 920 -52.10 61.48 5.59
N LYS B 921 -52.60 62.55 4.96
CA LYS B 921 -52.27 62.80 3.57
C LYS B 921 -50.76 62.85 3.36
N LEU B 922 -50.07 63.61 4.20
CA LEU B 922 -48.61 63.65 4.12
C LEU B 922 -48.02 62.26 4.26
N ILE B 923 -48.40 61.55 5.32
CA ILE B 923 -47.84 60.23 5.56
C ILE B 923 -48.11 59.31 4.38
N ALA B 924 -49.24 59.52 3.71
CA ALA B 924 -49.53 58.73 2.52
C ALA B 924 -48.44 58.90 1.49
N ASN B 925 -48.12 60.14 1.13
CA ASN B 925 -47.13 60.39 0.09
C ASN B 925 -45.77 59.86 0.49
N GLN B 926 -45.33 60.15 1.72
CA GLN B 926 -44.06 59.64 2.19
C GLN B 926 -44.00 58.14 2.07
N PHE B 927 -45.10 57.47 2.39
CA PHE B 927 -45.11 56.02 2.23
C PHE B 927 -44.93 55.65 0.77
N ASN B 928 -45.82 56.15 -0.10
CA ASN B 928 -45.80 55.76 -1.50
C ASN B 928 -44.47 56.07 -2.14
N SER B 929 -44.00 57.31 -1.97
CA SER B 929 -42.71 57.68 -2.54
C SER B 929 -41.58 56.86 -1.96
N ALA B 930 -41.76 56.34 -0.75
CA ALA B 930 -40.77 55.42 -0.21
C ALA B 930 -40.83 54.08 -0.92
N ILE B 931 -42.03 53.59 -1.19
CA ILE B 931 -42.16 52.31 -1.88
C ILE B 931 -41.51 52.39 -3.25
N GLY B 932 -41.72 53.50 -3.96
CA GLY B 932 -41.17 53.63 -5.29
C GLY B 932 -39.68 53.39 -5.32
N LYS B 933 -38.94 54.07 -4.44
CA LYS B 933 -37.49 53.93 -4.42
C LYS B 933 -37.05 52.52 -4.09
N ILE B 934 -37.91 51.72 -3.48
CA ILE B 934 -37.54 50.33 -3.23
C ILE B 934 -37.36 49.59 -4.53
N GLN B 935 -38.15 49.94 -5.53
CA GLN B 935 -37.98 49.36 -6.86
C GLN B 935 -36.56 49.61 -7.37
N ASP B 936 -36.16 50.87 -7.44
CA ASP B 936 -34.87 51.21 -8.02
C ASP B 936 -33.73 50.74 -7.13
N SER B 937 -33.92 50.79 -5.81
CA SER B 937 -32.94 50.20 -4.91
C SER B 937 -32.62 48.77 -5.31
N LEU B 938 -33.65 48.01 -5.67
CA LEU B 938 -33.44 46.69 -6.22
C LEU B 938 -33.11 46.76 -7.71
N SER B 939 -33.81 47.63 -8.44
CA SER B 939 -33.71 47.60 -9.89
C SER B 939 -32.32 47.99 -10.37
N SER B 940 -31.72 49.00 -9.74
CA SER B 940 -30.49 49.60 -10.25
C SER B 940 -29.22 49.03 -9.62
N THR B 941 -29.34 48.13 -8.65
CA THR B 941 -28.17 47.55 -8.01
C THR B 941 -28.41 46.07 -7.77
N ALA B 942 -27.46 45.24 -8.20
CA ALA B 942 -27.58 43.79 -8.08
C ALA B 942 -26.92 43.23 -6.83
N SER B 943 -26.30 44.07 -6.00
CA SER B 943 -25.60 43.60 -4.80
C SER B 943 -26.49 43.55 -3.57
N ALA B 944 -27.71 44.09 -3.62
CA ALA B 944 -28.57 44.05 -2.45
C ALA B 944 -28.94 42.64 -2.08
N LEU B 945 -29.08 41.76 -3.07
CA LEU B 945 -29.48 40.39 -2.86
C LEU B 945 -28.31 39.46 -2.61
N GLY B 946 -27.11 40.02 -2.42
CA GLY B 946 -25.94 39.19 -2.24
C GLY B 946 -26.15 38.06 -1.24
N LYS B 947 -26.84 38.35 -0.14
CA LYS B 947 -27.09 37.32 0.86
C LYS B 947 -27.70 36.08 0.25
N LEU B 948 -28.81 36.25 -0.47
CA LEU B 948 -29.37 35.15 -1.24
C LEU B 948 -28.36 34.66 -2.27
N GLN B 949 -27.80 35.59 -3.06
CA GLN B 949 -26.91 35.20 -4.14
C GLN B 949 -25.72 34.41 -3.61
N ASP B 950 -25.25 34.74 -2.41
CA ASP B 950 -24.14 33.98 -1.84
C ASP B 950 -24.57 32.57 -1.50
N VAL B 951 -25.75 32.40 -0.92
CA VAL B 951 -26.24 31.07 -0.60
C VAL B 951 -26.30 30.20 -1.84
N VAL B 952 -26.94 30.71 -2.90
CA VAL B 952 -27.11 29.92 -4.11
C VAL B 952 -25.75 29.57 -4.71
N ASN B 953 -24.83 30.52 -4.72
CA ASN B 953 -23.50 30.26 -5.27
C ASN B 953 -22.79 29.17 -4.49
N GLN B 954 -22.69 29.33 -3.17
CA GLN B 954 -21.95 28.38 -2.37
C GLN B 954 -22.47 26.97 -2.54
N ASN B 955 -23.78 26.82 -2.68
CA ASN B 955 -24.34 25.50 -2.98
C ASN B 955 -23.84 25.00 -4.32
N ALA B 956 -24.08 25.78 -5.38
CA ALA B 956 -23.57 25.40 -6.69
C ALA B 956 -22.06 25.34 -6.69
N GLN B 957 -21.40 26.12 -5.83
CA GLN B 957 -19.96 26.03 -5.71
C GLN B 957 -19.52 24.62 -5.33
N ALA B 958 -19.89 24.19 -4.12
CA ALA B 958 -19.39 22.90 -3.63
C ALA B 958 -19.77 21.77 -4.57
N LEU B 959 -20.94 21.85 -5.21
CA LEU B 959 -21.31 20.83 -6.17
C LEU B 959 -20.27 20.74 -7.29
N ASN B 960 -19.90 21.88 -7.88
CA ASN B 960 -18.82 21.88 -8.85
C ASN B 960 -17.58 21.23 -8.28
N THR B 961 -17.13 21.70 -7.12
CA THR B 961 -15.99 21.08 -6.46
C THR B 961 -16.20 19.60 -6.28
N LEU B 962 -17.38 19.22 -5.77
CA LEU B 962 -17.66 17.81 -5.55
C LEU B 962 -17.56 17.03 -6.84
N VAL B 963 -18.04 17.61 -7.94
CA VAL B 963 -17.93 16.95 -9.23
C VAL B 963 -16.48 16.85 -9.67
N LYS B 964 -15.77 17.97 -9.64
CA LYS B 964 -14.38 17.97 -10.09
C LYS B 964 -13.54 16.98 -9.32
N GLN B 965 -13.94 16.62 -8.11
CA GLN B 965 -13.22 15.58 -7.39
C GLN B 965 -13.29 14.24 -8.08
N LEU B 966 -14.26 14.03 -8.96
CA LEU B 966 -14.31 12.78 -9.69
C LEU B 966 -13.13 12.63 -10.63
N SER B 967 -12.60 13.74 -11.13
CA SER B 967 -11.55 13.69 -12.12
C SER B 967 -10.15 13.67 -11.51
N SER B 968 -10.03 13.60 -10.19
CA SER B 968 -8.73 13.62 -9.55
C SER B 968 -8.21 12.20 -9.34
N ASN B 969 -6.90 12.04 -9.48
CA ASN B 969 -6.31 10.71 -9.40
C ASN B 969 -6.35 10.16 -7.99
N PHE B 970 -6.18 11.03 -6.99
CA PHE B 970 -6.11 10.59 -5.60
C PHE B 970 -5.03 9.53 -5.39
N GLY B 971 -3.98 9.60 -6.19
CA GLY B 971 -2.93 8.61 -6.15
C GLY B 971 -3.16 7.40 -7.02
N ALA B 972 -4.39 7.16 -7.43
CA ALA B 972 -4.67 6.05 -8.34
C ALA B 972 -4.16 6.40 -9.74
N ILE B 973 -4.01 5.36 -10.56
CA ILE B 973 -3.41 5.53 -11.88
C ILE B 973 -4.27 6.37 -12.80
N SER B 974 -5.59 6.41 -12.60
CA SER B 974 -6.44 7.26 -13.41
C SER B 974 -7.73 7.54 -12.67
N SER B 975 -8.43 8.58 -13.13
CA SER B 975 -9.68 8.98 -12.50
C SER B 975 -10.90 8.32 -13.13
N VAL B 976 -10.73 7.58 -14.22
CA VAL B 976 -11.82 6.83 -14.81
C VAL B 976 -11.86 5.46 -14.16
N LEU B 977 -12.96 5.16 -13.48
CA LEU B 977 -13.04 3.95 -12.69
C LEU B 977 -12.87 2.70 -13.55
N ASN B 978 -13.23 2.78 -14.82
CA ASN B 978 -13.13 1.62 -15.69
C ASN B 978 -11.71 1.39 -16.18
N ASP B 979 -10.95 2.47 -16.41
CA ASP B 979 -9.59 2.32 -16.92
C ASP B 979 -8.74 1.50 -15.99
N ILE B 980 -8.84 1.75 -14.68
CA ILE B 980 -8.15 0.92 -13.72
C ILE B 980 -8.57 -0.53 -13.87
N LEU B 981 -9.84 -0.76 -14.16
CA LEU B 981 -10.29 -2.12 -14.40
C LEU B 981 -9.86 -2.62 -15.77
N SER B 982 -9.77 -1.73 -16.75
CA SER B 982 -9.40 -2.17 -18.09
C SER B 982 -7.93 -2.53 -18.17
N ARG B 983 -7.06 -1.63 -17.71
CA ARG B 983 -5.63 -1.87 -17.87
C ARG B 983 -5.15 -3.00 -17.00
N LEU B 984 -5.49 -2.98 -15.73
CA LEU B 984 -4.85 -3.83 -14.75
C LEU B 984 -5.72 -5.04 -14.43
N ASP B 985 -5.05 -6.15 -14.16
CA ASP B 985 -5.72 -7.29 -13.57
C ASP B 985 -6.30 -6.90 -12.21
N LYS B 986 -7.38 -7.53 -11.83
CA LYS B 986 -8.03 -7.05 -10.60
C LYS B 986 -7.11 -7.14 -9.40
N VAL B 987 -6.45 -8.27 -9.20
CA VAL B 987 -5.69 -8.45 -7.94
C VAL B 987 -5.11 -7.11 -7.49
N GLU B 988 -4.43 -6.42 -8.38
CA GLU B 988 -3.77 -5.16 -8.07
C GLU B 988 -4.75 -4.00 -8.15
N ALA B 989 -5.63 -4.01 -9.15
CA ALA B 989 -6.58 -2.92 -9.32
C ALA B 989 -7.43 -2.69 -8.08
N GLU B 990 -7.58 -3.71 -7.24
CA GLU B 990 -8.26 -3.53 -5.96
C GLU B 990 -7.62 -2.40 -5.17
N VAL B 991 -6.30 -2.46 -5.00
CA VAL B 991 -5.60 -1.46 -4.21
C VAL B 991 -5.75 -0.09 -4.84
N GLN B 992 -5.70 -0.03 -6.17
CA GLN B 992 -5.89 1.25 -6.85
C GLN B 992 -7.25 1.85 -6.53
N ILE B 993 -8.31 1.08 -6.76
CA ILE B 993 -9.66 1.61 -6.58
C ILE B 993 -9.88 2.10 -5.15
N ASP B 994 -9.17 1.51 -4.19
CA ASP B 994 -9.20 2.05 -2.84
C ASP B 994 -8.86 3.53 -2.85
N ARG B 995 -7.71 3.88 -3.43
CA ARG B 995 -7.31 5.27 -3.44
C ARG B 995 -8.35 6.15 -4.12
N LEU B 996 -9.06 5.63 -5.12
CA LEU B 996 -10.20 6.36 -5.63
C LEU B 996 -11.31 6.42 -4.58
N ILE B 997 -11.73 5.27 -4.09
CA ILE B 997 -12.84 5.25 -3.14
C ILE B 997 -12.48 6.05 -1.91
N THR B 998 -11.38 5.69 -1.25
CA THR B 998 -10.95 6.43 -0.07
C THR B 998 -10.92 7.92 -0.36
N GLY B 999 -10.40 8.29 -1.52
CA GLY B 999 -10.41 9.69 -1.89
C GLY B 999 -11.83 10.21 -2.07
N ARG B 1000 -12.60 9.57 -2.94
CA ARG B 1000 -13.95 10.06 -3.21
C ARG B 1000 -14.83 9.96 -1.97
N LEU B 1001 -14.84 8.79 -1.34
CA LEU B 1001 -15.68 8.61 -0.15
C LEU B 1001 -15.38 9.65 0.90
N GLN B 1002 -14.09 9.94 1.11
CA GLN B 1002 -13.75 11.09 1.93
C GLN B 1002 -14.34 12.37 1.35
N SER B 1003 -14.17 12.56 0.05
CA SER B 1003 -14.59 13.81 -0.57
C SER B 1003 -16.08 14.06 -0.42
N LEU B 1004 -16.87 13.01 -0.23
CA LEU B 1004 -18.27 13.22 0.11
C LEU B 1004 -18.39 13.77 1.52
N GLN B 1005 -17.75 13.10 2.49
CA GLN B 1005 -17.88 13.54 3.87
C GLN B 1005 -17.48 14.99 4.02
N THR B 1006 -16.47 15.42 3.26
CA THR B 1006 -16.17 16.84 3.20
C THR B 1006 -17.39 17.62 2.74
N TYR B 1007 -17.95 17.24 1.59
CA TYR B 1007 -19.12 17.96 1.09
C TYR B 1007 -20.28 17.87 2.06
N VAL B 1008 -20.55 16.67 2.57
CA VAL B 1008 -21.69 16.51 3.48
C VAL B 1008 -21.49 17.38 4.71
N THR B 1009 -20.32 17.32 5.31
CA THR B 1009 -20.07 18.11 6.51
C THR B 1009 -20.26 19.58 6.23
N GLN B 1010 -19.81 20.05 5.07
CA GLN B 1010 -20.04 21.45 4.71
C GLN B 1010 -21.52 21.76 4.71
N GLN B 1011 -22.32 20.92 4.05
CA GLN B 1011 -23.75 21.18 3.97
C GLN B 1011 -24.36 21.22 5.36
N LEU B 1012 -24.04 20.25 6.20
CA LEU B 1012 -24.53 20.25 7.56
C LEU B 1012 -24.22 21.56 8.26
N ILE B 1013 -22.96 21.97 8.21
CA ILE B 1013 -22.57 23.23 8.84
C ILE B 1013 -23.31 24.38 8.19
N ARG B 1014 -23.31 24.41 6.85
CA ARG B 1014 -23.95 25.52 6.17
C ARG B 1014 -25.45 25.54 6.43
N ALA B 1015 -26.09 24.37 6.43
CA ALA B 1015 -27.51 24.34 6.75
C ALA B 1015 -27.77 24.84 8.15
N ALA B 1016 -26.89 24.51 9.09
CA ALA B 1016 -27.07 24.98 10.46
C ALA B 1016 -27.02 26.49 10.53
N GLU B 1017 -26.31 27.13 9.61
CA GLU B 1017 -26.40 28.58 9.51
C GLU B 1017 -27.76 29.01 9.01
N ILE B 1018 -28.19 28.45 7.88
CA ILE B 1018 -29.51 28.76 7.35
C ILE B 1018 -30.57 28.47 8.40
N ARG B 1019 -30.47 27.32 9.06
CA ARG B 1019 -31.39 27.00 10.14
C ARG B 1019 -31.44 28.11 11.16
N ALA B 1020 -30.31 28.76 11.44
CA ALA B 1020 -30.31 29.90 12.33
C ALA B 1020 -30.95 31.11 11.66
N SER B 1021 -30.62 31.34 10.40
CA SER B 1021 -31.22 32.46 9.68
C SER B 1021 -32.72 32.26 9.51
N ALA B 1022 -33.15 31.02 9.30
CA ALA B 1022 -34.58 30.77 9.15
C ALA B 1022 -35.35 31.19 10.38
N ASN B 1023 -34.85 30.84 11.57
CA ASN B 1023 -35.51 31.25 12.80
C ASN B 1023 -35.56 32.76 12.91
N LEU B 1024 -34.48 33.43 12.50
CA LEU B 1024 -34.49 34.88 12.51
C LEU B 1024 -35.63 35.42 11.66
N ALA B 1025 -35.85 34.82 10.49
CA ALA B 1025 -37.00 35.20 9.69
C ALA B 1025 -38.29 34.88 10.42
N ALA B 1026 -38.47 33.61 10.79
CA ALA B 1026 -39.68 33.20 11.50
C ALA B 1026 -39.92 34.04 12.73
N THR B 1027 -38.85 34.54 13.35
CA THR B 1027 -39.01 35.45 14.46
C THR B 1027 -39.54 36.80 13.96
N LYS B 1028 -38.90 37.35 12.94
CA LYS B 1028 -39.37 38.61 12.37
C LYS B 1028 -40.78 38.44 11.83
N MET B 1029 -41.00 37.42 11.00
CA MET B 1029 -42.32 37.19 10.44
C MET B 1029 -43.38 37.17 11.51
N SER B 1030 -43.11 36.52 12.63
CA SER B 1030 -44.08 36.48 13.71
C SER B 1030 -44.15 37.82 14.41
N GLU B 1031 -43.02 38.34 14.86
CA GLU B 1031 -43.06 39.54 15.68
C GLU B 1031 -43.24 40.79 14.83
N CYS B 1032 -42.46 40.91 13.76
CA CYS B 1032 -42.42 42.16 13.02
C CYS B 1032 -43.65 42.27 12.12
N VAL B 1033 -43.83 41.33 11.19
CA VAL B 1033 -44.99 41.35 10.30
C VAL B 1033 -46.28 41.19 11.09
N LEU B 1034 -46.42 40.05 11.77
CA LEU B 1034 -47.72 39.74 12.39
C LEU B 1034 -48.03 40.66 13.54
N GLY B 1035 -47.04 41.06 14.32
CA GLY B 1035 -47.27 42.00 15.39
C GLY B 1035 -46.66 43.35 15.11
N GLN B 1036 -46.35 44.09 16.15
CA GLN B 1036 -45.51 45.27 16.05
C GLN B 1036 -44.38 45.13 17.04
N SER B 1037 -43.15 45.31 16.59
CA SER B 1037 -41.99 45.01 17.41
C SER B 1037 -41.60 46.20 18.27
N LYS B 1038 -41.37 45.94 19.54
CA LYS B 1038 -40.80 46.91 20.45
C LYS B 1038 -39.30 46.77 20.58
N ARG B 1039 -38.69 45.83 19.88
CA ARG B 1039 -37.27 45.57 19.99
C ARG B 1039 -36.53 46.55 19.09
N VAL B 1040 -35.69 47.39 19.69
CA VAL B 1040 -35.07 48.45 18.93
C VAL B 1040 -34.13 47.86 17.89
N ASP B 1041 -34.31 48.28 16.64
CA ASP B 1041 -33.46 47.90 15.52
C ASP B 1041 -33.42 46.41 15.30
N PHE B 1042 -34.45 45.70 15.76
CA PHE B 1042 -34.62 44.33 15.32
C PHE B 1042 -35.29 44.29 13.95
N CYS B 1043 -36.26 45.15 13.73
CA CYS B 1043 -36.92 45.29 12.45
C CYS B 1043 -36.22 46.27 11.53
N GLY B 1044 -35.06 46.78 11.91
CA GLY B 1044 -34.42 47.77 11.07
C GLY B 1044 -34.52 49.16 11.68
N LYS B 1045 -33.57 50.00 11.31
CA LYS B 1045 -33.34 51.26 12.01
C LYS B 1045 -34.60 52.10 12.07
N GLY B 1046 -34.88 52.64 13.24
CA GLY B 1046 -36.03 53.49 13.48
C GLY B 1046 -37.08 52.79 14.30
N TYR B 1047 -38.03 53.59 14.76
CA TYR B 1047 -39.23 53.03 15.38
C TYR B 1047 -40.03 52.30 14.32
N HIS B 1048 -40.47 51.10 14.63
CA HIS B 1048 -41.08 50.23 13.65
C HIS B 1048 -42.60 50.37 13.63
N LEU B 1049 -43.15 50.48 12.43
CA LEU B 1049 -44.60 50.52 12.28
C LEU B 1049 -45.13 49.17 11.83
N MET B 1050 -44.78 48.75 10.62
CA MET B 1050 -45.27 47.48 10.12
C MET B 1050 -44.26 46.93 9.13
N SER B 1051 -44.39 45.65 8.83
CA SER B 1051 -43.49 45.02 7.87
C SER B 1051 -44.29 44.25 6.84
N PHE B 1052 -43.76 44.23 5.63
CA PHE B 1052 -44.40 43.58 4.50
C PHE B 1052 -43.50 42.46 4.00
N PRO B 1053 -43.86 41.20 4.18
CA PRO B 1053 -43.00 40.13 3.67
C PRO B 1053 -43.09 40.08 2.16
N GLN B 1054 -41.99 39.69 1.54
CA GLN B 1054 -41.94 39.47 0.10
C GLN B 1054 -41.05 38.26 -0.14
N SER B 1055 -41.49 37.35 -0.98
CA SER B 1055 -40.70 36.16 -1.23
C SER B 1055 -39.57 36.47 -2.20
N ALA B 1056 -38.49 35.72 -2.06
CA ALA B 1056 -37.37 35.77 -2.98
C ALA B 1056 -36.78 34.38 -3.04
N PRO B 1057 -36.07 34.03 -4.11
CA PRO B 1057 -35.73 32.63 -4.32
C PRO B 1057 -34.92 32.09 -3.15
N HIS B 1058 -35.41 31.00 -2.57
CA HIS B 1058 -34.77 30.40 -1.40
C HIS B 1058 -34.48 31.45 -0.33
N GLY B 1059 -35.42 32.36 -0.14
CA GLY B 1059 -35.21 33.41 0.83
C GLY B 1059 -36.49 34.17 1.05
N VAL B 1060 -36.38 35.27 1.82
CA VAL B 1060 -37.53 36.13 2.06
C VAL B 1060 -37.00 37.55 2.23
N VAL B 1061 -37.84 38.51 1.87
CA VAL B 1061 -37.47 39.92 1.91
C VAL B 1061 -38.57 40.68 2.60
N PHE B 1062 -38.21 41.45 3.62
CA PHE B 1062 -39.16 42.23 4.40
C PHE B 1062 -39.02 43.69 4.01
N LEU B 1063 -40.15 44.37 3.90
CA LEU B 1063 -40.16 45.81 3.73
C LEU B 1063 -40.62 46.39 5.06
N HIS B 1064 -39.70 46.98 5.79
CA HIS B 1064 -40.00 47.50 7.11
C HIS B 1064 -40.40 48.96 6.98
N VAL B 1065 -41.63 49.28 7.35
CA VAL B 1065 -42.08 50.65 7.33
C VAL B 1065 -41.82 51.23 8.71
N THR B 1066 -40.87 52.15 8.79
CA THR B 1066 -40.39 52.62 10.07
C THR B 1066 -40.57 54.12 10.17
N TYR B 1067 -40.55 54.60 11.41
CA TYR B 1067 -40.84 55.98 11.75
C TYR B 1067 -39.57 56.64 12.23
N VAL B 1068 -39.00 57.54 11.44
CA VAL B 1068 -37.75 58.21 11.78
C VAL B 1068 -38.02 59.69 11.97
N PRO B 1069 -37.78 60.25 13.15
CA PRO B 1069 -37.98 61.68 13.35
C PRO B 1069 -36.96 62.51 12.58
N ALA B 1070 -37.31 63.78 12.37
CA ALA B 1070 -36.49 64.60 11.49
C ALA B 1070 -35.95 65.87 12.13
N GLN B 1071 -36.80 66.88 12.28
CA GLN B 1071 -36.37 68.24 12.53
C GLN B 1071 -36.41 68.55 14.01
N GLU B 1072 -35.33 69.08 14.54
CA GLU B 1072 -35.16 69.31 15.97
C GLU B 1072 -35.29 70.79 16.29
N LYS B 1073 -35.74 71.08 17.49
CA LYS B 1073 -35.70 72.43 18.03
C LYS B 1073 -35.21 72.41 19.46
N ASN B 1074 -34.06 73.03 19.70
CA ASN B 1074 -33.52 73.13 21.04
C ASN B 1074 -34.54 73.75 21.97
N PHE B 1075 -34.80 73.10 23.09
CA PHE B 1075 -35.73 73.58 24.10
C PHE B 1075 -35.09 73.53 25.47
N THR B 1076 -35.21 74.62 26.21
CA THR B 1076 -34.93 74.56 27.63
C THR B 1076 -35.99 73.71 28.30
N THR B 1077 -35.57 72.77 29.12
CA THR B 1077 -36.47 71.83 29.75
C THR B 1077 -36.34 71.90 31.27
N ALA B 1078 -37.34 71.36 31.95
CA ALA B 1078 -37.26 71.19 33.39
C ALA B 1078 -37.93 69.88 33.74
N PRO B 1079 -37.37 69.13 34.70
CA PRO B 1079 -37.98 67.86 35.06
C PRO B 1079 -39.29 68.00 35.81
N ALA B 1080 -39.57 69.16 36.39
CA ALA B 1080 -40.74 69.32 37.21
C ALA B 1080 -41.09 70.80 37.29
N ILE B 1081 -42.29 71.10 37.77
CA ILE B 1081 -42.72 72.47 37.92
C ILE B 1081 -43.36 72.66 39.29
N CYS B 1082 -42.78 73.55 40.10
CA CYS B 1082 -43.45 73.96 41.32
C CYS B 1082 -44.68 74.76 40.97
N HIS B 1083 -45.81 74.45 41.60
CA HIS B 1083 -46.90 75.39 41.46
C HIS B 1083 -47.13 76.11 42.77
N ASP B 1084 -47.75 75.42 43.72
CA ASP B 1084 -48.01 76.00 45.02
C ASP B 1084 -46.94 75.63 46.02
N GLY B 1085 -45.88 74.98 45.58
CA GLY B 1085 -44.96 74.27 46.43
C GLY B 1085 -45.09 72.77 46.30
N LYS B 1086 -46.22 72.30 45.78
CA LYS B 1086 -46.27 70.96 45.25
C LYS B 1086 -45.45 70.89 43.99
N ALA B 1087 -45.07 69.68 43.61
CA ALA B 1087 -44.37 69.47 42.37
C ALA B 1087 -45.33 68.82 41.38
N HIS B 1088 -45.20 69.17 40.11
CA HIS B 1088 -46.02 68.59 39.06
C HIS B 1088 -45.13 67.90 38.06
N PHE B 1089 -45.37 66.63 37.83
CA PHE B 1089 -44.52 66.01 36.84
C PHE B 1089 -45.35 65.61 35.64
N PRO B 1090 -44.77 65.60 34.44
CA PRO B 1090 -45.54 65.27 33.25
C PRO B 1090 -46.07 63.85 33.36
N ARG B 1091 -47.38 63.69 33.12
CA ARG B 1091 -47.93 62.35 33.15
C ARG B 1091 -47.31 61.48 32.06
N GLU B 1092 -47.24 62.00 30.84
CA GLU B 1092 -46.58 61.33 29.73
C GLU B 1092 -45.86 62.36 28.92
N GLY B 1093 -44.65 62.06 28.50
CA GLY B 1093 -43.83 63.05 27.86
C GLY B 1093 -43.11 63.89 28.89
N VAL B 1094 -42.75 65.12 28.49
CA VAL B 1094 -41.96 66.00 29.33
C VAL B 1094 -42.35 67.46 29.16
N PHE B 1095 -41.93 68.25 30.14
CA PHE B 1095 -42.04 69.70 30.07
C PHE B 1095 -40.97 70.27 29.18
N VAL B 1096 -41.32 71.28 28.41
CA VAL B 1096 -40.35 72.09 27.69
C VAL B 1096 -40.84 73.52 27.69
N SER B 1097 -39.94 74.45 27.34
CA SER B 1097 -40.32 75.89 27.33
C SER B 1097 -39.68 76.60 26.14
N ASN B 1098 -40.50 76.99 25.14
CA ASN B 1098 -39.98 77.75 23.97
C ASN B 1098 -39.43 79.09 24.47
N GLY B 1099 -40.15 79.75 25.39
CA GLY B 1099 -39.72 81.04 25.94
C GLY B 1099 -40.08 81.10 27.41
N THR B 1100 -41.18 81.78 27.76
CA THR B 1100 -41.64 81.73 29.18
C THR B 1100 -42.64 80.59 29.38
N HIS B 1101 -43.54 80.36 28.42
CA HIS B 1101 -44.63 79.36 28.61
C HIS B 1101 -44.14 77.91 28.62
N TRP B 1102 -44.04 77.30 29.80
CA TRP B 1102 -43.68 75.87 29.97
C TRP B 1102 -44.74 74.99 29.28
N PHE B 1103 -44.31 74.19 28.30
CA PHE B 1103 -45.16 73.31 27.54
C PHE B 1103 -44.84 71.87 27.89
N VAL B 1104 -45.85 71.13 28.26
CA VAL B 1104 -45.76 69.69 28.33
C VAL B 1104 -46.02 69.15 26.93
N THR B 1105 -45.31 68.11 26.55
CA THR B 1105 -45.52 67.53 25.23
C THR B 1105 -45.07 66.09 25.24
N GLN B 1106 -45.53 65.36 24.24
CA GLN B 1106 -45.10 64.00 24.03
C GLN B 1106 -43.65 63.97 23.57
N ARG B 1107 -43.00 62.85 23.80
CA ARG B 1107 -41.55 62.79 23.63
C ARG B 1107 -41.13 62.84 22.17
N ASN B 1108 -41.65 61.94 21.35
CA ASN B 1108 -41.09 61.69 20.02
C ASN B 1108 -41.67 62.57 18.94
N PHE B 1109 -42.54 63.51 19.27
CA PHE B 1109 -43.04 64.46 18.28
C PHE B 1109 -43.40 65.72 19.04
N TYR B 1110 -43.25 66.86 18.38
CA TYR B 1110 -43.45 68.13 19.07
C TYR B 1110 -44.89 68.57 18.87
N GLU B 1111 -45.65 68.55 19.96
CA GLU B 1111 -47.02 69.07 19.96
C GLU B 1111 -47.21 69.79 21.27
N PRO B 1112 -46.81 71.05 21.35
CA PRO B 1112 -46.87 71.77 22.62
C PRO B 1112 -48.30 71.90 23.10
N GLN B 1113 -48.47 71.79 24.41
CA GLN B 1113 -49.79 71.85 25.01
C GLN B 1113 -49.71 72.65 26.31
N ILE B 1114 -50.70 73.50 26.53
CA ILE B 1114 -50.75 74.25 27.77
C ILE B 1114 -50.80 73.28 28.93
N ILE B 1115 -50.12 73.61 30.02
CA ILE B 1115 -49.96 72.69 31.14
C ILE B 1115 -51.19 72.81 32.03
N THR B 1116 -51.89 71.71 32.21
CA THR B 1116 -53.01 71.65 33.14
C THR B 1116 -52.87 70.39 33.98
N THR B 1117 -53.58 70.38 35.10
CA THR B 1117 -53.46 69.26 36.03
C THR B 1117 -53.78 67.93 35.37
N ASP B 1118 -54.54 67.92 34.28
CA ASP B 1118 -54.77 66.67 33.59
C ASP B 1118 -53.55 66.22 32.81
N ASN B 1119 -52.55 67.08 32.66
CA ASN B 1119 -51.29 66.65 32.07
C ASN B 1119 -50.27 66.22 33.09
N THR B 1120 -50.50 66.46 34.37
CA THR B 1120 -49.46 66.32 35.38
C THR B 1120 -50.02 65.74 36.66
N PHE B 1121 -49.28 64.83 37.27
CA PHE B 1121 -49.61 64.30 38.58
C PHE B 1121 -48.70 64.91 39.61
N VAL B 1122 -49.25 65.18 40.78
CA VAL B 1122 -48.50 65.82 41.85
C VAL B 1122 -47.72 64.78 42.62
N SER B 1123 -46.52 65.13 43.08
CA SER B 1123 -45.78 64.26 43.97
C SER B 1123 -44.87 65.08 44.86
N GLY B 1124 -44.71 64.61 46.09
CA GLY B 1124 -43.79 65.25 47.03
C GLY B 1124 -44.03 66.73 47.15
N ASN B 1125 -42.94 67.49 47.21
CA ASN B 1125 -42.99 68.94 47.15
C ASN B 1125 -41.63 69.43 46.63
N CYS B 1126 -41.42 70.74 46.67
CA CYS B 1126 -40.40 71.34 45.83
C CYS B 1126 -38.97 71.09 46.26
N ASP B 1127 -38.66 71.16 47.55
CA ASP B 1127 -37.28 71.30 47.99
C ASP B 1127 -36.37 70.18 47.54
N VAL B 1128 -36.92 69.07 47.05
CA VAL B 1128 -36.13 67.90 46.70
C VAL B 1128 -35.73 67.91 45.24
N VAL B 1129 -36.70 67.89 44.33
CA VAL B 1129 -36.42 67.67 42.92
C VAL B 1129 -35.39 68.68 42.42
N ILE B 1130 -34.32 68.16 41.83
CA ILE B 1130 -33.29 69.03 41.29
C ILE B 1130 -33.78 69.71 40.04
N GLY B 1131 -33.52 71.01 39.93
CA GLY B 1131 -33.83 71.71 38.70
C GLY B 1131 -35.29 71.99 38.46
N ILE B 1132 -36.14 71.83 39.47
CA ILE B 1132 -37.53 72.20 39.29
C ILE B 1132 -37.62 73.71 39.11
N VAL B 1133 -38.62 74.16 38.35
CA VAL B 1133 -38.74 75.55 37.98
C VAL B 1133 -40.11 76.08 38.36
N ASN B 1134 -40.22 77.39 38.47
CA ASN B 1134 -41.50 78.01 38.75
C ASN B 1134 -42.37 78.08 37.51
N ASN B 1135 -43.66 77.96 37.72
CA ASN B 1135 -44.68 78.26 36.71
C ASN B 1135 -46.02 78.18 37.41
N THR B 1136 -47.08 78.42 36.64
CA THR B 1136 -48.45 78.25 37.11
C THR B 1136 -49.11 77.20 36.24
N VAL B 1137 -49.55 76.11 36.85
CA VAL B 1137 -50.19 75.04 36.11
C VAL B 1137 -51.67 75.36 36.05
N TYR B 1138 -52.15 75.63 34.85
CA TYR B 1138 -53.53 76.06 34.68
C TYR B 1138 -54.49 74.97 35.13
N ASP B 1139 -55.62 75.40 35.66
CA ASP B 1139 -56.65 74.46 36.08
C ASP B 1139 -57.74 74.36 35.03
N PRO B 1140 -58.09 73.16 34.58
CA PRO B 1140 -59.31 73.03 33.78
C PRO B 1140 -60.54 73.46 34.56
N LEU B 1141 -60.62 73.09 35.83
CA LEU B 1141 -61.86 73.24 36.57
C LEU B 1141 -62.12 74.69 36.97
N GLN B 1142 -61.11 75.36 37.54
CA GLN B 1142 -61.26 76.72 38.07
C GLN B 1142 -62.03 77.66 37.16
N PRO B 1143 -61.74 77.77 35.86
CA PRO B 1143 -62.55 78.68 35.03
C PRO B 1143 -63.99 78.24 34.94
N GLU B 1144 -64.23 76.93 34.82
CA GLU B 1144 -65.59 76.43 34.74
C GLU B 1144 -66.44 76.93 35.89
N LEU B 1145 -65.82 77.18 37.04
CA LEU B 1145 -66.55 77.58 38.22
C LEU B 1145 -67.35 78.86 37.98
N ASP B 1146 -66.65 79.97 37.73
CA ASP B 1146 -67.06 81.24 38.33
C ASP B 1146 -68.54 81.54 38.12
N SER B 1147 -69.12 81.06 37.04
CA SER B 1147 -70.55 81.19 36.91
C SER B 1147 -71.23 80.20 37.85
N GLN C 14 -31.47 -56.02 -9.14
CA GLN C 14 -32.85 -55.54 -9.12
C GLN C 14 -33.12 -54.60 -10.28
N CYS C 15 -33.20 -53.31 -9.98
CA CYS C 15 -33.50 -52.27 -10.98
C CYS C 15 -34.79 -52.57 -11.73
N VAL C 16 -35.79 -53.11 -11.01
CA VAL C 16 -37.12 -53.31 -11.64
C VAL C 16 -37.63 -51.94 -12.09
N ASN C 17 -38.17 -51.82 -13.30
CA ASN C 17 -38.54 -50.47 -13.80
C ASN C 17 -40.02 -50.35 -14.16
N LEU C 18 -40.70 -49.34 -13.62
CA LEU C 18 -42.11 -49.06 -14.02
C LEU C 18 -42.14 -47.60 -14.50
N THR C 19 -42.41 -47.36 -15.78
CA THR C 19 -42.33 -45.97 -16.30
C THR C 19 -43.71 -45.31 -16.35
N THR C 20 -44.76 -46.06 -16.73
CA THR C 20 -46.15 -45.53 -16.86
C THR C 20 -46.23 -44.61 -18.09
N ARG C 21 -47.35 -43.90 -18.29
CA ARG C 21 -47.54 -43.04 -19.48
C ARG C 21 -48.07 -41.67 -19.06
N THR C 22 -47.56 -41.10 -17.98
CA THR C 22 -48.16 -39.81 -17.49
C THR C 22 -47.32 -38.59 -17.91
N GLN C 23 -47.90 -37.72 -18.74
CA GLN C 23 -47.23 -36.44 -19.09
C GLN C 23 -48.26 -35.33 -18.86
N LEU C 24 -47.94 -34.33 -18.02
CA LEU C 24 -48.98 -33.32 -17.67
C LEU C 24 -48.36 -31.95 -17.34
N PRO C 25 -49.07 -30.80 -17.49
CA PRO C 25 -48.52 -29.52 -17.04
C PRO C 25 -48.35 -29.55 -15.54
N PRO C 26 -47.16 -29.23 -15.03
CA PRO C 26 -46.95 -29.30 -13.58
C PRO C 26 -47.88 -28.33 -12.87
N ALA C 27 -48.63 -28.86 -11.91
CA ALA C 27 -49.60 -28.05 -11.20
C ALA C 27 -48.82 -27.16 -10.25
N TYR C 28 -48.96 -25.85 -10.42
CA TYR C 28 -48.16 -24.93 -9.64
C TYR C 28 -48.96 -24.45 -8.43
N THR C 29 -48.30 -23.65 -7.61
CA THR C 29 -48.91 -23.09 -6.42
C THR C 29 -48.09 -21.87 -6.01
N ASN C 30 -48.50 -21.26 -4.91
CA ASN C 30 -47.92 -20.01 -4.46
C ASN C 30 -47.54 -20.18 -3.00
N SER C 31 -46.24 -20.16 -2.71
CA SER C 31 -45.80 -20.19 -1.33
C SER C 31 -45.94 -18.80 -0.74
N PHE C 32 -46.80 -18.66 0.26
CA PHE C 32 -47.19 -17.34 0.71
C PHE C 32 -46.11 -16.79 1.63
N THR C 33 -46.04 -17.34 2.83
CA THR C 33 -44.91 -17.16 3.72
C THR C 33 -44.36 -18.54 4.01
N ARG C 34 -43.18 -18.85 3.49
CA ARG C 34 -42.71 -20.22 3.56
C ARG C 34 -41.22 -20.26 3.42
N GLY C 35 -40.64 -21.37 3.89
CA GLY C 35 -39.22 -21.63 3.71
C GLY C 35 -38.30 -20.66 4.43
N VAL C 36 -38.64 -20.24 5.64
CA VAL C 36 -37.78 -19.39 6.44
C VAL C 36 -37.19 -20.23 7.56
N TYR C 37 -35.89 -20.52 7.44
CA TYR C 37 -35.17 -21.29 8.44
C TYR C 37 -34.34 -20.35 9.28
N TYR C 38 -33.60 -20.91 10.22
CA TYR C 38 -32.71 -20.13 11.06
C TYR C 38 -31.31 -20.21 10.48
N PRO C 39 -30.79 -19.16 9.86
CA PRO C 39 -29.45 -19.25 9.27
C PRO C 39 -28.34 -18.88 10.24
N ASP C 40 -28.36 -19.44 11.45
CA ASP C 40 -27.35 -19.32 12.49
C ASP C 40 -27.82 -20.10 13.72
N LYS C 41 -26.87 -20.40 14.59
CA LYS C 41 -27.17 -20.95 15.91
C LYS C 41 -27.41 -19.88 16.95
N VAL C 42 -27.05 -18.64 16.64
CA VAL C 42 -27.03 -17.56 17.62
C VAL C 42 -28.45 -17.27 18.07
N PHE C 43 -28.66 -17.27 19.38
CA PHE C 43 -29.96 -16.99 19.96
C PHE C 43 -30.20 -15.48 20.01
N ARG C 44 -31.28 -15.04 19.37
CA ARG C 44 -31.65 -13.63 19.39
C ARG C 44 -33.10 -13.51 19.84
N SER C 45 -33.42 -12.39 20.47
CA SER C 45 -34.73 -12.19 21.10
C SER C 45 -35.33 -10.87 20.64
N SER C 46 -36.46 -10.96 19.94
CA SER C 46 -37.27 -9.78 19.57
C SER C 46 -36.42 -8.68 18.93
N VAL C 47 -35.65 -9.04 17.91
CA VAL C 47 -34.84 -8.08 17.17
C VAL C 47 -35.12 -8.31 15.69
N LEU C 48 -34.83 -7.30 14.87
CA LEU C 48 -34.95 -7.45 13.44
C LEU C 48 -33.57 -7.64 12.82
N HIS C 49 -33.30 -8.86 12.38
CA HIS C 49 -31.99 -9.20 11.82
C HIS C 49 -32.14 -9.37 10.32
N SER C 50 -31.12 -8.95 9.58
CA SER C 50 -31.19 -8.93 8.13
C SER C 50 -29.93 -9.57 7.55
N THR C 51 -30.13 -10.64 6.78
CA THR C 51 -29.05 -11.26 6.02
C THR C 51 -29.52 -11.52 4.59
N GLN C 52 -28.56 -11.58 3.68
CA GLN C 52 -28.81 -11.96 2.30
C GLN C 52 -28.25 -13.37 2.11
N ASP C 53 -29.16 -14.33 1.95
CA ASP C 53 -28.81 -15.73 1.89
C ASP C 53 -29.77 -16.43 0.92
N LEU C 54 -29.42 -17.66 0.57
CA LEU C 54 -30.31 -18.48 -0.25
C LEU C 54 -31.60 -18.78 0.51
N PHE C 55 -32.73 -18.45 -0.11
CA PHE C 55 -34.04 -18.79 0.43
C PHE C 55 -34.98 -19.09 -0.72
N LEU C 56 -36.19 -19.50 -0.37
CA LEU C 56 -37.28 -19.57 -1.33
C LEU C 56 -38.07 -18.28 -1.20
N PRO C 57 -37.97 -17.36 -2.16
CA PRO C 57 -38.62 -16.05 -1.99
C PRO C 57 -40.13 -16.18 -1.94
N PHE C 58 -40.73 -15.24 -1.24
CA PHE C 58 -42.18 -15.32 -1.00
C PHE C 58 -42.95 -15.23 -2.29
N PHE C 59 -44.16 -15.76 -2.27
CA PHE C 59 -45.02 -15.75 -3.48
C PHE C 59 -44.21 -16.25 -4.68
N SER C 60 -43.71 -17.48 -4.60
CA SER C 60 -42.94 -18.04 -5.73
C SER C 60 -43.65 -19.22 -6.38
N ASN C 61 -43.19 -19.62 -7.59
CA ASN C 61 -43.88 -20.71 -8.28
C ASN C 61 -43.39 -22.00 -7.68
N VAL C 62 -44.30 -22.75 -7.06
CA VAL C 62 -43.89 -23.99 -6.40
C VAL C 62 -44.53 -25.14 -7.15
N THR C 63 -43.70 -26.05 -7.65
CA THR C 63 -44.18 -27.07 -8.59
C THR C 63 -44.75 -28.25 -7.80
N TRP C 64 -46.06 -28.23 -7.54
CA TRP C 64 -46.67 -29.40 -6.86
C TRP C 64 -46.40 -30.59 -7.76
N PHE C 65 -45.85 -31.68 -7.22
CA PHE C 65 -45.50 -32.87 -8.04
C PHE C 65 -46.00 -34.14 -7.35
N HIS C 66 -46.70 -35.01 -8.08
CA HIS C 66 -47.26 -36.25 -7.47
C HIS C 66 -46.45 -37.47 -7.90
N ALA C 67 -45.78 -38.13 -6.95
CA ALA C 67 -45.02 -39.35 -7.27
C ALA C 67 -45.97 -40.46 -7.73
N ILE C 68 -47.11 -40.64 -7.04
CA ILE C 68 -48.14 -41.64 -7.47
C ILE C 68 -49.46 -40.88 -7.55
N HIS C 69 -50.20 -40.99 -8.65
CA HIS C 69 -51.42 -40.14 -8.77
C HIS C 69 -52.62 -40.90 -9.35
N VAL C 70 -53.63 -41.20 -8.52
CA VAL C 70 -54.85 -41.79 -9.04
C VAL C 70 -55.77 -40.71 -9.58
N SER C 71 -56.07 -40.79 -10.87
CA SER C 71 -57.14 -40.02 -11.49
C SER C 71 -58.23 -41.03 -11.85
N GLY C 72 -59.35 -40.97 -11.13
CA GLY C 72 -60.25 -42.11 -11.06
C GLY C 72 -61.00 -42.51 -12.32
N THR C 73 -60.78 -43.76 -12.73
CA THR C 73 -61.76 -44.53 -13.49
C THR C 73 -61.87 -45.89 -12.79
N ASN C 74 -60.80 -46.69 -12.85
CA ASN C 74 -60.49 -47.64 -11.79
C ASN C 74 -58.98 -47.71 -11.70
N GLY C 75 -58.45 -47.56 -10.48
CA GLY C 75 -57.01 -47.60 -10.34
C GLY C 75 -56.36 -46.42 -11.04
N THR C 76 -55.48 -46.73 -12.00
CA THR C 76 -54.71 -45.75 -12.77
C THR C 76 -53.81 -44.93 -11.86
N LYS C 77 -52.80 -45.60 -11.33
CA LYS C 77 -51.77 -44.96 -10.53
C LYS C 77 -50.65 -44.47 -11.44
N ARG C 78 -50.36 -43.17 -11.35
CA ARG C 78 -49.45 -42.49 -12.28
C ARG C 78 -48.13 -42.20 -11.57
N PHE C 79 -47.07 -42.91 -11.96
CA PHE C 79 -45.74 -42.73 -11.39
C PHE C 79 -45.00 -41.73 -12.28
N ASP C 80 -44.94 -40.47 -11.83
CA ASP C 80 -44.35 -39.41 -12.63
C ASP C 80 -43.01 -38.88 -12.12
N ASN C 81 -42.55 -39.28 -10.95
CA ASN C 81 -41.56 -38.43 -10.28
C ASN C 81 -40.26 -38.32 -11.07
N PRO C 82 -39.92 -37.16 -11.62
CA PRO C 82 -38.75 -37.04 -12.48
C PRO C 82 -37.47 -36.86 -11.68
N VAL C 83 -36.36 -37.18 -12.33
CA VAL C 83 -35.08 -36.65 -11.87
C VAL C 83 -35.11 -35.13 -12.02
N LEU C 84 -34.78 -34.44 -10.95
CA LEU C 84 -34.92 -33.00 -10.99
C LEU C 84 -33.60 -32.32 -10.70
N PRO C 85 -33.27 -31.24 -11.42
CA PRO C 85 -32.03 -30.52 -11.15
C PRO C 85 -32.07 -29.90 -9.77
N PHE C 86 -30.90 -29.75 -9.16
CA PHE C 86 -30.80 -29.08 -7.87
C PHE C 86 -30.80 -27.57 -8.01
N ASN C 87 -30.21 -27.05 -9.09
CA ASN C 87 -30.10 -25.62 -9.36
C ASN C 87 -29.38 -24.96 -8.19
N ASP C 88 -29.84 -23.81 -7.69
CA ASP C 88 -29.20 -23.13 -6.58
C ASP C 88 -29.43 -23.83 -5.25
N GLY C 89 -30.67 -23.91 -4.80
CA GLY C 89 -31.01 -24.69 -3.63
C GLY C 89 -32.39 -25.27 -3.80
N VAL C 90 -32.75 -26.15 -2.87
CA VAL C 90 -33.98 -26.93 -3.01
C VAL C 90 -34.81 -26.82 -1.73
N TYR C 91 -36.11 -26.66 -1.91
CA TYR C 91 -37.10 -26.70 -0.83
C TYR C 91 -37.98 -27.91 -1.07
N PHE C 92 -38.58 -28.43 0.00
CA PHE C 92 -39.44 -29.60 -0.11
C PHE C 92 -40.54 -29.55 0.93
N ALA C 93 -41.73 -30.04 0.55
CA ALA C 93 -42.87 -30.06 1.46
C ALA C 93 -43.77 -31.23 1.10
N SER C 94 -44.38 -31.83 2.11
CA SER C 94 -45.29 -32.95 1.89
C SER C 94 -46.23 -33.09 3.07
N THR C 95 -47.34 -33.80 2.86
CA THR C 95 -48.28 -34.12 3.93
C THR C 95 -48.15 -35.59 4.30
N GLU C 96 -48.69 -36.47 3.45
CA GLU C 96 -48.43 -37.90 3.49
C GLU C 96 -48.77 -38.48 4.87
N LYS C 97 -50.05 -38.43 5.22
CA LYS C 97 -50.48 -39.06 6.50
C LYS C 97 -49.91 -40.47 6.50
N SER C 98 -50.07 -41.20 5.38
CA SER C 98 -49.41 -42.52 5.25
C SER C 98 -48.09 -42.28 4.51
N ASN C 99 -46.97 -42.41 5.22
CA ASN C 99 -45.68 -42.05 4.56
C ASN C 99 -45.42 -42.99 3.39
N ILE C 100 -45.08 -42.42 2.24
CA ILE C 100 -44.71 -43.26 1.07
C ILE C 100 -43.36 -42.69 0.66
N ILE C 101 -42.96 -41.62 1.34
CA ILE C 101 -41.73 -40.92 1.00
C ILE C 101 -40.70 -41.17 2.09
N ARG C 102 -39.44 -41.35 1.69
CA ARG C 102 -38.41 -41.71 2.64
C ARG C 102 -37.23 -40.75 2.53
N GLY C 103 -36.61 -40.68 1.36
CA GLY C 103 -35.41 -39.89 1.20
C GLY C 103 -35.25 -39.45 -0.24
N TRP C 104 -34.06 -38.93 -0.55
CA TRP C 104 -33.79 -38.38 -1.88
C TRP C 104 -32.43 -38.89 -2.34
N ILE C 105 -32.22 -38.84 -3.66
CA ILE C 105 -31.08 -39.51 -4.29
C ILE C 105 -29.92 -38.56 -4.54
N PHE C 106 -29.92 -37.38 -3.91
CA PHE C 106 -29.19 -36.21 -4.41
C PHE C 106 -27.79 -36.57 -4.90
N GLY C 107 -27.44 -36.03 -6.06
CA GLY C 107 -26.18 -36.34 -6.68
C GLY C 107 -25.96 -35.47 -7.91
N THR C 108 -25.06 -35.92 -8.78
CA THR C 108 -24.81 -35.22 -10.02
C THR C 108 -25.04 -36.13 -11.22
N THR C 109 -24.21 -37.16 -11.37
CA THR C 109 -24.40 -38.11 -12.45
C THR C 109 -25.57 -39.06 -12.18
N LEU C 110 -26.00 -39.15 -10.92
CA LEU C 110 -27.03 -40.10 -10.50
C LEU C 110 -26.59 -41.53 -10.79
N ASP C 111 -25.29 -41.74 -10.62
CA ASP C 111 -24.58 -42.91 -11.11
C ASP C 111 -23.27 -42.98 -10.33
N SER C 112 -22.36 -43.85 -10.75
CA SER C 112 -20.99 -43.76 -10.28
C SER C 112 -20.31 -42.56 -10.94
N LYS C 113 -19.00 -42.44 -10.71
CA LYS C 113 -18.11 -41.38 -11.16
C LYS C 113 -18.25 -40.12 -10.30
N THR C 114 -19.31 -40.00 -9.50
CA THR C 114 -19.44 -38.95 -8.51
C THR C 114 -19.88 -39.60 -7.21
N GLN C 115 -19.84 -38.82 -6.13
CA GLN C 115 -20.42 -39.32 -4.90
C GLN C 115 -21.94 -39.37 -5.04
N SER C 116 -22.61 -39.85 -4.00
CA SER C 116 -24.06 -39.90 -4.02
C SER C 116 -24.58 -39.58 -2.63
N LEU C 117 -25.54 -38.65 -2.56
CA LEU C 117 -26.22 -38.43 -1.30
C LEU C 117 -27.47 -39.29 -1.23
N LEU C 118 -27.48 -40.28 -0.33
CA LEU C 118 -28.67 -41.14 -0.15
C LEU C 118 -29.18 -41.03 1.29
N ILE C 119 -30.08 -40.08 1.56
CA ILE C 119 -30.62 -39.88 2.94
C ILE C 119 -31.81 -40.81 3.17
N VAL C 120 -31.56 -42.11 3.39
CA VAL C 120 -32.67 -43.09 3.55
C VAL C 120 -33.05 -43.22 5.03
N ASN C 121 -34.29 -42.90 5.39
CA ASN C 121 -34.75 -43.09 6.80
C ASN C 121 -34.68 -44.57 7.14
N ASN C 122 -35.11 -45.45 6.22
CA ASN C 122 -35.13 -46.92 6.45
C ASN C 122 -36.32 -47.27 7.35
N ALA C 123 -37.11 -46.27 7.75
CA ALA C 123 -38.30 -46.47 8.61
C ALA C 123 -37.90 -47.10 9.94
N THR C 124 -36.66 -46.89 10.36
CA THR C 124 -36.29 -47.08 11.78
C THR C 124 -35.49 -45.86 12.23
N ASN C 125 -34.19 -45.87 12.00
CA ASN C 125 -33.36 -44.70 12.33
C ASN C 125 -32.78 -44.23 10.99
N VAL C 126 -32.91 -42.94 10.68
CA VAL C 126 -32.48 -42.51 9.32
C VAL C 126 -31.01 -42.91 9.16
N VAL C 127 -30.68 -43.63 8.08
CA VAL C 127 -29.24 -43.91 7.82
C VAL C 127 -28.80 -43.00 6.68
N ILE C 128 -28.11 -41.91 7.03
CA ILE C 128 -27.70 -40.94 5.98
C ILE C 128 -26.48 -41.52 5.28
N LYS C 129 -26.58 -41.66 3.96
CA LYS C 129 -25.45 -42.23 3.25
C LYS C 129 -24.93 -41.24 2.24
N VAL C 130 -23.62 -40.96 2.32
CA VAL C 130 -22.91 -40.27 1.24
C VAL C 130 -21.89 -41.27 0.71
N CYS C 131 -22.14 -41.80 -0.48
CA CYS C 131 -21.38 -42.90 -1.02
C CYS C 131 -21.30 -42.76 -2.53
N GLU C 132 -20.83 -43.81 -3.19
CA GLU C 132 -20.92 -43.95 -4.64
C GLU C 132 -21.81 -45.14 -4.94
N PHE C 133 -22.98 -44.89 -5.51
CA PHE C 133 -23.93 -45.95 -5.82
C PHE C 133 -24.11 -46.08 -7.33
N GLN C 134 -24.91 -47.08 -7.71
CA GLN C 134 -25.47 -47.16 -9.05
C GLN C 134 -26.98 -47.05 -8.91
N PHE C 135 -27.53 -45.89 -9.29
CA PHE C 135 -28.96 -45.70 -9.20
C PHE C 135 -29.63 -46.17 -10.48
N CYS C 136 -30.71 -46.94 -10.31
CA CYS C 136 -31.39 -47.54 -11.44
C CYS C 136 -32.12 -46.47 -12.25
N ASN C 137 -32.78 -46.90 -13.32
CA ASN C 137 -33.58 -45.99 -14.13
C ASN C 137 -34.86 -45.55 -13.43
N ASP C 138 -35.44 -46.40 -12.57
CA ASP C 138 -36.66 -46.08 -11.82
C ASP C 138 -36.41 -46.42 -10.36
N PRO C 139 -35.55 -45.67 -9.68
CA PRO C 139 -35.20 -46.02 -8.29
C PRO C 139 -36.30 -45.69 -7.31
N PHE C 140 -36.44 -46.54 -6.29
CA PHE C 140 -37.33 -46.33 -5.14
C PHE C 140 -37.13 -47.53 -4.22
N LEU C 141 -37.49 -47.34 -2.96
CA LEU C 141 -37.31 -48.37 -1.94
C LEU C 141 -38.47 -49.37 -2.02
N GLY C 142 -38.14 -50.64 -2.25
CA GLY C 142 -39.16 -51.67 -2.18
C GLY C 142 -39.38 -52.12 -0.75
N VAL C 143 -40.63 -52.42 -0.43
CA VAL C 143 -41.03 -52.94 0.87
C VAL C 143 -41.79 -54.23 0.63
N TYR C 144 -41.49 -55.24 1.44
CA TYR C 144 -42.14 -56.54 1.32
C TYR C 144 -42.37 -57.07 2.73
N TYR C 145 -42.89 -58.30 2.81
CA TYR C 145 -43.19 -58.94 4.11
C TYR C 145 -42.15 -60.04 4.34
N HIS C 146 -41.37 -59.95 5.42
CA HIS C 146 -40.26 -60.92 5.67
C HIS C 146 -40.83 -62.29 6.03
N LYS C 147 -42.08 -62.37 6.50
CA LYS C 147 -42.76 -63.65 6.85
C LYS C 147 -42.28 -64.14 8.23
N ASN C 148 -41.38 -63.40 8.86
CA ASN C 148 -40.88 -63.77 10.21
C ASN C 148 -41.31 -62.69 11.20
N ASN C 149 -42.04 -63.08 12.26
CA ASN C 149 -42.52 -62.11 13.29
C ASN C 149 -43.42 -61.06 12.64
N LYS C 150 -44.12 -61.43 11.55
CA LYS C 150 -45.08 -60.50 10.89
C LYS C 150 -44.37 -59.18 10.57
N SER C 151 -43.17 -59.22 9.99
CA SER C 151 -42.40 -57.96 9.79
C SER C 151 -42.35 -57.53 8.31
N TRP C 152 -42.32 -56.22 8.07
CA TRP C 152 -42.18 -55.65 6.73
C TRP C 152 -40.77 -55.11 6.57
N MET C 153 -39.95 -55.80 5.79
CA MET C 153 -38.62 -55.28 5.50
C MET C 153 -38.70 -54.25 4.39
N GLU C 154 -37.55 -53.66 4.10
CA GLU C 154 -37.42 -52.72 2.99
C GLU C 154 -36.26 -53.19 2.14
N SER C 155 -36.55 -53.58 0.91
CA SER C 155 -35.49 -53.90 -0.04
C SER C 155 -34.94 -52.57 -0.54
N GLU C 156 -33.68 -52.30 -0.23
CA GLU C 156 -33.08 -51.02 -0.55
C GLU C 156 -32.37 -51.02 -1.90
N PHE C 157 -32.21 -52.18 -2.52
CA PHE C 157 -31.52 -52.23 -3.79
C PHE C 157 -32.49 -52.16 -4.97
N ARG C 158 -33.78 -51.98 -4.69
CA ARG C 158 -34.69 -51.59 -5.76
C ARG C 158 -34.43 -50.13 -6.14
N VAL C 159 -33.79 -49.38 -5.25
CA VAL C 159 -33.29 -48.05 -5.57
C VAL C 159 -32.06 -48.20 -6.45
N TYR C 160 -31.01 -48.75 -5.87
CA TYR C 160 -29.68 -48.76 -6.46
C TYR C 160 -29.10 -50.17 -6.45
N SER C 161 -28.36 -50.50 -7.51
CA SER C 161 -27.75 -51.82 -7.58
C SER C 161 -26.51 -51.89 -6.68
N SER C 162 -25.46 -51.15 -7.04
CA SER C 162 -24.19 -51.23 -6.35
C SER C 162 -24.14 -50.25 -5.18
N ALA C 163 -23.49 -50.68 -4.11
CA ALA C 163 -23.08 -49.80 -3.02
C ALA C 163 -21.64 -50.12 -2.69
N ASN C 164 -20.75 -49.15 -2.92
CA ASN C 164 -19.31 -49.36 -2.73
C ASN C 164 -18.62 -48.01 -2.68
N ASN C 165 -17.32 -48.04 -2.42
CA ASN C 165 -16.45 -46.86 -2.42
C ASN C 165 -16.82 -45.85 -1.34
N CYS C 166 -17.85 -46.13 -0.53
CA CYS C 166 -18.59 -45.11 0.20
C CYS C 166 -17.68 -44.17 0.99
N THR C 167 -17.93 -42.87 0.83
CA THR C 167 -17.19 -41.82 1.52
C THR C 167 -17.71 -41.56 2.94
N PHE C 168 -19.01 -41.51 3.15
CA PHE C 168 -19.53 -41.08 4.44
C PHE C 168 -20.77 -41.87 4.80
N GLU C 169 -21.00 -41.97 6.11
CA GLU C 169 -22.15 -42.67 6.66
C GLU C 169 -22.54 -41.97 7.96
N TYR C 170 -23.85 -41.96 8.24
CA TYR C 170 -24.34 -41.37 9.48
C TYR C 170 -25.71 -41.95 9.81
N VAL C 171 -26.08 -41.87 11.09
CA VAL C 171 -27.37 -42.33 11.58
C VAL C 171 -27.90 -41.30 12.58
N SER C 172 -29.21 -41.12 12.62
CA SER C 172 -29.82 -40.19 13.57
C SER C 172 -31.25 -40.65 13.86
N GLN C 173 -31.94 -39.92 14.74
CA GLN C 173 -33.35 -40.12 14.99
C GLN C 173 -34.17 -39.71 13.77
N PRO C 174 -35.27 -40.42 13.50
CA PRO C 174 -35.96 -40.25 12.22
C PRO C 174 -36.46 -38.83 12.01
N PHE C 175 -36.09 -38.26 10.87
CA PHE C 175 -36.58 -36.94 10.48
C PHE C 175 -38.07 -37.02 10.17
N LEU C 176 -38.42 -37.94 9.27
CA LEU C 176 -39.81 -38.29 9.02
C LEU C 176 -40.36 -38.93 10.29
N MET C 177 -41.49 -38.43 10.76
CA MET C 177 -42.09 -38.91 11.98
C MET C 177 -43.60 -38.83 11.84
N ASP C 178 -44.31 -39.80 12.37
CA ASP C 178 -45.77 -39.75 12.37
C ASP C 178 -46.28 -39.38 13.76
N LEU C 179 -47.58 -39.11 13.81
CA LEU C 179 -48.33 -38.95 15.06
C LEU C 179 -49.62 -39.73 14.89
N GLU C 180 -50.42 -39.28 13.91
CA GLU C 180 -51.66 -39.87 13.44
C GLU C 180 -52.67 -40.01 14.57
N GLY C 181 -53.52 -41.04 14.53
CA GLY C 181 -54.71 -41.09 15.35
C GLY C 181 -55.69 -39.96 15.11
N LYS C 182 -55.41 -39.05 14.18
CA LYS C 182 -56.11 -37.78 14.04
C LYS C 182 -57.15 -37.77 12.93
N GLN C 183 -57.33 -38.88 12.21
CA GLN C 183 -58.27 -38.97 11.08
C GLN C 183 -58.20 -37.75 10.18
N GLY C 184 -56.98 -37.26 9.96
CA GLY C 184 -56.77 -36.03 9.24
C GLY C 184 -56.70 -34.84 10.17
N ASN C 185 -57.07 -33.67 9.62
CA ASN C 185 -57.12 -32.40 10.34
C ASN C 185 -55.72 -31.91 10.72
N PHE C 186 -54.74 -32.80 10.62
CA PHE C 186 -53.33 -32.44 10.65
C PHE C 186 -52.70 -32.56 9.26
N LYS C 187 -52.75 -33.77 8.70
CA LYS C 187 -52.08 -34.15 7.46
C LYS C 187 -50.58 -34.25 7.71
N ASN C 188 -50.15 -33.78 8.88
CA ASN C 188 -48.75 -33.77 9.28
C ASN C 188 -47.88 -33.20 8.17
N LEU C 189 -48.11 -31.92 7.87
CA LEU C 189 -47.33 -31.29 6.80
C LEU C 189 -45.87 -31.24 7.20
N ARG C 190 -45.02 -31.77 6.34
CA ARG C 190 -43.60 -31.97 6.64
C ARG C 190 -42.77 -31.30 5.56
N GLU C 191 -41.83 -30.48 5.98
CA GLU C 191 -40.99 -29.69 5.08
C GLU C 191 -39.53 -30.00 5.33
N PHE C 192 -38.75 -30.01 4.25
CA PHE C 192 -37.32 -30.25 4.37
C PHE C 192 -36.60 -29.37 3.39
N VAL C 193 -35.64 -28.59 3.90
CA VAL C 193 -34.85 -27.69 3.08
C VAL C 193 -33.44 -28.24 2.96
N PHE C 194 -32.89 -28.16 1.76
CA PHE C 194 -31.61 -28.77 1.43
C PHE C 194 -30.75 -27.72 0.74
N LYS C 195 -29.67 -27.32 1.38
CA LYS C 195 -28.80 -26.27 0.86
C LYS C 195 -27.36 -26.75 0.92
N ASN C 196 -26.68 -26.71 -0.22
CA ASN C 196 -25.34 -27.26 -0.36
C ASN C 196 -24.36 -26.11 -0.58
N ILE C 197 -23.55 -25.82 0.44
CA ILE C 197 -22.58 -24.74 0.40
C ILE C 197 -21.35 -25.17 1.19
N ASP C 198 -20.22 -24.54 0.86
CA ASP C 198 -19.00 -24.47 1.68
C ASP C 198 -18.65 -25.77 2.39
N GLY C 199 -18.83 -26.91 1.70
CA GLY C 199 -18.54 -28.18 2.31
C GLY C 199 -19.57 -28.65 3.32
N TYR C 200 -20.53 -27.80 3.68
CA TYR C 200 -21.61 -28.19 4.59
C TYR C 200 -22.93 -28.18 3.84
N PHE C 201 -23.46 -29.37 3.59
CA PHE C 201 -24.84 -29.54 3.14
C PHE C 201 -25.69 -29.76 4.39
N LYS C 202 -26.54 -28.78 4.68
CA LYS C 202 -27.29 -28.77 5.93
C LYS C 202 -28.76 -29.08 5.66
N ILE C 203 -29.37 -29.82 6.58
CA ILE C 203 -30.74 -30.26 6.45
C ILE C 203 -31.59 -29.50 7.45
N TYR C 204 -32.80 -29.15 7.04
CA TYR C 204 -33.75 -28.44 7.87
C TYR C 204 -35.06 -29.22 7.87
N SER C 205 -35.88 -29.00 8.87
CA SER C 205 -37.11 -29.79 9.00
C SER C 205 -38.16 -28.96 9.73
N LYS C 206 -39.35 -29.55 9.86
CA LYS C 206 -40.50 -28.95 10.52
C LYS C 206 -41.63 -29.96 10.44
N HIS C 207 -42.60 -29.79 11.34
CA HIS C 207 -43.82 -30.59 11.29
C HIS C 207 -44.99 -29.68 11.66
N THR C 208 -46.01 -29.65 10.82
CA THR C 208 -47.09 -28.70 11.03
C THR C 208 -48.43 -29.36 10.76
N PRO C 209 -49.45 -29.05 11.57
CA PRO C 209 -50.82 -29.43 11.21
C PRO C 209 -51.34 -28.55 10.09
N ILE C 210 -52.12 -29.14 9.17
CA ILE C 210 -52.82 -28.38 8.15
C ILE C 210 -54.20 -29.00 7.95
N ASN C 211 -55.24 -28.17 8.03
CA ASN C 211 -56.60 -28.61 7.79
C ASN C 211 -57.05 -28.42 6.35
N LEU C 212 -56.28 -27.69 5.54
CA LEU C 212 -56.70 -27.44 4.17
C LEU C 212 -56.56 -28.71 3.34
N VAL C 213 -57.31 -28.74 2.23
CA VAL C 213 -57.36 -29.96 1.42
C VAL C 213 -55.98 -30.33 0.89
N ARG C 214 -55.29 -29.38 0.26
CA ARG C 214 -53.95 -29.66 -0.26
C ARG C 214 -52.95 -28.57 0.10
N ASP C 215 -53.11 -27.40 -0.51
CA ASP C 215 -52.03 -26.41 -0.59
C ASP C 215 -51.82 -25.74 0.77
N LEU C 216 -50.86 -24.82 0.81
CA LEU C 216 -50.22 -24.34 2.03
C LEU C 216 -50.98 -23.17 2.65
N PRO C 217 -50.89 -23.00 3.98
CA PRO C 217 -51.54 -21.85 4.63
C PRO C 217 -50.69 -20.59 4.58
N GLN C 218 -51.14 -19.57 5.31
CA GLN C 218 -50.46 -18.29 5.39
C GLN C 218 -49.43 -18.23 6.52
N GLY C 219 -49.31 -19.28 7.32
CA GLY C 219 -48.44 -19.26 8.48
C GLY C 219 -46.97 -19.37 8.13
N PHE C 220 -46.14 -18.94 9.08
CA PHE C 220 -44.69 -19.01 8.95
C PHE C 220 -44.19 -20.34 9.50
N SER C 221 -43.20 -20.91 8.82
CA SER C 221 -42.61 -22.18 9.22
C SER C 221 -41.11 -21.98 9.44
N ALA C 222 -40.68 -22.11 10.69
CA ALA C 222 -39.25 -21.99 11.00
C ALA C 222 -38.61 -23.36 11.03
N LEU C 223 -37.48 -23.49 10.34
CA LEU C 223 -36.80 -24.77 10.17
C LEU C 223 -35.44 -24.72 10.83
N GLU C 224 -35.23 -25.55 11.81
CA GLU C 224 -33.92 -25.57 12.43
C GLU C 224 -32.98 -26.43 11.61
N PRO C 225 -31.67 -26.15 11.61
CA PRO C 225 -30.73 -27.08 10.99
C PRO C 225 -30.68 -28.38 11.77
N LEU C 226 -30.81 -29.49 11.08
CA LEU C 226 -30.72 -30.79 11.74
C LEU C 226 -29.26 -31.15 11.99
N VAL C 227 -28.51 -31.43 10.92
CA VAL C 227 -27.10 -31.75 11.00
C VAL C 227 -26.37 -30.93 9.94
N ASP C 228 -25.21 -30.40 10.32
CA ASP C 228 -24.34 -29.71 9.39
C ASP C 228 -23.23 -30.65 8.97
N LEU C 229 -23.32 -31.23 7.76
CA LEU C 229 -22.36 -32.32 7.44
C LEU C 229 -21.20 -31.91 6.54
N PRO C 230 -19.97 -32.39 6.83
CA PRO C 230 -18.82 -32.15 5.97
C PRO C 230 -19.05 -33.00 4.71
N ILE C 231 -19.66 -32.39 3.69
CA ILE C 231 -19.99 -33.14 2.48
C ILE C 231 -18.93 -32.96 1.39
N GLY C 232 -18.89 -31.78 0.77
CA GLY C 232 -17.88 -31.49 -0.21
C GLY C 232 -18.18 -31.81 -1.66
N ILE C 233 -19.40 -32.28 -1.97
CA ILE C 233 -19.76 -32.53 -3.37
C ILE C 233 -20.76 -31.49 -3.83
N ASN C 234 -20.68 -31.13 -5.11
CA ASN C 234 -21.71 -30.38 -5.78
C ASN C 234 -22.81 -31.33 -6.23
N ILE C 235 -24.05 -31.00 -5.89
CA ILE C 235 -25.22 -31.78 -6.28
C ILE C 235 -26.03 -30.92 -7.25
N THR C 236 -26.04 -31.30 -8.53
CA THR C 236 -26.80 -30.56 -9.53
C THR C 236 -28.14 -31.17 -9.88
N ARG C 237 -28.46 -32.37 -9.40
CA ARG C 237 -29.70 -33.02 -9.81
C ARG C 237 -30.07 -34.11 -8.81
N PHE C 238 -31.35 -34.48 -8.80
CA PHE C 238 -31.83 -35.43 -7.80
C PHE C 238 -33.19 -35.96 -8.22
N GLN C 239 -33.73 -36.84 -7.38
CA GLN C 239 -35.09 -37.35 -7.42
C GLN C 239 -35.41 -37.85 -6.03
N THR C 240 -36.70 -37.97 -5.70
CA THR C 240 -37.12 -38.43 -4.39
C THR C 240 -37.10 -39.95 -4.36
N LEU C 241 -37.47 -40.52 -3.21
CA LEU C 241 -37.56 -41.95 -3.04
C LEU C 241 -38.96 -42.33 -2.57
N LEU C 242 -39.25 -43.62 -2.68
CA LEU C 242 -40.61 -44.09 -2.49
C LEU C 242 -40.60 -45.38 -1.68
N ALA C 243 -41.75 -45.70 -1.10
CA ALA C 243 -41.95 -46.96 -0.40
C ALA C 243 -43.22 -47.61 -0.97
N LEU C 244 -43.06 -48.74 -1.64
CA LEU C 244 -44.16 -49.46 -2.24
C LEU C 244 -44.11 -50.89 -1.73
N HIS C 245 -45.08 -51.72 -2.11
CA HIS C 245 -45.13 -53.07 -1.59
C HIS C 245 -45.69 -54.04 -2.62
N ARG C 246 -45.97 -55.26 -2.16
CA ARG C 246 -46.53 -56.28 -3.03
C ARG C 246 -47.94 -56.66 -2.60
N SER C 247 -48.79 -56.95 -3.57
CA SER C 247 -50.11 -57.51 -3.26
C SER C 247 -50.23 -58.90 -3.85
N TYR C 248 -51.36 -59.54 -3.60
CA TYR C 248 -51.58 -60.92 -4.00
C TYR C 248 -53.02 -61.09 -4.49
N LEU C 249 -53.30 -62.26 -5.08
CA LEU C 249 -54.20 -62.31 -6.24
C LEU C 249 -55.50 -61.58 -5.99
N THR C 250 -55.74 -60.57 -6.82
CA THR C 250 -56.95 -59.77 -6.89
C THR C 250 -57.12 -59.36 -8.36
N PRO C 251 -58.35 -59.09 -8.80
CA PRO C 251 -58.50 -58.66 -10.20
C PRO C 251 -57.96 -57.25 -10.44
N SER C 256 -46.54 -57.75 -11.21
CA SER C 256 -46.33 -57.84 -9.74
C SER C 256 -47.06 -56.69 -9.04
N GLY C 257 -47.49 -56.90 -7.79
CA GLY C 257 -48.17 -55.83 -7.03
C GLY C 257 -47.28 -54.62 -6.85
N TRP C 258 -47.82 -53.40 -7.02
CA TRP C 258 -47.05 -52.14 -6.78
C TRP C 258 -48.02 -50.98 -6.52
N THR C 259 -47.60 -49.72 -6.73
CA THR C 259 -48.51 -48.53 -6.66
C THR C 259 -49.32 -48.41 -5.36
N ALA C 260 -48.68 -48.25 -4.21
CA ALA C 260 -49.37 -48.16 -2.90
C ALA C 260 -50.04 -46.80 -2.64
N GLY C 261 -51.25 -46.77 -2.08
CA GLY C 261 -51.98 -45.53 -1.70
C GLY C 261 -51.78 -44.41 -2.70
N ALA C 262 -51.47 -43.21 -2.21
CA ALA C 262 -51.26 -42.03 -3.10
C ALA C 262 -50.02 -41.27 -2.64
N ALA C 263 -49.55 -40.31 -3.45
CA ALA C 263 -48.35 -39.56 -3.11
C ALA C 263 -48.29 -38.27 -3.91
N ALA C 264 -48.07 -37.17 -3.19
CA ALA C 264 -47.83 -35.87 -3.80
C ALA C 264 -46.99 -35.03 -2.86
N TYR C 265 -46.20 -34.12 -3.44
CA TYR C 265 -45.35 -33.26 -2.62
C TYR C 265 -45.12 -31.95 -3.34
N TYR C 266 -44.38 -31.07 -2.67
CA TYR C 266 -44.11 -29.71 -3.12
C TYR C 266 -42.61 -29.50 -3.25
N VAL C 267 -42.22 -28.82 -4.32
CA VAL C 267 -40.81 -28.51 -4.56
C VAL C 267 -40.71 -27.08 -5.07
N GLY C 268 -39.69 -26.37 -4.59
CA GLY C 268 -39.36 -25.05 -5.07
C GLY C 268 -37.86 -24.84 -4.93
N TYR C 269 -37.31 -23.92 -5.72
CA TYR C 269 -35.87 -23.72 -5.74
C TYR C 269 -35.51 -22.49 -4.93
N LEU C 270 -34.34 -22.55 -4.28
CA LEU C 270 -33.87 -21.45 -3.46
C LEU C 270 -33.27 -20.35 -4.34
N GLN C 271 -32.79 -19.30 -3.69
CA GLN C 271 -32.37 -18.08 -4.37
C GLN C 271 -31.83 -17.09 -3.34
N PRO C 272 -30.76 -16.38 -3.64
CA PRO C 272 -30.26 -15.37 -2.68
C PRO C 272 -31.25 -14.21 -2.57
N ARG C 273 -31.63 -13.90 -1.34
CA ARG C 273 -32.52 -12.78 -1.04
C ARG C 273 -32.19 -12.27 0.36
N THR C 274 -32.47 -10.99 0.59
CA THR C 274 -32.25 -10.38 1.89
C THR C 274 -33.56 -10.39 2.66
N PHE C 275 -33.58 -11.12 3.79
CA PHE C 275 -34.85 -11.26 4.58
C PHE C 275 -34.77 -10.46 5.89
N LEU C 276 -35.93 -10.12 6.46
CA LEU C 276 -35.95 -9.44 7.79
C LEU C 276 -36.38 -10.46 8.84
N LEU C 277 -35.47 -10.87 9.73
CA LEU C 277 -35.77 -11.94 10.71
C LEU C 277 -36.29 -11.37 12.03
N LYS C 278 -37.61 -11.35 12.26
CA LYS C 278 -38.13 -10.92 13.55
C LYS C 278 -38.17 -12.10 14.50
N TYR C 279 -37.05 -12.18 15.23
CA TYR C 279 -36.85 -13.25 16.21
C TYR C 279 -37.75 -12.87 17.38
N ASN C 280 -38.34 -13.83 18.05
CA ASN C 280 -39.29 -13.54 19.13
C ASN C 280 -38.48 -13.58 20.39
N GLU C 281 -39.06 -13.21 21.52
CA GLU C 281 -38.27 -13.11 22.76
C GLU C 281 -37.67 -14.48 23.02
N ASN C 282 -38.40 -15.52 22.70
CA ASN C 282 -37.94 -16.88 23.02
C ASN C 282 -36.97 -17.32 21.92
N GLY C 283 -36.67 -16.46 20.94
CA GLY C 283 -35.65 -16.82 19.94
C GLY C 283 -36.20 -17.36 18.64
N THR C 284 -37.50 -17.26 18.43
CA THR C 284 -38.17 -17.97 17.31
C THR C 284 -38.70 -16.96 16.32
N ILE C 285 -38.54 -17.17 15.01
CA ILE C 285 -38.94 -16.14 14.02
C ILE C 285 -40.37 -16.30 13.52
N THR C 286 -41.27 -15.32 13.70
CA THR C 286 -42.55 -15.33 13.00
C THR C 286 -42.46 -14.56 11.69
N ASP C 287 -42.45 -13.23 11.75
CA ASP C 287 -42.49 -12.42 10.55
C ASP C 287 -41.11 -12.34 9.92
N ALA C 288 -41.05 -12.74 8.65
CA ALA C 288 -39.91 -12.48 7.78
C ALA C 288 -40.42 -11.72 6.57
N VAL C 289 -39.58 -10.85 6.03
CA VAL C 289 -39.93 -10.01 4.90
C VAL C 289 -38.78 -10.02 3.91
N ASP C 290 -39.09 -10.33 2.64
CA ASP C 290 -38.07 -10.34 1.57
C ASP C 290 -37.97 -8.93 0.98
N CYS C 291 -36.79 -8.33 0.99
CA CYS C 291 -36.62 -6.95 0.45
C CYS C 291 -36.89 -6.89 -1.05
N ALA C 292 -36.42 -7.88 -1.81
CA ALA C 292 -36.56 -7.83 -3.29
C ALA C 292 -37.91 -8.41 -3.74
N LEU C 293 -38.94 -8.27 -2.90
CA LEU C 293 -40.27 -8.72 -3.30
C LEU C 293 -41.00 -7.72 -4.18
N ASP C 294 -41.34 -6.56 -3.64
CA ASP C 294 -41.91 -5.50 -4.45
C ASP C 294 -41.26 -4.18 -4.06
N PRO C 295 -41.57 -3.07 -4.75
CA PRO C 295 -41.03 -1.79 -4.30
C PRO C 295 -41.50 -1.41 -2.91
N LEU C 296 -42.52 -2.08 -2.37
CA LEU C 296 -43.04 -1.81 -0.99
C LEU C 296 -42.16 -2.49 0.06
N SER C 297 -41.85 -3.78 -0.09
CA SER C 297 -41.10 -4.55 0.94
C SER C 297 -39.73 -3.91 1.20
N GLU C 298 -39.12 -3.30 0.19
CA GLU C 298 -37.80 -2.64 0.35
C GLU C 298 -37.92 -1.54 1.41
N THR C 299 -39.06 -0.85 1.47
CA THR C 299 -39.28 0.22 2.48
C THR C 299 -39.16 -0.35 3.89
N LYS C 300 -39.72 -1.55 4.12
CA LYS C 300 -39.66 -2.17 5.46
C LYS C 300 -38.20 -2.42 5.82
N CYS C 301 -37.39 -2.87 4.86
CA CYS C 301 -35.94 -3.09 5.12
C CYS C 301 -35.25 -1.77 5.44
N THR C 302 -35.56 -0.71 4.68
CA THR C 302 -34.95 0.63 4.92
C THR C 302 -35.41 1.15 6.29
N LEU C 303 -36.70 1.01 6.59
CA LEU C 303 -37.27 1.46 7.89
C LEU C 303 -36.73 0.59 9.02
N LYS C 304 -36.41 -0.68 8.73
CA LYS C 304 -35.98 -1.63 9.80
C LYS C 304 -37.09 -1.75 10.83
N SER C 305 -38.35 -1.82 10.39
CA SER C 305 -39.51 -2.00 11.31
C SER C 305 -40.68 -2.62 10.55
N PHE C 306 -41.23 -3.74 11.06
CA PHE C 306 -42.39 -4.36 10.43
C PHE C 306 -43.61 -3.46 10.39
N THR C 307 -43.60 -2.34 11.09
CA THR C 307 -44.65 -1.36 10.97
C THR C 307 -44.03 -0.09 10.41
N VAL C 308 -44.35 0.22 9.17
CA VAL C 308 -43.85 1.43 8.53
C VAL C 308 -44.91 2.51 8.74
N GLU C 309 -44.59 3.48 9.57
CA GLU C 309 -45.52 4.53 9.87
C GLU C 309 -45.70 5.45 8.67
N LYS C 310 -46.76 6.23 8.74
CA LYS C 310 -47.19 7.09 7.63
C LYS C 310 -46.05 8.00 7.19
N GLY C 311 -46.07 8.37 5.93
CA GLY C 311 -45.09 9.26 5.35
C GLY C 311 -44.22 8.56 4.32
N ILE C 312 -43.54 9.38 3.53
CA ILE C 312 -42.81 8.95 2.34
C ILE C 312 -41.41 8.51 2.73
N TYR C 313 -40.92 7.47 2.07
CA TYR C 313 -39.62 6.92 2.34
C TYR C 313 -38.88 6.69 1.04
N GLN C 314 -37.66 7.20 0.96
CA GLN C 314 -36.77 6.84 -0.14
C GLN C 314 -36.20 5.46 0.15
N THR C 315 -36.34 4.57 -0.81
CA THR C 315 -35.94 3.17 -0.64
C THR C 315 -34.75 2.80 -1.52
N SER C 316 -34.91 2.88 -2.83
CA SER C 316 -33.89 2.41 -3.76
C SER C 316 -33.70 3.45 -4.85
N ASN C 317 -32.89 3.08 -5.84
CA ASN C 317 -32.65 3.91 -7.01
C ASN C 317 -32.72 3.00 -8.22
N PHE C 318 -33.20 3.53 -9.35
CA PHE C 318 -33.21 2.77 -10.58
C PHE C 318 -32.35 3.48 -11.61
N ARG C 319 -31.49 2.73 -12.27
CA ARG C 319 -30.61 3.24 -13.31
C ARG C 319 -31.03 2.58 -14.60
N VAL C 320 -31.63 3.35 -15.50
CA VAL C 320 -32.10 2.77 -16.75
C VAL C 320 -30.91 2.16 -17.46
N GLN C 321 -30.99 0.90 -17.76
CA GLN C 321 -29.85 0.29 -18.40
C GLN C 321 -29.91 0.54 -19.89
N PRO C 322 -28.76 0.60 -20.64
CA PRO C 322 -28.77 0.89 -22.08
C PRO C 322 -29.14 -0.31 -22.97
N THR C 323 -29.93 -0.08 -24.03
CA THR C 323 -30.38 -1.19 -24.91
C THR C 323 -29.23 -1.87 -25.66
N GLU C 324 -28.31 -1.10 -26.26
CA GLU C 324 -27.22 -1.72 -27.09
C GLU C 324 -26.05 -0.76 -27.23
N SER C 325 -24.94 -1.21 -27.83
CA SER C 325 -23.72 -0.35 -27.93
C SER C 325 -23.54 0.29 -29.31
N ILE C 326 -23.08 1.55 -29.35
CA ILE C 326 -22.77 2.20 -30.62
C ILE C 326 -21.25 2.35 -30.70
N VAL C 327 -20.64 1.68 -31.68
CA VAL C 327 -19.20 1.91 -31.93
C VAL C 327 -19.19 2.66 -33.25
N ARG C 328 -18.85 3.94 -33.26
CA ARG C 328 -18.96 4.68 -34.56
C ARG C 328 -17.58 5.19 -34.97
N PHE C 329 -16.74 4.31 -35.53
CA PHE C 329 -15.42 4.72 -36.06
C PHE C 329 -15.68 5.52 -37.34
N PRO C 330 -14.79 6.43 -37.78
CA PRO C 330 -15.10 7.32 -38.90
C PRO C 330 -15.38 6.65 -40.26
N ASN C 334 -7.11 7.27 -44.00
CA ASN C 334 -6.59 7.20 -45.36
C ASN C 334 -7.16 6.00 -46.10
N LEU C 335 -6.40 5.55 -47.09
CA LEU C 335 -6.57 4.26 -47.74
C LEU C 335 -5.21 3.78 -48.20
N CYS C 336 -5.01 2.48 -48.14
CA CYS C 336 -3.71 1.95 -48.56
C CYS C 336 -3.72 1.68 -50.06
N PRO C 337 -2.64 2.00 -50.79
CA PRO C 337 -2.67 2.00 -52.25
C PRO C 337 -2.61 0.61 -52.89
N PHE C 338 -3.58 -0.24 -52.55
CA PHE C 338 -3.63 -1.58 -53.13
C PHE C 338 -4.17 -1.53 -54.54
N GLY C 339 -4.92 -0.47 -54.87
CA GLY C 339 -5.26 -0.23 -56.26
C GLY C 339 -4.08 0.30 -57.05
N GLU C 340 -3.08 0.83 -56.35
CA GLU C 340 -1.87 1.30 -57.01
C GLU C 340 -0.74 0.28 -56.99
N VAL C 341 -0.85 -0.75 -56.16
CA VAL C 341 0.16 -1.79 -56.11
C VAL C 341 -0.33 -2.98 -56.91
N PHE C 342 -1.58 -3.38 -56.66
CA PHE C 342 -2.06 -4.65 -57.22
C PHE C 342 -2.56 -4.46 -58.63
N ASN C 343 -3.08 -3.28 -58.95
CA ASN C 343 -3.42 -2.95 -60.32
C ASN C 343 -2.32 -2.13 -61.01
N ALA C 344 -1.08 -2.23 -60.54
CA ALA C 344 0.01 -1.46 -61.11
C ALA C 344 0.36 -1.97 -62.50
N THR C 345 0.97 -1.09 -63.30
CA THR C 345 1.10 -1.36 -64.72
C THR C 345 2.46 -1.95 -65.08
N ARG C 346 3.44 -1.86 -64.19
CA ARG C 346 4.82 -2.20 -64.56
C ARG C 346 5.58 -2.68 -63.33
N PHE C 347 5.69 -4.00 -63.19
CA PHE C 347 6.54 -4.59 -62.17
C PHE C 347 7.92 -4.83 -62.75
N ALA C 348 8.93 -4.56 -61.95
CA ALA C 348 10.29 -4.85 -62.36
C ALA C 348 10.60 -6.33 -62.19
N SER C 349 11.80 -6.71 -62.61
CA SER C 349 12.22 -8.09 -62.46
C SER C 349 12.70 -8.35 -61.04
N VAL C 350 13.32 -9.51 -60.87
CA VAL C 350 13.67 -9.96 -59.53
C VAL C 350 15.09 -9.53 -59.16
N TYR C 351 15.86 -9.11 -60.15
CA TYR C 351 17.22 -8.64 -59.83
C TYR C 351 17.16 -7.23 -59.25
N ALA C 352 16.11 -6.49 -59.56
CA ALA C 352 15.89 -5.13 -59.06
C ALA C 352 14.47 -4.90 -58.60
N TRP C 353 13.93 -5.79 -57.76
CA TRP C 353 12.53 -5.78 -57.38
C TRP C 353 12.15 -4.52 -56.61
N ASN C 354 10.94 -4.05 -56.88
CA ASN C 354 10.43 -2.83 -56.28
C ASN C 354 9.86 -3.10 -54.90
N ARG C 355 10.16 -2.18 -53.98
CA ARG C 355 9.76 -2.30 -52.59
C ARG C 355 9.08 -1.01 -52.17
N LYS C 356 7.94 -1.13 -51.51
CA LYS C 356 7.13 0.03 -51.16
C LYS C 356 6.74 -0.09 -49.69
N ARG C 357 7.38 0.71 -48.85
CA ARG C 357 7.04 0.78 -47.43
C ARG C 357 5.68 1.44 -47.28
N ILE C 358 4.74 0.73 -46.67
CA ILE C 358 3.38 1.22 -46.54
C ILE C 358 2.99 1.23 -45.07
N SER C 359 2.42 2.35 -44.65
CA SER C 359 1.93 2.59 -43.30
C SER C 359 0.97 3.76 -43.38
N ASN C 360 0.31 4.04 -42.25
CA ASN C 360 -0.53 5.23 -42.04
C ASN C 360 -1.71 5.28 -43.02
N CYS C 361 -2.42 4.16 -43.11
CA CYS C 361 -3.59 4.02 -43.98
C CYS C 361 -4.41 2.84 -43.46
N VAL C 362 -5.41 2.42 -44.23
CA VAL C 362 -6.30 1.35 -43.79
C VAL C 362 -6.35 0.24 -44.83
N ALA C 363 -6.53 -0.98 -44.34
CA ALA C 363 -6.41 -2.18 -45.15
C ALA C 363 -7.76 -2.55 -45.76
N ASP C 364 -7.75 -2.87 -47.05
CA ASP C 364 -8.94 -3.26 -47.78
C ASP C 364 -8.98 -4.78 -47.99
N TYR C 365 -8.61 -5.55 -46.97
CA TYR C 365 -8.38 -6.99 -47.03
C TYR C 365 -9.54 -7.85 -47.54
N SER C 366 -10.73 -7.28 -47.62
CA SER C 366 -11.90 -7.96 -48.17
C SER C 366 -11.72 -8.39 -49.61
N VAL C 367 -11.47 -7.43 -50.52
CA VAL C 367 -11.47 -7.73 -51.94
C VAL C 367 -10.23 -8.50 -52.36
N LEU C 368 -9.24 -8.61 -51.48
CA LEU C 368 -8.14 -9.54 -51.66
C LEU C 368 -8.65 -10.95 -51.82
N TYR C 369 -9.60 -11.35 -50.97
CA TYR C 369 -10.16 -12.69 -51.04
C TYR C 369 -11.26 -12.71 -52.09
N ASN C 370 -11.92 -11.57 -52.30
CA ASN C 370 -12.99 -11.51 -53.28
C ASN C 370 -12.45 -11.37 -54.70
N SER C 371 -11.14 -11.19 -54.85
CA SER C 371 -10.54 -11.13 -56.19
C SER C 371 -10.71 -12.47 -56.92
N ALA C 372 -10.11 -13.53 -56.37
CA ALA C 372 -10.32 -14.93 -56.78
C ALA C 372 -9.93 -15.19 -58.24
N SER C 373 -9.09 -14.33 -58.80
CA SER C 373 -8.44 -14.59 -60.08
C SER C 373 -6.98 -14.92 -59.91
N PHE C 374 -6.56 -15.28 -58.70
CA PHE C 374 -5.16 -15.38 -58.33
C PHE C 374 -4.79 -16.85 -58.18
N SER C 375 -3.73 -17.26 -58.87
CA SER C 375 -3.30 -18.65 -58.88
C SER C 375 -2.86 -19.16 -57.52
N THR C 376 -1.78 -18.61 -56.98
CA THR C 376 -1.19 -19.14 -55.75
C THR C 376 -1.20 -18.04 -54.71
N PHE C 377 -2.05 -18.20 -53.71
CA PHE C 377 -2.35 -17.15 -52.74
C PHE C 377 -2.23 -17.79 -51.36
N LYS C 378 -1.10 -17.62 -50.69
CA LYS C 378 -0.94 -18.25 -49.39
C LYS C 378 -0.50 -17.22 -48.36
N CYS C 379 -0.66 -17.60 -47.10
CA CYS C 379 -0.39 -16.67 -46.01
C CYS C 379 0.23 -17.42 -44.84
N TYR C 380 0.66 -16.66 -43.85
CA TYR C 380 1.36 -17.18 -42.68
C TYR C 380 0.99 -16.31 -41.49
N GLY C 381 1.75 -16.47 -40.41
CA GLY C 381 1.57 -15.69 -39.21
C GLY C 381 0.37 -16.09 -38.38
N VAL C 382 -0.84 -15.82 -38.85
CA VAL C 382 -2.08 -16.41 -38.36
C VAL C 382 -3.01 -16.35 -39.57
N SER C 383 -4.11 -17.09 -39.51
CA SER C 383 -5.02 -17.45 -40.62
C SER C 383 -5.43 -16.28 -41.51
N PRO C 384 -5.69 -16.51 -42.80
CA PRO C 384 -6.07 -15.38 -43.67
C PRO C 384 -7.43 -14.77 -43.35
N THR C 385 -8.37 -15.55 -42.84
CA THR C 385 -9.64 -14.97 -42.40
C THR C 385 -9.43 -14.13 -41.14
N LYS C 386 -8.43 -14.47 -40.35
CA LYS C 386 -8.20 -13.74 -39.11
C LYS C 386 -7.49 -12.42 -39.35
N LEU C 387 -6.84 -12.26 -40.50
CA LEU C 387 -5.97 -11.09 -40.64
C LEU C 387 -6.72 -9.84 -41.06
N ASN C 388 -8.04 -9.91 -41.20
CA ASN C 388 -8.85 -8.76 -41.59
C ASN C 388 -8.74 -7.62 -40.57
N ASP C 389 -8.70 -7.98 -39.29
CA ASP C 389 -8.64 -6.96 -38.25
C ASP C 389 -7.28 -6.95 -37.54
N LEU C 390 -6.64 -8.11 -37.43
CA LEU C 390 -5.37 -8.22 -36.72
C LEU C 390 -4.29 -7.50 -37.52
N CYS C 391 -3.89 -6.32 -37.05
CA CYS C 391 -3.28 -5.34 -37.92
C CYS C 391 -1.88 -4.97 -37.47
N PHE C 392 -1.25 -4.08 -38.24
CA PHE C 392 0.18 -4.08 -38.47
C PHE C 392 0.80 -2.71 -38.20
N THR C 393 2.04 -2.73 -37.73
CA THR C 393 2.75 -1.47 -37.50
C THR C 393 3.23 -0.86 -38.80
N ASN C 394 3.90 -1.66 -39.63
CA ASN C 394 4.58 -1.17 -40.81
C ASN C 394 4.80 -2.29 -41.81
N VAL C 395 4.16 -2.19 -42.97
CA VAL C 395 4.20 -3.32 -43.89
C VAL C 395 5.15 -2.98 -45.02
N TYR C 396 5.71 -4.03 -45.60
CA TYR C 396 6.60 -3.91 -46.75
C TYR C 396 5.95 -4.63 -47.91
N ALA C 397 5.55 -3.88 -48.93
CA ALA C 397 4.94 -4.46 -50.10
C ALA C 397 5.96 -4.47 -51.23
N ASP C 398 6.53 -5.63 -51.53
CA ASP C 398 7.52 -5.71 -52.58
C ASP C 398 7.12 -6.72 -53.64
N SER C 399 7.25 -6.34 -54.90
CA SER C 399 6.70 -7.15 -55.97
C SER C 399 7.72 -7.34 -57.09
N PHE C 400 7.53 -8.41 -57.85
CA PHE C 400 8.37 -8.75 -58.98
C PHE C 400 7.64 -9.75 -59.86
N VAL C 401 8.30 -10.17 -60.94
CA VAL C 401 7.72 -11.07 -61.93
C VAL C 401 8.67 -12.24 -62.13
N ILE C 402 8.16 -13.46 -61.94
CA ILE C 402 8.95 -14.67 -62.07
C ILE C 402 8.18 -15.66 -62.95
N ARG C 403 8.76 -16.84 -63.13
CA ARG C 403 8.21 -17.83 -64.03
C ARG C 403 7.15 -18.68 -63.33
N GLY C 404 6.33 -19.34 -64.14
CA GLY C 404 5.24 -20.14 -63.59
C GLY C 404 5.71 -21.44 -62.98
N ASP C 405 6.96 -21.83 -63.23
CA ASP C 405 7.49 -23.05 -62.63
C ASP C 405 8.23 -22.74 -61.33
N GLU C 406 8.94 -21.61 -61.29
CA GLU C 406 9.83 -21.33 -60.17
C GLU C 406 9.11 -20.74 -58.97
N VAL C 407 7.79 -20.57 -59.03
CA VAL C 407 7.09 -19.85 -57.98
C VAL C 407 7.00 -20.68 -56.71
N ARG C 408 7.14 -21.99 -56.83
CA ARG C 408 7.18 -22.85 -55.66
C ARG C 408 8.49 -22.68 -54.92
N GLN C 409 9.53 -22.17 -55.60
CA GLN C 409 10.73 -21.71 -54.91
C GLN C 409 10.39 -20.59 -53.95
N ILE C 410 9.48 -19.69 -54.34
CA ILE C 410 9.02 -18.66 -53.43
C ILE C 410 8.16 -19.32 -52.37
N ALA C 411 8.75 -19.49 -51.19
CA ALA C 411 8.20 -20.04 -49.98
C ALA C 411 9.24 -19.74 -48.92
N PRO C 412 8.84 -19.36 -47.72
CA PRO C 412 9.83 -18.99 -46.70
C PRO C 412 10.63 -20.19 -46.22
N GLY C 413 11.90 -20.21 -46.61
CA GLY C 413 12.78 -21.31 -46.28
C GLY C 413 12.76 -22.44 -47.30
N GLN C 414 13.05 -22.12 -48.55
CA GLN C 414 13.26 -23.12 -49.59
C GLN C 414 14.50 -22.76 -50.38
N THR C 415 14.81 -23.58 -51.38
CA THR C 415 15.95 -23.36 -52.25
C THR C 415 15.46 -23.22 -53.67
N GLY C 416 16.41 -23.15 -54.60
CA GLY C 416 16.12 -22.82 -55.97
C GLY C 416 16.43 -21.36 -56.26
N LYS C 417 16.58 -21.07 -57.56
CA LYS C 417 17.39 -19.94 -58.03
C LYS C 417 16.86 -18.60 -57.53
N ILE C 418 15.55 -18.41 -57.58
CA ILE C 418 14.93 -17.16 -57.17
C ILE C 418 15.12 -16.94 -55.68
N ALA C 419 15.01 -18.02 -54.90
CA ALA C 419 15.30 -17.87 -53.49
C ALA C 419 16.76 -18.09 -53.17
N ASP C 420 17.60 -18.36 -54.16
CA ASP C 420 19.00 -18.57 -53.83
C ASP C 420 19.82 -17.31 -54.08
N TYR C 421 19.58 -16.65 -55.20
CA TYR C 421 20.41 -15.54 -55.58
C TYR C 421 19.64 -14.29 -55.93
N ASN C 422 18.31 -14.35 -55.98
CA ASN C 422 17.49 -13.28 -56.53
C ASN C 422 16.71 -12.56 -55.44
N TYR C 423 15.93 -13.27 -54.64
CA TYR C 423 15.07 -12.66 -53.64
C TYR C 423 14.86 -13.66 -52.51
N LYS C 424 15.12 -13.25 -51.28
CA LYS C 424 15.20 -14.21 -50.19
C LYS C 424 14.19 -13.90 -49.10
N LEU C 425 13.19 -14.77 -48.96
CA LEU C 425 12.35 -14.78 -47.79
C LEU C 425 13.14 -15.19 -46.57
N PRO C 426 12.84 -14.65 -45.39
CA PRO C 426 13.68 -14.90 -44.22
C PRO C 426 13.46 -16.28 -43.62
N ASP C 427 14.10 -16.54 -42.47
CA ASP C 427 13.89 -17.80 -41.79
C ASP C 427 12.60 -17.79 -40.97
N ASP C 428 12.20 -16.63 -40.46
CA ASP C 428 10.96 -16.47 -39.73
C ASP C 428 10.17 -15.36 -40.40
N PHE C 429 9.03 -15.71 -40.98
CA PHE C 429 8.32 -14.82 -41.89
C PHE C 429 6.86 -14.75 -41.48
N THR C 430 6.21 -13.65 -41.81
CA THR C 430 4.83 -13.44 -41.40
C THR C 430 3.88 -13.31 -42.60
N GLY C 431 4.33 -12.67 -43.67
CA GLY C 431 3.42 -12.14 -44.67
C GLY C 431 2.82 -13.16 -45.60
N CYS C 432 2.12 -12.65 -46.61
CA CYS C 432 1.42 -13.44 -47.59
C CYS C 432 2.15 -13.36 -48.93
N VAL C 433 2.15 -14.48 -49.64
CA VAL C 433 2.65 -14.53 -51.01
C VAL C 433 1.43 -14.52 -51.90
N ILE C 434 1.33 -13.50 -52.71
CA ILE C 434 0.23 -13.38 -53.65
C ILE C 434 0.79 -13.54 -55.05
N ALA C 435 0.21 -14.47 -55.80
CA ALA C 435 0.76 -14.88 -57.07
C ALA C 435 -0.35 -15.11 -58.07
N TRP C 436 -0.21 -14.51 -59.25
CA TRP C 436 -1.13 -14.79 -60.33
C TRP C 436 -0.40 -14.68 -61.66
N ASN C 437 -1.09 -15.10 -62.70
CA ASN C 437 -0.58 -15.02 -64.06
C ASN C 437 -0.95 -13.69 -64.68
N SER C 438 0.00 -13.14 -65.43
CA SER C 438 -0.25 -12.01 -66.28
C SER C 438 0.18 -12.30 -67.71
N ASN C 439 -0.24 -13.45 -68.25
CA ASN C 439 0.22 -13.90 -69.57
C ASN C 439 -0.29 -13.00 -70.68
N ASN C 440 -1.47 -12.40 -70.49
CA ASN C 440 -2.04 -11.54 -71.53
C ASN C 440 -1.36 -10.18 -71.62
N LEU C 441 -0.47 -9.85 -70.68
CA LEU C 441 0.22 -8.57 -70.69
C LEU C 441 1.71 -8.73 -70.96
N ASP C 442 2.39 -9.55 -70.17
CA ASP C 442 3.85 -9.63 -70.16
C ASP C 442 4.37 -10.31 -71.42
N SER C 443 3.96 -11.55 -71.64
CA SER C 443 4.46 -12.33 -72.75
C SER C 443 3.89 -11.80 -74.06
N LYS C 444 4.77 -11.35 -74.94
CA LYS C 444 4.36 -10.69 -76.17
C LYS C 444 4.87 -11.48 -77.36
N VAL C 445 4.10 -11.43 -78.45
CA VAL C 445 4.56 -12.01 -79.71
C VAL C 445 5.69 -11.16 -80.26
N GLY C 446 6.63 -11.82 -80.92
CA GLY C 446 7.92 -11.23 -81.18
C GLY C 446 8.91 -11.35 -80.05
N GLY C 447 8.48 -11.85 -78.91
CA GLY C 447 9.33 -12.17 -77.78
C GLY C 447 9.33 -11.09 -76.72
N ASN C 448 9.16 -11.51 -75.47
CA ASN C 448 9.36 -10.66 -74.31
C ASN C 448 10.73 -11.01 -73.75
N TYR C 449 11.63 -10.03 -73.72
CA TYR C 449 12.92 -10.15 -73.08
C TYR C 449 13.24 -8.93 -72.25
N ASN C 450 12.22 -8.19 -71.84
CA ASN C 450 12.41 -7.11 -70.87
C ASN C 450 12.88 -7.67 -69.53
N TYR C 451 12.32 -8.80 -69.13
CA TYR C 451 12.54 -9.29 -67.79
C TYR C 451 13.89 -9.98 -67.66
N LEU C 452 14.41 -9.99 -66.44
CA LEU C 452 15.75 -10.49 -66.15
C LEU C 452 15.72 -11.20 -64.81
N TYR C 453 16.88 -11.72 -64.41
CA TYR C 453 17.12 -12.32 -63.11
C TYR C 453 18.61 -12.56 -63.00
N ARG C 454 19.07 -12.79 -61.77
CA ARG C 454 20.46 -13.13 -61.52
C ARG C 454 20.58 -14.64 -61.40
N LEU C 455 21.53 -15.22 -62.12
CA LEU C 455 21.70 -16.66 -62.13
C LEU C 455 22.85 -17.12 -61.25
N PHE C 456 23.79 -16.25 -60.90
CA PHE C 456 24.93 -16.67 -60.09
C PHE C 456 25.38 -15.53 -59.18
N ARG C 457 26.00 -15.93 -58.07
CA ARG C 457 26.60 -15.06 -57.06
C ARG C 457 27.44 -15.97 -56.19
N LYS C 458 28.48 -15.42 -55.56
CA LYS C 458 29.44 -16.21 -54.81
C LYS C 458 28.97 -16.55 -53.39
N SER C 459 27.70 -16.30 -53.07
CA SER C 459 27.10 -16.77 -51.83
C SER C 459 25.59 -16.79 -52.00
N ASN C 460 24.91 -17.50 -51.10
CA ASN C 460 23.47 -17.39 -51.01
C ASN C 460 23.10 -15.99 -50.50
N LEU C 461 21.86 -15.60 -50.79
CA LEU C 461 21.46 -14.22 -50.64
C LEU C 461 20.88 -13.95 -49.26
N LYS C 462 21.30 -12.85 -48.67
CA LYS C 462 20.78 -12.42 -47.38
C LYS C 462 19.31 -12.04 -47.52
N PRO C 463 18.50 -12.22 -46.48
CA PRO C 463 17.05 -12.07 -46.63
C PRO C 463 16.61 -10.63 -46.88
N PHE C 464 15.69 -10.47 -47.84
CA PHE C 464 15.10 -9.23 -48.33
C PHE C 464 16.09 -8.25 -48.94
N GLU C 465 17.30 -8.66 -49.28
CA GLU C 465 18.25 -7.72 -49.85
C GLU C 465 18.41 -8.01 -51.33
N ARG C 466 18.11 -7.02 -52.16
CA ARG C 466 18.26 -7.15 -53.59
C ARG C 466 19.73 -7.16 -53.98
N ASP C 467 19.98 -7.45 -55.25
CA ASP C 467 21.34 -7.48 -55.78
C ASP C 467 21.31 -6.85 -57.16
N ILE C 468 21.62 -5.56 -57.23
CA ILE C 468 21.67 -4.86 -58.50
C ILE C 468 23.07 -4.81 -59.07
N SER C 469 24.06 -5.29 -58.32
CA SER C 469 25.45 -5.28 -58.74
C SER C 469 25.66 -6.25 -59.89
N THR C 470 25.73 -5.71 -61.10
CA THR C 470 25.83 -6.50 -62.32
C THR C 470 27.27 -6.75 -62.77
N GLU C 471 28.22 -6.71 -61.85
CA GLU C 471 29.61 -7.01 -62.18
C GLU C 471 29.79 -8.49 -62.46
N ILE C 472 30.91 -8.83 -63.05
CA ILE C 472 31.20 -10.20 -63.45
C ILE C 472 31.67 -10.98 -62.23
N TYR C 473 31.08 -12.14 -61.99
CA TYR C 473 31.56 -13.07 -60.98
C TYR C 473 32.60 -13.98 -61.63
N GLN C 474 33.62 -14.34 -60.88
CA GLN C 474 34.72 -15.16 -61.38
C GLN C 474 34.64 -16.53 -60.69
N ALA C 475 34.03 -17.49 -61.39
CA ALA C 475 33.83 -18.82 -60.81
C ALA C 475 35.15 -19.54 -60.66
N GLY C 476 35.90 -19.66 -61.74
CA GLY C 476 37.27 -20.12 -61.63
C GLY C 476 38.18 -19.02 -61.17
N SER C 477 39.44 -19.39 -60.93
CA SER C 477 40.39 -18.49 -60.32
C SER C 477 40.96 -17.46 -61.29
N THR C 478 40.75 -17.61 -62.59
CA THR C 478 41.34 -16.70 -63.58
C THR C 478 40.64 -15.34 -63.56
N PRO C 479 41.33 -14.26 -63.22
CA PRO C 479 40.65 -12.97 -63.02
C PRO C 479 40.25 -12.34 -64.35
N CYS C 480 38.94 -12.15 -64.52
CA CYS C 480 38.41 -11.46 -65.68
C CYS C 480 38.36 -9.95 -65.48
N ASN C 481 38.10 -9.51 -64.25
CA ASN C 481 38.23 -8.11 -63.80
C ASN C 481 37.33 -7.17 -64.59
N GLY C 482 36.03 -7.38 -64.45
CA GLY C 482 35.04 -6.48 -64.98
C GLY C 482 34.55 -6.81 -66.38
N VAL C 483 35.46 -7.13 -67.28
CA VAL C 483 35.10 -7.57 -68.61
C VAL C 483 34.83 -9.07 -68.52
N GLU C 484 34.08 -9.60 -69.48
CA GLU C 484 33.78 -11.02 -69.51
C GLU C 484 35.01 -11.81 -69.93
N GLY C 485 34.93 -13.13 -69.81
CA GLY C 485 36.04 -13.96 -70.26
C GLY C 485 35.87 -15.43 -69.97
N PHE C 486 36.97 -16.12 -69.67
CA PHE C 486 36.95 -17.54 -69.36
C PHE C 486 37.00 -17.76 -67.86
N ASN C 487 36.25 -18.81 -67.44
CA ASN C 487 35.93 -19.26 -66.08
C ASN C 487 34.94 -18.34 -65.41
N CYS C 488 34.58 -17.25 -66.07
CA CYS C 488 33.69 -16.25 -65.54
C CYS C 488 32.53 -16.07 -66.51
N TYR C 489 31.34 -15.84 -65.97
CA TYR C 489 30.17 -15.63 -66.81
C TYR C 489 29.60 -14.25 -66.52
N PHE C 490 28.63 -13.86 -67.34
CA PHE C 490 27.85 -12.68 -67.04
C PHE C 490 26.91 -13.01 -65.88
N PRO C 491 26.59 -12.04 -65.02
CA PRO C 491 25.71 -12.36 -63.89
C PRO C 491 24.26 -12.59 -64.27
N LEU C 492 23.68 -11.78 -65.13
CA LEU C 492 22.25 -11.76 -65.33
C LEU C 492 21.85 -12.55 -66.56
N GLN C 493 20.57 -12.88 -66.63
CA GLN C 493 20.01 -13.56 -67.80
C GLN C 493 18.55 -13.13 -67.89
N SER C 494 18.00 -13.16 -69.09
CA SER C 494 16.59 -12.88 -69.26
C SER C 494 15.76 -14.13 -69.00
N TYR C 495 14.44 -13.95 -69.06
CA TYR C 495 13.50 -15.02 -69.28
C TYR C 495 13.10 -14.99 -70.75
N GLY C 496 12.55 -16.09 -71.25
CA GLY C 496 11.94 -16.08 -72.56
C GLY C 496 10.43 -16.17 -72.45
N PHE C 497 9.74 -15.05 -72.66
CA PHE C 497 8.28 -15.06 -72.58
C PHE C 497 7.68 -14.76 -73.94
N GLN C 498 6.78 -15.65 -74.38
CA GLN C 498 5.85 -15.48 -75.49
C GLN C 498 4.57 -16.19 -75.06
N PRO C 499 3.43 -15.85 -75.67
CA PRO C 499 2.22 -16.66 -75.44
C PRO C 499 2.26 -18.05 -76.09
N THR C 500 3.33 -18.35 -76.84
CA THR C 500 3.58 -19.70 -77.31
C THR C 500 4.10 -20.62 -76.22
N ASN C 501 4.40 -20.07 -75.03
CA ASN C 501 4.83 -20.90 -73.92
C ASN C 501 3.68 -21.74 -73.40
N GLY C 502 4.02 -22.86 -72.76
CA GLY C 502 3.02 -23.63 -72.04
C GLY C 502 2.60 -22.96 -70.75
N VAL C 503 1.69 -23.62 -70.04
CA VAL C 503 1.09 -23.04 -68.85
C VAL C 503 2.10 -23.01 -67.70
N GLY C 504 3.10 -23.89 -67.74
CA GLY C 504 4.11 -23.89 -66.71
C GLY C 504 5.14 -22.79 -66.90
N TYR C 505 5.18 -22.20 -68.09
CA TYR C 505 6.15 -21.15 -68.40
C TYR C 505 5.51 -19.78 -68.49
N GLN C 506 4.41 -19.56 -67.79
CA GLN C 506 3.69 -18.30 -67.90
C GLN C 506 4.17 -17.33 -66.81
N PRO C 507 4.21 -16.03 -67.09
CA PRO C 507 4.74 -15.09 -66.12
C PRO C 507 3.78 -14.82 -64.98
N TYR C 508 4.29 -14.94 -63.77
CA TYR C 508 3.54 -14.59 -62.57
C TYR C 508 4.02 -13.24 -62.08
N ARG C 509 3.08 -12.39 -61.72
CA ARG C 509 3.38 -11.12 -61.08
C ARG C 509 3.25 -11.31 -59.58
N VAL C 510 4.28 -11.88 -58.97
CA VAL C 510 4.26 -12.20 -57.56
C VAL C 510 4.46 -10.92 -56.78
N VAL C 511 3.47 -10.56 -55.98
CA VAL C 511 3.63 -9.50 -55.00
C VAL C 511 3.65 -10.17 -53.63
N VAL C 512 4.58 -9.73 -52.79
CA VAL C 512 4.80 -10.31 -51.48
C VAL C 512 4.52 -9.23 -50.46
N LEU C 513 3.68 -9.54 -49.49
CA LEU C 513 3.39 -8.63 -48.40
C LEU C 513 4.04 -9.15 -47.13
N SER C 514 4.79 -8.28 -46.47
CA SER C 514 5.51 -8.70 -45.29
C SER C 514 5.17 -7.77 -44.15
N PHE C 515 5.08 -8.32 -42.94
CA PHE C 515 4.50 -7.56 -41.84
C PHE C 515 5.45 -7.63 -40.65
N GLU C 516 5.15 -6.81 -39.63
CA GLU C 516 6.01 -6.73 -38.45
C GLU C 516 5.19 -6.17 -37.29
N LEU C 517 5.87 -5.98 -36.15
CA LEU C 517 5.28 -5.43 -34.95
C LEU C 517 6.38 -4.83 -34.09
N LEU C 518 6.15 -3.61 -33.58
CA LEU C 518 7.20 -2.84 -32.92
C LEU C 518 6.63 -2.03 -31.77
N HIS C 519 7.52 -1.27 -31.11
CA HIS C 519 7.14 -0.19 -30.20
C HIS C 519 6.29 0.88 -30.90
N ALA C 520 6.44 1.02 -32.22
CA ALA C 520 5.59 1.82 -33.06
C ALA C 520 4.16 1.29 -33.02
N PRO C 521 3.15 2.16 -33.15
CA PRO C 521 1.77 1.69 -33.12
C PRO C 521 1.38 1.06 -34.44
N ALA C 522 0.18 0.47 -34.43
CA ALA C 522 -0.38 -0.15 -35.61
C ALA C 522 -0.84 0.95 -36.56
N THR C 523 0.10 1.50 -37.32
CA THR C 523 -0.20 2.65 -38.16
C THR C 523 -1.05 2.29 -39.36
N VAL C 524 -0.92 1.07 -39.88
CA VAL C 524 -1.80 0.58 -40.94
C VAL C 524 -2.76 -0.45 -40.33
N CYS C 525 -4.06 -0.19 -40.43
CA CYS C 525 -4.97 -1.06 -39.72
C CYS C 525 -6.33 -1.08 -40.40
N GLY C 526 -6.91 -2.28 -40.47
CA GLY C 526 -8.19 -2.47 -41.08
C GLY C 526 -9.33 -1.92 -40.25
N PRO C 527 -10.56 -2.13 -40.73
CA PRO C 527 -11.76 -1.62 -40.05
C PRO C 527 -12.07 -2.31 -38.73
N THR C 531 -20.73 -0.16 -35.44
CA THR C 531 -22.13 -0.65 -35.26
C THR C 531 -23.09 0.41 -35.81
N ASN C 532 -24.27 0.00 -36.29
CA ASN C 532 -25.19 0.98 -36.93
C ASN C 532 -25.55 2.07 -35.92
N LEU C 533 -25.54 3.33 -36.36
CA LEU C 533 -25.80 4.46 -35.43
C LEU C 533 -27.24 4.40 -34.94
N VAL C 534 -27.43 4.32 -33.62
CA VAL C 534 -28.81 4.35 -33.03
C VAL C 534 -29.07 5.79 -32.54
N LYS C 535 -30.29 6.30 -32.72
CA LYS C 535 -30.60 7.69 -32.31
C LYS C 535 -31.86 7.74 -31.42
N ASN C 536 -31.90 8.72 -30.51
CA ASN C 536 -33.04 8.97 -29.58
C ASN C 536 -33.33 7.74 -28.71
N LYS C 537 -32.27 7.02 -28.29
CA LYS C 537 -32.47 5.82 -27.41
C LYS C 537 -31.31 5.73 -26.40
N CYS C 538 -31.57 5.17 -25.23
CA CYS C 538 -30.51 4.99 -24.20
C CYS C 538 -29.55 3.91 -24.71
N VAL C 539 -28.33 4.29 -25.08
CA VAL C 539 -27.39 3.35 -25.66
C VAL C 539 -26.07 3.49 -24.93
N ASN C 540 -25.18 2.56 -25.17
CA ASN C 540 -23.85 2.59 -24.58
C ASN C 540 -22.87 2.81 -25.74
N PHE C 541 -22.40 4.04 -25.91
CA PHE C 541 -21.81 4.42 -27.18
C PHE C 541 -20.31 4.52 -27.11
N ASN C 542 -19.66 4.22 -28.23
CA ASN C 542 -18.25 4.51 -28.44
C ASN C 542 -18.11 5.29 -29.75
N PHE C 543 -17.57 6.49 -29.67
CA PHE C 543 -17.32 7.32 -30.84
C PHE C 543 -15.83 7.56 -30.97
N ASN C 544 -15.21 6.98 -31.99
CA ASN C 544 -13.80 7.19 -32.29
C ASN C 544 -12.95 7.04 -31.03
N GLY C 545 -13.21 5.97 -30.29
CA GLY C 545 -12.54 5.72 -29.03
C GLY C 545 -13.15 6.39 -27.83
N LEU C 546 -13.98 7.42 -28.03
CA LEU C 546 -14.70 8.02 -26.91
C LEU C 546 -15.84 7.12 -26.50
N THR C 547 -15.85 6.68 -25.25
CA THR C 547 -16.90 5.83 -24.74
C THR C 547 -17.79 6.60 -23.79
N GLY C 548 -19.06 6.23 -23.77
CA GLY C 548 -20.01 6.84 -22.86
C GLY C 548 -21.36 6.20 -23.06
N THR C 549 -22.22 6.41 -22.08
CA THR C 549 -23.57 5.86 -22.09
C THR C 549 -24.56 6.97 -21.86
N GLY C 550 -25.41 7.22 -22.85
CA GLY C 550 -26.35 8.30 -22.71
C GLY C 550 -27.45 8.19 -23.73
N VAL C 551 -28.23 9.26 -23.82
CA VAL C 551 -29.32 9.35 -24.79
C VAL C 551 -28.86 10.25 -25.92
N LEU C 552 -28.56 9.65 -27.07
CA LEU C 552 -28.05 10.41 -28.19
C LEU C 552 -29.22 11.03 -28.94
N THR C 553 -29.18 12.34 -29.14
CA THR C 553 -30.26 13.06 -29.78
C THR C 553 -29.68 13.96 -30.85
N GLU C 554 -30.55 14.48 -31.71
CA GLU C 554 -30.14 15.58 -32.56
C GLU C 554 -29.95 16.83 -31.71
N SER C 555 -29.09 17.73 -32.19
CA SER C 555 -28.78 18.92 -31.41
C SER C 555 -28.43 20.07 -32.35
N ASN C 556 -28.76 21.28 -31.93
CA ASN C 556 -28.54 22.46 -32.75
C ASN C 556 -27.22 23.15 -32.49
N LYS C 557 -26.49 22.78 -31.43
CA LYS C 557 -25.22 23.43 -31.15
C LYS C 557 -24.23 23.13 -32.27
N LYS C 558 -23.46 24.14 -32.65
CA LYS C 558 -22.69 24.11 -33.88
C LYS C 558 -21.19 24.14 -33.57
N PHE C 559 -20.49 23.07 -33.92
CA PHE C 559 -19.06 22.99 -33.67
C PHE C 559 -18.27 23.87 -34.61
N LEU C 560 -17.03 24.11 -34.23
CA LEU C 560 -16.02 24.45 -35.20
C LEU C 560 -15.54 23.19 -35.90
N PRO C 561 -15.18 23.29 -37.16
CA PRO C 561 -14.90 22.08 -37.96
C PRO C 561 -13.86 21.15 -37.40
N PHE C 562 -12.73 21.66 -36.91
CA PHE C 562 -11.64 20.81 -36.45
C PHE C 562 -11.96 20.10 -35.15
N GLN C 563 -12.96 20.59 -34.41
CA GLN C 563 -13.25 20.14 -33.06
C GLN C 563 -13.73 18.71 -33.03
N GLN C 564 -13.70 18.13 -31.84
CA GLN C 564 -14.19 16.77 -31.63
C GLN C 564 -15.32 16.76 -30.60
N PHE C 565 -15.02 16.90 -29.32
CA PHE C 565 -16.01 16.81 -28.26
C PHE C 565 -16.55 18.19 -27.92
N GLY C 566 -17.86 18.30 -27.83
CA GLY C 566 -18.43 19.35 -27.01
C GLY C 566 -18.30 18.97 -25.54
N ARG C 567 -18.33 19.97 -24.68
CA ARG C 567 -18.31 19.71 -23.25
C ARG C 567 -19.18 20.72 -22.53
N ASP C 568 -19.08 20.69 -21.21
CA ASP C 568 -19.97 21.41 -20.33
C ASP C 568 -19.14 21.99 -19.20
N ILE C 569 -19.81 22.69 -18.29
CA ILE C 569 -19.11 23.35 -17.19
C ILE C 569 -18.36 22.33 -16.34
N ALA C 570 -18.86 21.11 -16.25
CA ALA C 570 -18.26 20.08 -15.43
C ALA C 570 -17.16 19.32 -16.14
N ASP C 571 -16.83 19.70 -17.38
CA ASP C 571 -15.84 19.02 -18.22
C ASP C 571 -16.41 17.70 -18.72
N THR C 572 -17.56 17.29 -18.17
CA THR C 572 -18.25 16.10 -18.64
C THR C 572 -18.60 16.21 -20.10
N THR C 573 -18.51 15.10 -20.82
CA THR C 573 -18.85 15.06 -22.24
C THR C 573 -20.31 15.47 -22.38
N ASP C 574 -20.56 16.37 -23.33
CA ASP C 574 -21.94 16.83 -23.56
C ASP C 574 -22.39 16.55 -24.99
N ALA C 575 -21.77 17.22 -25.95
CA ALA C 575 -22.12 17.02 -27.35
C ALA C 575 -20.98 16.33 -28.06
N VAL C 576 -21.32 15.55 -29.09
CA VAL C 576 -20.33 14.86 -29.90
C VAL C 576 -20.69 15.03 -31.36
N ARG C 577 -19.73 14.69 -32.22
CA ARG C 577 -19.89 14.80 -33.66
C ARG C 577 -19.75 13.42 -34.26
N ASP C 578 -20.77 12.99 -34.97
CA ASP C 578 -20.75 11.66 -35.56
C ASP C 578 -19.70 11.64 -36.67
N PRO C 579 -18.65 10.83 -36.55
CA PRO C 579 -17.61 10.87 -37.58
C PRO C 579 -18.06 10.46 -38.98
N GLN C 580 -18.80 9.36 -39.12
CA GLN C 580 -19.10 8.86 -40.47
C GLN C 580 -19.94 9.85 -41.26
N THR C 581 -20.84 10.55 -40.60
CA THR C 581 -21.49 11.72 -41.17
C THR C 581 -21.56 12.78 -40.10
N LEU C 582 -21.00 13.95 -40.40
CA LEU C 582 -20.81 14.93 -39.36
C LEU C 582 -22.16 15.45 -38.91
N GLU C 583 -22.47 15.23 -37.66
CA GLU C 583 -23.70 15.74 -37.09
C GLU C 583 -23.47 15.88 -35.60
N ILE C 584 -24.17 16.81 -34.99
CA ILE C 584 -23.90 17.19 -33.61
C ILE C 584 -24.93 16.50 -32.73
N LEU C 585 -24.47 15.50 -31.97
CA LEU C 585 -25.34 14.73 -31.11
C LEU C 585 -25.19 15.21 -29.69
N ASP C 586 -26.31 15.44 -29.01
CA ASP C 586 -26.25 15.67 -27.58
C ASP C 586 -25.97 14.36 -26.84
N ILE C 587 -25.84 14.48 -25.54
CA ILE C 587 -25.80 13.36 -24.62
C ILE C 587 -26.68 13.76 -23.43
N THR C 588 -27.00 12.81 -22.55
CA THR C 588 -27.90 13.08 -21.39
C THR C 588 -27.81 11.93 -20.38
N PRO C 589 -28.14 12.12 -19.08
CA PRO C 589 -28.14 11.03 -18.11
C PRO C 589 -29.28 10.03 -18.39
N CYS C 590 -29.22 8.85 -17.77
CA CYS C 590 -30.38 7.91 -17.86
C CYS C 590 -31.45 8.49 -16.91
N SER C 591 -32.57 7.80 -16.72
CA SER C 591 -33.65 8.41 -15.89
C SER C 591 -33.18 8.68 -14.46
N PHE C 592 -32.47 7.73 -13.83
CA PHE C 592 -31.90 7.92 -12.47
C PHE C 592 -32.99 8.32 -11.45
N GLY C 593 -32.72 9.33 -10.61
CA GLY C 593 -33.68 9.75 -9.57
C GLY C 593 -33.79 8.74 -8.44
N GLY C 594 -34.56 9.03 -7.38
CA GLY C 594 -34.73 8.02 -6.37
C GLY C 594 -36.14 7.47 -6.38
N VAL C 595 -36.26 6.23 -5.97
CA VAL C 595 -37.58 5.66 -5.75
C VAL C 595 -38.08 6.15 -4.40
N SER C 596 -39.38 6.40 -4.30
CA SER C 596 -39.95 6.84 -3.05
C SER C 596 -41.26 6.11 -2.86
N VAL C 597 -41.43 5.49 -1.70
CA VAL C 597 -42.63 4.73 -1.42
C VAL C 597 -43.52 5.60 -0.55
N ILE C 598 -44.61 6.07 -1.13
CA ILE C 598 -45.60 6.84 -0.40
C ILE C 598 -46.56 5.86 0.23
N THR C 599 -46.65 5.86 1.54
CA THR C 599 -47.58 4.97 2.18
C THR C 599 -48.33 5.64 3.31
N PRO C 600 -49.63 5.34 3.44
CA PRO C 600 -50.26 5.45 4.74
C PRO C 600 -49.62 4.45 5.67
N GLY C 601 -49.80 4.66 6.96
CA GLY C 601 -49.24 3.74 7.92
C GLY C 601 -49.61 2.31 7.59
N THR C 602 -48.66 1.40 7.78
CA THR C 602 -48.98 -0.02 7.61
C THR C 602 -50.10 -0.44 8.53
N ASN C 603 -50.45 0.40 9.51
CA ASN C 603 -51.60 0.13 10.36
C ASN C 603 -52.89 0.34 9.60
N THR C 604 -52.93 1.30 8.68
CA THR C 604 -54.10 1.55 7.85
C THR C 604 -54.17 0.58 6.68
N SER C 605 -53.19 0.64 5.79
CA SER C 605 -53.17 -0.17 4.60
C SER C 605 -51.81 -0.79 4.38
N ASN C 606 -51.80 -1.85 3.58
CA ASN C 606 -50.59 -2.39 2.99
C ASN C 606 -50.37 -1.89 1.58
N GLN C 607 -51.23 -1.01 1.09
CA GLN C 607 -51.11 -0.48 -0.25
C GLN C 607 -50.15 0.71 -0.25
N VAL C 608 -49.33 0.81 -1.29
CA VAL C 608 -48.37 1.90 -1.40
C VAL C 608 -48.46 2.48 -2.81
N ALA C 609 -48.13 3.75 -2.92
CA ALA C 609 -47.98 4.42 -4.20
C ALA C 609 -46.52 4.80 -4.38
N VAL C 610 -45.90 4.30 -5.44
CA VAL C 610 -44.49 4.51 -5.71
C VAL C 610 -44.33 5.80 -6.48
N LEU C 611 -43.42 6.65 -6.04
CA LEU C 611 -43.01 7.84 -6.77
C LEU C 611 -41.62 7.61 -7.33
N TYR C 612 -41.52 7.58 -8.66
CA TYR C 612 -40.23 7.69 -9.31
C TYR C 612 -39.91 9.16 -9.46
N GLN C 613 -38.80 9.61 -8.88
CA GLN C 613 -38.47 11.01 -8.82
C GLN C 613 -37.75 11.46 -10.07
N ASP C 614 -38.16 12.61 -10.59
CA ASP C 614 -37.43 13.31 -11.65
C ASP C 614 -37.19 12.40 -12.85
N VAL C 615 -38.28 11.82 -13.37
CA VAL C 615 -38.21 11.04 -14.59
C VAL C 615 -39.43 11.34 -15.43
N ASN C 616 -39.38 10.90 -16.67
CA ASN C 616 -40.54 10.95 -17.55
C ASN C 616 -41.14 9.57 -17.57
N CYS C 617 -42.46 9.48 -17.66
CA CYS C 617 -43.06 8.15 -17.52
C CYS C 617 -43.01 7.50 -18.89
N THR C 618 -41.94 6.74 -19.10
CA THR C 618 -41.79 5.77 -20.16
C THR C 618 -41.06 4.56 -19.61
N GLU C 619 -39.80 4.77 -19.20
CA GLU C 619 -38.86 3.71 -18.85
C GLU C 619 -39.36 2.81 -17.73
N VAL C 620 -40.42 3.19 -17.06
CA VAL C 620 -41.00 2.34 -16.04
C VAL C 620 -41.34 0.96 -16.62
N ASN C 641 -51.90 2.13 -12.91
CA ASN C 641 -52.45 3.48 -12.91
C ASN C 641 -51.38 4.53 -12.71
N VAL C 642 -51.01 5.21 -13.79
CA VAL C 642 -49.85 6.08 -13.81
C VAL C 642 -50.29 7.53 -13.95
N PHE C 643 -49.49 8.42 -13.37
CA PHE C 643 -49.73 9.85 -13.42
C PHE C 643 -48.38 10.54 -13.48
N GLN C 644 -48.29 11.61 -14.25
CA GLN C 644 -47.08 12.40 -14.36
C GLN C 644 -47.21 13.63 -13.48
N THR C 645 -46.15 13.94 -12.76
CA THR C 645 -46.14 15.02 -11.78
C THR C 645 -45.11 16.06 -12.16
N ARG C 646 -44.96 17.06 -11.30
CA ARG C 646 -43.80 17.92 -11.36
C ARG C 646 -42.57 17.22 -10.78
N ALA C 647 -42.77 16.39 -9.76
CA ALA C 647 -41.64 15.81 -9.05
C ALA C 647 -41.18 14.50 -9.64
N GLY C 648 -41.95 13.92 -10.55
CA GLY C 648 -41.53 12.70 -11.20
C GLY C 648 -42.72 11.84 -11.56
N CYS C 649 -42.43 10.58 -11.83
CA CYS C 649 -43.44 9.63 -12.30
C CYS C 649 -44.02 8.94 -11.09
N LEU C 650 -45.31 9.16 -10.85
CA LEU C 650 -46.00 8.58 -9.72
C LEU C 650 -46.84 7.41 -10.20
N ILE C 651 -46.92 6.37 -9.38
CA ILE C 651 -47.58 5.13 -9.76
C ILE C 651 -48.44 4.65 -8.61
N GLY C 652 -49.68 4.29 -8.91
CA GLY C 652 -50.53 3.69 -7.90
C GLY C 652 -51.21 4.68 -7.00
N ALA C 653 -51.39 5.92 -7.42
CA ALA C 653 -52.23 6.85 -6.72
C ALA C 653 -53.06 7.64 -7.71
N GLU C 654 -54.38 7.58 -7.56
CA GLU C 654 -55.29 8.20 -8.50
C GLU C 654 -55.25 9.70 -8.29
N HIS C 655 -54.96 10.43 -9.37
CA HIS C 655 -54.98 11.88 -9.34
C HIS C 655 -56.36 12.38 -8.90
N VAL C 656 -56.38 13.53 -8.24
CA VAL C 656 -57.63 14.13 -7.78
C VAL C 656 -57.59 15.61 -8.12
N ASN C 657 -58.56 16.06 -8.92
CA ASN C 657 -58.67 17.48 -9.21
C ASN C 657 -58.99 18.31 -7.98
N ASN C 658 -59.66 17.74 -6.98
CA ASN C 658 -59.89 18.44 -5.74
C ASN C 658 -58.58 18.72 -5.05
N SER C 659 -58.59 19.67 -4.13
CA SER C 659 -57.38 20.09 -3.44
C SER C 659 -57.66 20.19 -1.94
N TYR C 660 -56.86 19.49 -1.15
CA TYR C 660 -57.08 19.39 0.29
C TYR C 660 -55.82 19.80 1.02
N GLU C 661 -55.80 19.66 2.35
CA GLU C 661 -54.60 20.00 3.11
C GLU C 661 -53.47 19.04 2.78
N CYS C 662 -52.26 19.58 2.73
CA CYS C 662 -51.10 18.74 2.50
C CYS C 662 -50.92 17.78 3.66
N ASP C 663 -50.77 16.49 3.33
CA ASP C 663 -50.84 15.44 4.32
C ASP C 663 -49.55 14.64 4.35
N ILE C 664 -49.24 13.97 3.24
CA ILE C 664 -47.92 13.38 3.06
C ILE C 664 -47.19 14.19 2.01
N PRO C 665 -46.21 15.01 2.39
CA PRO C 665 -45.56 15.89 1.41
C PRO C 665 -44.74 15.09 0.42
N ILE C 666 -44.86 15.43 -0.85
CA ILE C 666 -44.16 14.70 -1.89
C ILE C 666 -43.14 15.62 -2.55
N GLY C 667 -43.62 16.51 -3.40
CA GLY C 667 -42.78 17.53 -3.96
C GLY C 667 -43.63 18.51 -4.75
N ALA C 668 -43.10 19.72 -4.86
CA ALA C 668 -43.67 20.75 -5.72
C ALA C 668 -45.18 20.89 -5.53
N GLY C 669 -45.63 20.80 -4.28
CA GLY C 669 -47.02 20.98 -3.97
C GLY C 669 -47.86 19.72 -4.01
N ILE C 670 -47.40 18.67 -4.66
CA ILE C 670 -48.13 17.41 -4.67
C ILE C 670 -48.10 16.81 -3.28
N CYS C 671 -49.27 16.54 -2.73
CA CYS C 671 -49.38 15.95 -1.41
C CYS C 671 -50.41 14.84 -1.43
N ALA C 672 -50.05 13.69 -0.87
CA ALA C 672 -50.84 12.49 -0.95
C ALA C 672 -51.51 12.19 0.39
N SER C 673 -52.70 11.59 0.31
CA SER C 673 -53.40 11.13 1.50
C SER C 673 -54.15 9.85 1.13
N TYR C 674 -54.55 9.11 2.17
CA TYR C 674 -55.03 7.75 1.93
C TYR C 674 -56.50 7.68 1.51
N GLN C 675 -57.35 8.56 2.01
CA GLN C 675 -58.79 8.33 1.97
C GLN C 675 -59.31 8.31 0.54
N THR C 676 -60.51 7.74 0.37
CA THR C 676 -61.26 7.86 -0.88
C THR C 676 -61.28 9.30 -1.39
N SER C 689 -62.42 -0.03 -1.38
CA SER C 689 -62.81 1.21 -2.02
C SER C 689 -61.65 2.18 -2.07
N GLN C 690 -61.02 2.38 -0.92
CA GLN C 690 -60.07 3.46 -0.74
C GLN C 690 -58.81 3.24 -1.57
N SER C 691 -58.17 4.36 -1.90
CA SER C 691 -56.94 4.36 -2.68
C SER C 691 -56.13 5.58 -2.29
N ILE C 692 -54.81 5.43 -2.32
CA ILE C 692 -53.92 6.57 -2.15
C ILE C 692 -54.19 7.56 -3.27
N ILE C 693 -54.32 8.83 -2.92
CA ILE C 693 -54.57 9.87 -3.92
C ILE C 693 -53.37 10.79 -3.99
N ALA C 694 -53.41 11.68 -4.97
CA ALA C 694 -52.38 12.70 -5.12
C ALA C 694 -53.06 13.93 -5.68
N TYR C 695 -52.76 15.08 -5.09
CA TYR C 695 -53.50 16.29 -5.45
C TYR C 695 -52.62 17.49 -5.14
N THR C 696 -52.93 18.59 -5.80
CA THR C 696 -52.25 19.83 -5.50
C THR C 696 -52.67 20.28 -4.11
N MET C 697 -51.70 20.47 -3.22
CA MET C 697 -52.03 20.85 -1.87
C MET C 697 -52.66 22.23 -1.87
N SER C 698 -53.78 22.35 -1.18
CA SER C 698 -54.31 23.67 -0.87
C SER C 698 -53.50 24.21 0.29
N LEU C 699 -52.84 25.35 0.08
CA LEU C 699 -52.22 26.01 1.23
C LEU C 699 -53.36 26.68 1.96
N GLY C 700 -53.64 26.21 3.17
CA GLY C 700 -54.67 26.82 3.97
C GLY C 700 -56.06 26.64 3.41
N ALA C 701 -57.07 26.95 4.22
CA ALA C 701 -58.39 27.27 3.72
C ALA C 701 -58.43 28.73 3.30
N GLU C 702 -59.34 29.05 2.39
CA GLU C 702 -59.41 30.40 1.84
C GLU C 702 -60.39 31.25 2.65
N ASN C 703 -60.03 32.51 2.83
CA ASN C 703 -60.90 33.52 3.41
C ASN C 703 -60.66 34.82 2.69
N SER C 704 -61.67 35.68 2.68
CA SER C 704 -61.51 37.05 2.22
C SER C 704 -62.14 37.94 3.28
N VAL C 705 -61.32 38.74 3.93
CA VAL C 705 -61.82 39.60 4.99
C VAL C 705 -62.78 40.61 4.39
N ALA C 706 -63.90 40.85 5.07
CA ALA C 706 -64.88 41.79 4.57
C ALA C 706 -64.49 43.15 5.12
N TYR C 707 -64.01 44.01 4.25
CA TYR C 707 -63.26 45.19 4.65
C TYR C 707 -63.88 46.43 4.04
N SER C 708 -64.13 47.42 4.88
CA SER C 708 -64.50 48.74 4.37
C SER C 708 -64.03 49.76 5.38
N ASN C 709 -63.67 50.92 4.86
CA ASN C 709 -62.93 51.92 5.62
C ASN C 709 -63.61 52.32 6.92
N ASN C 710 -64.89 52.05 7.09
CA ASN C 710 -65.52 52.25 8.40
C ASN C 710 -65.77 50.96 9.15
N SER C 711 -65.33 49.82 8.65
CA SER C 711 -65.72 48.52 9.20
C SER C 711 -64.68 47.99 10.18
N ILE C 712 -65.09 47.77 11.43
CA ILE C 712 -64.24 47.17 12.44
C ILE C 712 -64.98 46.03 13.11
N ALA C 713 -64.23 45.01 13.52
CA ALA C 713 -64.77 43.85 14.20
C ALA C 713 -64.02 43.64 15.49
N ILE C 714 -64.70 43.83 16.61
CA ILE C 714 -64.11 43.80 17.95
C ILE C 714 -64.62 42.55 18.67
N PRO C 715 -63.74 41.67 19.15
CA PRO C 715 -64.21 40.44 19.78
C PRO C 715 -64.99 40.71 21.06
N THR C 716 -66.12 40.03 21.19
CA THR C 716 -66.97 40.15 22.36
C THR C 716 -66.66 39.14 23.45
N ASN C 717 -65.84 38.14 23.14
CA ASN C 717 -65.66 37.03 24.05
C ASN C 717 -64.37 36.33 23.65
N PHE C 718 -63.85 35.53 24.56
CA PHE C 718 -62.52 35.00 24.38
C PHE C 718 -62.46 33.56 24.84
N THR C 719 -61.35 32.91 24.50
CA THR C 719 -60.98 31.65 25.09
C THR C 719 -59.61 31.79 25.72
N ILE C 720 -59.29 30.86 26.61
CA ILE C 720 -57.97 30.74 27.18
C ILE C 720 -57.47 29.36 26.78
N SER C 721 -56.49 29.32 25.89
CA SER C 721 -56.00 28.06 25.37
C SER C 721 -54.63 27.78 25.96
N VAL C 722 -54.38 26.51 26.23
CA VAL C 722 -53.09 26.06 26.72
C VAL C 722 -52.45 25.24 25.62
N THR C 723 -51.41 25.79 25.01
CA THR C 723 -50.74 25.13 23.90
C THR C 723 -49.37 24.64 24.36
N THR C 724 -49.22 23.32 24.38
CA THR C 724 -47.95 22.71 24.70
C THR C 724 -46.90 23.13 23.68
N GLU C 725 -45.72 23.47 24.17
CA GLU C 725 -44.57 23.73 23.31
C GLU C 725 -43.38 23.00 23.90
N ILE C 726 -42.62 22.32 23.04
CA ILE C 726 -41.66 21.32 23.48
C ILE C 726 -40.32 21.61 22.83
N LEU C 727 -39.25 21.59 23.63
CA LEU C 727 -37.94 21.93 23.16
C LEU C 727 -36.92 21.00 23.78
N PRO C 728 -35.89 20.60 23.03
CA PRO C 728 -34.77 19.91 23.65
C PRO C 728 -33.99 20.87 24.53
N VAL C 729 -33.23 20.31 25.45
CA VAL C 729 -32.37 21.12 26.31
C VAL C 729 -30.97 20.54 26.25
N SER C 730 -30.83 19.31 26.69
CA SER C 730 -29.57 18.62 26.64
C SER C 730 -29.74 17.31 25.88
N MET C 731 -28.61 16.73 25.49
CA MET C 731 -28.57 15.45 24.82
C MET C 731 -27.68 14.52 25.65
N THR C 732 -27.79 13.22 25.35
CA THR C 732 -27.09 12.24 26.16
C THR C 732 -25.59 12.46 26.11
N LYS C 733 -24.98 12.63 27.27
CA LYS C 733 -23.55 12.85 27.36
C LYS C 733 -22.82 11.55 27.12
N THR C 734 -21.69 11.63 26.42
CA THR C 734 -20.88 10.45 26.20
C THR C 734 -19.41 10.82 26.31
N SER C 735 -18.60 9.79 26.51
CA SER C 735 -17.18 9.85 26.31
C SER C 735 -16.76 8.54 25.68
N VAL C 736 -15.78 8.60 24.79
CA VAL C 736 -15.35 7.45 24.02
C VAL C 736 -13.85 7.37 24.10
N ASP C 737 -13.33 6.21 24.50
CA ASP C 737 -11.90 6.04 24.62
C ASP C 737 -11.37 5.57 23.27
N CYS C 738 -10.65 6.47 22.61
CA CYS C 738 -10.07 6.15 21.32
C CYS C 738 -9.19 4.92 21.39
N THR C 739 -8.27 4.90 22.35
CA THR C 739 -7.30 3.81 22.41
C THR C 739 -8.01 2.46 22.47
N MET C 740 -9.01 2.33 23.34
CA MET C 740 -9.70 1.05 23.46
C MET C 740 -10.64 0.83 22.28
N TYR C 741 -11.34 1.87 21.85
CA TYR C 741 -12.29 1.71 20.75
C TYR C 741 -11.58 1.24 19.49
N ILE C 742 -10.62 2.02 19.03
CA ILE C 742 -9.90 1.66 17.81
C ILE C 742 -9.20 0.33 17.99
N CYS C 743 -8.34 0.24 19.00
CA CYS C 743 -7.50 -0.92 19.23
C CYS C 743 -8.09 -1.69 20.40
N GLY C 744 -8.72 -2.81 20.14
CA GLY C 744 -9.26 -3.51 21.28
C GLY C 744 -8.13 -4.08 22.11
N ASP C 745 -7.93 -3.53 23.30
CA ASP C 745 -7.12 -4.09 24.37
C ASP C 745 -5.83 -4.77 23.89
N SER C 746 -5.19 -4.22 22.86
CA SER C 746 -4.06 -4.90 22.25
C SER C 746 -2.98 -3.88 21.90
N THR C 747 -1.78 -4.11 22.40
CA THR C 747 -0.72 -3.12 22.23
C THR C 747 -0.25 -3.06 20.79
N GLU C 748 -0.32 -4.17 20.06
CA GLU C 748 0.07 -4.16 18.65
C GLU C 748 -0.58 -3.01 17.91
N CYS C 749 -1.88 -2.83 18.13
CA CYS C 749 -2.56 -1.68 17.55
C CYS C 749 -2.30 -0.42 18.35
N SER C 750 -2.09 -0.55 19.67
CA SER C 750 -1.89 0.64 20.49
C SER C 750 -0.62 1.39 20.07
N ASN C 751 0.43 0.65 19.71
CA ASN C 751 1.66 1.30 19.27
C ASN C 751 1.41 2.19 18.06
N LEU C 752 0.79 1.63 17.02
CA LEU C 752 0.54 2.39 15.81
C LEU C 752 -0.26 3.65 16.09
N LEU C 753 -1.24 3.56 16.99
CA LEU C 753 -2.06 4.72 17.30
C LEU C 753 -1.22 5.88 17.80
N LEU C 754 -0.08 5.59 18.42
CA LEU C 754 0.81 6.66 18.88
C LEU C 754 1.34 7.48 17.72
N GLN C 755 1.35 6.91 16.52
CA GLN C 755 1.90 7.61 15.38
C GLN C 755 0.95 8.63 14.80
N TYR C 756 -0.34 8.51 15.07
CA TYR C 756 -1.30 9.51 14.66
C TYR C 756 -1.44 10.63 15.66
N GLY C 757 -0.65 10.60 16.74
CA GLY C 757 -0.57 11.72 17.64
C GLY C 757 -1.83 12.02 18.40
N SER C 758 -2.30 13.25 18.28
CA SER C 758 -3.39 13.77 19.09
C SER C 758 -4.76 13.27 18.66
N PHE C 759 -4.86 12.66 17.47
CA PHE C 759 -6.16 12.17 17.01
C PHE C 759 -6.86 11.39 18.09
N CYS C 760 -6.13 10.58 18.85
CA CYS C 760 -6.74 9.87 19.96
C CYS C 760 -7.23 10.86 21.01
N THR C 761 -6.35 11.74 21.47
CA THR C 761 -6.70 12.60 22.59
C THR C 761 -7.72 13.66 22.18
N GLN C 762 -7.43 14.41 21.11
CA GLN C 762 -8.24 15.58 20.82
C GLN C 762 -9.70 15.23 20.64
N LEU C 763 -10.02 13.99 20.28
CA LEU C 763 -11.41 13.58 20.27
C LEU C 763 -12.01 13.68 21.66
N ASN C 764 -11.32 13.11 22.65
CA ASN C 764 -11.78 13.25 24.03
C ASN C 764 -11.97 14.72 24.37
N ARG C 765 -11.01 15.56 23.97
CA ARG C 765 -11.18 16.99 24.20
C ARG C 765 -12.44 17.51 23.51
N ALA C 766 -12.72 17.02 22.31
CA ALA C 766 -13.95 17.43 21.65
C ALA C 766 -15.16 16.92 22.41
N LEU C 767 -15.21 15.62 22.68
CA LEU C 767 -16.35 15.06 23.37
C LEU C 767 -16.53 15.68 24.75
N THR C 768 -15.46 15.72 25.53
CA THR C 768 -15.52 16.44 26.81
C THR C 768 -16.00 17.86 26.59
N GLY C 769 -15.51 18.52 25.54
CA GLY C 769 -16.01 19.85 25.23
C GLY C 769 -17.51 19.88 25.08
N ILE C 770 -18.08 18.83 24.46
CA ILE C 770 -19.53 18.72 24.40
C ILE C 770 -20.10 18.45 25.77
N ALA C 771 -19.66 17.36 26.41
CA ALA C 771 -20.32 16.91 27.62
C ALA C 771 -20.22 17.93 28.74
N VAL C 772 -19.15 18.72 28.77
CA VAL C 772 -19.04 19.78 29.76
C VAL C 772 -20.19 20.75 29.62
N GLU C 773 -20.39 21.29 28.42
CA GLU C 773 -21.43 22.28 28.25
C GLU C 773 -22.81 21.68 28.29
N GLN C 774 -22.95 20.38 28.02
CA GLN C 774 -24.26 19.76 28.09
C GLN C 774 -24.93 20.02 29.43
N ASP C 775 -24.14 20.11 30.48
CA ASP C 775 -24.70 20.51 31.77
C ASP C 775 -24.82 22.01 31.89
N LYS C 776 -24.07 22.78 31.11
CA LYS C 776 -24.30 24.22 31.11
C LYS C 776 -25.65 24.54 30.50
N ASN C 777 -26.05 23.79 29.47
CA ASN C 777 -27.40 23.94 28.92
C ASN C 777 -28.43 23.79 30.02
N THR C 778 -28.52 22.58 30.58
CA THR C 778 -29.45 22.34 31.68
C THR C 778 -29.25 23.32 32.82
N GLN C 779 -28.03 23.81 33.00
CA GLN C 779 -27.77 24.78 34.05
C GLN C 779 -28.59 26.04 33.84
N GLU C 780 -28.43 26.68 32.69
CA GLU C 780 -29.06 27.97 32.47
C GLU C 780 -30.54 27.84 32.19
N VAL C 781 -30.96 26.77 31.54
CA VAL C 781 -32.38 26.60 31.25
C VAL C 781 -33.16 26.45 32.55
N PHE C 782 -32.85 25.41 33.31
CA PHE C 782 -33.69 25.09 34.45
C PHE C 782 -33.35 25.92 35.67
N ALA C 783 -32.08 26.10 36.01
CA ALA C 783 -31.77 26.86 37.21
C ALA C 783 -31.42 28.28 36.77
N GLN C 784 -32.44 29.12 36.75
CA GLN C 784 -32.31 30.56 36.81
C GLN C 784 -32.72 31.09 38.16
N VAL C 785 -33.20 30.22 39.04
CA VAL C 785 -33.90 30.62 40.23
C VAL C 785 -32.95 30.54 41.41
N LYS C 786 -32.96 31.58 42.23
CA LYS C 786 -32.02 31.65 43.34
C LYS C 786 -32.37 30.66 44.43
N GLN C 787 -33.65 30.49 44.73
CA GLN C 787 -34.10 29.70 45.85
C GLN C 787 -35.15 28.72 45.38
N ILE C 788 -35.30 27.62 46.11
CA ILE C 788 -36.31 26.63 45.75
C ILE C 788 -37.57 26.99 46.51
N TYR C 789 -38.55 27.51 45.80
CA TYR C 789 -39.84 27.79 46.37
C TYR C 789 -40.65 26.51 46.50
N LYS C 790 -41.65 26.55 47.36
CA LYS C 790 -42.66 25.51 47.35
C LYS C 790 -44.00 26.14 47.68
N THR C 791 -45.03 25.64 47.03
CA THR C 791 -46.37 26.18 47.20
C THR C 791 -46.78 26.09 48.65
N PRO C 792 -47.71 26.92 49.10
CA PRO C 792 -48.25 26.78 50.43
C PRO C 792 -48.98 25.46 50.57
N PRO C 793 -49.26 25.02 51.78
CA PRO C 793 -49.97 23.75 51.92
C PRO C 793 -51.34 23.75 51.30
N ILE C 794 -52.03 24.89 51.32
CA ILE C 794 -53.42 24.99 50.88
C ILE C 794 -53.49 25.83 49.62
N LYS C 795 -54.33 25.42 48.68
CA LYS C 795 -54.47 26.09 47.40
C LYS C 795 -55.86 26.70 47.31
N ASP C 796 -55.93 28.03 47.36
CA ASP C 796 -57.06 28.74 46.76
C ASP C 796 -56.46 29.72 45.75
N PHE C 797 -56.56 29.38 44.48
CA PHE C 797 -56.11 30.24 43.42
C PHE C 797 -57.24 30.96 42.73
N GLY C 798 -58.46 30.81 43.23
CA GLY C 798 -59.62 31.36 42.57
C GLY C 798 -60.33 30.38 41.67
N GLY C 799 -60.09 29.09 41.85
CA GLY C 799 -60.69 28.10 41.00
C GLY C 799 -59.78 27.54 39.94
N PHE C 800 -58.51 27.93 39.94
CA PHE C 800 -57.56 27.42 38.96
C PHE C 800 -56.91 26.19 39.57
N ASN C 801 -57.16 25.03 38.98
CA ASN C 801 -56.72 23.79 39.57
C ASN C 801 -55.37 23.43 38.98
N PHE C 802 -54.32 23.54 39.78
CA PHE C 802 -52.98 23.22 39.33
C PHE C 802 -52.54 21.83 39.75
N SER C 803 -53.40 21.08 40.44
CA SER C 803 -52.98 19.80 40.99
C SER C 803 -52.48 18.86 39.91
N GLN C 804 -52.71 19.18 38.65
CA GLN C 804 -52.05 18.43 37.59
C GLN C 804 -50.58 18.80 37.48
N ILE C 805 -50.29 20.11 37.41
CA ILE C 805 -48.92 20.55 37.15
C ILE C 805 -48.04 20.60 38.39
N LEU C 806 -48.61 20.68 39.57
CA LEU C 806 -47.76 20.77 40.75
C LEU C 806 -47.13 19.42 41.03
N PRO C 807 -46.05 19.40 41.81
CA PRO C 807 -45.39 18.12 42.11
C PRO C 807 -46.37 17.16 42.77
N ASP C 808 -46.35 15.92 42.33
CA ASP C 808 -47.16 14.92 42.99
C ASP C 808 -46.53 14.57 44.32
N PRO C 809 -47.17 14.87 45.45
CA PRO C 809 -46.52 14.58 46.73
C PRO C 809 -46.33 13.10 46.98
N SER C 810 -47.21 12.28 46.40
CA SER C 810 -47.21 10.82 46.66
C SER C 810 -46.16 10.08 45.84
N LYS C 811 -46.00 10.40 44.56
CA LYS C 811 -44.92 9.73 43.81
C LYS C 811 -43.57 9.82 44.55
N PRO C 812 -42.74 8.76 44.67
CA PRO C 812 -41.41 8.86 45.29
C PRO C 812 -40.60 10.00 44.72
N SER C 813 -40.53 10.09 43.39
CA SER C 813 -40.01 11.28 42.75
C SER C 813 -41.17 12.24 42.58
N LYS C 814 -41.07 13.41 43.20
CA LYS C 814 -42.20 14.33 43.15
C LYS C 814 -42.17 14.99 41.78
N ARG C 815 -43.21 14.71 40.99
CA ARG C 815 -43.29 15.13 39.61
C ARG C 815 -44.75 15.33 39.30
N SER C 816 -45.06 16.36 38.52
CA SER C 816 -46.44 16.62 38.19
C SER C 816 -47.05 15.41 37.51
N PHE C 817 -48.35 15.22 37.69
CA PHE C 817 -49.04 14.16 36.97
C PHE C 817 -48.73 14.23 35.49
N ILE C 818 -48.56 15.44 34.97
CA ILE C 818 -48.27 15.61 33.55
C ILE C 818 -46.90 15.04 33.22
N GLU C 819 -45.88 15.45 33.98
CA GLU C 819 -44.51 15.04 33.67
C GLU C 819 -44.41 13.52 33.50
N ASP C 820 -45.12 12.77 34.33
CA ASP C 820 -45.02 11.32 34.24
C ASP C 820 -45.57 10.80 32.92
N LEU C 821 -46.58 11.47 32.37
CA LEU C 821 -47.03 11.12 31.03
C LEU C 821 -45.86 11.18 30.05
N LEU C 822 -45.06 12.25 30.16
CA LEU C 822 -43.91 12.39 29.28
C LEU C 822 -42.94 11.23 29.46
N PHE C 823 -42.54 10.98 30.70
CA PHE C 823 -41.56 9.94 30.95
C PHE C 823 -42.02 8.58 30.46
N ASN C 824 -43.33 8.40 30.27
CA ASN C 824 -43.81 7.20 29.60
C ASN C 824 -43.56 7.30 28.10
N LYS C 825 -43.94 8.42 27.49
CA LYS C 825 -43.96 8.49 26.04
C LYS C 825 -42.55 8.46 25.46
N VAL C 826 -41.61 9.11 26.10
CA VAL C 826 -40.22 9.00 25.70
C VAL C 826 -39.64 7.71 26.29
N THR C 827 -38.64 7.16 25.63
CA THR C 827 -37.95 5.99 26.15
C THR C 827 -36.46 6.27 26.32
N ASP C 848 -28.23 -5.35 26.26
CA ASP C 848 -28.94 -4.06 26.02
C ASP C 848 -28.07 -3.16 25.14
N LEU C 849 -28.66 -2.12 24.56
CA LEU C 849 -27.91 -1.23 23.63
C LEU C 849 -26.75 -0.60 24.40
N ILE C 850 -27.05 -0.09 25.59
CA ILE C 850 -26.00 0.57 26.42
C ILE C 850 -24.92 -0.47 26.69
N CYS C 851 -25.28 -1.73 26.92
CA CYS C 851 -24.23 -2.71 27.33
C CYS C 851 -23.17 -2.86 26.23
N ALA C 852 -23.54 -3.05 24.96
CA ALA C 852 -22.52 -3.27 23.91
C ALA C 852 -21.68 -2.00 23.80
N GLN C 853 -22.34 -0.85 23.78
CA GLN C 853 -21.68 0.45 23.84
C GLN C 853 -20.72 0.50 25.01
N LYS C 854 -21.23 0.22 26.21
CA LYS C 854 -20.40 0.18 27.40
C LYS C 854 -19.22 -0.74 27.21
N PHE C 855 -19.33 -1.69 26.27
CA PHE C 855 -18.29 -2.70 26.11
C PHE C 855 -17.17 -2.31 25.17
N ASN C 856 -17.38 -1.35 24.27
CA ASN C 856 -16.34 -0.98 23.31
C ASN C 856 -15.56 0.26 23.69
N GLY C 857 -15.82 0.84 24.85
CA GLY C 857 -15.26 2.11 25.21
C GLY C 857 -16.23 3.25 25.11
N LEU C 858 -17.48 2.98 24.77
CA LEU C 858 -18.51 4.00 24.68
C LEU C 858 -19.22 4.07 26.03
N THR C 859 -19.04 5.17 26.74
CA THR C 859 -19.61 5.33 28.05
C THR C 859 -20.62 6.47 28.05
N VAL C 860 -21.63 6.41 28.89
CA VAL C 860 -22.66 7.47 28.82
C VAL C 860 -22.65 8.10 30.18
N LEU C 861 -21.92 9.19 30.33
CA LEU C 861 -21.77 9.81 31.66
C LEU C 861 -23.13 10.24 32.24
N PRO C 862 -23.34 10.34 33.57
CA PRO C 862 -24.65 10.66 34.09
C PRO C 862 -24.91 12.16 33.99
N PRO C 863 -26.12 12.55 33.63
CA PRO C 863 -26.44 13.98 33.63
C PRO C 863 -26.29 14.55 35.03
N LEU C 864 -25.56 15.65 35.12
CA LEU C 864 -25.20 16.20 36.43
C LEU C 864 -26.43 16.38 37.32
N LEU C 865 -27.56 16.75 36.74
CA LEU C 865 -28.79 16.94 37.49
C LEU C 865 -29.70 15.74 37.25
N THR C 866 -29.98 14.99 38.32
CA THR C 866 -30.93 13.91 38.20
C THR C 866 -32.33 14.45 37.97
N ASP C 867 -33.20 13.59 37.44
CA ASP C 867 -34.56 14.00 37.16
C ASP C 867 -35.26 14.51 38.40
N GLU C 868 -34.96 13.94 39.56
CA GLU C 868 -35.56 14.44 40.78
C GLU C 868 -35.10 15.86 41.08
N MET C 869 -33.92 16.24 40.64
CA MET C 869 -33.46 17.60 40.84
C MET C 869 -34.17 18.55 39.87
N ILE C 870 -34.19 18.19 38.59
CA ILE C 870 -34.91 18.98 37.61
C ILE C 870 -36.32 19.23 38.08
N ALA C 871 -36.95 18.20 38.66
CA ALA C 871 -38.32 18.34 39.15
C ALA C 871 -38.41 19.25 40.37
N GLN C 872 -37.31 19.58 41.02
CA GLN C 872 -37.40 20.64 42.02
C GLN C 872 -37.38 22.02 41.36
N TYR C 873 -36.48 22.23 40.41
CA TYR C 873 -36.48 23.49 39.68
C TYR C 873 -37.83 23.75 39.03
N THR C 874 -38.22 22.89 38.11
CA THR C 874 -39.50 23.05 37.45
C THR C 874 -40.65 23.02 38.44
N SER C 875 -40.41 22.64 39.68
CA SER C 875 -41.37 22.93 40.74
C SER C 875 -41.20 24.36 41.24
N ALA C 876 -39.98 24.79 41.48
CA ALA C 876 -39.74 26.11 42.05
C ALA C 876 -40.24 27.20 41.12
N LEU C 877 -39.71 27.24 39.90
CA LEU C 877 -40.18 28.17 38.90
C LEU C 877 -41.70 28.12 38.80
N LEU C 878 -42.24 26.92 38.75
CA LEU C 878 -43.69 26.78 38.67
C LEU C 878 -44.36 27.22 39.97
N ALA C 879 -43.72 26.99 41.12
CA ALA C 879 -44.34 27.44 42.35
C ALA C 879 -44.10 28.92 42.60
N GLY C 880 -43.07 29.49 42.00
CA GLY C 880 -42.86 30.91 42.17
C GLY C 880 -43.83 31.68 41.31
N THR C 881 -43.99 31.23 40.07
CA THR C 881 -44.88 31.92 39.14
C THR C 881 -46.29 31.98 39.68
N ILE C 882 -46.74 30.90 40.32
CA ILE C 882 -48.10 30.87 40.85
C ILE C 882 -48.28 31.94 41.91
N THR C 883 -47.51 31.84 42.99
CA THR C 883 -47.72 32.72 44.13
C THR C 883 -47.18 34.11 43.88
N SER C 884 -45.91 34.20 43.49
CA SER C 884 -45.15 35.43 43.60
C SER C 884 -45.26 36.32 42.38
N GLY C 885 -46.11 35.95 41.42
CA GLY C 885 -46.07 36.74 40.21
C GLY C 885 -44.79 36.46 39.46
N TRP C 886 -44.37 37.43 38.66
CA TRP C 886 -43.12 37.30 37.93
C TRP C 886 -41.94 37.88 38.68
N THR C 887 -42.18 38.53 39.81
CA THR C 887 -41.16 39.35 40.44
C THR C 887 -39.98 38.55 40.97
N PHE C 888 -40.06 37.23 40.99
CA PHE C 888 -38.93 36.50 41.53
C PHE C 888 -37.78 36.40 40.55
N GLY C 889 -38.03 36.64 39.27
CA GLY C 889 -36.93 36.74 38.33
C GLY C 889 -36.15 38.02 38.45
N ALA C 890 -36.79 39.08 38.94
CA ALA C 890 -36.16 40.38 39.10
C ALA C 890 -35.68 40.64 40.52
N GLY C 891 -35.80 39.68 41.41
CA GLY C 891 -35.44 39.96 42.80
C GLY C 891 -36.20 39.04 43.73
N ALA C 892 -36.38 39.54 44.96
CA ALA C 892 -37.09 38.77 45.97
C ALA C 892 -38.53 38.51 45.54
N ALA C 893 -38.94 37.26 45.62
CA ALA C 893 -40.30 36.89 45.28
C ALA C 893 -41.28 37.63 46.18
N LEU C 894 -42.39 38.05 45.59
CA LEU C 894 -43.40 38.85 46.30
C LEU C 894 -44.72 38.10 46.26
N GLN C 895 -45.16 37.60 47.41
CA GLN C 895 -46.45 36.96 47.44
C GLN C 895 -47.52 37.95 47.01
N ILE C 896 -48.34 37.54 46.05
CA ILE C 896 -49.41 38.37 45.52
C ILE C 896 -50.57 37.43 45.25
N PRO C 897 -51.81 37.84 45.48
CA PRO C 897 -52.94 36.96 45.20
C PRO C 897 -52.93 36.60 43.72
N PHE C 898 -53.01 35.31 43.43
CA PHE C 898 -52.92 34.90 42.03
C PHE C 898 -54.01 35.57 41.22
N ALA C 899 -55.25 35.56 41.72
CA ALA C 899 -56.34 36.18 41.00
C ALA C 899 -56.09 37.66 40.75
N MET C 900 -55.18 38.28 41.50
CA MET C 900 -54.72 39.60 41.12
C MET C 900 -53.63 39.52 40.06
N GLN C 901 -52.72 38.56 40.19
CA GLN C 901 -51.65 38.43 39.21
C GLN C 901 -52.20 38.38 37.80
N MET C 902 -53.36 37.76 37.62
CA MET C 902 -53.97 37.77 36.30
C MET C 902 -54.46 39.15 35.93
N ALA C 903 -54.96 39.91 36.89
CA ALA C 903 -55.37 41.27 36.58
C ALA C 903 -54.23 42.09 36.03
N TYR C 904 -52.99 41.70 36.33
CA TYR C 904 -51.87 42.33 35.62
C TYR C 904 -51.73 41.74 34.23
N ARG C 905 -51.48 40.43 34.16
CA ARG C 905 -51.11 39.82 32.90
C ARG C 905 -52.12 40.10 31.80
N PHE C 906 -53.34 40.54 32.15
CA PHE C 906 -54.20 41.08 31.11
C PHE C 906 -53.75 42.47 30.68
N ASN C 907 -53.42 43.35 31.62
CA ASN C 907 -52.86 44.64 31.22
C ASN C 907 -51.66 44.46 30.32
N GLY C 908 -50.95 43.34 30.46
CA GLY C 908 -49.86 43.05 29.56
C GLY C 908 -50.33 42.82 28.14
N ILE C 909 -51.52 42.25 27.96
CA ILE C 909 -52.06 42.04 26.63
C ILE C 909 -53.02 43.13 26.20
N GLY C 910 -53.21 44.15 27.01
CA GLY C 910 -54.06 45.26 26.63
C GLY C 910 -55.50 45.12 27.06
N VAL C 911 -55.89 44.01 27.66
CA VAL C 911 -57.25 43.83 28.14
C VAL C 911 -57.33 44.44 29.53
N THR C 912 -58.23 45.39 29.71
CA THR C 912 -58.40 46.00 31.01
C THR C 912 -58.85 44.95 32.03
N GLN C 913 -58.27 45.03 33.21
CA GLN C 913 -58.45 44.01 34.25
C GLN C 913 -59.91 43.84 34.66
N ASN C 914 -60.76 44.86 34.47
CA ASN C 914 -62.14 44.69 34.86
C ASN C 914 -62.80 43.54 34.12
N VAL C 915 -62.15 43.04 33.07
CA VAL C 915 -62.71 41.83 32.40
C VAL C 915 -62.50 40.63 33.34
N LEU C 916 -61.29 40.46 33.89
CA LEU C 916 -61.01 39.24 34.71
C LEU C 916 -61.85 39.12 35.98
N TYR C 917 -61.99 40.18 36.78
CA TYR C 917 -62.70 40.03 38.09
C TYR C 917 -64.16 39.64 37.83
N GLU C 918 -64.70 40.09 36.70
CA GLU C 918 -66.07 39.81 36.29
C GLU C 918 -66.18 38.43 35.66
N ASN C 919 -65.23 38.08 34.81
CA ASN C 919 -65.22 36.80 34.12
C ASN C 919 -64.40 35.74 34.84
N GLN C 920 -63.97 36.01 36.06
CA GLN C 920 -63.04 35.12 36.75
C GLN C 920 -63.46 33.66 36.68
N LYS C 921 -64.70 33.37 37.10
CA LYS C 921 -65.17 31.99 37.08
C LYS C 921 -65.08 31.40 35.68
N LEU C 922 -65.67 32.07 34.70
CA LEU C 922 -65.63 31.59 33.32
C LEU C 922 -64.20 31.37 32.85
N ILE C 923 -63.26 32.18 33.32
CA ILE C 923 -61.88 31.97 32.93
C ILE C 923 -61.32 30.76 33.64
N ALA C 924 -61.81 30.47 34.84
CA ALA C 924 -61.31 29.32 35.57
C ALA C 924 -61.59 28.03 34.80
N ASN C 925 -62.85 27.79 34.47
CA ASN C 925 -63.20 26.56 33.78
C ASN C 925 -62.49 26.49 32.43
N GLN C 926 -62.42 27.61 31.72
CA GLN C 926 -61.68 27.61 30.46
C GLN C 926 -60.22 27.23 30.69
N PHE C 927 -59.62 27.72 31.77
CA PHE C 927 -58.28 27.27 32.08
C PHE C 927 -58.27 25.81 32.49
N ASN C 928 -59.07 25.46 33.51
CA ASN C 928 -59.03 24.11 34.05
C ASN C 928 -59.32 23.08 32.98
N SER C 929 -60.35 23.30 32.18
CA SER C 929 -60.67 22.36 31.12
C SER C 929 -59.53 22.28 30.11
N ALA C 930 -58.99 23.44 29.70
CA ALA C 930 -57.89 23.43 28.76
C ALA C 930 -56.70 22.65 29.27
N ILE C 931 -56.53 22.57 30.58
CA ILE C 931 -55.53 21.68 31.15
C ILE C 931 -55.91 20.23 30.85
N GLY C 932 -57.17 19.88 31.14
CA GLY C 932 -57.61 18.50 30.94
C GLY C 932 -57.39 18.03 29.52
N LYS C 933 -57.53 18.92 28.54
CA LYS C 933 -57.27 18.53 27.16
C LYS C 933 -55.82 18.13 26.97
N ILE C 934 -54.90 18.78 27.66
CA ILE C 934 -53.48 18.47 27.50
C ILE C 934 -53.23 17.02 27.84
N GLN C 935 -53.76 16.56 28.96
CA GLN C 935 -53.46 15.23 29.44
C GLN C 935 -54.07 14.15 28.56
N ASP C 936 -55.18 14.49 27.89
CA ASP C 936 -55.80 13.54 26.93
C ASP C 936 -54.88 13.45 25.72
N SER C 937 -54.45 14.61 25.22
CA SER C 937 -53.52 14.63 24.07
C SER C 937 -52.35 13.70 24.38
N LEU C 938 -51.61 13.98 25.45
CA LEU C 938 -50.39 13.18 25.74
C LEU C 938 -50.77 11.71 25.89
N SER C 939 -51.89 11.42 26.58
CA SER C 939 -52.33 10.02 26.79
C SER C 939 -52.24 9.20 25.49
N SER C 940 -52.57 9.79 24.34
CA SER C 940 -52.55 9.00 23.11
C SER C 940 -51.58 9.53 22.06
N THR C 941 -50.89 10.64 22.34
CA THR C 941 -50.02 11.27 21.36
C THR C 941 -48.59 10.80 21.58
N ALA C 942 -48.08 10.01 20.62
CA ALA C 942 -46.65 9.76 20.54
C ALA C 942 -45.90 10.87 19.81
N SER C 943 -46.58 11.61 18.95
CA SER C 943 -45.91 12.51 18.01
C SER C 943 -45.49 13.83 18.64
N ALA C 944 -46.31 14.40 19.54
CA ALA C 944 -46.01 15.73 20.09
C ALA C 944 -44.63 15.78 20.72
N LEU C 945 -44.12 14.64 21.16
CA LEU C 945 -42.76 14.54 21.66
C LEU C 945 -41.76 14.21 20.57
N GLY C 946 -42.20 14.21 19.31
CA GLY C 946 -41.31 13.88 18.21
C GLY C 946 -39.99 14.64 18.27
N LYS C 947 -40.05 15.91 18.68
CA LYS C 947 -38.82 16.69 18.79
C LYS C 947 -37.85 16.02 19.75
N LEU C 948 -38.33 15.68 20.94
CA LEU C 948 -37.48 14.94 21.89
C LEU C 948 -37.16 13.55 21.37
N GLN C 949 -38.18 12.80 20.97
CA GLN C 949 -37.95 11.42 20.54
C GLN C 949 -36.95 11.35 19.40
N ASP C 950 -36.95 12.35 18.52
CA ASP C 950 -35.98 12.39 17.44
C ASP C 950 -34.56 12.56 17.99
N VAL C 951 -34.38 13.49 18.93
CA VAL C 951 -33.06 13.75 19.48
C VAL C 951 -32.49 12.51 20.13
N VAL C 952 -33.30 11.83 20.95
CA VAL C 952 -32.83 10.59 21.56
C VAL C 952 -32.51 9.57 20.49
N ASN C 953 -33.37 9.45 19.48
CA ASN C 953 -33.10 8.53 18.38
C ASN C 953 -31.76 8.84 17.73
N GLN C 954 -31.64 10.03 17.13
CA GLN C 954 -30.49 10.35 16.29
C GLN C 954 -29.17 10.07 16.98
N ASN C 955 -29.12 10.21 18.30
CA ASN C 955 -27.89 9.89 19.01
C ASN C 955 -27.64 8.39 19.01
N ALA C 956 -28.61 7.63 19.50
CA ALA C 956 -28.48 6.17 19.49
C ALA C 956 -28.28 5.66 18.07
N GLN C 957 -28.86 6.35 17.09
CA GLN C 957 -28.58 6.01 15.70
C GLN C 957 -27.10 6.08 15.41
N ALA C 958 -26.54 7.30 15.45
CA ALA C 958 -25.10 7.44 15.20
C ALA C 958 -24.29 6.63 16.19
N LEU C 959 -24.79 6.43 17.40
CA LEU C 959 -24.11 5.52 18.32
C LEU C 959 -24.10 4.10 17.78
N ASN C 960 -25.26 3.60 17.33
CA ASN C 960 -25.29 2.31 16.67
C ASN C 960 -24.29 2.25 15.54
N THR C 961 -24.50 3.09 14.53
CA THR C 961 -23.62 3.13 13.36
C THR C 961 -22.15 3.19 13.77
N LEU C 962 -21.84 3.96 14.80
CA LEU C 962 -20.48 3.97 15.31
C LEU C 962 -20.04 2.56 15.70
N VAL C 963 -20.94 1.79 16.30
CA VAL C 963 -20.58 0.45 16.75
C VAL C 963 -20.42 -0.47 15.56
N LYS C 964 -21.41 -0.49 14.66
CA LYS C 964 -21.32 -1.36 13.49
C LYS C 964 -20.01 -1.17 12.74
N GLN C 965 -19.48 0.05 12.73
CA GLN C 965 -18.21 0.27 12.07
C GLN C 965 -17.09 -0.55 12.66
N LEU C 966 -17.28 -1.16 13.82
CA LEU C 966 -16.28 -2.10 14.32
C LEU C 966 -16.33 -3.43 13.61
N SER C 967 -17.37 -3.72 12.85
CA SER C 967 -17.48 -4.98 12.14
C SER C 967 -17.05 -4.88 10.68
N SER C 968 -16.61 -3.72 10.22
CA SER C 968 -16.33 -3.52 8.82
C SER C 968 -14.87 -3.78 8.50
N ASN C 969 -14.64 -4.37 7.33
CA ASN C 969 -13.28 -4.72 6.93
C ASN C 969 -12.43 -3.49 6.70
N PHE C 970 -13.02 -2.44 6.11
CA PHE C 970 -12.29 -1.24 5.71
C PHE C 970 -11.18 -1.56 4.72
N GLY C 971 -11.31 -2.66 3.99
CA GLY C 971 -10.28 -3.12 3.10
C GLY C 971 -9.31 -4.11 3.70
N ALA C 972 -9.17 -4.12 5.02
CA ALA C 972 -8.30 -5.10 5.66
C ALA C 972 -8.94 -6.48 5.63
N ILE C 973 -8.11 -7.50 5.84
CA ILE C 973 -8.56 -8.87 5.60
C ILE C 973 -9.60 -9.32 6.61
N SER C 974 -9.73 -8.65 7.75
CA SER C 974 -10.81 -8.97 8.67
C SER C 974 -11.06 -7.79 9.58
N SER C 975 -12.24 -7.79 10.21
CA SER C 975 -12.62 -6.73 11.12
C SER C 975 -12.35 -7.09 12.58
N VAL C 976 -11.83 -8.27 12.85
CA VAL C 976 -11.38 -8.62 14.18
C VAL C 976 -9.91 -8.26 14.28
N LEU C 977 -9.54 -7.56 15.35
CA LEU C 977 -8.17 -7.07 15.46
C LEU C 977 -7.20 -8.24 15.61
N ASN C 978 -7.46 -9.13 16.56
CA ASN C 978 -6.51 -10.21 16.82
C ASN C 978 -6.46 -11.22 15.70
N ASP C 979 -7.58 -11.47 15.03
CA ASP C 979 -7.62 -12.50 14.01
C ASP C 979 -6.78 -12.12 12.80
N ILE C 980 -6.48 -10.84 12.63
CA ILE C 980 -5.47 -10.48 11.65
C ILE C 980 -4.09 -10.86 12.16
N LEU C 981 -3.84 -10.60 13.44
CA LEU C 981 -2.54 -10.92 14.02
C LEU C 981 -2.24 -12.40 13.90
N SER C 982 -2.97 -13.23 14.63
CA SER C 982 -2.62 -14.64 14.70
C SER C 982 -2.65 -15.32 13.35
N ARG C 983 -3.20 -14.70 12.32
CA ARG C 983 -3.11 -15.27 10.99
C ARG C 983 -1.77 -14.99 10.33
N LEU C 984 -1.17 -13.83 10.60
CA LEU C 984 -0.03 -13.36 9.83
C LEU C 984 1.12 -12.97 10.74
N ASP C 985 2.29 -12.93 10.15
CA ASP C 985 3.39 -12.42 10.97
C ASP C 985 3.36 -10.90 11.02
N LYS C 986 3.57 -10.36 12.22
CA LYS C 986 3.18 -8.97 12.51
C LYS C 986 3.66 -7.96 11.47
N VAL C 987 4.89 -8.07 10.95
CA VAL C 987 5.30 -7.07 9.94
C VAL C 987 4.32 -6.90 8.81
N GLU C 988 3.47 -7.89 8.56
CA GLU C 988 2.33 -7.69 7.67
C GLU C 988 1.17 -7.02 8.41
N ALA C 989 0.93 -7.43 9.64
CA ALA C 989 -0.19 -6.86 10.40
C ALA C 989 -0.04 -5.36 10.56
N GLU C 990 1.19 -4.87 10.71
CA GLU C 990 1.41 -3.44 10.78
C GLU C 990 0.80 -2.75 9.58
N VAL C 991 0.81 -3.41 8.43
CA VAL C 991 0.19 -2.84 7.23
C VAL C 991 -1.33 -2.91 7.35
N GLN C 992 -1.85 -4.09 7.66
CA GLN C 992 -3.30 -4.27 7.71
C GLN C 992 -3.92 -3.36 8.77
N ILE C 993 -3.40 -3.42 10.00
CA ILE C 993 -3.98 -2.67 11.10
C ILE C 993 -4.09 -1.20 10.78
N ASP C 994 -3.27 -0.69 9.86
CA ASP C 994 -3.54 0.63 9.29
C ASP C 994 -4.96 0.70 8.77
N ARG C 995 -5.27 -0.10 7.76
CA ARG C 995 -6.59 -0.06 7.15
C ARG C 995 -7.69 -0.29 8.17
N LEU C 996 -7.41 -0.95 9.29
CA LEU C 996 -8.35 -0.92 10.40
C LEU C 996 -8.35 0.44 11.08
N ILE C 997 -7.18 0.90 11.51
CA ILE C 997 -7.12 2.16 12.23
C ILE C 997 -7.58 3.30 11.34
N THR C 998 -7.00 3.40 10.14
CA THR C 998 -7.41 4.42 9.21
C THR C 998 -8.93 4.40 9.00
N GLY C 999 -9.51 3.21 8.99
CA GLY C 999 -10.96 3.13 8.94
C GLY C 999 -11.63 3.59 10.21
N ARG C 1000 -11.27 2.98 11.33
CA ARG C 1000 -11.98 3.28 12.57
C ARG C 1000 -11.74 4.72 12.99
N LEU C 1001 -10.47 5.15 12.96
CA LEU C 1001 -10.16 6.53 13.33
C LEU C 1001 -11.02 7.50 12.54
N GLN C 1002 -11.13 7.28 11.24
CA GLN C 1002 -12.05 8.07 10.44
C GLN C 1002 -13.46 8.00 11.01
N SER C 1003 -13.97 6.78 11.17
CA SER C 1003 -15.35 6.60 11.61
C SER C 1003 -15.63 7.32 12.92
N LEU C 1004 -14.63 7.46 13.79
CA LEU C 1004 -14.79 8.34 14.92
C LEU C 1004 -14.95 9.78 14.47
N GLN C 1005 -13.99 10.28 13.70
CA GLN C 1005 -14.03 11.68 13.32
C GLN C 1005 -15.30 12.01 12.58
N THR C 1006 -15.85 11.06 11.83
CA THR C 1006 -17.20 11.25 11.32
C THR C 1006 -18.18 11.40 12.47
N TYR C 1007 -18.22 10.41 13.36
CA TYR C 1007 -19.16 10.47 14.48
C TYR C 1007 -18.93 11.69 15.34
N VAL C 1008 -17.67 12.00 15.63
CA VAL C 1008 -17.39 13.14 16.50
C VAL C 1008 -17.87 14.42 15.83
N THR C 1009 -17.39 14.68 14.61
CA THR C 1009 -17.80 15.88 13.91
C THR C 1009 -19.31 15.98 13.79
N GLN C 1010 -20.00 14.85 13.68
CA GLN C 1010 -21.44 14.86 13.80
C GLN C 1010 -21.86 15.49 15.11
N GLN C 1011 -21.45 14.87 16.22
CA GLN C 1011 -21.90 15.31 17.53
C GLN C 1011 -21.71 16.80 17.71
N LEU C 1012 -20.53 17.32 17.35
CA LEU C 1012 -20.28 18.75 17.45
C LEU C 1012 -21.36 19.54 16.75
N ILE C 1013 -21.64 19.19 15.50
CA ILE C 1013 -22.71 19.84 14.76
C ILE C 1013 -24.04 19.66 15.48
N ARG C 1014 -24.35 18.41 15.82
CA ARG C 1014 -25.61 18.15 16.51
C ARG C 1014 -25.64 18.84 17.86
N ALA C 1015 -24.50 18.91 18.55
CA ALA C 1015 -24.46 19.60 19.83
C ALA C 1015 -24.88 21.05 19.67
N ALA C 1016 -24.33 21.74 18.67
CA ALA C 1016 -24.70 23.13 18.44
C ALA C 1016 -26.19 23.25 18.14
N GLU C 1017 -26.75 22.28 17.42
CA GLU C 1017 -28.18 22.30 17.15
C GLU C 1017 -28.98 22.30 18.44
N ILE C 1018 -28.61 21.42 19.38
CA ILE C 1018 -29.22 21.45 20.70
C ILE C 1018 -28.88 22.76 21.39
N ARG C 1019 -27.60 23.17 21.25
CA ARG C 1019 -27.06 24.43 21.85
C ARG C 1019 -28.00 25.61 21.54
N ALA C 1020 -28.33 25.81 20.26
CA ALA C 1020 -29.24 26.91 19.85
C ALA C 1020 -30.62 26.68 20.49
N SER C 1021 -31.08 25.42 20.49
CA SER C 1021 -32.40 25.06 21.09
C SER C 1021 -32.38 25.34 22.59
N ALA C 1022 -31.26 25.04 23.25
CA ALA C 1022 -31.08 25.27 24.71
C ALA C 1022 -31.14 26.78 24.96
N ASN C 1023 -30.50 27.57 24.09
CA ASN C 1023 -30.51 29.05 24.21
C ASN C 1023 -31.97 29.53 24.08
N LEU C 1024 -32.71 28.95 23.13
CA LEU C 1024 -34.14 29.33 22.91
C LEU C 1024 -34.94 29.00 24.17
N ALA C 1025 -34.66 27.83 24.78
CA ALA C 1025 -35.36 27.39 26.01
C ALA C 1025 -35.06 28.37 27.15
N ALA C 1026 -33.80 28.80 27.26
CA ALA C 1026 -33.41 29.78 28.31
C ALA C 1026 -34.16 31.09 28.05
N THR C 1027 -34.24 31.49 26.79
CA THR C 1027 -34.96 32.72 26.35
C THR C 1027 -36.43 32.58 26.74
N LYS C 1028 -37.05 31.43 26.45
CA LYS C 1028 -38.45 31.28 26.79
C LYS C 1028 -38.63 31.16 28.29
N MET C 1029 -37.80 30.32 28.92
CA MET C 1029 -37.83 30.22 30.37
C MET C 1029 -37.69 31.58 31.01
N SER C 1030 -36.75 32.38 30.51
CA SER C 1030 -36.53 33.70 31.08
C SER C 1030 -37.71 34.62 30.78
N GLU C 1031 -38.04 34.78 29.50
CA GLU C 1031 -39.01 35.80 29.12
C GLU C 1031 -40.44 35.33 29.33
N CYS C 1032 -40.73 34.10 28.93
CA CYS C 1032 -42.12 33.67 28.89
C CYS C 1032 -42.54 33.39 30.32
N VAL C 1033 -41.87 32.43 30.96
CA VAL C 1033 -42.31 32.02 32.33
C VAL C 1033 -42.06 33.15 33.34
N LEU C 1034 -40.82 33.67 33.42
CA LEU C 1034 -40.45 34.63 34.49
C LEU C 1034 -41.01 36.02 34.19
N GLY C 1035 -41.34 36.29 32.93
CA GLY C 1035 -41.97 37.53 32.56
C GLY C 1035 -43.36 37.34 32.00
N GLN C 1036 -43.77 38.31 31.19
CA GLN C 1036 -44.86 38.16 30.23
C GLN C 1036 -44.39 38.71 28.92
N SER C 1037 -44.40 37.88 27.87
CA SER C 1037 -43.71 38.23 26.65
C SER C 1037 -44.58 39.11 25.78
N LYS C 1038 -44.13 40.35 25.57
CA LYS C 1038 -44.78 41.21 24.59
C LYS C 1038 -44.53 40.73 23.18
N ARG C 1039 -43.46 39.97 22.97
CA ARG C 1039 -43.19 39.39 21.66
C ARG C 1039 -44.41 38.58 21.22
N VAL C 1040 -44.71 38.63 19.92
CA VAL C 1040 -45.90 37.99 19.39
C VAL C 1040 -45.52 36.62 18.85
N ASP C 1041 -46.31 35.60 19.21
CA ASP C 1041 -46.14 34.23 18.75
C ASP C 1041 -44.77 33.68 19.07
N PHE C 1042 -44.09 34.29 20.04
CA PHE C 1042 -42.91 33.67 20.60
C PHE C 1042 -43.31 32.61 21.62
N CYS C 1043 -44.35 32.90 22.40
CA CYS C 1043 -44.92 31.98 23.36
C CYS C 1043 -46.10 31.19 22.82
N GLY C 1044 -46.39 31.29 21.53
CA GLY C 1044 -47.50 30.58 20.93
C GLY C 1044 -48.62 31.51 20.54
N LYS C 1045 -49.51 30.99 19.68
CA LYS C 1045 -50.55 31.81 19.09
C LYS C 1045 -51.43 32.43 20.19
N GLY C 1046 -51.90 33.64 19.92
CA GLY C 1046 -52.65 34.39 20.90
C GLY C 1046 -51.76 35.24 21.76
N TYR C 1047 -52.38 36.20 22.42
CA TYR C 1047 -51.66 36.99 23.40
C TYR C 1047 -51.33 36.13 24.61
N HIS C 1048 -50.13 36.30 25.13
CA HIS C 1048 -49.61 35.39 26.14
C HIS C 1048 -49.88 35.89 27.55
N LEU C 1049 -50.33 34.96 28.40
CA LEU C 1049 -50.54 35.25 29.81
C LEU C 1049 -49.41 34.71 30.67
N MET C 1050 -49.22 33.39 30.71
CA MET C 1050 -48.11 32.85 31.46
C MET C 1050 -47.77 31.49 30.91
N SER C 1051 -46.61 31.00 31.27
CA SER C 1051 -46.22 29.65 30.89
C SER C 1051 -45.82 28.86 32.12
N PHE C 1052 -46.07 27.56 32.06
CA PHE C 1052 -45.70 26.64 33.12
C PHE C 1052 -44.72 25.62 32.54
N PRO C 1053 -43.46 25.67 32.90
CA PRO C 1053 -42.53 24.67 32.37
C PRO C 1053 -42.80 23.31 33.00
N GLN C 1054 -42.46 22.27 32.25
CA GLN C 1054 -42.55 20.91 32.74
C GLN C 1054 -41.36 20.15 32.21
N SER C 1055 -40.65 19.44 33.09
CA SER C 1055 -39.48 18.71 32.65
C SER C 1055 -39.89 17.54 31.78
N ALA C 1056 -38.99 17.16 30.89
CA ALA C 1056 -39.13 15.96 30.08
C ALA C 1056 -37.73 15.43 29.83
N PRO C 1057 -37.59 14.14 29.53
CA PRO C 1057 -36.23 13.58 29.42
C PRO C 1057 -35.45 14.32 28.36
N HIS C 1058 -34.30 14.86 28.76
CA HIS C 1058 -33.46 15.62 27.86
C HIS C 1058 -34.27 16.68 27.13
N GLY C 1059 -34.98 17.50 27.89
CA GLY C 1059 -35.78 18.55 27.28
C GLY C 1059 -36.63 19.23 28.31
N VAL C 1060 -37.44 20.16 27.82
CA VAL C 1060 -38.37 20.92 28.65
C VAL C 1060 -39.65 21.09 27.87
N VAL C 1061 -40.75 21.20 28.60
CA VAL C 1061 -42.07 21.34 28.00
C VAL C 1061 -42.78 22.50 28.67
N PHE C 1062 -43.09 23.53 27.90
CA PHE C 1062 -43.84 24.66 28.40
C PHE C 1062 -45.31 24.44 28.15
N LEU C 1063 -46.13 24.87 29.08
CA LEU C 1063 -47.56 24.97 28.84
C LEU C 1063 -47.88 26.46 28.75
N HIS C 1064 -48.12 26.94 27.54
CA HIS C 1064 -48.35 28.36 27.33
C HIS C 1064 -49.83 28.63 27.53
N VAL C 1065 -50.15 29.54 28.43
CA VAL C 1065 -51.53 29.94 28.66
C VAL C 1065 -51.72 31.24 27.91
N THR C 1066 -52.49 31.20 26.84
CA THR C 1066 -52.60 32.31 25.91
C THR C 1066 -54.06 32.74 25.80
N TYR C 1067 -54.26 34.03 25.55
CA TYR C 1067 -55.57 34.65 25.53
C TYR C 1067 -56.01 34.84 24.08
N VAL C 1068 -56.98 34.06 23.63
CA VAL C 1068 -57.42 34.09 22.23
C VAL C 1068 -58.84 34.63 22.19
N PRO C 1069 -59.09 35.72 21.46
CA PRO C 1069 -60.46 36.22 21.32
C PRO C 1069 -61.31 35.26 20.49
N ALA C 1070 -62.63 35.42 20.61
CA ALA C 1070 -63.51 34.43 20.00
C ALA C 1070 -64.61 35.01 19.12
N GLN C 1071 -65.60 35.65 19.72
CA GLN C 1071 -66.82 36.04 19.01
C GLN C 1071 -66.76 37.50 18.61
N GLU C 1072 -67.00 37.77 17.33
CA GLU C 1072 -66.83 39.10 16.77
C GLU C 1072 -68.17 39.66 16.32
N LYS C 1073 -68.26 40.98 16.27
CA LYS C 1073 -69.46 41.65 15.78
C LYS C 1073 -69.07 42.83 14.91
N ASN C 1074 -69.54 42.84 13.67
CA ASN C 1074 -69.24 43.92 12.75
C ASN C 1074 -69.73 45.24 13.32
N PHE C 1075 -68.84 46.23 13.36
CA PHE C 1075 -69.13 47.53 13.93
C PHE C 1075 -68.77 48.63 12.96
N THR C 1076 -69.67 49.58 12.78
CA THR C 1076 -69.30 50.83 12.17
C THR C 1076 -68.42 51.60 13.14
N THR C 1077 -67.34 52.17 12.63
CA THR C 1077 -66.37 52.86 13.47
C THR C 1077 -66.05 54.22 12.88
N ALA C 1078 -65.44 55.07 13.69
CA ALA C 1078 -64.89 56.31 13.17
C ALA C 1078 -63.60 56.63 13.91
N PRO C 1079 -62.58 57.12 13.20
CA PRO C 1079 -61.34 57.48 13.88
C PRO C 1079 -61.46 58.70 14.75
N ALA C 1080 -62.53 59.48 14.63
CA ALA C 1080 -62.61 60.72 15.37
C ALA C 1080 -64.07 61.11 15.54
N ILE C 1081 -64.30 62.05 16.45
CA ILE C 1081 -65.63 62.58 16.68
C ILE C 1081 -65.55 64.08 16.88
N CYS C 1082 -66.20 64.84 16.01
CA CYS C 1082 -66.40 66.25 16.27
C CYS C 1082 -67.33 66.44 17.45
N HIS C 1083 -67.09 67.50 18.21
CA HIS C 1083 -68.15 67.90 19.13
C HIS C 1083 -68.57 69.32 18.82
N ASP C 1084 -67.77 70.28 19.25
CA ASP C 1084 -68.02 71.68 18.98
C ASP C 1084 -67.24 72.17 17.77
N GLY C 1085 -66.60 71.28 17.05
CA GLY C 1085 -65.57 71.63 16.11
C GLY C 1085 -64.19 71.23 16.58
N LYS C 1086 -64.01 71.02 17.88
CA LYS C 1086 -62.85 70.30 18.33
C LYS C 1086 -62.96 68.85 17.85
N ALA C 1087 -61.82 68.18 17.77
CA ALA C 1087 -61.81 66.76 17.50
C ALA C 1087 -61.57 66.02 18.79
N HIS C 1088 -62.19 64.87 18.94
CA HIS C 1088 -62.02 64.02 20.10
C HIS C 1088 -61.48 62.68 19.64
N PHE C 1089 -60.39 62.25 20.24
CA PHE C 1089 -59.81 60.96 19.96
C PHE C 1089 -59.80 60.12 21.22
N PRO C 1090 -59.90 58.81 21.11
CA PRO C 1090 -59.90 57.97 22.31
C PRO C 1090 -58.52 57.94 22.92
N ARG C 1091 -58.46 57.94 24.25
CA ARG C 1091 -57.18 57.68 24.90
C ARG C 1091 -56.70 56.28 24.58
N GLU C 1092 -57.54 55.28 24.85
CA GLU C 1092 -57.22 53.91 24.52
C GLU C 1092 -58.48 53.26 23.96
N GLY C 1093 -58.34 52.57 22.85
CA GLY C 1093 -59.48 51.98 22.20
C GLY C 1093 -59.95 52.83 21.04
N VAL C 1094 -61.14 52.52 20.56
CA VAL C 1094 -61.66 53.17 19.37
C VAL C 1094 -63.13 53.48 19.50
N PHE C 1095 -63.52 54.55 18.83
CA PHE C 1095 -64.92 54.89 18.68
C PHE C 1095 -65.59 53.85 17.81
N VAL C 1096 -66.66 53.28 18.31
CA VAL C 1096 -67.47 52.37 17.52
C VAL C 1096 -68.92 52.77 17.69
N SER C 1097 -69.76 52.21 16.83
CA SER C 1097 -71.18 52.22 17.10
C SER C 1097 -71.78 51.01 16.45
N ASN C 1098 -72.87 50.54 17.03
CA ASN C 1098 -73.69 49.49 16.46
C ASN C 1098 -74.62 50.05 15.41
N GLY C 1099 -74.43 51.31 15.05
CA GLY C 1099 -75.25 52.01 14.08
C GLY C 1099 -76.02 53.19 14.61
N THR C 1100 -76.08 53.45 15.91
CA THR C 1100 -76.67 54.71 16.33
C THR C 1100 -75.78 55.44 17.33
N HIS C 1101 -75.61 54.85 18.51
CA HIS C 1101 -74.92 55.50 19.61
C HIS C 1101 -73.44 55.20 19.56
N TRP C 1102 -72.64 56.24 19.49
CA TRP C 1102 -71.22 56.05 19.38
C TRP C 1102 -70.63 55.67 20.72
N PHE C 1103 -69.92 54.55 20.73
CA PHE C 1103 -69.29 54.04 21.93
C PHE C 1103 -67.80 53.94 21.69
N VAL C 1104 -67.03 54.31 22.70
CA VAL C 1104 -65.61 54.04 22.72
C VAL C 1104 -65.40 52.77 23.53
N THR C 1105 -64.56 51.88 23.04
CA THR C 1105 -64.32 50.63 23.73
C THR C 1105 -62.86 50.25 23.61
N GLN C 1106 -62.40 49.46 24.57
CA GLN C 1106 -61.07 48.88 24.51
C GLN C 1106 -60.98 47.94 23.31
N ARG C 1107 -59.77 47.70 22.85
CA ARG C 1107 -59.63 47.09 21.54
C ARG C 1107 -59.85 45.58 21.57
N ASN C 1108 -59.20 44.87 22.49
CA ASN C 1108 -59.18 43.42 22.39
C ASN C 1108 -60.38 42.76 23.04
N PHE C 1109 -61.34 43.54 23.52
CA PHE C 1109 -62.56 42.99 24.09
C PHE C 1109 -63.65 44.02 23.90
N TYR C 1110 -64.88 43.57 23.72
CA TYR C 1110 -65.96 44.51 23.43
C TYR C 1110 -66.59 44.93 24.75
N GLU C 1111 -66.36 46.18 25.13
CA GLU C 1111 -66.83 46.71 26.40
C GLU C 1111 -67.24 48.15 26.17
N PRO C 1112 -68.40 48.37 25.59
CA PRO C 1112 -68.77 49.73 25.20
C PRO C 1112 -69.00 50.63 26.40
N GLN C 1113 -68.62 51.90 26.24
CA GLN C 1113 -68.80 52.90 27.26
C GLN C 1113 -69.20 54.21 26.61
N ILE C 1114 -70.06 54.96 27.29
CA ILE C 1114 -70.47 56.25 26.75
C ILE C 1114 -69.25 57.15 26.68
N ILE C 1115 -69.27 58.09 25.74
CA ILE C 1115 -68.09 58.85 25.37
C ILE C 1115 -68.11 60.16 26.15
N THR C 1116 -67.14 60.33 27.04
CA THR C 1116 -66.98 61.55 27.80
C THR C 1116 -65.53 61.98 27.73
N THR C 1117 -65.27 63.20 28.20
CA THR C 1117 -63.91 63.73 28.14
C THR C 1117 -62.91 62.80 28.79
N ASP C 1118 -63.29 62.09 29.84
CA ASP C 1118 -62.34 61.15 30.44
C ASP C 1118 -61.98 60.04 29.47
N ASN C 1119 -62.84 59.76 28.50
CA ASN C 1119 -62.49 58.79 27.47
C ASN C 1119 -61.63 59.39 26.37
N THR C 1120 -61.77 60.68 26.10
CA THR C 1120 -61.27 61.26 24.86
C THR C 1120 -60.45 62.51 25.14
N PHE C 1121 -59.42 62.71 24.34
CA PHE C 1121 -58.64 63.93 24.41
C PHE C 1121 -58.82 64.75 23.15
N VAL C 1122 -58.63 66.05 23.28
CA VAL C 1122 -58.91 67.00 22.21
C VAL C 1122 -57.63 67.30 21.46
N SER C 1123 -57.69 67.29 20.14
CA SER C 1123 -56.56 67.69 19.32
C SER C 1123 -57.07 68.24 17.99
N GLY C 1124 -56.41 69.28 17.49
CA GLY C 1124 -56.76 69.80 16.18
C GLY C 1124 -58.18 70.34 16.12
N ASN C 1125 -58.79 70.23 14.95
CA ASN C 1125 -60.21 70.54 14.79
C ASN C 1125 -60.77 69.70 13.65
N CYS C 1126 -62.00 69.99 13.25
CA CYS C 1126 -62.79 69.06 12.45
C CYS C 1126 -62.41 69.00 10.99
N ASP C 1127 -61.52 69.85 10.50
CA ASP C 1127 -61.25 69.83 9.07
C ASP C 1127 -60.41 68.64 8.67
N VAL C 1128 -59.32 68.40 9.40
CA VAL C 1128 -58.23 67.62 8.85
C VAL C 1128 -58.55 66.13 8.85
N VAL C 1129 -59.11 65.62 9.95
CA VAL C 1129 -59.33 64.20 10.08
C VAL C 1129 -60.16 63.68 8.93
N ILE C 1130 -59.78 62.53 8.41
CA ILE C 1130 -60.49 61.87 7.33
C ILE C 1130 -61.33 60.77 7.94
N GLY C 1131 -62.65 60.95 7.97
CA GLY C 1131 -63.53 60.01 8.59
C GLY C 1131 -64.15 60.45 9.89
N ILE C 1132 -63.88 61.65 10.34
CA ILE C 1132 -64.52 62.12 11.55
C ILE C 1132 -66.02 62.21 11.31
N VAL C 1133 -66.80 61.94 12.36
CA VAL C 1133 -68.29 61.97 12.24
C VAL C 1133 -68.83 63.10 13.13
N ASN C 1134 -70.15 63.33 13.06
CA ASN C 1134 -70.82 64.38 13.89
C ASN C 1134 -71.50 63.69 15.08
N ASN C 1135 -71.11 64.08 16.31
CA ASN C 1135 -71.68 63.45 17.53
C ASN C 1135 -71.54 64.41 18.70
N THR C 1136 -72.03 64.01 19.88
CA THR C 1136 -71.98 64.81 21.09
C THR C 1136 -71.29 64.01 22.16
N VAL C 1137 -70.17 64.52 22.66
CA VAL C 1137 -69.41 63.83 23.69
C VAL C 1137 -69.93 64.34 25.03
N TYR C 1138 -70.61 63.47 25.75
CA TYR C 1138 -71.18 63.82 27.03
C TYR C 1138 -70.09 64.28 27.98
N ASP C 1139 -70.46 65.19 28.87
CA ASP C 1139 -69.52 65.75 29.83
C ASP C 1139 -69.84 65.27 31.23
N PRO C 1140 -68.88 64.65 31.92
CA PRO C 1140 -69.12 64.35 33.34
C PRO C 1140 -69.47 65.58 34.14
N LEU C 1141 -68.78 66.68 33.88
CA LEU C 1141 -68.81 67.81 34.78
C LEU C 1141 -70.09 68.62 34.65
N GLN C 1142 -70.52 68.90 33.43
CA GLN C 1142 -71.69 69.75 33.19
C GLN C 1142 -72.88 69.43 34.08
N PRO C 1143 -73.38 68.20 34.17
CA PRO C 1143 -74.49 67.95 35.09
C PRO C 1143 -74.13 68.21 36.53
N GLU C 1144 -72.92 67.81 36.94
CA GLU C 1144 -72.46 68.02 38.30
C GLU C 1144 -72.66 69.46 38.73
N LEU C 1145 -72.51 70.39 37.81
CA LEU C 1145 -72.75 71.79 38.12
C LEU C 1145 -74.19 72.02 38.55
N ASP C 1146 -75.15 71.54 37.75
CA ASP C 1146 -76.41 72.27 37.60
C ASP C 1146 -77.07 72.60 38.92
N SER C 1147 -76.79 71.87 39.98
CA SER C 1147 -77.25 72.31 41.28
C SER C 1147 -76.43 73.51 41.75
N GLN D 1 75.54 -4.37 25.77
CA GLN D 1 76.80 -3.63 25.70
C GLN D 1 77.81 -4.12 26.72
N GLN D 2 77.32 -4.55 27.88
CA GLN D 2 78.19 -4.71 29.03
C GLN D 2 77.68 -5.84 29.90
N LEU D 3 78.61 -6.57 30.51
CA LEU D 3 78.29 -7.73 31.34
C LEU D 3 78.99 -7.59 32.68
N VAL D 4 78.27 -7.85 33.76
CA VAL D 4 78.83 -7.80 35.10
C VAL D 4 78.63 -9.16 35.76
N GLU D 5 79.51 -9.51 36.68
CA GLU D 5 79.57 -10.85 37.24
C GLU D 5 79.42 -10.81 38.75
N SER D 6 78.97 -11.92 39.33
CA SER D 6 78.95 -12.07 40.78
C SER D 6 80.37 -12.24 41.29
N GLY D 7 80.54 -12.08 42.60
CA GLY D 7 81.86 -12.08 43.19
C GLY D 7 82.44 -13.48 43.29
N GLY D 8 83.71 -13.59 42.90
CA GLY D 8 84.46 -14.80 43.08
C GLY D 8 85.08 -14.83 44.46
N GLY D 9 85.60 -16.00 44.81
CA GLY D 9 86.15 -16.18 46.14
C GLY D 9 86.68 -17.58 46.34
N VAL D 10 87.16 -17.83 47.56
CA VAL D 10 87.74 -19.12 47.93
C VAL D 10 86.65 -19.94 48.62
N VAL D 11 86.32 -21.08 48.03
CA VAL D 11 85.27 -21.97 48.51
C VAL D 11 85.90 -23.35 48.72
N GLN D 12 85.48 -24.03 49.84
CA GLN D 12 85.93 -25.39 50.09
C GLN D 12 85.32 -26.34 49.06
N PRO D 13 86.03 -27.43 48.73
CA PRO D 13 85.51 -28.39 47.74
C PRO D 13 84.24 -29.09 48.20
N GLY D 14 83.49 -29.60 47.23
CA GLY D 14 82.21 -30.23 47.47
C GLY D 14 81.06 -29.27 47.66
N ARG D 15 81.30 -27.97 47.71
CA ARG D 15 80.27 -26.99 48.03
C ARG D 15 79.60 -26.48 46.76
N SER D 16 78.85 -25.40 46.91
CA SER D 16 78.09 -24.80 45.81
C SER D 16 78.20 -23.28 45.90
N LEU D 17 78.23 -22.62 44.74
CA LEU D 17 78.31 -21.17 44.70
C LEU D 17 77.61 -20.63 43.46
N ARG D 18 76.45 -20.00 43.66
CA ARG D 18 75.66 -19.47 42.55
C ARG D 18 76.39 -18.33 41.85
N LEU D 19 76.41 -18.38 40.53
CA LEU D 19 77.09 -17.40 39.70
C LEU D 19 76.05 -16.52 39.01
N SER D 20 76.12 -15.22 39.29
CA SER D 20 75.23 -14.23 38.73
C SER D 20 75.98 -13.39 37.72
N CYS D 21 75.34 -13.13 36.59
CA CYS D 21 75.95 -12.28 35.57
C CYS D 21 74.84 -11.50 34.88
N ALA D 22 74.87 -10.18 35.05
CA ALA D 22 73.81 -9.32 34.54
C ALA D 22 74.28 -8.60 33.29
N ALA D 23 73.34 -8.39 32.36
CA ALA D 23 73.64 -7.73 31.10
C ALA D 23 73.26 -6.25 31.18
N SER D 24 73.66 -5.52 30.14
CA SER D 24 73.37 -4.09 30.02
C SER D 24 73.60 -3.70 28.56
N GLY D 25 72.89 -2.66 28.13
CA GLY D 25 72.91 -2.24 26.76
C GLY D 25 71.90 -2.93 25.87
N PHE D 26 72.05 -4.23 25.64
CA PHE D 26 70.95 -5.00 25.09
C PHE D 26 70.68 -6.18 26.01
N THR D 27 69.45 -6.65 25.96
CA THR D 27 68.96 -7.71 26.81
C THR D 27 69.70 -9.03 26.58
N PHE D 28 69.75 -9.82 27.64
CA PHE D 28 69.93 -11.26 27.54
C PHE D 28 68.83 -11.91 26.71
N SER D 29 67.60 -11.40 26.79
CA SER D 29 66.38 -12.16 26.53
C SER D 29 66.35 -12.76 25.13
N SER D 30 66.68 -11.97 24.12
CA SER D 30 66.56 -12.48 22.76
C SER D 30 67.69 -13.43 22.38
N TYR D 31 68.75 -13.47 23.15
CA TYR D 31 69.89 -14.28 22.77
C TYR D 31 70.00 -15.53 23.63
N ALA D 32 71.05 -16.29 23.39
CA ALA D 32 71.54 -17.32 24.28
C ALA D 32 72.58 -16.67 25.19
N MET D 33 73.24 -17.47 26.04
CA MET D 33 74.45 -16.99 26.71
C MET D 33 75.24 -18.22 27.15
N HIS D 34 76.54 -18.02 27.35
CA HIS D 34 77.44 -19.12 27.68
C HIS D 34 78.27 -18.78 28.92
N TRP D 35 78.94 -19.81 29.41
CA TRP D 35 80.02 -19.67 30.37
C TRP D 35 81.26 -20.38 29.84
N VAL D 36 82.41 -19.76 30.02
CA VAL D 36 83.67 -20.45 29.74
C VAL D 36 84.61 -20.28 30.93
N ARG D 37 85.67 -21.05 30.91
CA ARG D 37 86.65 -21.17 31.98
C ARG D 37 88.04 -20.86 31.44
N GLN D 38 88.82 -20.13 32.22
CA GLN D 38 90.24 -19.99 31.94
C GLN D 38 91.02 -20.23 33.23
N ALA D 39 91.69 -21.36 33.28
CA ALA D 39 92.70 -21.59 34.30
C ALA D 39 93.95 -20.83 33.92
N PRO D 40 94.79 -20.44 34.90
CA PRO D 40 95.99 -19.65 34.57
C PRO D 40 96.99 -20.45 33.75
N GLY D 41 97.34 -19.91 32.59
CA GLY D 41 98.18 -20.63 31.66
C GLY D 41 97.48 -21.66 30.82
N LYS D 42 96.19 -21.89 31.04
CA LYS D 42 95.44 -22.88 30.29
C LYS D 42 94.54 -22.19 29.28
N GLY D 43 94.16 -22.94 28.25
CA GLY D 43 93.30 -22.40 27.22
C GLY D 43 91.88 -22.16 27.71
N LEU D 44 91.13 -21.46 26.88
CA LEU D 44 89.74 -21.17 27.19
C LEU D 44 88.91 -22.42 26.93
N GLU D 45 88.28 -22.93 27.97
CA GLU D 45 87.50 -24.16 27.89
C GLU D 45 86.05 -23.83 28.11
N TRP D 46 85.22 -24.16 27.13
CA TRP D 46 83.78 -23.92 27.22
C TRP D 46 83.17 -24.76 28.33
N VAL D 47 82.14 -24.19 28.97
CA VAL D 47 81.54 -24.83 30.12
C VAL D 47 80.10 -25.26 29.85
N ALA D 48 79.21 -24.29 29.63
CA ALA D 48 77.79 -24.61 29.51
C ALA D 48 77.06 -23.49 28.78
N VAL D 49 75.92 -23.83 28.19
CA VAL D 49 75.09 -22.88 27.46
C VAL D 49 73.89 -22.51 28.32
N ILE D 50 73.16 -21.49 27.88
CA ILE D 50 71.78 -21.31 28.24
C ILE D 50 71.07 -20.94 26.94
N SER D 51 69.80 -21.32 26.83
CA SER D 51 69.01 -21.04 25.63
C SER D 51 67.65 -20.57 26.08
N TYR D 52 67.46 -19.26 26.18
CA TYR D 52 66.19 -18.76 26.69
C TYR D 52 65.06 -18.84 25.66
N ASP D 53 65.37 -18.82 24.36
CA ASP D 53 64.36 -18.66 23.34
C ASP D 53 63.45 -19.89 23.20
N GLY D 54 63.89 -21.03 23.73
CA GLY D 54 62.98 -22.08 24.11
C GLY D 54 63.08 -22.29 25.61
N SER D 55 63.62 -23.44 25.98
CA SER D 55 64.34 -23.64 27.24
C SER D 55 65.12 -24.94 27.12
N ASN D 56 66.44 -24.85 27.24
CA ASN D 56 67.30 -26.01 27.16
C ASN D 56 68.64 -25.65 27.77
N LYS D 57 69.26 -26.64 28.42
CA LYS D 57 70.53 -26.44 29.09
C LYS D 57 71.48 -27.56 28.72
N TYR D 58 72.62 -27.21 28.15
CA TYR D 58 73.66 -28.16 27.80
C TYR D 58 74.92 -27.86 28.60
N TYR D 59 75.55 -28.93 29.07
CA TYR D 59 76.73 -28.88 29.92
C TYR D 59 77.87 -29.59 29.20
N ALA D 60 79.09 -29.19 29.50
CA ALA D 60 80.23 -29.97 29.05
C ALA D 60 80.30 -31.26 29.84
N ASP D 61 80.46 -32.38 29.13
CA ASP D 61 80.69 -33.65 29.81
C ASP D 61 82.13 -33.79 30.26
N SER D 62 83.02 -32.94 29.77
CA SER D 62 84.40 -32.90 30.28
C SER D 62 84.42 -32.49 31.75
N VAL D 63 83.66 -31.46 32.09
CA VAL D 63 83.43 -31.08 33.48
C VAL D 63 81.92 -31.21 33.67
N LYS D 64 81.48 -32.40 34.03
CA LYS D 64 80.07 -32.72 34.16
C LYS D 64 79.78 -32.82 35.65
N GLY D 65 79.54 -31.66 36.27
CA GLY D 65 79.30 -31.60 37.69
C GLY D 65 77.92 -31.12 38.07
N ARG D 66 76.97 -31.12 37.14
CA ARG D 66 75.64 -30.55 37.31
C ARG D 66 75.71 -29.10 37.77
N PHE D 67 76.58 -28.34 37.11
CA PHE D 67 76.63 -26.90 37.28
C PHE D 67 75.39 -26.29 36.65
N THR D 68 74.38 -26.02 37.47
CA THR D 68 73.06 -25.73 36.92
C THR D 68 72.98 -24.29 36.42
N ILE D 69 72.25 -24.12 35.32
CA ILE D 69 72.15 -22.84 34.64
C ILE D 69 70.67 -22.53 34.41
N SER D 70 70.28 -21.31 34.77
CA SER D 70 68.96 -20.77 34.45
C SER D 70 69.07 -19.26 34.50
N ARG D 71 67.93 -18.60 34.49
CA ARG D 71 67.84 -17.20 34.13
C ARG D 71 67.40 -16.35 35.30
N ASP D 72 67.61 -15.04 35.13
CA ASP D 72 66.68 -14.01 35.57
C ASP D 72 66.59 -13.06 34.40
N ASN D 73 65.69 -13.37 33.46
CA ASN D 73 65.57 -12.65 32.19
C ASN D 73 65.14 -11.21 32.40
N SER D 74 64.28 -10.98 33.38
CA SER D 74 63.74 -9.64 33.61
C SER D 74 64.76 -8.72 34.26
N LYS D 75 65.83 -9.28 34.79
CA LYS D 75 66.98 -8.49 35.21
C LYS D 75 68.15 -8.61 34.24
N ASN D 76 67.95 -9.33 33.12
CA ASN D 76 68.98 -9.60 32.10
C ASN D 76 70.21 -10.25 32.73
N THR D 77 69.96 -11.26 33.56
CA THR D 77 70.94 -11.83 34.45
C THR D 77 70.85 -13.34 34.30
N LEU D 78 71.91 -14.05 34.66
CA LEU D 78 72.00 -15.48 34.44
C LEU D 78 72.76 -16.13 35.59
N TYR D 79 72.28 -17.31 36.00
CA TYR D 79 72.66 -17.95 37.25
C TYR D 79 73.13 -19.36 36.97
N LEU D 80 74.39 -19.64 37.29
CA LEU D 80 74.92 -21.00 37.22
C LEU D 80 75.58 -21.33 38.55
N GLN D 81 75.01 -22.30 39.26
CA GLN D 81 75.43 -22.63 40.61
C GLN D 81 76.56 -23.64 40.54
N MET D 82 77.69 -23.30 41.15
CA MET D 82 78.85 -24.16 41.18
C MET D 82 78.63 -25.33 42.13
N ASN D 83 78.34 -26.49 41.55
CA ASN D 83 78.00 -27.68 42.32
C ASN D 83 79.09 -28.73 42.11
N SER D 84 79.33 -29.52 43.16
CA SER D 84 80.26 -30.64 43.17
C SER D 84 81.68 -30.21 42.79
N LEU D 85 82.26 -29.38 43.65
CA LEU D 85 83.51 -28.70 43.33
C LEU D 85 84.70 -29.64 43.43
N ARG D 86 85.78 -29.25 42.75
CA ARG D 86 87.06 -29.94 42.78
C ARG D 86 88.13 -28.97 42.28
N ALA D 87 89.34 -29.12 42.84
CA ALA D 87 90.28 -28.00 42.98
C ALA D 87 90.80 -27.49 41.64
N GLU D 88 90.86 -28.38 40.65
CA GLU D 88 91.35 -28.00 39.32
C GLU D 88 90.38 -27.06 38.59
N ASP D 89 89.15 -26.92 39.08
CA ASP D 89 88.24 -25.93 38.55
C ASP D 89 88.55 -24.52 39.04
N THR D 90 89.56 -24.38 39.92
CA THR D 90 89.99 -23.06 40.38
C THR D 90 90.53 -22.25 39.21
N ALA D 91 89.78 -21.22 38.83
CA ALA D 91 90.02 -20.53 37.56
C ALA D 91 89.22 -19.22 37.55
N VAL D 92 89.24 -18.55 36.40
CA VAL D 92 88.39 -17.39 36.17
C VAL D 92 87.29 -17.80 35.21
N TYR D 93 86.08 -17.27 35.38
CA TYR D 93 85.01 -17.58 34.46
C TYR D 93 84.61 -16.35 33.64
N TYR D 94 84.06 -16.60 32.46
CA TYR D 94 83.54 -15.55 31.59
C TYR D 94 82.12 -15.85 31.14
N CYS D 95 81.33 -14.79 31.04
CA CYS D 95 80.02 -14.81 30.41
C CYS D 95 80.22 -14.59 28.91
N ALA D 96 79.65 -15.45 28.07
CA ALA D 96 80.09 -15.52 26.68
C ALA D 96 78.93 -15.53 25.68
N ARG D 97 79.29 -15.27 24.42
CA ARG D 97 78.37 -15.30 23.31
C ARG D 97 79.16 -15.60 22.03
N HIS D 98 78.56 -16.40 21.16
CA HIS D 98 79.21 -16.89 19.94
C HIS D 98 78.53 -16.31 18.71
N ALA D 99 79.32 -15.71 17.82
CA ALA D 99 78.78 -15.28 16.55
C ALA D 99 78.56 -16.49 15.65
N THR D 100 77.31 -16.93 15.51
CA THR D 100 76.99 -18.17 14.80
C THR D 100 76.63 -17.81 13.36
N LEU D 101 77.57 -17.19 12.65
CA LEU D 101 77.53 -16.86 11.22
C LEU D 101 76.49 -15.79 10.87
N MET D 102 75.67 -15.41 11.85
CA MET D 102 74.55 -14.51 11.62
C MET D 102 74.82 -13.21 12.36
N ASN D 103 75.07 -13.33 13.67
CA ASN D 103 75.22 -12.15 14.48
C ASN D 103 76.69 -11.74 14.57
N ASN D 104 76.92 -10.61 15.20
CA ASN D 104 78.20 -10.27 15.80
C ASN D 104 77.87 -9.79 17.20
N LYS D 105 77.65 -10.71 18.11
CA LYS D 105 77.25 -10.35 19.45
C LYS D 105 78.18 -10.88 20.53
N ASP D 106 79.40 -11.26 20.18
CA ASP D 106 80.30 -11.89 21.14
C ASP D 106 80.75 -10.88 22.17
N ILE D 107 80.10 -10.91 23.34
CA ILE D 107 80.36 -9.98 24.42
C ILE D 107 80.77 -10.78 25.64
N TRP D 108 81.79 -10.29 26.34
CA TRP D 108 82.48 -11.06 27.37
C TRP D 108 82.46 -10.26 28.66
N GLY D 109 82.24 -10.95 29.77
CA GLY D 109 82.26 -10.32 31.07
C GLY D 109 83.66 -9.92 31.50
N GLN D 110 83.75 -9.41 32.72
CA GLN D 110 85.04 -8.90 33.18
C GLN D 110 85.92 -10.04 33.69
N GLY D 111 85.32 -11.12 34.17
CA GLY D 111 86.09 -12.23 34.68
C GLY D 111 86.24 -12.18 36.20
N THR D 112 85.75 -13.23 36.86
CA THR D 112 85.92 -13.37 38.31
C THR D 112 86.50 -14.74 38.63
N LEU D 113 87.28 -14.79 39.71
CA LEU D 113 87.96 -16.01 40.10
C LEU D 113 87.10 -16.83 41.05
N VAL D 114 86.78 -18.04 40.62
CA VAL D 114 86.33 -19.10 41.51
C VAL D 114 87.56 -19.85 41.98
N THR D 115 87.64 -20.11 43.28
CA THR D 115 88.74 -20.85 43.86
C THR D 115 88.17 -22.03 44.63
N VAL D 116 88.69 -23.22 44.37
CA VAL D 116 88.24 -24.43 45.06
C VAL D 116 89.42 -24.96 45.86
N SER D 117 89.39 -24.69 47.18
CA SER D 117 90.46 -25.09 48.08
C SER D 117 89.95 -25.01 49.50
N SER D 118 90.50 -25.88 50.35
CA SER D 118 90.20 -25.85 51.78
C SER D 118 91.01 -24.79 52.51
N ALA D 119 92.05 -24.25 51.88
CA ALA D 119 92.90 -23.22 52.47
C ALA D 119 92.48 -21.87 51.90
N SER D 120 91.97 -20.99 52.77
CA SER D 120 91.47 -19.69 52.35
C SER D 120 92.61 -18.75 51.96
N GLY E 1 81.48 -39.18 19.77
CA GLY E 1 82.37 -38.51 20.70
C GLY E 1 82.46 -37.01 20.48
N ASP E 2 83.42 -36.38 21.15
CA ASP E 2 83.61 -34.95 21.00
C ASP E 2 84.30 -34.65 19.66
N ILE E 3 84.32 -33.38 19.30
CA ILE E 3 85.04 -32.93 18.13
C ILE E 3 86.36 -32.35 18.58
N GLN E 4 87.45 -32.93 18.10
CA GLN E 4 88.78 -32.49 18.46
C GLN E 4 89.20 -31.33 17.59
N LEU E 5 89.87 -30.36 18.20
CA LEU E 5 90.52 -29.28 17.46
C LEU E 5 92.02 -29.51 17.44
N THR E 6 92.67 -28.92 16.46
CA THR E 6 94.11 -29.00 16.33
C THR E 6 94.60 -27.63 15.90
N GLN E 7 95.13 -26.87 16.86
CA GLN E 7 95.63 -25.54 16.59
C GLN E 7 97.13 -25.61 16.47
N SER E 8 97.64 -25.20 15.31
CA SER E 8 99.07 -25.32 15.07
C SER E 8 99.59 -24.07 14.40
N PRO E 9 100.75 -23.55 14.83
CA PRO E 9 101.49 -23.97 16.03
C PRO E 9 100.86 -23.37 17.27
N SER E 10 101.13 -23.95 18.43
CA SER E 10 100.55 -23.44 19.66
C SER E 10 101.27 -22.20 20.18
N SER E 11 102.39 -21.83 19.57
CA SER E 11 103.00 -20.52 19.80
C SER E 11 103.87 -20.21 18.59
N LEU E 12 104.10 -18.92 18.36
CA LEU E 12 105.04 -18.49 17.34
C LEU E 12 105.55 -17.11 17.70
N SER E 13 106.82 -17.05 18.10
CA SER E 13 107.49 -15.81 18.46
C SER E 13 107.87 -15.11 17.17
N ALA E 14 107.35 -13.90 16.98
CA ALA E 14 107.35 -13.28 15.66
C ALA E 14 107.97 -11.88 15.73
N SER E 15 108.02 -11.24 14.57
CA SER E 15 108.70 -9.97 14.40
C SER E 15 107.76 -8.97 13.70
N VAL E 16 108.30 -7.77 13.44
CA VAL E 16 107.47 -6.69 12.95
C VAL E 16 107.20 -6.85 11.46
N GLY E 17 105.93 -6.71 11.08
CA GLY E 17 105.55 -6.73 9.68
C GLY E 17 105.41 -8.10 9.07
N ASP E 18 105.29 -9.15 9.88
CA ASP E 18 105.22 -10.51 9.38
C ASP E 18 103.87 -10.78 8.74
N ARG E 19 103.72 -12.01 8.25
CA ARG E 19 102.45 -12.53 7.76
C ARG E 19 102.32 -13.95 8.29
N VAL E 20 101.74 -14.09 9.48
CA VAL E 20 101.69 -15.34 10.23
C VAL E 20 100.42 -16.07 9.85
N THR E 21 100.54 -17.37 9.59
CA THR E 21 99.40 -18.23 9.28
C THR E 21 99.19 -19.18 10.45
N ILE E 22 98.27 -18.83 11.35
CA ILE E 22 97.96 -19.67 12.50
C ILE E 22 96.85 -20.61 12.10
N THR E 23 97.16 -21.89 12.04
CA THR E 23 96.26 -22.91 11.53
C THR E 23 95.46 -23.53 12.66
N CYS E 24 94.16 -23.70 12.42
CA CYS E 24 93.31 -24.46 13.33
C CYS E 24 92.72 -25.58 12.48
N ARG E 25 93.12 -26.80 12.78
CA ARG E 25 92.61 -27.96 12.07
C ARG E 25 91.53 -28.63 12.88
N ALA E 26 90.67 -29.38 12.20
CA ALA E 26 89.50 -29.95 12.84
C ALA E 26 89.47 -31.46 12.64
N SER E 27 88.88 -32.15 13.61
CA SER E 27 88.72 -33.59 13.50
C SER E 27 87.59 -33.99 12.58
N GLN E 28 86.60 -33.13 12.38
CA GLN E 28 85.49 -33.41 11.49
C GLN E 28 85.45 -32.36 10.39
N SER E 29 84.50 -32.53 9.48
CA SER E 29 84.26 -31.54 8.43
C SER E 29 83.24 -30.53 8.93
N ILE E 30 83.71 -29.35 9.32
CA ILE E 30 82.88 -28.27 9.83
C ILE E 30 82.77 -27.25 8.72
N SER E 31 81.53 -26.82 8.43
CA SER E 31 81.21 -26.02 7.26
C SER E 31 82.00 -24.71 7.16
N SER E 32 81.73 -23.76 8.05
CA SER E 32 82.63 -22.65 8.26
C SER E 32 82.69 -22.22 9.72
N TYR E 33 82.17 -23.03 10.63
CA TYR E 33 81.79 -22.55 11.95
C TYR E 33 83.02 -22.47 12.83
N LEU E 34 83.87 -21.47 12.57
CA LEU E 34 85.10 -21.31 13.34
C LEU E 34 85.41 -19.83 13.44
N ASN E 35 85.96 -19.44 14.58
CA ASN E 35 86.15 -18.04 14.88
C ASN E 35 87.58 -17.81 15.32
N TRP E 36 87.90 -16.57 15.71
CA TRP E 36 89.23 -16.20 16.16
C TRP E 36 89.13 -15.09 17.19
N TYR E 37 90.05 -15.10 18.15
CA TYR E 37 89.95 -14.17 19.26
C TYR E 37 91.27 -13.49 19.56
N GLN E 38 91.20 -12.23 20.01
CA GLN E 38 92.36 -11.58 20.60
C GLN E 38 92.26 -11.66 22.11
N GLN E 39 93.33 -12.13 22.76
CA GLN E 39 93.44 -12.05 24.21
C GLN E 39 94.85 -11.66 24.62
N LYS E 40 95.03 -10.39 25.00
CA LYS E 40 96.17 -10.18 25.87
C LYS E 40 95.86 -10.78 27.23
N PRO E 41 96.85 -11.38 27.91
CA PRO E 41 96.54 -12.21 29.08
C PRO E 41 95.98 -11.43 30.25
N GLY E 42 94.69 -11.63 30.52
CA GLY E 42 93.94 -10.86 31.49
C GLY E 42 92.81 -10.04 30.89
N LYS E 43 92.66 -10.04 29.57
CA LYS E 43 91.64 -9.24 28.91
C LYS E 43 90.43 -10.12 28.60
N ALA E 44 89.46 -9.53 27.92
CA ALA E 44 88.33 -10.29 27.42
C ALA E 44 88.62 -10.72 25.99
N PRO E 45 88.19 -11.91 25.57
CA PRO E 45 88.52 -12.38 24.22
C PRO E 45 87.76 -11.62 23.15
N LYS E 46 88.47 -10.72 22.47
CA LYS E 46 87.93 -9.87 21.43
C LYS E 46 87.85 -10.67 20.14
N LEU E 47 86.63 -10.87 19.65
CA LEU E 47 86.38 -11.66 18.44
C LEU E 47 87.01 -11.03 17.21
N LEU E 48 87.64 -11.86 16.38
CA LEU E 48 88.35 -11.36 15.22
C LEU E 48 87.68 -11.74 13.90
N ILE E 49 87.39 -13.02 13.68
CA ILE E 49 86.73 -13.48 12.46
C ILE E 49 85.50 -14.28 12.87
N TYR E 50 84.40 -14.09 12.14
CA TYR E 50 83.25 -14.94 12.36
C TYR E 50 82.96 -15.69 11.07
N ALA E 51 82.51 -16.94 11.22
CA ALA E 51 82.30 -17.91 10.14
C ALA E 51 83.53 -18.16 9.30
N ALA E 52 84.72 -17.96 9.88
CA ALA E 52 86.04 -18.30 9.34
C ALA E 52 86.43 -17.57 8.06
N SER E 53 85.57 -16.71 7.52
CA SER E 53 85.85 -16.02 6.28
C SER E 53 85.32 -14.59 6.25
N SER E 54 85.14 -13.94 7.40
CA SER E 54 84.52 -12.63 7.42
C SER E 54 85.16 -11.76 8.49
N LEU E 55 85.48 -10.52 8.13
CA LEU E 55 86.15 -9.60 9.03
C LEU E 55 85.20 -9.09 10.10
N GLN E 56 85.71 -8.21 10.97
CA GLN E 56 84.93 -7.70 12.06
C GLN E 56 85.17 -6.20 12.22
N SER E 57 84.16 -5.51 12.75
CA SER E 57 84.23 -4.10 13.08
C SER E 57 85.38 -3.81 14.05
N GLY E 58 86.10 -2.72 13.79
CA GLY E 58 87.26 -2.35 14.57
C GLY E 58 88.53 -3.08 14.19
N VAL E 59 88.44 -4.23 13.55
CA VAL E 59 89.59 -5.04 13.19
C VAL E 59 89.79 -4.92 11.67
N PRO E 60 90.85 -4.26 11.21
CA PRO E 60 91.09 -4.14 9.77
C PRO E 60 91.51 -5.47 9.14
N SER E 61 91.82 -5.38 7.84
CA SER E 61 92.13 -6.59 7.07
C SER E 61 93.57 -7.05 7.23
N ARG E 62 94.31 -6.53 8.22
CA ARG E 62 95.56 -7.14 8.62
C ARG E 62 95.38 -8.57 9.15
N PHE E 63 94.19 -8.88 9.65
CA PHE E 63 93.75 -10.24 9.91
C PHE E 63 92.83 -10.63 8.76
N SER E 64 92.81 -11.91 8.41
CA SER E 64 92.11 -12.39 7.23
C SER E 64 91.90 -13.89 7.33
N GLY E 65 90.65 -14.32 7.40
CA GLY E 65 90.35 -15.73 7.56
C GLY E 65 89.96 -16.41 6.26
N SER E 66 90.23 -17.71 6.19
CA SER E 66 89.76 -18.56 5.11
C SER E 66 89.83 -20.01 5.58
N GLY E 67 89.24 -20.88 4.77
CA GLY E 67 89.24 -22.31 5.03
C GLY E 67 87.84 -22.84 5.29
N SER E 68 87.72 -24.15 5.20
CA SER E 68 86.46 -24.84 5.42
C SER E 68 86.74 -26.32 5.66
N GLY E 69 85.70 -27.05 6.03
CA GLY E 69 85.83 -28.49 6.20
C GLY E 69 86.58 -28.82 7.49
N THR E 70 87.82 -29.29 7.32
CA THR E 70 88.68 -29.58 8.46
C THR E 70 89.71 -28.49 8.67
N ASP E 71 90.05 -27.77 7.62
CA ASP E 71 91.23 -26.92 7.58
C ASP E 71 90.79 -25.47 7.71
N PHE E 72 91.33 -24.77 8.70
CA PHE E 72 90.98 -23.38 8.92
C PHE E 72 92.24 -22.58 9.16
N THR E 73 92.22 -21.33 8.70
CA THR E 73 93.44 -20.56 8.57
C THR E 73 93.25 -19.15 9.13
N LEU E 74 94.18 -18.74 9.98
CA LEU E 74 94.28 -17.37 10.47
C LEU E 74 95.39 -16.68 9.69
N THR E 75 95.00 -15.74 8.84
CA THR E 75 95.91 -15.05 7.94
C THR E 75 96.21 -13.68 8.52
N ILE E 76 97.19 -13.61 9.40
CA ILE E 76 97.65 -12.35 9.93
C ILE E 76 98.65 -11.77 8.95
N SER E 77 98.45 -10.52 8.56
CA SER E 77 99.30 -9.86 7.57
C SER E 77 99.73 -8.50 8.09
N SER E 78 100.97 -8.13 7.75
CA SER E 78 101.61 -6.86 8.14
C SER E 78 101.57 -6.66 9.65
N LEU E 79 102.31 -7.54 10.33
CA LEU E 79 102.12 -7.78 11.76
C LEU E 79 102.52 -6.56 12.59
N GLN E 80 101.56 -6.08 13.38
CA GLN E 80 101.61 -4.82 14.07
C GLN E 80 102.08 -5.01 15.51
N PRO E 81 102.72 -4.00 16.10
CA PRO E 81 103.20 -4.13 17.49
C PRO E 81 102.11 -4.33 18.55
N GLU E 82 100.85 -4.04 18.24
CA GLU E 82 99.77 -4.35 19.16
C GLU E 82 99.21 -5.75 18.95
N ASP E 83 99.53 -6.40 17.84
CA ASP E 83 98.93 -7.70 17.55
C ASP E 83 99.61 -8.86 18.27
N PHE E 84 100.63 -8.60 19.09
CA PHE E 84 101.36 -9.66 19.77
C PHE E 84 100.63 -10.03 21.05
N ALA E 85 99.84 -11.10 21.00
CA ALA E 85 99.02 -11.53 22.13
C ALA E 85 98.69 -13.00 21.96
N THR E 86 97.82 -13.51 22.83
CA THR E 86 97.42 -14.90 22.84
C THR E 86 96.08 -15.07 22.14
N TYR E 87 96.06 -15.87 21.08
CA TYR E 87 94.90 -15.94 20.20
C TYR E 87 94.29 -17.33 20.28
N TYR E 88 93.10 -17.46 19.68
CA TYR E 88 92.28 -18.67 19.82
C TYR E 88 91.40 -18.88 18.60
N CYS E 89 91.25 -20.16 18.23
CA CYS E 89 90.21 -20.56 17.29
C CYS E 89 89.01 -21.13 18.06
N GLN E 90 87.95 -21.45 17.31
CA GLN E 90 86.65 -21.72 17.90
C GLN E 90 85.74 -22.49 16.96
N GLN E 91 85.23 -23.63 17.42
CA GLN E 91 84.14 -24.29 16.72
C GLN E 91 82.81 -23.78 17.25
N SER E 92 81.78 -23.87 16.42
CA SER E 92 80.40 -23.79 16.87
C SER E 92 79.54 -24.79 16.15
N TYR E 93 80.14 -25.88 15.69
CA TYR E 93 79.46 -26.84 14.84
C TYR E 93 78.46 -27.65 15.63
N SER E 94 78.92 -28.32 16.67
CA SER E 94 78.09 -29.17 17.50
C SER E 94 78.12 -28.69 18.93
N THR E 95 77.43 -29.41 19.77
CA THR E 95 77.60 -29.30 21.20
C THR E 95 78.31 -30.56 21.69
N PRO E 96 79.41 -30.47 22.46
CA PRO E 96 80.11 -29.32 23.06
C PRO E 96 80.96 -28.48 22.11
N ARG E 97 81.04 -27.20 22.42
CA ARG E 97 82.00 -26.33 21.77
C ARG E 97 83.34 -26.50 22.45
N THR E 98 84.41 -26.55 21.66
CA THR E 98 85.75 -26.50 22.20
C THR E 98 86.46 -25.35 21.52
N PHE E 99 87.50 -24.87 22.18
CA PHE E 99 88.31 -23.79 21.65
C PHE E 99 89.70 -24.36 21.45
N GLY E 100 90.51 -23.72 20.62
CA GLY E 100 91.89 -24.14 20.47
C GLY E 100 92.70 -23.86 21.72
N GLN E 101 93.89 -24.44 21.78
CA GLN E 101 94.73 -24.23 22.96
C GLN E 101 95.38 -22.86 23.00
N GLY E 102 95.31 -22.09 21.93
CA GLY E 102 95.85 -20.76 21.92
C GLY E 102 97.16 -20.69 21.17
N THR E 103 97.43 -19.55 20.56
CA THR E 103 98.70 -19.30 19.90
C THR E 103 99.16 -17.91 20.29
N LYS E 104 100.27 -17.85 21.02
CA LYS E 104 100.82 -16.59 21.50
C LYS E 104 101.82 -16.06 20.48
N VAL E 105 101.41 -15.02 19.76
CA VAL E 105 102.33 -14.30 18.88
C VAL E 105 103.01 -13.24 19.72
N GLU E 106 104.33 -13.25 19.71
CA GLU E 106 105.11 -12.47 20.66
C GLU E 106 106.38 -11.98 20.00
N ILE E 107 106.96 -10.92 20.59
CA ILE E 107 108.02 -10.18 19.93
C ILE E 107 109.33 -10.95 20.03
N LYS E 108 110.00 -11.10 18.90
CA LYS E 108 111.25 -11.84 18.81
C LYS E 108 112.41 -11.04 19.35
N ILE F 1 61.64 24.00 -0.10
CA ILE F 1 62.32 22.93 -0.82
C ILE F 1 62.26 23.20 -2.31
N VAL F 2 62.16 24.49 -2.67
CA VAL F 2 62.04 24.92 -4.06
C VAL F 2 63.42 25.31 -4.57
N LEU F 3 63.68 24.99 -5.84
CA LEU F 3 64.96 25.25 -6.48
C LEU F 3 64.83 26.46 -7.41
N THR F 4 65.92 27.20 -7.54
CA THR F 4 65.97 28.44 -8.32
C THR F 4 67.06 28.36 -9.39
N GLN F 5 66.70 28.75 -10.61
CA GLN F 5 67.67 28.81 -11.70
C GLN F 5 67.74 30.23 -12.27
N SER F 6 68.84 30.51 -12.96
CA SER F 6 69.05 31.83 -13.54
C SER F 6 68.47 31.86 -14.96
N PRO F 7 67.79 32.96 -15.35
CA PRO F 7 66.92 32.90 -16.54
C PRO F 7 67.62 32.61 -17.87
N PHE F 8 68.69 33.30 -18.22
CA PHE F 8 69.34 33.01 -19.49
C PHE F 8 70.84 33.21 -19.33
N GLN F 9 71.60 32.41 -20.07
CA GLN F 9 73.04 32.37 -19.95
C GLN F 9 73.68 32.53 -21.32
N SER F 10 74.43 33.62 -21.48
CA SER F 10 74.92 34.07 -22.77
C SER F 10 76.44 33.93 -22.83
N VAL F 11 76.88 32.96 -23.63
CA VAL F 11 78.30 32.63 -23.76
C VAL F 11 78.53 32.30 -25.23
N SER F 12 79.78 32.04 -25.63
CA SER F 12 80.19 31.80 -27.01
C SER F 12 80.99 30.50 -27.13
N PRO F 13 81.26 29.95 -28.34
CA PRO F 13 81.96 28.66 -28.43
C PRO F 13 83.32 28.73 -27.74
N LYS F 14 83.79 27.60 -27.19
CA LYS F 14 85.11 27.51 -26.50
C LYS F 14 85.07 28.15 -25.11
N GLU F 15 84.03 28.94 -24.79
CA GLU F 15 83.94 29.45 -23.43
C GLU F 15 83.11 28.51 -22.56
N LYS F 16 83.37 28.54 -21.26
CA LYS F 16 82.69 27.68 -20.30
C LYS F 16 81.53 28.43 -19.66
N VAL F 17 80.40 27.73 -19.48
CA VAL F 17 79.18 28.32 -18.92
C VAL F 17 78.74 27.51 -17.71
N THR F 18 78.20 28.20 -16.70
CA THR F 18 77.79 27.60 -15.44
C THR F 18 76.37 28.05 -15.11
N ILE F 19 75.43 27.11 -15.08
CA ILE F 19 74.03 27.43 -14.86
C ILE F 19 73.59 26.75 -13.58
N THR F 20 73.26 27.56 -12.57
CA THR F 20 73.05 27.08 -11.22
C THR F 20 71.67 26.46 -11.05
N CYS F 21 71.61 25.47 -10.16
CA CYS F 21 70.33 24.99 -9.61
C CYS F 21 70.42 25.23 -8.10
N ARG F 22 69.67 26.20 -7.61
CA ARG F 22 69.79 26.71 -6.26
C ARG F 22 68.51 26.45 -5.49
N ALA F 23 68.58 25.55 -4.50
CA ALA F 23 67.39 25.14 -3.77
C ALA F 23 67.36 25.86 -2.43
N SER F 24 66.18 26.42 -2.11
CA SER F 24 65.96 26.96 -0.78
C SER F 24 66.18 25.90 0.28
N GLN F 25 66.76 26.32 1.39
CA GLN F 25 66.91 25.47 2.58
C GLN F 25 67.71 24.23 2.16
N SER F 26 67.33 23.03 2.57
CA SER F 26 68.16 21.86 2.35
C SER F 26 68.09 21.41 0.91
N ILE F 27 69.16 20.78 0.48
CA ILE F 27 69.28 20.19 -0.85
C ILE F 27 69.48 18.69 -0.68
N SER F 28 69.14 17.94 -1.71
CA SER F 28 69.64 16.58 -1.79
C SER F 28 70.73 16.54 -2.86
N SER F 29 71.85 15.88 -2.53
CA SER F 29 73.00 15.89 -3.42
C SER F 29 72.62 15.46 -4.84
N ASN F 30 71.88 14.37 -4.98
CA ASN F 30 71.39 13.94 -6.28
C ASN F 30 70.62 15.08 -6.94
N LEU F 31 70.79 15.21 -8.26
CA LEU F 31 70.03 16.14 -9.06
C LEU F 31 70.08 15.72 -10.52
N HIS F 32 69.12 16.21 -11.29
CA HIS F 32 68.91 15.70 -12.64
C HIS F 32 68.77 16.86 -13.62
N TRP F 33 69.71 16.95 -14.57
CA TRP F 33 69.81 18.10 -15.48
C TRP F 33 69.29 17.75 -16.86
N TYR F 34 68.50 18.66 -17.44
CA TYR F 34 67.71 18.39 -18.63
C TYR F 34 67.96 19.43 -19.72
N GLN F 35 68.24 18.95 -20.93
CA GLN F 35 68.46 19.79 -22.09
C GLN F 35 67.23 19.76 -23.00
N GLN F 36 66.49 20.87 -23.04
CA GLN F 36 65.27 20.97 -23.86
C GLN F 36 65.56 21.72 -25.14
N LYS F 37 65.54 20.99 -26.26
CA LYS F 37 65.56 21.58 -27.57
C LYS F 37 64.16 22.06 -27.92
N PRO F 38 64.04 23.19 -28.63
CA PRO F 38 62.72 23.83 -28.78
C PRO F 38 61.69 22.86 -29.30
N ASP F 39 60.56 22.78 -28.60
CA ASP F 39 59.46 21.86 -28.93
C ASP F 39 59.91 20.40 -28.97
N GLN F 40 60.99 20.08 -28.26
CA GLN F 40 61.50 18.72 -28.19
C GLN F 40 61.62 18.30 -26.74
N SER F 41 61.48 17.01 -26.51
CA SER F 41 61.57 16.46 -25.17
C SER F 41 62.95 16.76 -24.59
N PRO F 42 63.00 17.47 -23.46
CA PRO F 42 64.28 17.58 -22.73
C PRO F 42 64.89 16.21 -22.51
N LYS F 43 66.20 16.16 -22.65
CA LYS F 43 66.98 14.94 -22.51
C LYS F 43 67.84 15.08 -21.27
N LEU F 44 67.99 14.00 -20.51
CA LEU F 44 68.65 14.17 -19.23
C LEU F 44 70.15 14.27 -19.46
N LEU F 45 70.72 15.42 -19.10
CA LEU F 45 72.16 15.61 -19.13
C LEU F 45 72.89 15.02 -17.94
N ILE F 46 72.44 15.29 -16.71
CA ILE F 46 73.19 14.90 -15.53
C ILE F 46 72.27 14.18 -14.55
N LYS F 47 72.69 12.98 -14.14
CA LYS F 47 71.90 12.18 -13.16
C LYS F 47 72.74 11.99 -11.90
N TYR F 48 72.17 12.27 -10.72
CA TYR F 48 72.85 12.11 -9.41
C TYR F 48 73.78 13.31 -9.17
N ALA F 49 73.87 14.23 -10.15
CA ALA F 49 74.69 15.46 -10.04
C ALA F 49 76.18 15.11 -10.07
N SER F 50 76.51 13.84 -10.34
CA SER F 50 77.94 13.43 -10.43
C SER F 50 78.18 12.59 -11.71
N GLN F 51 77.11 12.24 -12.42
CA GLN F 51 77.29 11.33 -13.59
C GLN F 51 76.47 11.83 -14.79
N SER F 52 76.91 11.53 -16.01
CA SER F 52 76.14 11.90 -17.23
C SER F 52 75.72 10.59 -17.92
N ILE F 53 74.49 10.53 -18.45
CA ILE F 53 73.99 9.26 -19.06
C ILE F 53 74.88 8.86 -20.25
N SER F 54 74.83 7.60 -20.68
CA SER F 54 75.69 7.10 -21.74
C SER F 54 75.51 7.90 -23.04
N GLY F 55 76.62 8.13 -23.74
CA GLY F 55 76.62 8.81 -25.01
C GLY F 55 76.62 10.33 -24.93
N ILE F 56 76.63 10.88 -23.73
CA ILE F 56 76.59 12.33 -23.55
C ILE F 56 78.02 12.87 -23.54
N PRO F 57 78.37 13.78 -24.46
CA PRO F 57 79.77 14.18 -24.61
C PRO F 57 80.31 14.76 -23.32
N SER F 58 81.65 14.76 -23.20
CA SER F 58 82.29 15.01 -21.91
C SER F 58 82.33 16.48 -21.54
N ARG F 59 81.98 17.40 -22.45
CA ARG F 59 81.89 18.79 -22.04
C ARG F 59 80.81 19.00 -20.99
N PHE F 60 79.84 18.09 -20.90
CA PHE F 60 78.72 18.23 -19.98
C PHE F 60 79.11 17.65 -18.63
N SER F 61 78.95 18.47 -17.60
CA SER F 61 79.15 18.05 -16.22
C SER F 61 78.01 18.59 -15.38
N GLY F 62 77.94 18.10 -14.15
CA GLY F 62 77.07 18.69 -13.16
C GLY F 62 77.70 18.54 -11.80
N SER F 63 77.23 19.36 -10.86
CA SER F 63 77.81 19.39 -9.54
C SER F 63 76.90 20.20 -8.62
N GLY F 64 77.31 20.28 -7.36
CA GLY F 64 76.65 21.15 -6.42
C GLY F 64 77.55 21.59 -5.29
N SER F 65 77.25 22.75 -4.71
CA SER F 65 77.98 23.23 -3.54
C SER F 65 76.98 23.93 -2.64
N GLY F 66 76.96 23.55 -1.36
CA GLY F 66 75.97 24.13 -0.46
C GLY F 66 74.58 23.92 -1.00
N THR F 67 73.85 25.02 -1.17
CA THR F 67 72.48 25.01 -1.66
C THR F 67 72.41 25.06 -3.18
N ASP F 68 73.56 25.03 -3.85
CA ASP F 68 73.66 25.24 -5.28
C ASP F 68 73.92 23.93 -5.98
N PHE F 69 73.46 23.83 -7.22
CA PHE F 69 73.86 22.80 -8.15
C PHE F 69 74.12 23.42 -9.51
N THR F 70 75.34 23.28 -9.99
CA THR F 70 75.77 23.92 -11.22
C THR F 70 75.66 22.92 -12.36
N LEU F 71 75.14 23.39 -13.49
CA LEU F 71 75.35 22.73 -14.77
C LEU F 71 76.47 23.47 -15.46
N THR F 72 77.59 22.79 -15.68
CA THR F 72 78.80 23.43 -16.18
C THR F 72 79.31 22.70 -17.42
N ILE F 73 79.28 23.38 -18.55
CA ILE F 73 79.65 22.81 -19.85
C ILE F 73 80.88 23.53 -20.35
N ASN F 74 81.90 22.78 -20.76
CA ASN F 74 83.18 23.39 -21.20
C ASN F 74 83.26 23.40 -22.73
N SER F 75 84.08 24.28 -23.31
CA SER F 75 84.32 24.25 -24.79
C SER F 75 82.99 24.21 -25.56
N LEU F 76 82.10 25.18 -25.35
CA LEU F 76 80.76 25.19 -26.01
C LEU F 76 80.84 25.15 -27.53
N GLU F 77 79.79 24.66 -28.21
CA GLU F 77 79.71 24.69 -29.67
C GLU F 77 78.32 25.18 -30.08
N ALA F 78 78.25 25.86 -31.23
CA ALA F 78 77.00 26.45 -31.70
C ALA F 78 75.95 25.39 -31.93
N GLU F 79 76.37 24.13 -32.07
CA GLU F 79 75.42 23.03 -32.23
C GLU F 79 74.72 22.72 -30.92
N ASP F 80 75.39 23.00 -29.80
CA ASP F 80 75.03 22.37 -28.54
C ASP F 80 73.82 23.05 -27.89
N PHE F 81 73.78 24.38 -27.90
CA PHE F 81 73.05 25.11 -26.89
C PHE F 81 71.55 24.86 -26.94
N GLY F 82 70.92 24.93 -25.76
CA GLY F 82 69.50 24.73 -25.58
C GLY F 82 69.13 25.07 -24.16
N ILE F 83 67.83 25.15 -23.91
CA ILE F 83 67.36 25.54 -22.58
C ILE F 83 67.67 24.40 -21.61
N TYR F 84 68.18 24.76 -20.43
CA TYR F 84 68.66 23.79 -19.47
C TYR F 84 67.74 23.70 -18.27
N PHE F 85 67.63 22.50 -17.72
CA PHE F 85 66.82 22.23 -16.54
C PHE F 85 67.64 21.49 -15.50
N CYS F 86 67.19 21.61 -14.27
CA CYS F 86 67.51 20.64 -13.23
C CYS F 86 66.18 20.10 -12.70
N GLN F 87 66.26 18.96 -12.02
CA GLN F 87 65.16 18.46 -11.23
C GLN F 87 65.62 18.31 -9.80
N GLN F 88 64.78 18.70 -8.86
CA GLN F 88 65.04 18.45 -7.45
C GLN F 88 65.10 16.95 -7.21
N THR F 89 65.55 16.52 -6.03
CA THR F 89 65.48 15.06 -5.73
C THR F 89 64.66 14.76 -4.47
N ASN F 90 63.85 13.71 -4.50
CA ASN F 90 63.03 13.27 -3.33
C ASN F 90 62.21 14.45 -2.77
N PHE F 91 62.14 14.58 -1.44
CA PHE F 91 61.36 15.68 -0.82
C PHE F 91 59.93 15.72 -1.37
N TRP F 92 59.25 14.57 -1.48
CA TRP F 92 57.82 14.51 -1.93
C TRP F 92 57.66 14.84 -3.43
N PRO F 93 57.36 16.06 -3.96
CA PRO F 93 57.35 16.30 -5.41
C PRO F 93 58.71 16.82 -5.88
N TYR F 94 59.02 16.63 -7.17
CA TYR F 94 60.27 17.19 -7.71
C TYR F 94 59.91 18.45 -8.50
N ILE F 95 60.40 19.61 -8.04
CA ILE F 95 60.14 20.88 -8.78
C ILE F 95 61.17 20.93 -9.92
N PHE F 96 60.71 21.03 -11.17
CA PHE F 96 61.67 21.00 -12.27
C PHE F 96 62.15 22.42 -12.49
N GLY F 97 63.34 22.54 -13.06
CA GLY F 97 63.94 23.84 -13.30
C GLY F 97 62.99 24.75 -14.03
N GLN F 98 62.92 26.00 -13.59
CA GLN F 98 62.22 27.03 -14.37
C GLN F 98 62.72 27.05 -15.80
N GLY F 99 63.97 26.66 -16.01
CA GLY F 99 64.66 26.59 -17.28
C GLY F 99 65.56 27.79 -17.50
N THR F 100 66.67 27.53 -18.18
CA THR F 100 67.61 28.57 -18.56
C THR F 100 68.00 28.35 -20.00
N LYS F 101 67.70 29.31 -20.85
CA LYS F 101 67.96 29.22 -22.28
C LYS F 101 69.44 29.52 -22.53
N LEU F 102 70.16 28.56 -23.10
CA LEU F 102 71.57 28.74 -23.40
C LEU F 102 71.67 29.34 -24.79
N GLU F 103 72.20 30.55 -24.88
CA GLU F 103 72.53 31.18 -26.15
C GLU F 103 74.03 31.09 -26.36
N ILE F 104 74.44 30.91 -27.61
CA ILE F 104 75.84 30.87 -27.96
C ILE F 104 76.06 31.83 -29.13
N LEU F 105 76.94 32.81 -28.91
CA LEU F 105 77.18 33.91 -29.84
C LEU F 105 78.22 33.52 -30.88
N LYS F 106 78.69 34.54 -31.61
CA LYS F 106 79.82 34.45 -32.54
C LYS F 106 79.35 33.92 -33.90
N ARG F 107 78.08 33.57 -34.00
CA ARG F 107 77.49 33.36 -35.32
C ARG F 107 77.42 34.68 -36.06
N VAL G 1 62.98 1.93 -24.01
CA VAL G 1 63.33 2.43 -25.33
C VAL G 1 62.15 3.17 -25.96
N GLN G 2 60.92 2.74 -25.69
CA GLN G 2 59.79 3.34 -26.37
C GLN G 2 58.64 3.64 -25.41
N LEU G 3 58.35 4.93 -25.26
CA LEU G 3 57.15 5.43 -24.60
C LEU G 3 56.41 6.17 -25.69
N VAL G 4 55.26 5.65 -26.10
CA VAL G 4 54.45 6.26 -27.16
C VAL G 4 53.19 6.82 -26.52
N GLN G 5 52.92 8.08 -26.80
CA GLN G 5 51.88 8.83 -26.14
C GLN G 5 50.76 9.14 -27.10
N SER G 6 49.53 9.02 -26.60
CA SER G 6 48.36 9.10 -27.46
C SER G 6 48.27 10.49 -28.07
N GLY G 7 47.48 10.60 -29.13
CA GLY G 7 47.38 11.85 -29.82
C GLY G 7 46.90 12.98 -28.91
N ALA G 8 47.08 14.19 -29.43
CA ALA G 8 46.72 15.40 -28.69
C ALA G 8 45.22 15.46 -28.45
N GLU G 9 44.82 16.22 -27.42
CA GLU G 9 43.42 16.36 -27.06
C GLU G 9 43.04 17.83 -27.11
N VAL G 10 41.74 18.10 -27.30
CA VAL G 10 41.18 19.43 -27.14
C VAL G 10 39.85 19.28 -26.42
N LYS G 11 39.75 19.79 -25.18
CA LYS G 11 38.52 19.55 -24.37
C LYS G 11 37.97 20.86 -23.80
N LYS G 12 36.64 20.96 -23.69
CA LYS G 12 35.99 22.19 -23.13
C LYS G 12 36.24 22.24 -21.63
N PRO G 13 36.31 23.44 -21.01
CA PRO G 13 36.62 23.57 -19.59
C PRO G 13 35.77 22.68 -18.64
N GLY G 14 36.36 22.22 -17.53
CA GLY G 14 35.65 21.37 -16.60
C GLY G 14 35.45 19.95 -17.08
N ALA G 15 35.81 19.66 -18.32
CA ALA G 15 35.65 18.32 -18.89
C ALA G 15 36.81 17.43 -18.45
N THR G 16 36.92 16.27 -19.09
CA THR G 16 37.93 15.28 -18.74
C THR G 16 38.76 14.89 -19.95
N VAL G 17 40.01 14.53 -19.67
CA VAL G 17 40.92 13.94 -20.64
C VAL G 17 41.74 12.85 -19.98
N LYS G 18 41.70 11.65 -20.56
CA LYS G 18 42.62 10.59 -20.15
C LYS G 18 43.61 10.35 -21.29
N ILE G 19 44.89 10.49 -20.99
CA ILE G 19 45.93 10.26 -21.98
C ILE G 19 46.73 9.03 -21.57
N SER G 20 47.14 8.28 -22.59
CA SER G 20 47.85 7.03 -22.43
C SER G 20 49.33 7.21 -22.74
N CYS G 21 50.16 6.50 -21.98
CA CYS G 21 51.58 6.37 -22.28
C CYS G 21 51.85 4.89 -22.47
N LYS G 22 52.12 4.48 -23.70
CA LYS G 22 52.39 3.08 -24.01
C LYS G 22 53.89 2.84 -23.95
N VAL G 23 54.28 1.65 -23.54
CA VAL G 23 55.66 1.34 -23.25
C VAL G 23 56.14 0.18 -24.11
N SER G 24 57.39 0.26 -24.55
CA SER G 24 58.10 -0.88 -25.09
C SER G 24 59.60 -0.60 -25.03
N GLY G 25 60.40 -1.65 -25.23
CA GLY G 25 61.83 -1.50 -25.29
C GLY G 25 62.55 -1.79 -24.00
N TYR G 26 61.82 -2.04 -22.91
CA TYR G 26 62.40 -2.41 -21.64
C TYR G 26 61.43 -3.33 -20.90
N SER G 27 61.68 -3.51 -19.60
CA SER G 27 60.77 -4.27 -18.75
C SER G 27 59.87 -3.32 -17.96
N PHE G 28 58.56 -3.40 -18.23
CA PHE G 28 57.62 -2.34 -17.83
C PHE G 28 57.34 -2.33 -16.34
N SER G 29 57.44 -3.49 -15.69
CA SER G 29 57.23 -3.53 -14.25
C SER G 29 58.49 -3.21 -13.46
N ASN G 30 59.64 -3.09 -14.13
CA ASN G 30 60.89 -2.70 -13.46
C ASN G 30 61.06 -1.20 -13.35
N TYR G 31 60.10 -0.40 -13.79
CA TYR G 31 60.28 1.05 -13.80
C TYR G 31 59.00 1.75 -13.40
N TYR G 32 59.11 2.74 -12.50
CA TYR G 32 58.00 3.64 -12.25
C TYR G 32 57.87 4.64 -13.40
N ILE G 33 56.72 5.30 -13.46
CA ILE G 33 56.41 6.25 -14.53
C ILE G 33 56.00 7.59 -13.93
N HIS G 34 56.76 8.64 -14.28
CA HIS G 34 56.41 10.02 -13.93
C HIS G 34 55.61 10.64 -15.06
N TRP G 35 54.65 11.47 -14.70
CA TRP G 35 53.89 12.24 -15.67
C TRP G 35 54.22 13.72 -15.51
N VAL G 36 54.62 14.35 -16.60
CA VAL G 36 55.19 15.70 -16.56
C VAL G 36 54.43 16.57 -17.55
N LYS G 37 54.04 17.76 -17.10
CA LYS G 37 53.37 18.74 -17.93
C LYS G 37 54.29 19.94 -18.16
N GLN G 38 54.13 20.59 -19.30
CA GLN G 38 54.85 21.82 -19.59
C GLN G 38 53.88 22.77 -20.29
N ALA G 39 53.67 23.94 -19.70
CA ALA G 39 52.65 24.86 -20.18
C ALA G 39 53.16 25.63 -21.39
N PRO G 40 52.32 26.50 -21.98
CA PRO G 40 52.85 27.49 -22.93
C PRO G 40 53.88 28.42 -22.32
N GLY G 41 55.03 28.51 -22.99
CA GLY G 41 56.11 29.37 -22.58
C GLY G 41 56.73 29.04 -21.23
N LYS G 42 56.33 27.94 -20.61
CA LYS G 42 56.67 27.65 -19.23
C LYS G 42 57.44 26.33 -19.12
N SER G 43 57.69 25.92 -17.88
CA SER G 43 58.66 24.87 -17.58
C SER G 43 58.02 23.50 -17.47
N LEU G 44 58.86 22.50 -17.25
CA LEU G 44 58.42 21.16 -16.93
C LEU G 44 57.62 21.19 -15.64
N GLU G 45 56.56 20.40 -15.57
CA GLU G 45 55.81 20.27 -14.33
C GLU G 45 55.45 18.81 -14.13
N TRP G 46 55.91 18.24 -13.02
CA TRP G 46 55.62 16.87 -12.67
C TRP G 46 54.30 16.78 -11.91
N ILE G 47 53.33 16.08 -12.49
CA ILE G 47 52.04 15.89 -11.85
C ILE G 47 52.05 14.72 -10.88
N GLY G 48 52.71 13.62 -11.22
CA GLY G 48 52.64 12.43 -10.40
C GLY G 48 53.58 11.35 -10.90
N TYR G 49 53.83 10.37 -10.01
CA TYR G 49 54.46 9.13 -10.41
C TYR G 49 53.54 7.98 -10.02
N ILE G 50 53.63 6.90 -10.79
CA ILE G 50 52.79 5.71 -10.67
C ILE G 50 53.71 4.51 -10.52
N ASP G 51 53.13 3.37 -10.17
CA ASP G 51 53.80 2.08 -10.20
C ASP G 51 53.14 1.18 -11.22
N PRO G 52 53.93 0.42 -11.98
CA PRO G 52 53.32 -0.55 -12.91
C PRO G 52 52.63 -1.69 -12.18
N PHE G 53 53.25 -2.19 -11.10
CA PHE G 53 52.77 -3.38 -10.40
C PHE G 53 51.66 -3.03 -9.41
N ASN G 54 51.52 -1.76 -9.06
CA ASN G 54 50.52 -1.41 -8.02
C ASN G 54 50.14 0.05 -8.18
N GLY G 55 49.44 0.62 -7.21
CA GLY G 55 49.20 2.07 -7.29
C GLY G 55 50.53 2.74 -6.97
N GLY G 56 50.75 3.96 -7.47
CA GLY G 56 51.99 4.67 -7.08
C GLY G 56 51.70 6.15 -6.92
N THR G 57 50.43 6.54 -7.02
CA THR G 57 50.10 7.98 -7.04
C THR G 57 50.68 8.74 -5.85
N SER G 58 51.46 9.79 -6.13
CA SER G 58 51.97 10.72 -5.09
C SER G 58 51.77 12.05 -5.79
N ASP G 59 50.52 12.34 -6.17
CA ASP G 59 50.22 13.54 -7.00
C ASP G 59 50.50 14.84 -6.25
N ASN G 60 51.42 15.67 -6.75
CA ASN G 60 51.60 17.01 -6.14
C ASN G 60 50.28 17.74 -6.37
N LEU G 61 49.78 18.47 -5.37
CA LEU G 61 48.44 19.07 -5.57
C LEU G 61 48.52 20.01 -6.78
N LYS G 62 49.49 20.92 -6.82
CA LYS G 62 49.71 21.74 -8.04
C LYS G 62 48.35 22.21 -8.58
N PHE G 63 48.10 21.96 -9.87
CA PHE G 63 46.76 22.24 -10.43
C PHE G 63 45.92 21.00 -10.06
N LYS G 64 44.77 21.21 -9.41
CA LYS G 64 44.02 20.01 -8.92
C LYS G 64 43.07 19.49 -10.00
N GLY G 65 43.51 18.51 -10.80
CA GLY G 65 42.60 17.93 -11.76
C GLY G 65 42.02 16.60 -11.32
N ALA G 66 42.01 16.30 -10.02
CA ALA G 66 41.61 15.00 -9.49
C ALA G 66 42.37 13.89 -10.21
N ALA G 67 43.61 14.17 -10.57
CA ALA G 67 44.37 13.29 -11.45
C ALA G 67 44.54 11.90 -10.83
N THR G 68 44.36 10.88 -11.66
CA THR G 68 44.62 9.50 -11.30
C THR G 68 45.44 8.87 -12.41
N LEU G 69 46.49 8.17 -12.05
CA LEU G 69 47.28 7.41 -13.01
C LEU G 69 46.94 5.94 -12.85
N THR G 70 46.71 5.26 -13.96
CA THR G 70 46.50 3.82 -13.93
C THR G 70 47.44 3.17 -14.94
N ALA G 71 48.04 2.06 -14.52
CA ALA G 71 48.83 1.23 -15.41
C ALA G 71 47.98 0.07 -15.87
N ASP G 72 47.95 -0.14 -17.18
CA ASP G 72 47.39 -1.35 -17.76
C ASP G 72 48.64 -2.18 -18.08
N THR G 73 48.85 -3.22 -17.28
CA THR G 73 50.10 -3.98 -17.37
C THR G 73 50.13 -4.87 -18.60
N SER G 74 48.96 -5.26 -19.12
CA SER G 74 48.94 -6.16 -20.27
C SER G 74 49.54 -5.51 -21.50
N THR G 75 49.24 -4.23 -21.74
CA THR G 75 49.76 -3.51 -22.90
C THR G 75 51.02 -2.73 -22.58
N ASP G 76 51.46 -2.75 -21.32
CA ASP G 76 52.52 -1.88 -20.82
C ASP G 76 52.20 -0.43 -21.14
N THR G 77 51.01 0.00 -20.73
CA THR G 77 50.59 1.38 -20.92
C THR G 77 50.39 2.00 -19.55
N ALA G 78 50.67 3.30 -19.45
CA ALA G 78 50.29 4.10 -18.29
C ALA G 78 49.28 5.16 -18.72
N TYR G 79 48.30 5.42 -17.86
CA TYR G 79 47.18 6.28 -18.19
C TYR G 79 47.17 7.49 -17.27
N MET G 80 46.74 8.63 -17.79
CA MET G 80 46.58 9.84 -16.99
C MET G 80 45.21 10.43 -17.25
N GLU G 81 44.34 10.38 -16.23
CA GLU G 81 43.03 11.01 -16.29
C GLU G 81 43.07 12.35 -15.58
N LEU G 82 42.65 13.40 -16.27
CA LEU G 82 42.68 14.75 -15.76
C LEU G 82 41.29 15.37 -15.96
N SER G 83 40.60 15.62 -14.85
CA SER G 83 39.27 16.19 -14.87
C SER G 83 39.31 17.65 -14.44
N SER G 84 38.13 18.29 -14.50
CA SER G 84 37.99 19.72 -14.23
C SER G 84 39.04 20.51 -15.02
N LEU G 85 39.04 20.28 -16.33
CA LEU G 85 39.96 20.96 -17.22
C LEU G 85 39.77 22.47 -17.15
N ARG G 86 40.87 23.18 -16.92
CA ARG G 86 40.82 24.62 -16.73
C ARG G 86 41.66 25.31 -17.79
N SER G 87 41.39 26.60 -17.95
CA SER G 87 41.95 27.37 -19.07
C SER G 87 43.46 27.35 -19.07
N GLU G 88 44.07 27.04 -17.94
CA GLU G 88 45.50 26.87 -17.88
C GLU G 88 45.95 25.41 -17.89
N ASP G 89 45.01 24.47 -17.99
CA ASP G 89 45.38 23.07 -18.20
C ASP G 89 45.81 22.79 -19.64
N THR G 90 45.76 23.82 -20.48
CA THR G 90 46.17 23.71 -21.90
C THR G 90 47.69 23.55 -21.95
N ALA G 91 48.21 22.32 -21.98
CA ALA G 91 49.67 22.14 -21.92
C ALA G 91 50.11 20.77 -22.46
N VAL G 92 51.40 20.61 -22.76
CA VAL G 92 51.95 19.32 -23.27
C VAL G 92 52.12 18.36 -22.10
N TYR G 93 51.77 17.08 -22.28
CA TYR G 93 51.86 16.09 -21.22
C TYR G 93 52.92 15.05 -21.55
N TYR G 94 54.02 15.06 -20.79
CA TYR G 94 55.05 14.03 -20.91
C TYR G 94 54.81 12.96 -19.86
N CYS G 95 55.09 11.72 -20.25
CA CYS G 95 55.25 10.62 -19.32
C CYS G 95 56.72 10.29 -19.21
N ALA G 96 57.14 9.87 -18.01
CA ALA G 96 58.56 9.78 -17.72
C ALA G 96 58.89 8.48 -17.00
N ARG G 97 59.78 7.70 -17.61
CA ARG G 97 60.18 6.42 -17.06
C ARG G 97 61.13 6.61 -15.88
N SER G 98 60.77 6.11 -14.71
CA SER G 98 61.63 6.23 -13.49
C SER G 98 62.13 4.86 -13.06
N GLU G 99 63.18 4.79 -12.23
CA GLU G 99 63.65 3.48 -11.71
C GLU G 99 62.68 2.95 -10.66
N TYR G 100 62.51 1.63 -10.57
CA TYR G 100 61.66 1.00 -9.52
C TYR G 100 62.25 1.29 -8.14
N ASP G 101 63.57 1.32 -8.05
CA ASP G 101 64.27 1.60 -6.76
C ASP G 101 64.13 3.10 -6.44
N PRO G 102 64.58 3.62 -5.28
CA PRO G 102 64.36 5.02 -4.90
C PRO G 102 64.96 6.02 -5.90
N TYR G 103 65.82 5.55 -6.81
CA TYR G 103 66.37 6.41 -7.89
C TYR G 103 65.23 6.99 -8.74
N TYR G 104 65.34 8.24 -9.22
CA TYR G 104 64.20 8.84 -9.97
C TYR G 104 64.63 9.72 -11.15
N VAL G 105 65.29 9.17 -12.18
CA VAL G 105 65.51 9.96 -13.38
C VAL G 105 64.35 9.68 -14.33
N MET G 106 64.22 10.52 -15.33
CA MET G 106 63.62 10.16 -16.58
C MET G 106 64.70 10.33 -17.65
N ASP G 107 65.25 9.19 -18.09
CA ASP G 107 66.24 9.21 -19.20
C ASP G 107 65.46 9.18 -20.51
N TYR G 108 64.48 8.28 -20.63
CA TYR G 108 63.68 8.17 -21.88
C TYR G 108 62.22 8.58 -21.67
N TRP G 109 61.66 9.35 -22.61
CA TRP G 109 60.31 9.86 -22.53
C TRP G 109 59.44 9.41 -23.69
N GLY G 110 58.16 9.76 -23.63
CA GLY G 110 57.34 9.88 -24.81
C GLY G 110 57.67 11.18 -25.51
N GLN G 111 56.87 11.53 -26.51
CA GLN G 111 57.11 12.71 -27.31
C GLN G 111 56.35 13.94 -26.83
N GLY G 112 55.43 13.79 -25.88
CA GLY G 112 54.52 14.86 -25.48
C GLY G 112 53.15 14.71 -26.13
N THR G 113 52.13 15.13 -25.41
CA THR G 113 50.76 15.14 -25.92
C THR G 113 50.09 16.44 -25.52
N THR G 114 49.72 17.26 -26.50
CA THR G 114 49.14 18.55 -26.19
C THR G 114 47.65 18.39 -25.94
N VAL G 115 47.18 18.95 -24.82
CA VAL G 115 45.75 19.07 -24.58
C VAL G 115 45.43 20.55 -24.49
N THR G 116 44.46 20.98 -25.29
CA THR G 116 43.99 22.36 -25.27
C THR G 116 42.64 22.38 -24.57
N VAL G 117 42.56 23.14 -23.49
CA VAL G 117 41.30 23.38 -22.79
C VAL G 117 40.86 24.79 -23.15
N SER G 118 39.86 24.89 -24.01
CA SER G 118 39.36 26.16 -24.50
C SER G 118 37.88 26.03 -24.79
N SER G 119 37.12 27.06 -24.43
CA SER G 119 35.73 27.11 -24.81
C SER G 119 35.57 27.28 -26.32
N ALA G 120 36.67 27.54 -27.02
CA ALA G 120 36.63 27.71 -28.46
C ALA G 120 36.85 26.36 -29.15
N SER G 121 36.08 26.13 -30.21
CA SER G 121 36.11 24.87 -30.94
C SER G 121 37.31 24.80 -31.87
N THR G 122 37.67 23.57 -32.22
CA THR G 122 38.68 23.30 -33.23
C THR G 122 38.11 23.52 -34.62
N GLN H 1 18.23 -1.26 -77.70
CA GLN H 1 17.63 -1.59 -78.99
C GLN H 1 18.44 -1.05 -80.16
N GLN H 2 19.08 0.10 -79.96
CA GLN H 2 19.59 0.86 -81.09
C GLN H 2 20.84 1.62 -80.66
N LEU H 3 21.78 1.75 -81.59
CA LEU H 3 23.06 2.40 -81.33
C LEU H 3 23.31 3.45 -82.41
N VAL H 4 23.74 4.63 -81.99
CA VAL H 4 24.06 5.70 -82.93
C VAL H 4 25.51 6.13 -82.69
N GLU H 5 26.16 6.63 -83.74
CA GLU H 5 27.59 6.88 -83.73
C GLU H 5 27.88 8.33 -84.03
N SER H 6 29.05 8.80 -83.58
CA SER H 6 29.52 10.12 -83.96
C SER H 6 29.96 10.11 -85.42
N GLY H 7 30.12 11.31 -85.98
CA GLY H 7 30.40 11.42 -87.40
C GLY H 7 31.84 11.06 -87.74
N GLY H 8 31.98 10.27 -88.79
CA GLY H 8 33.28 9.98 -89.34
C GLY H 8 33.70 11.05 -90.33
N GLY H 9 34.95 11.00 -90.72
CA GLY H 9 35.50 12.01 -91.60
C GLY H 9 36.95 11.77 -91.91
N VAL H 10 37.53 12.69 -92.67
CA VAL H 10 38.92 12.61 -93.10
C VAL H 10 39.76 13.44 -92.13
N VAL H 11 40.69 12.79 -91.45
CA VAL H 11 41.56 13.40 -90.45
C VAL H 11 43.01 13.14 -90.86
N GLN H 12 43.88 14.18 -90.69
CA GLN H 12 45.30 14.00 -90.94
C GLN H 12 45.92 13.07 -89.91
N PRO H 13 46.97 12.33 -90.29
CA PRO H 13 47.61 11.41 -89.34
C PRO H 13 48.26 12.12 -88.17
N GLY H 14 48.44 11.34 -87.09
CA GLY H 14 48.97 11.86 -85.85
C GLY H 14 47.97 12.60 -84.98
N ARG H 15 46.75 12.82 -85.46
CA ARG H 15 45.77 13.63 -84.75
C ARG H 15 44.91 12.76 -83.83
N SER H 16 43.82 13.33 -83.35
CA SER H 16 42.91 12.68 -82.43
C SER H 16 41.47 13.01 -82.82
N LEU H 17 40.57 12.05 -82.62
CA LEU H 17 39.17 12.26 -82.93
C LEU H 17 38.29 11.44 -82.00
N ARG H 18 37.60 12.11 -81.08
CA ARG H 18 36.75 11.44 -80.11
C ARG H 18 35.55 10.78 -80.79
N LEU H 19 35.30 9.53 -80.42
CA LEU H 19 34.22 8.72 -80.97
C LEU H 19 33.11 8.59 -79.96
N SER H 20 31.93 9.07 -80.32
CA SER H 20 30.74 9.03 -79.49
C SER H 20 29.77 8.00 -80.04
N CYS H 21 29.18 7.21 -79.15
CA CYS H 21 28.20 6.23 -79.57
C CYS H 21 27.17 6.09 -78.47
N ALA H 22 25.93 6.48 -78.76
CA ALA H 22 24.88 6.51 -77.77
C ALA H 22 23.93 5.33 -77.98
N ALA H 23 23.42 4.82 -76.86
CA ALA H 23 22.52 3.68 -76.88
C ALA H 23 21.07 4.14 -76.80
N SER H 24 20.15 3.20 -77.00
CA SER H 24 18.72 3.44 -76.95
C SER H 24 18.03 2.09 -76.81
N GLY H 25 16.85 2.12 -76.19
CA GLY H 25 16.12 0.92 -75.87
C GLY H 25 16.47 0.29 -74.55
N PHE H 26 17.70 -0.22 -74.41
CA PHE H 26 18.19 -0.52 -73.07
C PHE H 26 19.52 0.20 -72.89
N THR H 27 19.84 0.46 -71.63
CA THR H 27 21.01 1.20 -71.24
C THR H 27 22.30 0.50 -71.63
N PHE H 28 23.33 1.33 -71.87
CA PHE H 28 24.71 0.91 -71.74
C PHE H 28 25.04 0.36 -70.36
N SER H 29 24.43 0.93 -69.32
CA SER H 29 24.97 0.94 -67.97
C SER H 29 25.23 -0.46 -67.42
N SER H 30 24.26 -1.36 -67.58
CA SER H 30 24.42 -2.68 -66.96
C SER H 30 25.37 -3.57 -67.76
N TYR H 31 25.70 -3.21 -68.98
CA TYR H 31 26.52 -4.08 -69.80
C TYR H 31 27.94 -3.55 -69.93
N ALA H 32 28.72 -4.25 -70.73
CA ALA H 32 29.98 -3.77 -71.27
C ALA H 32 29.68 -3.15 -72.63
N MET H 33 30.71 -2.73 -73.36
CA MET H 33 30.54 -2.40 -74.78
C MET H 33 31.91 -2.47 -75.44
N HIS H 34 31.90 -2.67 -76.75
CA HIS H 34 33.13 -2.86 -77.50
C HIS H 34 33.18 -1.92 -78.69
N TRP H 35 34.36 -1.87 -79.30
CA TRP H 35 34.57 -1.30 -80.62
C TRP H 35 35.26 -2.33 -81.51
N VAL H 36 34.82 -2.42 -82.76
CA VAL H 36 35.55 -3.21 -83.74
C VAL H 36 35.75 -2.38 -84.99
N ARG H 37 36.62 -2.89 -85.86
CA ARG H 37 37.08 -2.23 -87.06
C ARG H 37 36.80 -3.12 -88.26
N GLN H 38 36.36 -2.51 -89.36
CA GLN H 38 36.30 -3.20 -90.65
C GLN H 38 36.92 -2.30 -91.71
N ALA H 39 38.10 -2.67 -92.15
CA ALA H 39 38.66 -2.10 -93.36
C ALA H 39 37.98 -2.71 -94.57
N PRO H 40 37.91 -2.00 -95.71
CA PRO H 40 37.20 -2.55 -96.87
C PRO H 40 37.89 -3.77 -97.43
N GLY H 41 37.14 -4.87 -97.52
CA GLY H 41 37.69 -6.14 -97.92
C GLY H 41 38.41 -6.89 -96.83
N LYS H 42 38.56 -6.31 -95.65
CA LYS H 42 39.26 -6.95 -94.54
C LYS H 42 38.27 -7.47 -93.53
N GLY H 43 38.71 -8.44 -92.75
CA GLY H 43 37.86 -9.02 -91.72
C GLY H 43 37.60 -8.06 -90.59
N LEU H 44 36.65 -8.45 -89.74
CA LEU H 44 36.28 -7.68 -88.58
C LEU H 44 37.35 -7.87 -87.51
N GLU H 45 38.02 -6.80 -87.13
CA GLU H 45 39.11 -6.86 -86.17
C GLU H 45 38.68 -6.13 -84.91
N TRP H 46 38.69 -6.83 -83.79
CA TRP H 46 38.33 -6.25 -82.51
C TRP H 46 39.33 -5.16 -82.10
N VAL H 47 38.83 -4.13 -81.43
CA VAL H 47 39.65 -2.99 -81.09
C VAL H 47 39.85 -2.86 -79.58
N ALA H 48 38.78 -2.61 -78.83
CA ALA H 48 38.91 -2.31 -77.42
C ALA H 48 37.58 -2.54 -76.71
N VAL H 49 37.65 -2.79 -75.40
CA VAL H 49 36.46 -3.02 -74.59
C VAL H 49 36.19 -1.77 -73.76
N ILE H 50 35.02 -1.75 -73.13
CA ILE H 50 34.78 -0.94 -71.96
C ILE H 50 34.06 -1.84 -70.98
N SER H 51 34.26 -1.61 -69.69
CA SER H 51 33.63 -2.41 -68.65
C SER H 51 33.13 -1.47 -67.57
N TYR H 52 31.87 -1.07 -67.65
CA TYR H 52 31.37 -0.09 -66.68
C TYR H 52 31.09 -0.70 -65.32
N ASP H 53 30.81 -2.00 -65.24
CA ASP H 53 30.31 -2.60 -64.00
C ASP H 53 31.37 -2.66 -62.90
N GLY H 54 32.64 -2.52 -63.27
CA GLY H 54 33.65 -2.07 -62.34
C GLY H 54 34.20 -0.76 -62.84
N SER H 55 35.47 -0.81 -63.26
CA SER H 55 36.04 0.10 -64.26
C SER H 55 37.34 -0.52 -64.74
N ASN H 56 37.41 -0.81 -66.04
CA ASN H 56 38.61 -1.37 -66.63
C ASN H 56 38.54 -1.17 -68.13
N LYS H 57 39.71 -0.96 -68.73
CA LYS H 57 39.82 -0.70 -70.16
C LYS H 57 40.92 -1.57 -70.74
N TYR H 58 40.56 -2.39 -71.72
CA TYR H 58 41.51 -3.24 -72.42
C TYR H 58 41.54 -2.84 -73.89
N TYR H 59 42.75 -2.82 -74.43
CA TYR H 59 43.02 -2.40 -75.80
C TYR H 59 43.65 -3.56 -76.54
N ALA H 60 43.47 -3.60 -77.86
CA ALA H 60 44.23 -4.54 -78.66
C ALA H 60 45.68 -4.07 -78.73
N ASP H 61 46.61 -4.99 -78.47
CA ASP H 61 48.02 -4.66 -78.67
C ASP H 61 48.42 -4.75 -80.14
N SER H 62 47.56 -5.32 -80.98
CA SER H 62 47.80 -5.28 -82.43
C SER H 62 47.74 -3.86 -82.95
N VAL H 63 46.73 -3.10 -82.52
CA VAL H 63 46.69 -1.66 -82.77
C VAL H 63 46.69 -1.02 -81.39
N LYS H 64 47.88 -0.78 -80.87
CA LYS H 64 48.07 -0.26 -79.52
C LYS H 64 48.48 1.20 -79.67
N GLY H 65 47.48 2.07 -79.82
CA GLY H 65 47.73 3.47 -80.03
C GLY H 65 47.21 4.36 -78.93
N ARG H 66 46.89 3.80 -77.75
CA ARG H 66 46.24 4.50 -76.64
C ARG H 66 44.94 5.17 -77.10
N PHE H 67 44.16 4.42 -77.85
CA PHE H 67 42.81 4.85 -78.20
C PHE H 67 41.94 4.77 -76.96
N THR H 68 41.76 5.90 -76.30
CA THR H 68 41.21 5.88 -74.95
C THR H 68 39.70 5.71 -74.96
N ILE H 69 39.21 4.96 -74.00
CA ILE H 69 37.79 4.60 -73.91
C ILE H 69 37.29 4.92 -72.51
N SER H 70 36.16 5.61 -72.45
CA SER H 70 35.42 5.84 -71.22
C SER H 70 33.98 6.13 -71.60
N ARG H 71 33.22 6.61 -70.63
CA ARG H 71 31.77 6.57 -70.68
C ARG H 71 31.17 7.96 -70.76
N ASP H 72 29.90 7.98 -71.12
CA ASP H 72 28.90 8.88 -70.56
C ASP H 72 27.69 8.00 -70.29
N ASN H 73 27.69 7.37 -69.12
CA ASN H 73 26.68 6.36 -68.77
C ASN H 73 25.29 6.96 -68.66
N SER H 74 25.21 8.20 -68.18
CA SER H 74 23.91 8.83 -67.97
C SER H 74 23.28 9.27 -69.28
N LYS H 75 24.06 9.32 -70.35
CA LYS H 75 23.51 9.48 -71.69
C LYS H 75 23.52 8.19 -72.48
N ASN H 76 23.93 7.08 -71.85
CA ASN H 76 24.07 5.76 -72.48
C ASN H 76 24.98 5.82 -73.70
N THR H 77 26.11 6.48 -73.53
CA THR H 77 26.98 6.88 -74.62
C THR H 77 28.40 6.48 -74.23
N LEU H 78 29.27 6.34 -75.21
CA LEU H 78 30.62 5.84 -74.98
C LEU H 78 31.59 6.54 -75.93
N TYR H 79 32.77 6.86 -75.39
CA TYR H 79 33.72 7.78 -76.00
C TYR H 79 35.07 7.10 -76.11
N LEU H 80 35.56 6.94 -77.34
CA LEU H 80 36.91 6.45 -77.60
C LEU H 80 37.61 7.41 -78.54
N GLN H 81 38.64 8.06 -78.04
CA GLN H 81 39.32 9.11 -78.78
C GLN H 81 40.40 8.49 -79.65
N MET H 82 40.33 8.77 -80.95
CA MET H 82 41.30 8.26 -81.91
C MET H 82 42.62 8.99 -81.77
N ASN H 83 43.58 8.33 -81.13
CA ASN H 83 44.88 8.93 -80.83
C ASN H 83 45.96 8.18 -81.60
N SER H 84 46.99 8.93 -82.01
CA SER H 84 48.18 8.43 -82.69
C SER H 84 47.81 7.70 -83.99
N LEU H 85 47.27 8.47 -84.93
CA LEU H 85 46.67 7.90 -86.12
C LEU H 85 47.74 7.44 -87.12
N ARG H 86 47.31 6.53 -88.00
CA ARG H 86 48.12 6.01 -89.10
C ARG H 86 47.18 5.39 -90.11
N ALA H 87 47.57 5.49 -91.40
CA ALA H 87 46.63 5.53 -92.51
C ALA H 87 45.88 4.21 -92.70
N GLU H 88 46.51 3.10 -92.32
CA GLU H 88 45.88 1.78 -92.46
C GLU H 88 44.72 1.59 -91.50
N ASP H 89 44.56 2.47 -90.50
CA ASP H 89 43.38 2.46 -89.66
C ASP H 89 42.17 3.08 -90.34
N THR H 90 42.33 3.60 -91.56
CA THR H 90 41.21 4.13 -92.34
C THR H 90 40.22 3.02 -92.64
N ALA H 91 39.05 3.10 -92.00
CA ALA H 91 38.11 1.98 -91.98
C ALA H 91 36.77 2.47 -91.45
N VAL H 92 35.85 1.53 -91.24
CA VAL H 92 34.58 1.81 -90.58
C VAL H 92 34.65 1.19 -89.19
N TYR H 93 34.04 1.85 -88.20
CA TYR H 93 34.01 1.28 -86.86
C TYR H 93 32.60 0.88 -86.47
N TYR H 94 32.50 -0.09 -85.55
CA TYR H 94 31.23 -0.52 -84.99
C TYR H 94 31.27 -0.54 -83.48
N CYS H 95 30.13 -0.18 -82.89
CA CYS H 95 29.88 -0.36 -81.47
C CYS H 95 29.34 -1.77 -81.26
N ALA H 96 29.91 -2.52 -80.32
CA ALA H 96 29.69 -3.97 -80.32
C ALA H 96 29.35 -4.52 -78.95
N ARG H 97 28.86 -5.75 -78.95
CA ARG H 97 28.52 -6.50 -77.76
C ARG H 97 28.60 -7.99 -78.08
N HIS H 98 29.11 -8.77 -77.12
CA HIS H 98 29.36 -10.19 -77.30
C HIS H 98 28.45 -11.01 -76.39
N ALA H 99 27.74 -11.97 -76.98
CA ALA H 99 26.97 -12.90 -76.17
C ALA H 99 27.91 -13.89 -75.50
N THR H 100 28.16 -13.70 -74.21
CA THR H 100 29.17 -14.49 -73.49
C THR H 100 28.46 -15.64 -72.79
N LEU H 101 27.79 -16.48 -73.57
CA LEU H 101 27.14 -17.74 -73.18
C LEU H 101 25.91 -17.53 -72.28
N MET H 102 25.67 -16.29 -71.86
CA MET H 102 24.63 -15.96 -70.90
C MET H 102 23.59 -15.12 -71.59
N ASN H 103 24.02 -14.02 -72.19
CA ASN H 103 23.09 -13.09 -72.77
C ASN H 103 22.88 -13.39 -74.24
N ASN H 104 21.95 -12.67 -74.84
CA ASN H 104 21.90 -12.46 -76.28
C ASN H 104 21.71 -10.98 -76.46
N LYS H 105 22.81 -10.23 -76.36
CA LYS H 105 22.72 -8.78 -76.43
C LYS H 105 23.58 -8.19 -77.53
N ASP H 106 23.99 -8.98 -78.52
CA ASP H 106 24.92 -8.50 -79.54
C ASP H 106 24.23 -7.48 -80.44
N ILE H 107 24.47 -6.20 -80.15
CA ILE H 107 23.84 -5.10 -80.87
C ILE H 107 24.94 -4.25 -81.48
N TRP H 108 24.75 -3.85 -82.73
CA TRP H 108 25.79 -3.26 -83.54
C TRP H 108 25.32 -1.91 -84.05
N GLY H 109 26.22 -0.93 -84.04
CA GLY H 109 25.91 0.39 -84.54
C GLY H 109 25.78 0.41 -86.05
N GLN H 110 25.58 1.60 -86.58
CA GLN H 110 25.34 1.71 -88.02
C GLN H 110 26.64 1.69 -88.80
N GLY H 111 27.73 2.13 -88.20
CA GLY H 111 29.02 2.15 -88.86
C GLY H 111 29.33 3.51 -89.46
N THR H 112 30.44 4.09 -89.01
CA THR H 112 30.94 5.34 -89.58
C THR H 112 32.40 5.20 -89.98
N LEU H 113 32.78 5.94 -91.02
CA LEU H 113 34.12 5.86 -91.57
C LEU H 113 35.04 6.86 -90.88
N VAL H 114 36.08 6.33 -90.25
CA VAL H 114 37.26 7.11 -89.90
C VAL H 114 38.23 7.01 -91.07
N THR H 115 38.79 8.14 -91.47
CA THR H 115 39.76 8.19 -92.56
C THR H 115 41.02 8.86 -92.04
N VAL H 116 42.16 8.22 -92.24
CA VAL H 116 43.44 8.77 -91.82
C VAL H 116 44.26 9.05 -93.07
N SER H 117 44.30 10.33 -93.47
CA SER H 117 45.02 10.74 -94.67
C SER H 117 45.22 12.24 -94.62
N SER H 118 46.32 12.69 -95.23
CA SER H 118 46.59 14.11 -95.39
C SER H 118 45.81 14.74 -96.54
N ALA H 119 45.26 13.92 -97.43
CA ALA H 119 44.49 14.38 -98.57
C ALA H 119 43.01 14.25 -98.23
N SER H 120 42.31 15.38 -98.17
CA SER H 120 40.90 15.40 -97.80
C SER H 120 40.02 14.85 -98.93
N ASP I 2 48.93 -14.09 -78.25
CA ASP I 2 47.53 -14.03 -78.64
C ASP I 2 47.01 -15.44 -78.95
N ILE I 3 45.69 -15.53 -79.08
CA ILE I 3 45.06 -16.77 -79.49
C ILE I 3 44.74 -16.68 -80.97
N GLN I 4 45.32 -17.58 -81.74
CA GLN I 4 45.11 -17.58 -83.19
C GLN I 4 43.82 -18.31 -83.52
N LEU I 5 43.10 -17.78 -84.50
CA LEU I 5 41.96 -18.47 -85.07
C LEU I 5 42.33 -19.01 -86.44
N THR I 6 41.59 -20.02 -86.88
CA THR I 6 41.80 -20.64 -88.18
C THR I 6 40.42 -20.93 -88.76
N GLN I 7 39.97 -20.06 -89.64
CA GLN I 7 38.66 -20.22 -90.27
C GLN I 7 38.86 -20.83 -91.65
N SER I 8 38.26 -22.00 -91.87
CA SER I 8 38.47 -22.70 -93.11
C SER I 8 37.15 -23.26 -93.62
N PRO I 9 36.87 -23.12 -94.93
CA PRO I 9 37.63 -22.33 -95.90
C PRO I 9 37.28 -20.87 -95.78
N SER I 10 38.14 -19.99 -96.26
CA SER I 10 37.87 -18.56 -96.16
C SER I 10 36.87 -18.08 -97.21
N SER I 11 36.48 -18.93 -98.15
CA SER I 11 35.34 -18.68 -99.01
C SER I 11 34.85 -20.02 -99.53
N LEU I 12 33.57 -20.05 -99.90
CA LEU I 12 33.02 -21.23 -100.56
C LEU I 12 31.82 -20.80 -101.39
N SER I 13 32.00 -20.82 -102.71
CA SER I 13 30.94 -20.48 -103.65
C SER I 13 30.00 -21.66 -103.77
N ALA I 14 28.73 -21.45 -103.42
CA ALA I 14 27.83 -22.54 -103.16
C ALA I 14 26.56 -22.42 -103.99
N SER I 15 25.67 -23.39 -103.81
CA SER I 15 24.47 -23.53 -104.62
C SER I 15 23.25 -23.69 -103.71
N VAL I 16 22.10 -23.88 -104.34
CA VAL I 16 20.83 -23.86 -103.61
C VAL I 16 20.62 -25.18 -102.89
N GLY I 17 20.26 -25.10 -101.60
CA GLY I 17 19.92 -26.28 -100.84
C GLY I 17 21.09 -27.06 -100.30
N ASP I 18 22.27 -26.47 -100.24
CA ASP I 18 23.46 -27.16 -99.79
C ASP I 18 23.44 -27.38 -98.28
N ARG I 19 24.50 -28.02 -97.79
CA ARG I 19 24.75 -28.16 -96.36
C ARG I 19 26.24 -27.90 -96.15
N VAL I 20 26.58 -26.63 -95.93
CA VAL I 20 27.96 -26.16 -95.88
C VAL I 20 28.45 -26.24 -94.44
N THR I 21 29.66 -26.76 -94.26
CA THR I 21 30.30 -26.85 -92.96
C THR I 21 31.47 -25.86 -92.94
N ILE I 22 31.24 -24.68 -92.39
CA ILE I 22 32.29 -23.67 -92.29
C ILE I 22 32.98 -23.85 -90.96
N THR I 23 34.25 -24.25 -91.02
CA THR I 23 35.01 -24.63 -89.84
C THR I 23 35.79 -23.44 -89.32
N CYS I 24 35.77 -23.27 -88.00
CA CYS I 24 36.62 -22.30 -87.32
C CYS I 24 37.44 -23.11 -86.33
N ARG I 25 38.74 -23.18 -86.58
CA ARG I 25 39.64 -23.91 -85.71
C ARG I 25 40.36 -22.92 -84.81
N ALA I 26 40.84 -23.42 -83.67
CA ALA I 26 41.42 -22.57 -82.66
C ALA I 26 42.83 -23.02 -82.31
N SER I 27 43.66 -22.06 -81.92
CA SER I 27 45.02 -22.38 -81.49
C SER I 27 45.06 -22.95 -80.09
N GLN I 28 44.08 -22.64 -79.25
CA GLN I 28 44.03 -23.17 -77.89
C GLN I 28 42.76 -23.97 -77.71
N SER I 29 42.61 -24.54 -76.52
CA SER I 29 41.39 -25.26 -76.17
C SER I 29 40.42 -24.28 -75.52
N ILE I 30 39.42 -23.85 -76.29
CA ILE I 30 38.41 -22.91 -75.84
C ILE I 30 37.14 -23.70 -75.58
N SER I 31 36.53 -23.50 -74.42
CA SER I 31 35.44 -24.33 -73.90
C SER I 31 34.25 -24.42 -74.85
N SER I 32 33.51 -23.34 -75.01
CA SER I 32 32.58 -23.22 -76.12
C SER I 32 32.50 -21.81 -76.67
N TYR I 33 33.43 -20.94 -76.31
CA TYR I 33 33.24 -19.50 -76.42
C TYR I 33 33.50 -19.07 -77.85
N LEU I 34 32.57 -19.40 -78.74
CA LEU I 34 32.72 -19.05 -80.15
C LEU I 34 31.34 -18.78 -80.72
N ASN I 35 31.29 -17.83 -81.65
CA ASN I 35 30.02 -17.34 -82.16
C ASN I 35 30.06 -17.35 -83.67
N TRP I 36 28.98 -16.86 -84.29
CA TRP I 36 28.86 -16.80 -85.74
C TRP I 36 28.03 -15.60 -86.13
N TYR I 37 28.35 -15.01 -87.28
CA TYR I 37 27.69 -13.77 -87.67
C TYR I 37 27.24 -13.79 -89.12
N GLN I 38 26.13 -13.11 -89.40
CA GLN I 38 25.75 -12.82 -90.77
C GLN I 38 26.18 -11.40 -91.12
N GLN I 39 26.90 -11.24 -92.23
CA GLN I 39 27.17 -9.91 -92.77
C GLN I 39 27.04 -9.90 -94.27
N LYS I 40 25.92 -9.37 -94.78
CA LYS I 40 26.03 -8.89 -96.15
C LYS I 40 26.90 -7.64 -96.15
N PRO I 41 27.75 -7.44 -97.16
CA PRO I 41 28.79 -6.41 -97.07
C PRO I 41 28.23 -4.99 -97.02
N GLY I 42 28.36 -4.38 -95.86
CA GLY I 42 27.76 -3.10 -95.56
C GLY I 42 26.72 -3.12 -94.46
N LYS I 43 26.39 -4.30 -93.94
CA LYS I 43 25.36 -4.44 -92.92
C LYS I 43 26.01 -4.51 -91.55
N ALA I 44 25.17 -4.71 -90.54
CA ALA I 44 25.67 -4.95 -89.20
C ALA I 44 25.78 -6.46 -88.97
N PRO I 45 26.79 -6.93 -88.25
CA PRO I 45 26.97 -8.37 -88.08
C PRO I 45 25.90 -8.98 -87.18
N LYS I 46 24.96 -9.67 -87.81
CA LYS I 46 23.83 -10.30 -87.14
C LYS I 46 24.31 -11.62 -86.55
N LEU I 47 24.26 -11.72 -85.22
CA LEU I 47 24.72 -12.91 -84.51
C LEU I 47 23.87 -14.14 -84.85
N LEU I 48 24.55 -15.27 -85.06
CA LEU I 48 23.88 -16.49 -85.47
C LEU I 48 23.87 -17.56 -84.39
N ILE I 49 25.01 -17.91 -83.83
CA ILE I 49 25.12 -18.91 -82.78
C ILE I 49 25.85 -18.29 -81.61
N TYR I 50 25.39 -18.58 -80.40
CA TYR I 50 26.13 -18.16 -79.22
C TYR I 50 26.52 -19.41 -78.44
N ALA I 51 27.73 -19.37 -77.86
CA ALA I 51 28.39 -20.47 -77.16
C ALA I 51 28.57 -21.71 -78.05
N ALA I 52 28.64 -21.51 -79.36
CA ALA I 52 28.98 -22.50 -80.39
C ALA I 52 28.01 -23.67 -80.51
N SER I 53 26.97 -23.73 -79.70
CA SER I 53 26.04 -24.85 -79.71
C SER I 53 24.59 -24.44 -79.46
N SER I 54 24.22 -23.19 -79.73
CA SER I 54 22.89 -22.72 -79.38
C SER I 54 22.37 -21.77 -80.44
N LEU I 55 21.12 -21.98 -80.85
CA LEU I 55 20.51 -21.18 -81.91
C LEU I 55 20.16 -19.78 -81.41
N GLN I 56 19.56 -18.99 -82.29
CA GLN I 56 19.25 -17.61 -81.96
C GLN I 56 17.86 -17.26 -82.49
N SER I 57 17.20 -16.31 -81.81
CA SER I 57 15.92 -15.78 -82.23
C SER I 57 16.00 -15.19 -83.63
N GLY I 58 14.95 -15.45 -84.43
CA GLY I 58 14.90 -15.03 -85.81
C GLY I 58 15.64 -15.93 -86.77
N VAL I 59 16.61 -16.71 -86.29
CA VAL I 59 17.43 -17.57 -87.13
C VAL I 59 16.97 -19.02 -86.90
N PRO I 60 16.34 -19.66 -87.88
CA PRO I 60 15.92 -21.05 -87.70
C PRO I 60 17.10 -22.03 -87.68
N SER I 61 16.75 -23.31 -87.61
CA SER I 61 17.76 -24.36 -87.48
C SER I 61 18.40 -24.76 -88.80
N ARG I 62 18.20 -23.98 -89.87
CA ARG I 62 19.03 -24.14 -91.06
C ARG I 62 20.50 -23.85 -90.79
N PHE I 63 20.80 -23.06 -89.77
CA PHE I 63 22.13 -22.93 -89.20
C PHE I 63 22.14 -23.77 -87.92
N SER I 64 23.30 -24.33 -87.59
CA SER I 64 23.41 -25.30 -86.50
C SER I 64 24.86 -25.41 -86.08
N GLY I 65 25.16 -25.04 -84.83
CA GLY I 65 26.53 -25.06 -84.37
C GLY I 65 26.84 -26.26 -83.50
N SER I 66 28.10 -26.65 -83.51
CA SER I 66 28.64 -27.66 -82.62
C SER I 66 30.15 -27.52 -82.55
N GLY I 67 30.75 -28.25 -81.62
CA GLY I 67 32.18 -28.28 -81.44
C GLY I 67 32.61 -27.68 -80.12
N SER I 68 33.86 -27.98 -79.76
CA SER I 68 34.44 -27.50 -78.51
C SER I 68 35.95 -27.65 -78.60
N GLY I 69 36.64 -27.10 -77.60
CA GLY I 69 38.08 -27.26 -77.53
C GLY I 69 38.77 -26.38 -78.55
N THR I 70 39.32 -27.02 -79.58
CA THR I 70 39.96 -26.28 -80.67
C THR I 70 39.06 -26.21 -81.89
N ASP I 71 38.15 -27.17 -82.02
CA ASP I 71 37.44 -27.43 -83.26
C ASP I 71 36.03 -26.89 -83.14
N PHE I 72 35.64 -26.01 -84.06
CA PHE I 72 34.31 -25.43 -84.03
C PHE I 72 33.72 -25.47 -85.43
N THR I 73 32.40 -25.65 -85.49
CA THR I 73 31.75 -26.02 -86.73
C THR I 73 30.51 -25.18 -86.96
N LEU I 74 30.40 -24.61 -88.16
CA LEU I 74 29.20 -23.92 -88.62
C LEU I 74 28.47 -24.88 -89.56
N THR I 75 27.32 -25.37 -89.11
CA THR I 75 26.55 -26.37 -89.82
C THR I 75 25.39 -25.66 -90.51
N ILE I 76 25.63 -25.15 -91.70
CA ILE I 76 24.57 -24.56 -92.52
C ILE I 76 23.90 -25.69 -93.26
N SER I 77 22.57 -25.75 -93.18
CA SER I 77 21.80 -26.81 -93.80
C SER I 77 20.65 -26.23 -94.59
N SER I 78 20.34 -26.86 -95.72
CA SER I 78 19.27 -26.48 -96.65
C SER I 78 19.43 -25.01 -97.10
N LEU I 79 20.51 -24.79 -97.85
CA LEU I 79 21.05 -23.44 -98.04
C LEU I 79 20.11 -22.58 -98.86
N GLN I 80 19.73 -21.45 -98.26
CA GLN I 80 18.68 -20.58 -98.74
C GLN I 80 19.24 -19.44 -99.57
N PRO I 81 18.47 -18.90 -100.52
CA PRO I 81 18.97 -17.79 -101.35
C PRO I 81 19.30 -16.50 -100.60
N GLU I 82 18.82 -16.32 -99.38
CA GLU I 82 19.22 -15.18 -98.57
C GLU I 82 20.47 -15.46 -97.74
N ASP I 83 20.87 -16.71 -97.61
CA ASP I 83 22.00 -17.04 -96.74
C ASP I 83 23.35 -16.80 -97.38
N PHE I 84 23.40 -16.33 -98.62
CA PHE I 84 24.66 -16.13 -99.33
C PHE I 84 25.24 -14.78 -98.95
N ALA I 85 26.17 -14.76 -98.01
CA ALA I 85 26.77 -13.53 -97.49
C ALA I 85 28.12 -13.86 -96.88
N THR I 86 28.71 -12.87 -96.22
CA THR I 86 30.03 -13.00 -95.61
C THR I 86 29.88 -13.25 -94.12
N TYR I 87 30.41 -14.37 -93.65
CA TYR I 87 30.16 -14.84 -92.30
C TYR I 87 31.44 -14.82 -91.50
N TYR I 88 31.31 -15.02 -90.19
CA TYR I 88 32.43 -14.85 -89.26
C TYR I 88 32.26 -15.74 -88.04
N CYS I 89 33.39 -16.28 -87.55
CA CYS I 89 33.45 -16.88 -86.23
C CYS I 89 34.05 -15.90 -85.24
N GLN I 90 34.08 -16.31 -83.96
CA GLN I 90 34.34 -15.39 -82.88
C GLN I 90 34.76 -16.12 -81.61
N GLN I 91 35.92 -15.75 -81.06
CA GLN I 91 36.28 -16.17 -79.72
C GLN I 91 35.77 -15.14 -78.71
N SER I 92 35.56 -15.60 -77.49
CA SER I 92 35.44 -14.72 -76.34
C SER I 92 36.16 -15.30 -75.14
N TYR I 93 37.16 -16.14 -75.39
CA TYR I 93 37.83 -16.88 -74.33
C TYR I 93 38.68 -15.97 -73.48
N SER I 94 39.63 -15.28 -74.11
CA SER I 94 40.55 -14.40 -73.41
C SER I 94 40.42 -13.00 -73.94
N THR I 95 41.24 -12.14 -73.41
CA THR I 95 41.49 -10.84 -74.01
C THR I 95 42.89 -10.86 -74.61
N PRO I 96 43.10 -10.48 -75.88
CA PRO I 96 42.20 -9.93 -76.91
C PRO I 96 41.26 -10.92 -77.57
N ARG I 97 40.10 -10.42 -77.97
CA ARG I 97 39.21 -11.18 -78.83
C ARG I 97 39.67 -11.01 -80.27
N THR I 98 39.65 -12.09 -81.01
CA THR I 98 39.86 -12.02 -82.45
C THR I 98 38.67 -12.66 -83.13
N PHE I 99 38.47 -12.30 -84.37
CA PHE I 99 37.39 -12.84 -85.17
C PHE I 99 38.04 -13.58 -86.32
N GLY I 100 37.31 -14.49 -86.95
CA GLY I 100 37.82 -15.15 -88.13
C GLY I 100 37.93 -14.20 -89.30
N GLN I 101 38.63 -14.65 -90.35
CA GLN I 101 38.80 -13.78 -91.51
C GLN I 101 37.55 -13.68 -92.36
N GLY I 102 36.54 -14.52 -92.12
CA GLY I 102 35.31 -14.45 -92.86
C GLY I 102 35.22 -15.56 -93.89
N THR I 103 33.99 -15.99 -94.15
CA THR I 103 33.72 -16.96 -95.20
C THR I 103 32.52 -16.48 -96.00
N LYS I 104 32.75 -16.16 -97.26
CA LYS I 104 31.70 -15.65 -98.13
C LYS I 104 31.05 -16.82 -98.86
N VAL I 105 29.84 -17.17 -98.45
CA VAL I 105 29.04 -18.13 -99.18
C VAL I 105 28.28 -17.38 -100.25
N GLU I 106 28.42 -17.82 -101.50
CA GLU I 106 27.97 -17.04 -102.63
C GLU I 106 27.48 -17.97 -103.72
N ILE I 107 26.65 -17.41 -104.62
CA ILE I 107 25.90 -18.22 -105.56
C ILE I 107 26.80 -18.69 -106.69
N LYS I 108 26.75 -19.99 -106.96
CA LYS I 108 27.58 -20.61 -107.98
C LYS I 108 27.05 -20.33 -109.37
N ILE J 1 -16.68 -15.43 -61.96
CA ILE J 1 -15.74 -16.52 -62.21
C ILE J 1 -16.36 -17.83 -61.77
N VAL J 2 -17.69 -17.90 -61.79
CA VAL J 2 -18.45 -19.05 -61.35
C VAL J 2 -18.80 -19.91 -62.57
N LEU J 3 -18.76 -21.22 -62.38
CA LEU J 3 -19.03 -22.19 -63.44
C LEU J 3 -20.42 -22.78 -63.26
N THR J 4 -21.06 -23.12 -64.38
CA THR J 4 -22.43 -23.61 -64.41
C THR J 4 -22.49 -24.97 -65.11
N GLN J 5 -23.18 -25.92 -64.48
CA GLN J 5 -23.39 -27.23 -65.08
C GLN J 5 -24.89 -27.52 -65.23
N SER J 6 -25.21 -28.46 -66.11
CA SER J 6 -26.59 -28.82 -66.36
C SER J 6 -27.02 -29.94 -65.40
N PRO J 7 -28.24 -29.87 -64.86
CA PRO J 7 -28.55 -30.71 -63.68
C PRO J 7 -28.51 -32.22 -63.89
N PHE J 8 -29.15 -32.76 -64.92
CA PHE J 8 -29.09 -34.20 -65.12
C PHE J 8 -29.10 -34.51 -66.60
N GLN J 9 -28.42 -35.59 -66.96
CA GLN J 9 -28.20 -35.94 -68.35
C GLN J 9 -28.60 -37.39 -68.57
N SER J 10 -29.61 -37.57 -69.43
CA SER J 10 -30.30 -38.84 -69.58
C SER J 10 -30.02 -39.42 -70.96
N VAL J 11 -29.22 -40.48 -70.99
CA VAL J 11 -28.78 -41.12 -72.22
C VAL J 11 -28.78 -42.63 -71.95
N SER J 12 -28.49 -43.46 -72.98
CA SER J 12 -28.54 -44.91 -72.91
C SER J 12 -27.22 -45.52 -73.40
N PRO J 13 -26.93 -46.83 -73.21
CA PRO J 13 -25.65 -47.38 -73.63
C PRO J 13 -25.40 -47.16 -75.13
N LYS J 14 -24.13 -47.03 -75.53
CA LYS J 14 -23.76 -46.83 -76.96
C LYS J 14 -24.05 -45.40 -77.43
N GLU J 15 -24.84 -44.62 -76.68
CA GLU J 15 -25.04 -43.24 -77.09
C GLU J 15 -24.01 -42.34 -76.40
N LYS J 16 -23.71 -41.20 -77.02
CA LYS J 16 -22.72 -40.26 -76.52
C LYS J 16 -23.43 -39.16 -75.73
N VAL J 17 -22.83 -38.75 -74.61
CA VAL J 17 -23.39 -37.73 -73.72
C VAL J 17 -22.37 -36.62 -73.52
N THR J 18 -22.87 -35.38 -73.43
CA THR J 18 -22.03 -34.19 -73.31
C THR J 18 -22.54 -33.34 -72.15
N ILE J 19 -21.72 -33.19 -71.11
CA ILE J 19 -22.13 -32.48 -69.91
C ILE J 19 -21.23 -31.26 -69.75
N THR J 20 -21.81 -30.08 -69.87
CA THR J 20 -21.05 -28.84 -69.99
C THR J 20 -20.56 -28.35 -68.64
N CYS J 21 -19.39 -27.69 -68.66
CA CYS J 21 -18.94 -26.87 -67.54
C CYS J 21 -18.81 -25.46 -68.11
N ARG J 22 -19.71 -24.58 -67.70
CA ARG J 22 -19.88 -23.26 -68.31
C ARG J 22 -19.58 -22.19 -67.28
N ALA J 23 -18.48 -21.47 -67.48
CA ALA J 23 -18.03 -20.48 -66.50
C ALA J 23 -18.42 -19.09 -66.98
N SER J 24 -19.01 -18.31 -66.07
CA SER J 24 -19.25 -16.90 -66.34
C SER J 24 -17.95 -16.19 -66.67
N GLN J 25 -18.04 -15.26 -67.61
CA GLN J 25 -16.93 -14.38 -67.96
C GLN J 25 -15.74 -15.25 -68.37
N SER J 26 -14.52 -14.96 -67.93
CA SER J 26 -13.36 -15.65 -68.44
C SER J 26 -13.26 -17.05 -67.88
N ILE J 27 -12.63 -17.93 -68.65
CA ILE J 27 -12.37 -19.31 -68.28
C ILE J 27 -10.87 -19.49 -68.25
N SER J 28 -10.41 -20.48 -67.51
CA SER J 28 -9.06 -20.97 -67.73
C SER J 28 -9.15 -22.32 -68.43
N SER J 29 -8.33 -22.50 -69.47
CA SER J 29 -8.41 -23.70 -70.29
C SER J 29 -8.38 -24.97 -69.44
N ASN J 30 -7.43 -25.07 -68.52
CA ASN J 30 -7.37 -26.21 -67.60
C ASN J 30 -8.70 -26.36 -66.88
N LEU J 31 -9.11 -27.60 -66.68
CA LEU J 31 -10.29 -27.92 -65.89
C LEU J 31 -10.22 -29.37 -65.44
N HIS J 32 -10.96 -29.69 -64.39
CA HIS J 32 -10.80 -30.97 -63.72
C HIS J 32 -12.17 -31.61 -63.50
N TRP J 33 -12.38 -32.78 -64.11
CA TRP J 33 -13.69 -33.45 -64.16
C TRP J 33 -13.74 -34.63 -63.20
N TYR J 34 -14.83 -34.74 -62.45
CA TYR J 34 -14.92 -35.63 -61.30
C TYR J 34 -16.16 -36.52 -61.40
N GLN J 35 -15.95 -37.83 -61.24
CA GLN J 35 -17.02 -38.83 -61.25
C GLN J 35 -17.32 -39.28 -59.82
N GLN J 36 -18.47 -38.87 -59.30
CA GLN J 36 -18.89 -39.21 -57.93
C GLN J 36 -19.88 -40.37 -57.96
N LYS J 37 -19.44 -41.53 -57.50
CA LYS J 37 -20.32 -42.65 -57.22
C LYS J 37 -21.02 -42.42 -55.88
N PRO J 38 -22.28 -42.83 -55.76
CA PRO J 38 -23.08 -42.42 -54.59
C PRO J 38 -22.37 -42.76 -53.30
N ASP J 39 -22.24 -41.76 -52.43
CA ASP J 39 -21.55 -41.88 -51.14
C ASP J 39 -20.10 -42.34 -51.30
N GLN J 40 -19.51 -42.09 -52.46
CA GLN J 40 -18.13 -42.45 -52.73
C GLN J 40 -17.37 -41.22 -53.21
N SER J 41 -16.07 -41.20 -52.90
CA SER J 41 -15.23 -40.09 -53.29
C SER J 41 -15.24 -39.94 -54.81
N PRO J 42 -15.65 -38.78 -55.31
CA PRO J 42 -15.46 -38.49 -56.74
C PRO J 42 -14.02 -38.74 -57.14
N LYS J 43 -13.87 -39.30 -58.33
CA LYS J 43 -12.57 -39.65 -58.89
C LYS J 43 -12.33 -38.75 -60.09
N LEU J 44 -11.09 -38.30 -60.26
CA LEU J 44 -10.89 -37.29 -61.29
C LEU J 44 -10.88 -37.97 -62.65
N LEU J 45 -11.85 -37.60 -63.49
CA LEU J 45 -11.89 -38.05 -64.87
C LEU J 45 -10.97 -37.29 -65.80
N ILE J 46 -10.98 -35.97 -65.79
CA ILE J 46 -10.26 -35.18 -66.77
C ILE J 46 -9.42 -34.12 -66.06
N LYS J 47 -8.12 -34.09 -66.37
CA LYS J 47 -7.21 -33.08 -65.77
C LYS J 47 -6.65 -32.22 -66.89
N TYR J 48 -6.71 -30.89 -66.75
CA TYR J 48 -6.17 -29.93 -67.75
C TYR J 48 -7.18 -29.77 -68.89
N ALA J 49 -8.28 -30.53 -68.85
CA ALA J 49 -9.37 -30.47 -69.87
C ALA J 49 -8.87 -31.04 -71.20
N SER J 50 -7.67 -31.63 -71.23
CA SER J 50 -7.14 -32.26 -72.47
C SER J 50 -6.62 -33.67 -72.18
N GLN J 51 -6.55 -34.07 -70.90
CA GLN J 51 -5.93 -35.37 -70.56
C GLN J 51 -6.78 -36.12 -69.54
N SER J 52 -6.72 -37.46 -69.55
CA SER J 52 -7.43 -38.28 -68.53
C SER J 52 -6.38 -39.03 -67.71
N ILE J 53 -6.57 -39.13 -66.38
CA ILE J 53 -5.54 -39.77 -65.52
C ILE J 53 -5.35 -41.24 -65.93
N SER J 54 -4.23 -41.86 -65.55
CA SER J 54 -3.90 -43.22 -65.96
C SER J 54 -4.99 -44.21 -65.55
N GLY J 55 -5.26 -45.18 -66.43
CA GLY J 55 -6.22 -46.23 -66.18
C GLY J 55 -7.66 -45.87 -66.45
N ILE J 56 -7.91 -44.65 -66.91
CA ILE J 56 -9.28 -44.20 -67.18
C ILE J 56 -9.66 -44.56 -68.61
N PRO J 57 -10.72 -45.35 -68.84
CA PRO J 57 -10.99 -45.86 -70.18
C PRO J 57 -11.19 -44.73 -71.17
N SER J 58 -11.02 -45.04 -72.46
CA SER J 58 -10.90 -44.02 -73.48
C SER J 58 -12.23 -43.40 -73.88
N ARG J 59 -13.35 -43.97 -73.45
CA ARG J 59 -14.62 -43.29 -73.72
C ARG J 59 -14.70 -41.93 -73.04
N PHE J 60 -13.89 -41.70 -72.01
CA PHE J 60 -13.93 -40.47 -71.25
C PHE J 60 -13.02 -39.44 -71.90
N SER J 61 -13.58 -38.28 -72.19
CA SER J 61 -12.84 -37.14 -72.71
C SER J 61 -13.28 -35.90 -71.98
N GLY J 62 -12.53 -34.83 -72.19
CA GLY J 62 -12.96 -33.52 -71.75
C GLY J 62 -12.44 -32.49 -72.73
N SER J 63 -13.06 -31.31 -72.69
CA SER J 63 -12.73 -30.27 -73.63
C SER J 63 -13.38 -28.97 -73.18
N GLY J 64 -13.13 -27.91 -73.95
CA GLY J 64 -13.83 -26.66 -73.76
C GLY J 64 -13.88 -25.82 -75.01
N SER J 65 -14.90 -24.98 -75.10
CA SER J 65 -15.02 -24.04 -76.20
C SER J 65 -15.60 -22.74 -75.65
N GLY J 66 -14.93 -21.63 -75.93
CA GLY J 66 -15.38 -20.37 -75.37
C GLY J 66 -15.44 -20.45 -73.86
N THR J 67 -16.62 -20.17 -73.31
CA THR J 67 -16.89 -20.18 -71.88
C THR J 67 -17.29 -21.56 -71.38
N ASP J 68 -17.30 -22.55 -72.27
CA ASP J 68 -17.82 -23.88 -71.98
C ASP J 68 -16.68 -24.86 -71.80
N PHE J 69 -16.93 -25.87 -70.98
CA PHE J 69 -16.10 -27.05 -70.91
C PHE J 69 -17.00 -28.29 -70.86
N THR J 70 -16.85 -29.15 -71.86
CA THR J 70 -17.70 -30.32 -71.99
C THR J 70 -17.02 -31.53 -71.39
N LEU J 71 -17.79 -32.33 -70.66
CA LEU J 71 -17.43 -33.70 -70.36
C LEU J 71 -18.18 -34.57 -71.36
N THR J 72 -17.46 -35.26 -72.23
CA THR J 72 -18.08 -35.99 -73.32
C THR J 72 -17.60 -37.44 -73.32
N ILE J 73 -18.53 -38.35 -73.08
CA ILE J 73 -18.23 -39.77 -72.94
C ILE J 73 -18.93 -40.51 -74.09
N ASN J 74 -18.18 -41.36 -74.78
CA ASN J 74 -18.74 -42.06 -75.97
C ASN J 74 -19.09 -43.51 -75.60
N SER J 75 -20.00 -44.15 -76.36
CA SER J 75 -20.28 -45.59 -76.15
C SER J 75 -20.57 -45.89 -74.67
N LEU J 76 -21.54 -45.22 -74.05
CA LEU J 76 -21.84 -45.40 -72.60
C LEU J 76 -22.17 -46.85 -72.22
N GLU J 77 -21.95 -47.23 -70.95
CA GLU J 77 -22.33 -48.55 -70.46
C GLU J 77 -23.04 -48.39 -69.13
N ALA J 78 -23.98 -49.31 -68.83
CA ALA J 78 -24.79 -49.24 -67.63
C ALA J 78 -23.93 -49.31 -66.38
N GLU J 79 -22.69 -49.81 -66.53
CA GLU J 79 -21.78 -49.86 -65.40
C GLU J 79 -21.24 -48.48 -65.06
N ASP J 80 -21.18 -47.60 -66.06
CA ASP J 80 -20.32 -46.44 -65.99
C ASP J 80 -20.95 -45.32 -65.16
N PHE J 81 -22.25 -45.07 -65.35
CA PHE J 81 -22.79 -43.75 -65.08
C PHE J 81 -22.71 -43.36 -63.60
N GLY J 82 -22.58 -42.05 -63.38
CA GLY J 82 -22.49 -41.47 -62.05
C GLY J 82 -22.53 -39.96 -62.18
N ILE J 83 -22.68 -39.30 -61.04
CA ILE J 83 -22.79 -37.84 -61.05
C ILE J 83 -21.44 -37.25 -61.42
N TYR J 84 -21.46 -36.26 -62.31
CA TYR J 84 -20.24 -35.70 -62.88
C TYR J 84 -19.97 -34.32 -62.35
N PHE J 85 -18.69 -33.99 -62.20
CA PHE J 85 -18.25 -32.68 -61.75
C PHE J 85 -17.21 -32.12 -62.69
N CYS J 86 -17.07 -30.81 -62.65
CA CYS J 86 -15.87 -30.14 -63.07
C CYS J 86 -15.36 -29.32 -61.90
N GLN J 87 -14.08 -28.94 -61.97
CA GLN J 87 -13.55 -27.93 -61.07
C GLN J 87 -13.02 -26.78 -61.91
N GLN J 88 -13.27 -25.56 -61.45
CA GLN J 88 -12.67 -24.39 -62.07
C GLN J 88 -11.16 -24.47 -61.93
N THR J 89 -10.42 -23.60 -62.63
CA THR J 89 -8.94 -23.57 -62.39
C THR J 89 -8.45 -22.20 -61.95
N ASN J 90 -7.52 -22.16 -60.98
CA ASN J 90 -6.91 -20.89 -60.48
C ASN J 90 -8.01 -19.89 -60.08
N PHE J 91 -7.83 -18.62 -60.41
CA PHE J 91 -8.83 -17.57 -60.06
C PHE J 91 -9.15 -17.62 -58.56
N TRP J 92 -8.13 -17.72 -57.69
CA TRP J 92 -8.32 -17.68 -56.20
C TRP J 92 -9.02 -18.97 -55.67
N PRO J 93 -10.36 -19.13 -55.44
CA PRO J 93 -10.92 -20.42 -55.05
C PRO J 93 -11.39 -21.21 -56.29
N TYR J 94 -11.47 -22.53 -56.16
CA TYR J 94 -12.01 -23.33 -57.29
C TYR J 94 -13.44 -23.71 -56.94
N ILE J 95 -14.42 -23.23 -57.73
CA ILE J 95 -15.84 -23.60 -57.49
C ILE J 95 -16.04 -24.97 -58.13
N PHE J 96 -16.47 -25.97 -57.35
CA PHE J 96 -16.61 -27.29 -57.93
C PHE J 96 -17.98 -27.39 -58.56
N GLY J 97 -18.10 -28.28 -59.54
CA GLY J 97 -19.36 -28.44 -60.25
C GLY J 97 -20.51 -28.64 -59.30
N GLN J 98 -21.62 -27.98 -59.58
CA GLN J 98 -22.86 -28.29 -58.87
C GLN J 98 -23.17 -29.78 -58.92
N GLY J 99 -22.71 -30.44 -59.97
CA GLY J 99 -22.86 -31.85 -60.23
C GLY J 99 -23.97 -32.13 -61.22
N THR J 100 -23.77 -33.16 -62.04
CA THR J 100 -24.77 -33.62 -62.98
C THR J 100 -24.84 -35.13 -62.88
N LYS J 101 -26.01 -35.64 -62.52
CA LYS J 101 -26.23 -37.06 -62.34
C LYS J 101 -26.41 -37.71 -63.71
N LEU J 102 -25.54 -38.65 -64.05
CA LEU J 102 -25.64 -39.35 -65.33
C LEU J 102 -26.53 -40.57 -65.12
N GLU J 103 -27.67 -40.60 -65.81
CA GLU J 103 -28.54 -41.75 -65.86
C GLU J 103 -28.34 -42.45 -67.19
N ILE J 104 -28.42 -43.77 -67.18
CA ILE J 104 -28.32 -44.56 -68.39
C ILE J 104 -29.49 -45.53 -68.41
N LEU J 105 -30.29 -45.44 -69.47
CA LEU J 105 -31.55 -46.16 -69.63
C LEU J 105 -31.31 -47.53 -70.23
N LYS J 106 -32.41 -48.18 -70.64
CA LYS J 106 -32.42 -49.42 -71.41
C LYS J 106 -32.28 -50.62 -70.48
N ARG J 107 -32.10 -50.38 -69.18
CA ARG J 107 -32.26 -51.46 -68.22
C ARG J 107 -33.72 -51.86 -68.16
N VAL K 1 -0.76 -42.20 -52.44
CA VAL K 1 -1.52 -43.44 -52.48
C VAL K 1 -2.50 -43.51 -51.32
N GLN K 2 -2.14 -42.95 -50.17
CA GLN K 2 -3.01 -43.10 -49.00
C GLN K 2 -3.20 -41.79 -48.25
N LEU K 3 -4.43 -41.31 -48.24
CA LEU K 3 -4.89 -40.21 -47.40
C LEU K 3 -5.94 -40.84 -46.51
N VAL K 4 -5.65 -40.96 -45.21
CA VAL K 4 -6.57 -41.56 -44.26
C VAL K 4 -7.10 -40.46 -43.35
N GLN K 5 -8.41 -40.40 -43.22
CA GLN K 5 -9.09 -39.30 -42.57
C GLN K 5 -9.73 -39.78 -41.29
N SER K 6 -9.63 -38.95 -40.26
CA SER K 6 -10.04 -39.34 -38.92
C SER K 6 -11.52 -39.62 -38.91
N GLY K 7 -11.96 -40.33 -37.87
CA GLY K 7 -13.35 -40.69 -37.78
C GLY K 7 -14.28 -39.50 -37.80
N ALA K 8 -15.55 -39.80 -38.02
CA ALA K 8 -16.58 -38.77 -38.11
C ALA K 8 -16.74 -38.04 -36.78
N GLU K 9 -17.28 -36.83 -36.84
CA GLU K 9 -17.48 -36.02 -35.64
C GLU K 9 -18.95 -35.66 -35.53
N VAL K 10 -19.39 -35.38 -34.30
CA VAL K 10 -20.70 -34.80 -34.05
C VAL K 10 -20.53 -33.71 -32.98
N LYS K 11 -20.74 -32.45 -33.34
CA LYS K 11 -20.45 -31.35 -32.37
C LYS K 11 -21.65 -30.40 -32.24
N LYS K 12 -21.85 -29.84 -31.03
CA LYS K 12 -22.97 -28.88 -30.80
C LYS K 12 -22.66 -27.56 -31.48
N PRO K 13 -23.67 -26.79 -31.94
CA PRO K 13 -23.42 -25.52 -32.66
C PRO K 13 -22.44 -24.55 -32.00
N GLY K 14 -21.67 -23.79 -32.79
CA GLY K 14 -20.70 -22.87 -32.25
C GLY K 14 -19.46 -23.51 -31.68
N ALA K 15 -19.43 -24.85 -31.61
CA ALA K 15 -18.29 -25.56 -31.05
C ALA K 15 -17.20 -25.70 -32.11
N THR K 16 -16.21 -26.55 -31.83
CA THR K 16 -15.07 -26.73 -32.71
C THR K 16 -14.90 -28.19 -33.09
N VAL K 17 -14.34 -28.40 -34.28
CA VAL K 17 -13.90 -29.71 -34.75
C VAL K 17 -12.61 -29.56 -35.52
N LYS K 18 -11.58 -30.32 -35.11
CA LYS K 18 -10.37 -30.44 -35.90
C LYS K 18 -10.30 -31.85 -36.47
N ILE K 19 -10.23 -31.96 -37.79
CA ILE K 19 -10.13 -33.26 -38.44
C ILE K 19 -8.77 -33.37 -39.10
N SER K 20 -8.23 -34.58 -39.05
CA SER K 20 -6.91 -34.91 -39.55
C SER K 20 -7.01 -35.63 -40.88
N CYS K 21 -6.06 -35.33 -41.77
CA CYS K 21 -5.85 -36.09 -42.99
C CYS K 21 -4.43 -36.63 -42.94
N LYS K 22 -4.29 -37.95 -42.76
CA LYS K 22 -2.99 -38.57 -42.68
C LYS K 22 -2.58 -39.04 -44.07
N VAL K 23 -1.30 -39.01 -44.34
CA VAL K 23 -0.78 -39.25 -45.68
C VAL K 23 0.19 -40.42 -45.68
N SER K 24 0.14 -41.21 -46.75
CA SER K 24 1.20 -42.16 -47.06
C SER K 24 1.09 -42.54 -48.54
N GLY K 25 2.14 -43.17 -49.04
CA GLY K 25 2.13 -43.67 -50.41
C GLY K 25 2.79 -42.76 -51.41
N TYR K 26 3.21 -41.56 -50.99
CA TYR K 26 3.93 -40.63 -51.85
C TYR K 26 4.88 -39.81 -50.99
N SER K 27 5.40 -38.72 -51.57
CA SER K 27 6.23 -37.78 -50.84
C SER K 27 5.40 -36.57 -50.38
N PHE K 28 5.26 -36.42 -49.06
CA PHE K 28 4.23 -35.55 -48.48
C PHE K 28 4.55 -34.07 -48.64
N SER K 29 5.84 -33.72 -48.72
CA SER K 29 6.19 -32.32 -48.95
C SER K 29 6.18 -31.94 -50.42
N ASN K 30 6.04 -32.90 -51.32
CA ASN K 30 5.94 -32.61 -52.76
C ASN K 30 4.54 -32.28 -53.22
N TYR K 31 3.56 -32.22 -52.32
CA TYR K 31 2.18 -32.03 -52.73
C TYR K 31 1.46 -31.11 -51.77
N TYR K 32 0.73 -30.13 -52.30
CA TYR K 32 -0.20 -29.36 -51.49
C TYR K 32 -1.45 -30.20 -51.20
N ILE K 33 -2.22 -29.76 -50.21
CA ILE K 33 -3.42 -30.47 -49.78
C ILE K 33 -4.62 -29.54 -49.81
N HIS K 34 -5.64 -29.90 -50.59
CA HIS K 34 -6.92 -29.21 -50.61
C HIS K 34 -7.87 -29.88 -49.63
N TRP K 35 -8.69 -29.08 -48.97
CA TRP K 35 -9.75 -29.61 -48.11
C TRP K 35 -11.10 -29.28 -48.71
N VAL K 36 -11.93 -30.30 -48.89
CA VAL K 36 -13.16 -30.19 -49.65
C VAL K 36 -14.31 -30.71 -48.81
N LYS K 37 -15.40 -29.94 -48.78
CA LYS K 37 -16.61 -30.30 -48.07
C LYS K 37 -17.72 -30.59 -49.09
N GLN K 38 -18.63 -31.48 -48.71
CA GLN K 38 -19.82 -31.74 -49.51
C GLN K 38 -21.00 -31.89 -48.57
N ALA K 39 -22.02 -31.05 -48.74
CA ALA K 39 -23.13 -31.01 -47.80
C ALA K 39 -24.10 -32.15 -48.06
N PRO K 40 -25.17 -32.26 -47.25
CA PRO K 40 -26.29 -33.13 -47.63
C PRO K 40 -26.94 -32.72 -48.94
N GLY K 41 -27.06 -33.69 -49.85
CA GLY K 41 -27.68 -33.50 -51.14
C GLY K 41 -26.99 -32.51 -52.05
N LYS K 42 -25.82 -32.01 -51.66
CA LYS K 42 -25.18 -30.89 -52.34
C LYS K 42 -23.80 -31.29 -52.87
N SER K 43 -23.08 -30.30 -53.39
CA SER K 43 -21.91 -30.53 -54.21
C SER K 43 -20.62 -30.48 -53.40
N LEU K 44 -19.51 -30.74 -54.09
CA LEU K 44 -18.19 -30.54 -53.53
C LEU K 44 -17.99 -29.08 -53.17
N GLU K 45 -17.33 -28.83 -52.05
CA GLU K 45 -17.00 -27.46 -51.69
C GLU K 45 -15.58 -27.43 -51.15
N TRP K 46 -14.72 -26.66 -51.82
CA TRP K 46 -13.34 -26.50 -51.41
C TRP K 46 -13.21 -25.39 -50.38
N ILE K 47 -12.79 -25.74 -49.17
CA ILE K 47 -12.59 -24.76 -48.11
C ILE K 47 -11.22 -24.09 -48.19
N GLY K 48 -10.16 -24.83 -48.54
CA GLY K 48 -8.83 -24.27 -48.50
C GLY K 48 -7.81 -25.23 -49.06
N TYR K 49 -6.63 -24.68 -49.38
CA TYR K 49 -5.45 -25.48 -49.65
C TYR K 49 -4.35 -25.04 -48.69
N ILE K 50 -3.47 -25.99 -48.36
CA ILE K 50 -2.38 -25.83 -47.40
C ILE K 50 -1.08 -26.22 -48.11
N ASP K 51 0.03 -25.92 -47.46
CA ASP K 51 1.34 -26.40 -47.87
C ASP K 51 1.90 -27.31 -46.79
N PRO K 52 2.54 -28.41 -47.18
CA PRO K 52 3.20 -29.25 -46.17
C PRO K 52 4.40 -28.58 -45.54
N PHE K 53 5.20 -27.87 -46.34
CA PHE K 53 6.46 -27.29 -45.90
C PHE K 53 6.24 -25.94 -45.20
N ASN K 54 5.08 -25.34 -45.39
CA ASN K 54 4.88 -23.98 -44.82
C ASN K 54 3.39 -23.73 -44.66
N GLY K 55 2.99 -22.50 -44.38
CA GLY K 55 1.55 -22.22 -44.40
C GLY K 55 1.12 -22.23 -45.84
N GLY K 56 -0.15 -22.54 -46.13
CA GLY K 56 -0.63 -22.44 -47.52
C GLY K 56 -2.05 -21.92 -47.55
N THR K 57 -2.58 -21.53 -46.39
CA THR K 57 -4.02 -21.17 -46.32
C THR K 57 -4.41 -20.12 -47.35
N SER K 58 -5.40 -20.42 -48.18
CA SER K 58 -6.01 -19.44 -49.12
C SER K 58 -7.48 -19.79 -48.95
N ASP K 59 -7.98 -19.68 -47.72
CA ASP K 59 -9.37 -20.12 -47.41
C ASP K 59 -10.42 -19.26 -48.12
N ASN K 60 -11.25 -19.88 -48.97
CA ASN K 60 -12.38 -19.12 -49.56
C ASN K 60 -13.28 -18.77 -48.38
N LEU K 61 -13.81 -17.54 -48.32
CA LEU K 61 -14.57 -17.19 -47.09
C LEU K 61 -15.74 -18.16 -46.97
N LYS K 62 -16.54 -18.34 -48.04
CA LYS K 62 -17.61 -19.38 -48.03
C LYS K 62 -18.32 -19.36 -46.68
N PHE K 63 -18.40 -20.52 -46.03
CA PHE K 63 -18.94 -20.56 -44.64
C PHE K 63 -17.75 -20.17 -43.75
N LYS K 64 -17.91 -19.17 -42.89
CA LYS K 64 -16.73 -18.69 -42.13
C LYS K 64 -16.57 -19.48 -40.82
N GLY K 65 -15.76 -20.55 -40.83
CA GLY K 65 -15.52 -21.26 -39.61
C GLY K 65 -14.19 -20.91 -38.96
N ALA K 66 -13.61 -19.76 -39.28
CA ALA K 66 -12.27 -19.40 -38.83
C ALA K 66 -11.27 -20.51 -39.14
N ALA K 67 -11.50 -21.20 -40.26
CA ALA K 67 -10.77 -22.42 -40.56
C ALA K 67 -9.28 -22.17 -40.66
N THR K 68 -8.50 -23.06 -40.08
CA THR K 68 -7.04 -23.07 -40.19
C THR K 68 -6.62 -24.49 -40.52
N LEU K 69 -5.74 -24.63 -41.50
CA LEU K 69 -5.16 -25.91 -41.83
C LEU K 69 -3.72 -25.92 -41.30
N THR K 70 -3.35 -27.02 -40.65
CA THR K 70 -1.98 -27.18 -40.22
C THR K 70 -1.48 -28.55 -40.69
N ALA K 71 -0.25 -28.56 -41.19
CA ALA K 71 0.43 -29.80 -41.53
C ALA K 71 1.35 -30.16 -40.39
N ASP K 72 1.24 -31.41 -39.94
CA ASP K 72 2.23 -32.00 -39.05
C ASP K 72 3.09 -32.86 -39.97
N THR K 73 4.30 -32.39 -40.23
CA THR K 73 5.14 -33.01 -41.24
C THR K 73 5.73 -34.33 -40.76
N SER K 74 5.86 -34.50 -39.44
CA SER K 74 6.46 -35.73 -38.93
C SER K 74 5.61 -36.95 -39.26
N THR K 75 4.28 -36.84 -39.12
CA THR K 75 3.38 -37.94 -39.41
C THR K 75 2.82 -37.90 -40.81
N ASP K 76 3.19 -36.87 -41.59
CA ASP K 76 2.57 -36.59 -42.88
C ASP K 76 1.05 -36.51 -42.74
N THR K 77 0.61 -35.68 -41.81
CA THR K 77 -0.81 -35.45 -41.59
C THR K 77 -1.12 -33.99 -41.92
N ALA K 78 -2.32 -33.74 -42.44
CA ALA K 78 -2.86 -32.40 -42.55
C ALA K 78 -4.09 -32.28 -41.67
N TYR K 79 -4.24 -31.11 -41.03
CA TYR K 79 -5.27 -30.89 -40.03
C TYR K 79 -6.23 -29.81 -40.51
N MET K 80 -7.51 -29.94 -40.13
CA MET K 80 -8.50 -28.92 -40.43
C MET K 80 -9.26 -28.60 -39.15
N GLU K 81 -9.07 -27.39 -38.64
CA GLU K 81 -9.84 -26.91 -37.50
C GLU K 81 -10.97 -26.00 -37.98
N LEU K 82 -12.19 -26.32 -37.55
CA LEU K 82 -13.38 -25.59 -37.96
C LEU K 82 -14.15 -25.22 -36.72
N SER K 83 -14.22 -23.93 -36.42
CA SER K 83 -14.91 -23.40 -35.25
C SER K 83 -16.22 -22.74 -35.67
N SER K 84 -16.97 -22.29 -34.67
CA SER K 84 -18.31 -21.73 -34.86
C SER K 84 -19.14 -22.65 -35.74
N LEU K 85 -19.22 -23.91 -35.32
CA LEU K 85 -20.00 -24.90 -36.05
C LEU K 85 -21.46 -24.50 -36.16
N ARG K 86 -21.98 -24.51 -37.37
CA ARG K 86 -23.33 -24.04 -37.63
C ARG K 86 -24.16 -25.16 -38.23
N SER K 87 -25.49 -24.99 -38.16
CA SER K 87 -26.42 -26.05 -38.48
C SER K 87 -26.24 -26.56 -39.91
N GLU K 88 -25.61 -25.75 -40.76
CA GLU K 88 -25.29 -26.19 -42.09
C GLU K 88 -23.83 -26.61 -42.25
N ASP K 89 -23.04 -26.59 -41.18
CA ASP K 89 -21.69 -27.17 -41.23
C ASP K 89 -21.71 -28.69 -41.17
N THR K 90 -22.92 -29.26 -41.04
CA THR K 90 -23.09 -30.74 -41.00
C THR K 90 -22.80 -31.30 -42.39
N ALA K 91 -21.55 -31.72 -42.65
CA ALA K 91 -21.21 -32.18 -44.03
C ALA K 91 -19.97 -33.07 -44.04
N VAL K 92 -19.75 -33.80 -45.14
CA VAL K 92 -18.57 -34.69 -45.29
C VAL K 92 -17.34 -33.83 -45.62
N TYR K 93 -16.19 -34.13 -45.02
CA TYR K 93 -14.97 -33.37 -45.25
C TYR K 93 -13.94 -34.21 -45.97
N TYR K 94 -13.65 -33.86 -47.21
CA TYR K 94 -12.58 -34.49 -47.97
C TYR K 94 -11.32 -33.65 -47.88
N CYS K 95 -10.18 -34.33 -47.80
CA CYS K 95 -8.89 -33.72 -48.04
C CYS K 95 -8.38 -34.17 -49.41
N ALA K 96 -7.66 -33.27 -50.08
CA ALA K 96 -7.35 -33.46 -51.48
C ALA K 96 -5.89 -33.15 -51.77
N ARG K 97 -5.19 -34.15 -52.30
CA ARG K 97 -3.78 -34.00 -52.61
C ARG K 97 -3.60 -33.20 -53.90
N SER K 98 -2.87 -32.08 -53.81
CA SER K 98 -2.62 -31.21 -54.99
C SER K 98 -1.13 -31.23 -55.34
N GLU K 99 -0.77 -30.80 -56.56
CA GLU K 99 0.67 -30.72 -56.94
C GLU K 99 1.33 -29.53 -56.24
N TYR K 100 2.62 -29.64 -55.88
CA TYR K 100 3.37 -28.51 -55.27
C TYR K 100 3.48 -27.36 -56.28
N ASP K 101 3.60 -27.70 -57.56
CA ASP K 101 3.70 -26.68 -58.64
C ASP K 101 2.32 -26.05 -58.86
N PRO K 102 2.13 -25.02 -59.72
CA PRO K 102 0.83 -24.33 -59.85
C PRO K 102 -0.29 -25.27 -60.30
N TYR K 103 0.04 -26.48 -60.76
CA TYR K 103 -1.00 -27.49 -61.12
C TYR K 103 -1.87 -27.81 -59.90
N TYR K 104 -3.17 -28.05 -60.07
CA TYR K 104 -4.05 -28.27 -58.89
C TYR K 104 -5.13 -29.34 -59.10
N VAL K 105 -4.77 -30.61 -59.32
CA VAL K 105 -5.80 -31.65 -59.31
C VAL K 105 -5.86 -32.20 -57.90
N MET K 106 -6.92 -32.93 -57.63
CA MET K 106 -6.93 -33.97 -56.64
C MET K 106 -7.22 -35.27 -57.38
N ASP K 107 -6.17 -36.07 -57.57
CA ASP K 107 -6.34 -37.42 -58.17
C ASP K 107 -6.70 -38.40 -57.06
N TYR K 108 -5.96 -38.36 -55.94
CA TYR K 108 -6.23 -39.28 -54.80
C TYR K 108 -6.73 -38.54 -53.56
N TRP K 109 -7.75 -39.09 -52.89
CA TRP K 109 -8.37 -38.47 -51.73
C TRP K 109 -8.30 -39.36 -50.50
N GLY K 110 -8.76 -38.83 -49.37
CA GLY K 110 -9.23 -39.63 -48.28
C GLY K 110 -10.62 -40.15 -48.62
N GLN K 111 -11.26 -40.75 -47.63
CA GLN K 111 -12.58 -41.34 -47.82
C GLN K 111 -13.73 -40.43 -47.45
N GLY K 112 -13.45 -39.28 -46.84
CA GLY K 112 -14.49 -38.42 -46.29
C GLY K 112 -14.65 -38.60 -44.79
N THR K 113 -14.99 -37.52 -44.11
CA THR K 113 -15.25 -37.55 -42.67
C THR K 113 -16.50 -36.72 -42.38
N THR K 114 -17.55 -37.36 -41.89
CA THR K 114 -18.80 -36.64 -41.66
C THR K 114 -18.73 -35.96 -40.30
N VAL K 115 -19.06 -34.68 -40.27
CA VAL K 115 -19.27 -33.95 -39.03
C VAL K 115 -20.71 -33.49 -39.01
N THR K 116 -21.43 -33.83 -37.94
CA THR K 116 -22.79 -33.41 -37.74
C THR K 116 -22.80 -32.32 -36.67
N VAL K 117 -23.30 -31.15 -37.04
CA VAL K 117 -23.50 -30.05 -36.11
C VAL K 117 -24.99 -29.98 -35.83
N SER K 118 -25.39 -30.45 -34.65
CA SER K 118 -26.78 -30.48 -34.26
C SER K 118 -26.87 -30.31 -32.76
N SER K 119 -27.87 -29.53 -32.33
CA SER K 119 -28.15 -29.43 -30.90
C SER K 119 -28.68 -30.75 -30.36
N ALA K 120 -28.99 -31.70 -31.23
CA ALA K 120 -29.48 -33.00 -30.81
C ALA K 120 -28.32 -33.96 -30.58
N SER K 121 -28.43 -34.74 -29.51
CA SER K 121 -27.38 -35.66 -29.10
C SER K 121 -27.40 -36.93 -29.94
N THR K 122 -26.25 -37.60 -29.97
CA THR K 122 -26.12 -38.91 -30.58
C THR K 122 -26.72 -39.98 -29.67
N GLN L 1 -15.15 -78.23 5.71
CA GLN L 1 -15.20 -79.29 6.70
C GLN L 1 -15.91 -80.53 6.19
N GLN L 2 -16.91 -80.33 5.34
CA GLN L 2 -17.86 -81.40 5.06
C GLN L 2 -18.36 -81.26 3.62
N LEU L 3 -18.61 -82.40 2.99
CA LEU L 3 -19.04 -82.46 1.60
C LEU L 3 -20.28 -83.33 1.50
N VAL L 4 -21.29 -82.86 0.77
CA VAL L 4 -22.51 -83.62 0.55
C VAL L 4 -22.71 -83.79 -0.95
N GLU L 5 -23.39 -84.87 -1.34
CA GLU L 5 -23.46 -85.28 -2.73
C GLU L 5 -24.92 -85.37 -3.17
N SER L 6 -25.14 -85.24 -4.48
CA SER L 6 -26.46 -85.49 -5.04
C SER L 6 -26.74 -86.99 -5.02
N GLY L 7 -28.02 -87.34 -5.21
CA GLY L 7 -28.43 -88.72 -5.09
C GLY L 7 -28.03 -89.57 -6.27
N GLY L 8 -27.48 -90.73 -5.97
CA GLY L 8 -27.20 -91.73 -6.98
C GLY L 8 -28.42 -92.57 -7.26
N GLY L 9 -28.33 -93.35 -8.34
CA GLY L 9 -29.46 -94.14 -8.77
C GLY L 9 -29.14 -94.94 -10.00
N VAL L 10 -30.15 -95.65 -10.48
CA VAL L 10 -30.03 -96.52 -11.65
C VAL L 10 -30.54 -95.74 -12.85
N VAL L 11 -29.64 -95.53 -13.82
CA VAL L 11 -29.92 -94.77 -15.04
C VAL L 11 -29.61 -95.66 -16.23
N GLN L 12 -30.49 -95.58 -17.28
CA GLN L 12 -30.23 -96.31 -18.51
C GLN L 12 -29.02 -95.72 -19.24
N PRO L 13 -28.29 -96.56 -19.99
CA PRO L 13 -27.11 -96.06 -20.71
C PRO L 13 -27.45 -95.04 -21.79
N GLY L 14 -26.43 -94.25 -22.14
CA GLY L 14 -26.59 -93.17 -23.09
C GLY L 14 -27.20 -91.90 -22.53
N ARG L 15 -27.64 -91.91 -21.28
CA ARG L 15 -28.36 -90.79 -20.70
C ARG L 15 -27.40 -89.83 -20.01
N SER L 16 -27.96 -88.91 -19.22
CA SER L 16 -27.20 -87.89 -18.52
C SER L 16 -27.76 -87.73 -17.11
N LEU L 17 -26.88 -87.44 -16.16
CA LEU L 17 -27.30 -87.23 -14.78
C LEU L 17 -26.38 -86.25 -14.08
N ARG L 18 -26.89 -85.05 -13.82
CA ARG L 18 -26.10 -83.99 -13.18
C ARG L 18 -25.74 -84.37 -11.75
N LEU L 19 -24.47 -84.18 -11.40
CA LEU L 19 -23.93 -84.51 -10.10
C LEU L 19 -23.67 -83.22 -9.32
N SER L 20 -24.34 -83.10 -8.19
CA SER L 20 -24.24 -81.95 -7.30
C SER L 20 -23.46 -82.35 -6.05
N CYS L 21 -22.56 -81.48 -5.62
CA CYS L 21 -21.80 -81.74 -4.40
C CYS L 21 -21.52 -80.41 -3.73
N ALA L 22 -22.10 -80.22 -2.55
CA ALA L 22 -22.00 -78.95 -1.84
C ALA L 22 -21.01 -79.06 -0.70
N ALA L 23 -20.30 -77.96 -0.45
CA ALA L 23 -19.30 -77.91 0.59
C ALA L 23 -19.87 -77.28 1.86
N SER L 24 -19.10 -77.35 2.94
CA SER L 24 -19.47 -76.79 4.23
C SER L 24 -18.21 -76.69 5.07
N GLY L 25 -18.21 -75.74 5.99
CA GLY L 25 -17.05 -75.44 6.80
C GLY L 25 -16.09 -74.45 6.18
N PHE L 26 -15.44 -74.80 5.08
CA PHE L 26 -14.79 -73.78 4.27
C PHE L 26 -15.31 -73.90 2.85
N THR L 27 -15.24 -72.78 2.13
CA THR L 27 -15.74 -72.66 0.78
C THR L 27 -15.03 -73.57 -0.19
N PHE L 28 -15.77 -73.96 -1.23
CA PHE L 28 -15.19 -74.37 -2.50
C PHE L 28 -14.30 -73.30 -3.12
N SER L 29 -14.67 -72.03 -2.94
CA SER L 29 -14.31 -70.94 -3.85
C SER L 29 -12.80 -70.79 -4.01
N SER L 30 -12.07 -70.80 -2.90
CA SER L 30 -10.64 -70.53 -3.00
C SER L 30 -9.86 -71.73 -3.51
N TYR L 31 -10.47 -72.91 -3.53
CA TYR L 31 -9.73 -74.10 -3.91
C TYR L 31 -10.12 -74.58 -5.30
N ALA L 32 -9.55 -75.71 -5.69
CA ALA L 32 -10.01 -76.52 -6.80
C ALA L 32 -10.97 -77.56 -6.22
N MET L 33 -11.45 -78.49 -7.05
CA MET L 33 -12.10 -79.68 -6.54
C MET L 33 -12.05 -80.75 -7.62
N HIS L 34 -12.16 -82.00 -7.20
CA HIS L 34 -12.03 -83.14 -8.10
C HIS L 34 -13.21 -84.08 -7.96
N TRP L 35 -13.28 -85.02 -8.90
CA TRP L 35 -14.11 -86.20 -8.81
C TRP L 35 -13.27 -87.43 -9.03
N VAL L 36 -13.51 -88.47 -8.25
CA VAL L 36 -12.90 -89.77 -8.50
C VAL L 36 -13.98 -90.84 -8.47
N ARG L 37 -13.59 -92.02 -8.95
CA ARG L 37 -14.47 -93.15 -9.15
C ARG L 37 -13.92 -94.35 -8.38
N GLN L 38 -14.81 -95.11 -7.75
CA GLN L 38 -14.44 -96.41 -7.21
C GLN L 38 -15.50 -97.42 -7.64
N ALA L 39 -15.12 -98.29 -8.55
CA ALA L 39 -15.90 -99.48 -8.82
C ALA L 39 -15.66 -100.50 -7.71
N PRO L 40 -16.62 -101.39 -7.45
CA PRO L 40 -16.44 -102.35 -6.34
C PRO L 40 -15.32 -103.34 -6.62
N GLY L 41 -14.36 -103.38 -5.70
CA GLY L 41 -13.17 -104.16 -5.89
C GLY L 41 -12.11 -103.53 -6.76
N LYS L 42 -12.39 -102.37 -7.34
CA LYS L 42 -11.43 -101.70 -8.21
C LYS L 42 -10.80 -100.53 -7.49
N GLY L 43 -9.63 -100.13 -7.96
CA GLY L 43 -8.91 -99.03 -7.37
C GLY L 43 -9.60 -97.69 -7.61
N LEU L 44 -9.12 -96.69 -6.90
CA LEU L 44 -9.64 -95.33 -7.03
C LEU L 44 -9.10 -94.73 -8.30
N GLU L 45 -9.97 -94.39 -9.23
CA GLU L 45 -9.58 -93.86 -10.52
C GLU L 45 -10.03 -92.41 -10.62
N TRP L 46 -9.08 -91.51 -10.83
CA TRP L 46 -9.39 -90.10 -10.96
C TRP L 46 -10.24 -89.85 -12.20
N VAL L 47 -11.13 -88.85 -12.11
CA VAL L 47 -12.08 -88.58 -13.18
C VAL L 47 -11.83 -87.23 -13.82
N ALA L 48 -12.01 -86.14 -13.07
CA ALA L 48 -11.95 -84.80 -13.66
C ALA L 48 -11.69 -83.77 -12.57
N VAL L 49 -11.14 -82.63 -12.98
CA VAL L 49 -10.85 -81.53 -12.07
C VAL L 49 -11.90 -80.45 -12.25
N ILE L 50 -11.88 -79.47 -11.35
CA ILE L 50 -12.43 -78.16 -11.60
C ILE L 50 -11.39 -77.19 -11.05
N SER L 51 -11.30 -76.01 -11.66
CA SER L 51 -10.34 -75.00 -11.22
C SER L 51 -11.05 -73.66 -11.24
N TYR L 52 -11.59 -73.25 -10.09
CA TYR L 52 -12.35 -72.01 -10.07
C TYR L 52 -11.47 -70.77 -10.11
N ASP L 53 -10.23 -70.85 -9.63
CA ASP L 53 -9.41 -69.65 -9.43
C ASP L 53 -9.00 -68.99 -10.74
N GLY L 54 -9.08 -69.72 -11.84
CA GLY L 54 -9.19 -69.10 -13.13
C GLY L 54 -10.53 -69.48 -13.74
N SER L 55 -10.44 -70.29 -14.80
CA SER L 55 -11.49 -71.22 -15.20
C SER L 55 -10.89 -72.21 -16.18
N ASN L 56 -10.89 -73.49 -15.82
CA ASN L 56 -10.37 -74.53 -16.68
C ASN L 56 -10.91 -75.86 -16.22
N LYS L 57 -11.14 -76.75 -17.18
CA LYS L 57 -11.71 -78.06 -16.90
C LYS L 57 -10.90 -79.12 -17.62
N TYR L 58 -10.36 -80.07 -16.85
CA TYR L 58 -9.63 -81.19 -17.41
C TYR L 58 -10.34 -82.48 -17.07
N TYR L 59 -10.37 -83.37 -18.06
CA TYR L 59 -11.06 -84.65 -17.98
C TYR L 59 -10.04 -85.76 -18.17
N ALA L 60 -10.33 -86.92 -17.60
CA ALA L 60 -9.54 -88.09 -17.93
C ALA L 60 -9.86 -88.54 -19.35
N ASP L 61 -8.82 -88.78 -20.15
CA ASP L 61 -9.03 -89.35 -21.47
C ASP L 61 -9.26 -90.85 -21.40
N SER L 62 -8.99 -91.48 -20.26
CA SER L 62 -9.33 -92.89 -20.06
C SER L 62 -10.85 -93.08 -20.09
N VAL L 63 -11.58 -92.21 -19.41
CA VAL L 63 -13.02 -92.14 -19.53
C VAL L 63 -13.32 -90.75 -20.04
N LYS L 64 -13.32 -90.60 -21.36
CA LYS L 64 -13.48 -89.32 -22.02
C LYS L 64 -14.89 -89.32 -22.61
N GLY L 65 -15.86 -88.96 -21.78
CA GLY L 65 -17.24 -88.96 -22.19
C GLY L 65 -17.91 -87.61 -22.18
N ARG L 66 -17.12 -86.53 -22.11
CA ARG L 66 -17.60 -85.16 -21.95
C ARG L 66 -18.49 -85.03 -20.71
N PHE L 67 -18.02 -85.62 -19.62
CA PHE L 67 -18.65 -85.43 -18.32
C PHE L 67 -18.37 -84.01 -17.85
N THR L 68 -19.34 -83.12 -18.07
CA THR L 68 -19.05 -81.70 -17.94
C THR L 68 -19.05 -81.27 -16.49
N ILE L 69 -18.15 -80.34 -16.17
CA ILE L 69 -17.92 -79.88 -14.81
C ILE L 69 -17.96 -78.37 -14.79
N SER L 70 -18.73 -77.81 -13.86
CA SER L 70 -18.73 -76.38 -13.57
C SER L 70 -19.26 -76.22 -12.15
N ARG L 71 -19.58 -74.99 -11.80
CA ARG L 71 -19.69 -74.59 -10.42
C ARG L 71 -21.12 -74.20 -10.07
N ASP L 72 -21.34 -74.12 -8.76
CA ASP L 72 -22.20 -73.10 -8.14
C ASP L 72 -21.40 -72.64 -6.94
N ASN L 73 -20.51 -71.67 -7.16
CA ASN L 73 -19.57 -71.21 -6.15
C ASN L 73 -20.27 -70.55 -4.97
N SER L 74 -21.36 -69.84 -5.24
CA SER L 74 -22.05 -69.10 -4.19
C SER L 74 -22.85 -70.04 -3.29
N LYS L 75 -23.07 -71.27 -3.71
CA LYS L 75 -23.60 -72.29 -2.84
C LYS L 75 -22.53 -73.29 -2.40
N ASN L 76 -21.26 -73.05 -2.79
CA ASN L 76 -20.12 -73.91 -2.51
C ASN L 76 -20.37 -75.34 -3.01
N THR L 77 -20.85 -75.42 -4.24
CA THR L 77 -21.39 -76.64 -4.81
C THR L 77 -20.79 -76.80 -6.19
N LEU L 78 -20.79 -78.02 -6.71
CA LEU L 78 -20.11 -78.34 -7.95
C LEU L 78 -20.91 -79.39 -8.72
N TYR L 79 -20.96 -79.20 -10.04
CA TYR L 79 -21.90 -79.91 -10.91
C TYR L 79 -21.13 -80.58 -12.03
N LEU L 80 -21.21 -81.90 -12.11
CA LEU L 80 -20.66 -82.66 -13.22
C LEU L 80 -21.74 -83.58 -13.76
N GLN L 81 -22.15 -83.33 -15.00
CA GLN L 81 -23.27 -84.03 -15.60
C GLN L 81 -22.77 -85.31 -16.25
N MET L 82 -23.34 -86.44 -15.85
CA MET L 82 -22.98 -87.73 -16.40
C MET L 82 -23.51 -87.89 -17.81
N ASN L 83 -22.63 -87.73 -18.79
CA ASN L 83 -23.00 -87.76 -20.20
C ASN L 83 -22.35 -88.96 -20.86
N SER L 84 -23.06 -89.52 -21.85
CA SER L 84 -22.62 -90.64 -22.68
C SER L 84 -22.26 -91.86 -21.83
N LEU L 85 -23.27 -92.42 -21.18
CA LEU L 85 -23.06 -93.44 -20.17
C LEU L 85 -22.73 -94.80 -20.80
N ARG L 86 -22.11 -95.65 -19.99
CA ARG L 86 -21.77 -97.02 -20.35
C ARG L 86 -21.51 -97.78 -19.06
N ALA L 87 -21.86 -99.08 -19.08
CA ALA L 87 -22.27 -99.80 -17.87
C ALA L 87 -21.11 -99.98 -16.89
N GLU L 88 -19.88 -100.04 -17.40
CA GLU L 88 -18.71 -100.22 -16.54
C GLU L 88 -18.41 -98.99 -15.69
N ASP L 89 -19.05 -97.86 -15.99
CA ASP L 89 -18.97 -96.69 -15.12
C ASP L 89 -19.85 -96.82 -13.88
N THR L 90 -20.62 -97.91 -13.77
CA THR L 90 -21.43 -98.17 -12.58
C THR L 90 -20.53 -98.33 -11.37
N ALA L 91 -20.58 -97.37 -10.47
CA ALA L 91 -19.58 -97.25 -9.39
C ALA L 91 -20.07 -96.23 -8.37
N VAL L 92 -19.21 -95.92 -7.40
CA VAL L 92 -19.45 -94.85 -6.45
C VAL L 92 -18.53 -93.69 -6.81
N TYR L 93 -18.99 -92.46 -6.65
CA TYR L 93 -18.13 -91.32 -6.92
C TYR L 93 -17.80 -90.57 -5.62
N TYR L 94 -16.66 -89.87 -5.64
CA TYR L 94 -16.23 -89.03 -4.53
C TYR L 94 -15.86 -87.64 -5.00
N CYS L 95 -16.18 -86.66 -4.17
CA CYS L 95 -15.71 -85.29 -4.30
C CYS L 95 -14.35 -85.19 -3.63
N ALA L 96 -13.35 -84.65 -4.31
CA ALA L 96 -11.97 -84.85 -3.86
C ALA L 96 -11.15 -83.57 -3.84
N ARG L 97 -10.01 -83.66 -3.15
CA ARG L 97 -9.04 -82.58 -3.07
C ARG L 97 -7.67 -83.18 -2.79
N HIS L 98 -6.64 -82.62 -3.41
CA HIS L 98 -5.28 -83.12 -3.36
C HIS L 98 -4.38 -82.15 -2.63
N ALA L 99 -3.66 -82.66 -1.64
CA ALA L 99 -2.64 -81.84 -0.97
C ALA L 99 -1.44 -81.71 -1.90
N THR L 100 -1.29 -80.55 -2.54
CA THR L 100 -0.26 -80.35 -3.56
C THR L 100 0.95 -79.69 -2.90
N LEU L 101 1.51 -80.37 -1.89
CA LEU L 101 2.75 -80.03 -1.18
C LEU L 101 2.63 -78.76 -0.33
N MET L 102 1.50 -78.06 -0.44
CA MET L 102 1.32 -76.77 0.20
C MET L 102 0.22 -76.91 1.25
N ASN L 103 -0.94 -77.39 0.83
CA ASN L 103 -2.07 -77.46 1.72
C ASN L 103 -2.14 -78.82 2.39
N ASN L 104 -3.07 -78.93 3.32
CA ASN L 104 -3.60 -80.22 3.76
C ASN L 104 -5.12 -80.04 3.73
N LYS L 105 -5.70 -80.15 2.54
CA LYS L 105 -7.12 -79.92 2.41
C LYS L 105 -7.87 -81.10 1.81
N ASP L 106 -7.29 -82.30 1.84
CA ASP L 106 -7.90 -83.45 1.18
C ASP L 106 -9.16 -83.87 1.92
N ILE L 107 -10.30 -83.45 1.40
CA ILE L 107 -11.60 -83.70 2.01
C ILE L 107 -12.45 -84.46 1.00
N TRP L 108 -13.16 -85.48 1.49
CA TRP L 108 -13.82 -86.45 0.63
C TRP L 108 -15.28 -86.52 0.99
N GLY L 109 -16.13 -86.62 -0.03
CA GLY L 109 -17.55 -86.72 0.19
C GLY L 109 -17.94 -88.07 0.75
N GLN L 110 -19.25 -88.28 0.89
CA GLN L 110 -19.71 -89.51 1.51
C GLN L 110 -19.74 -90.67 0.52
N GLY L 111 -19.90 -90.37 -0.76
CA GLY L 111 -19.95 -91.40 -1.77
C GLY L 111 -21.38 -91.79 -2.12
N THR L 112 -21.72 -91.63 -3.40
CA THR L 112 -23.01 -92.08 -3.91
C THR L 112 -22.82 -92.94 -5.16
N LEU L 113 -23.74 -93.89 -5.32
CA LEU L 113 -23.65 -94.83 -6.42
C LEU L 113 -24.36 -94.31 -7.66
N VAL L 114 -23.60 -94.15 -8.73
CA VAL L 114 -24.14 -94.07 -10.08
C VAL L 114 -24.21 -95.48 -10.63
N THR L 115 -25.34 -95.82 -11.24
CA THR L 115 -25.55 -97.13 -11.84
C THR L 115 -25.95 -96.93 -13.29
N VAL L 116 -25.26 -97.60 -14.19
CA VAL L 116 -25.57 -97.52 -15.63
C VAL L 116 -26.05 -98.88 -16.07
N SER L 117 -27.36 -99.04 -16.21
CA SER L 117 -27.98 -100.30 -16.61
C SER L 117 -29.40 -100.03 -17.07
N SER L 118 -29.86 -100.87 -18.00
CA SER L 118 -31.25 -100.83 -18.45
C SER L 118 -32.19 -101.53 -17.50
N ALA L 119 -31.66 -102.32 -16.57
CA ALA L 119 -32.46 -103.05 -15.59
C ALA L 119 -32.41 -102.29 -14.28
N SER L 120 -33.56 -101.79 -13.84
CA SER L 120 -33.63 -100.98 -12.61
C SER L 120 -33.46 -101.85 -11.36
N ASP M 2 0.28 -91.04 -20.84
CA ASP M 2 -0.01 -90.94 -19.43
C ASP M 2 1.22 -91.33 -18.60
N ILE M 3 1.15 -91.04 -17.31
CA ILE M 3 2.18 -91.46 -16.38
C ILE M 3 1.71 -92.71 -15.67
N GLN M 4 2.46 -93.79 -15.83
CA GLN M 4 2.11 -95.07 -15.22
C GLN M 4 2.59 -95.09 -13.77
N LEU M 5 1.79 -95.66 -12.90
CA LEU M 5 2.20 -95.97 -11.54
C LEU M 5 2.44 -97.45 -11.40
N THR M 6 3.25 -97.82 -10.42
CA THR M 6 3.55 -99.20 -10.12
C THR M 6 3.56 -99.36 -8.61
N GLN M 7 2.47 -99.87 -8.07
CA GLN M 7 2.33 -100.07 -6.64
C GLN M 7 2.63 -101.52 -6.32
N SER M 8 3.64 -101.74 -5.49
CA SER M 8 4.06 -103.10 -5.20
C SER M 8 4.33 -103.26 -3.72
N PRO M 9 3.87 -104.36 -3.09
CA PRO M 9 2.96 -105.35 -3.67
C PRO M 9 1.53 -104.85 -3.62
N SER M 10 0.66 -105.40 -4.44
CA SER M 10 -0.73 -104.95 -4.45
C SER M 10 -1.54 -105.51 -3.29
N SER M 11 -0.98 -106.42 -2.50
CA SER M 11 -1.53 -106.81 -1.22
C SER M 11 -0.41 -107.38 -0.38
N LEU M 12 -0.60 -107.33 0.93
CA LEU M 12 0.33 -107.98 1.84
C LEU M 12 -0.40 -108.29 3.14
N SER M 13 -0.67 -109.57 3.37
CA SER M 13 -1.33 -110.04 4.58
C SER M 13 -0.31 -110.07 5.70
N ALA M 14 -0.57 -109.31 6.75
CA ALA M 14 0.46 -108.98 7.71
C ALA M 14 0.01 -109.32 9.13
N SER M 15 0.91 -109.05 10.08
CA SER M 15 0.73 -109.43 11.48
C SER M 15 0.97 -108.23 12.38
N VAL M 16 0.89 -108.48 13.69
CA VAL M 16 0.91 -107.39 14.65
C VAL M 16 2.34 -106.90 14.87
N GLY M 17 2.52 -105.58 14.82
CA GLY M 17 3.80 -104.99 15.12
C GLY M 17 4.81 -105.01 14.00
N ASP M 18 4.36 -105.23 12.76
CA ASP M 18 5.27 -105.32 11.63
C ASP M 18 5.83 -103.96 11.25
N ARG M 19 6.67 -103.97 10.22
CA ARG M 19 7.16 -102.75 9.59
C ARG M 19 7.12 -102.97 8.07
N VAL M 20 5.97 -102.65 7.48
CA VAL M 20 5.67 -102.96 6.09
C VAL M 20 6.12 -101.80 5.22
N THR M 21 6.80 -102.12 4.12
CA THR M 21 7.26 -101.13 3.16
C THR M 21 6.43 -101.29 1.88
N ILE M 22 5.38 -100.49 1.73
CA ILE M 22 4.54 -100.54 0.54
C ILE M 22 5.10 -99.57 -0.47
N THR M 23 5.60 -100.10 -1.57
CA THR M 23 6.32 -99.33 -2.57
C THR M 23 5.37 -98.87 -3.65
N CYS M 24 5.51 -97.60 -4.05
CA CYS M 24 4.83 -97.07 -5.22
C CYS M 24 5.92 -96.57 -6.14
N ARG M 25 6.07 -97.23 -7.28
CA ARG M 25 7.07 -96.84 -8.26
C ARG M 25 6.40 -96.05 -9.37
N ALA M 26 7.20 -95.26 -10.07
CA ALA M 26 6.67 -94.33 -11.05
C ALA M 26 7.33 -94.54 -12.40
N SER M 27 6.58 -94.27 -13.46
CA SER M 27 7.13 -94.37 -14.80
C SER M 27 8.01 -93.19 -15.16
N GLN M 28 7.81 -92.04 -14.53
CA GLN M 28 8.63 -90.86 -14.79
C GLN M 28 9.33 -90.44 -13.51
N SER M 29 10.14 -89.40 -13.62
CA SER M 29 10.78 -88.81 -12.44
C SER M 29 9.90 -87.72 -11.89
N ILE M 30 9.19 -88.03 -10.80
CA ILE M 30 8.28 -87.11 -10.14
C ILE M 30 8.98 -86.61 -8.88
N SER M 31 8.99 -85.29 -8.68
CA SER M 31 9.81 -84.63 -7.67
C SER M 31 9.56 -85.12 -6.25
N SER M 32 8.39 -84.85 -5.70
CA SER M 32 7.92 -85.54 -4.51
C SER M 32 6.42 -85.76 -4.53
N TYR M 33 5.76 -85.58 -5.66
CA TYR M 33 4.33 -85.33 -5.69
C TYR M 33 3.60 -86.67 -5.59
N LEU M 34 3.60 -87.25 -4.40
CA LEU M 34 2.96 -88.53 -4.19
C LEU M 34 2.42 -88.58 -2.77
N ASN M 35 1.28 -89.24 -2.61
CA ASN M 35 0.56 -89.21 -1.36
C ASN M 35 0.22 -90.63 -0.94
N TRP M 36 -0.51 -90.75 0.16
CA TRP M 36 -0.91 -92.07 0.69
C TRP M 36 -2.25 -91.92 1.38
N TYR M 37 -3.06 -92.97 1.31
CA TYR M 37 -4.42 -92.90 1.83
C TYR M 37 -4.78 -94.10 2.68
N GLN M 38 -5.61 -93.87 3.70
CA GLN M 38 -6.26 -94.97 4.41
C GLN M 38 -7.68 -95.16 3.86
N GLN M 39 -8.01 -96.39 3.48
CA GLN M 39 -9.39 -96.71 3.16
C GLN M 39 -9.77 -98.08 3.71
N LYS M 40 -10.51 -98.08 4.83
CA LYS M 40 -11.28 -99.29 5.04
C LYS M 40 -12.40 -99.33 4.01
N PRO M 41 -12.74 -100.51 3.47
CA PRO M 41 -13.62 -100.57 2.29
C PRO M 41 -15.03 -100.08 2.56
N GLY M 42 -15.35 -98.92 1.99
CA GLY M 42 -16.58 -98.20 2.25
C GLY M 42 -16.39 -96.86 2.92
N LYS M 43 -15.17 -96.49 3.28
CA LYS M 43 -14.90 -95.24 3.96
C LYS M 43 -14.46 -94.18 2.97
N ALA M 44 -14.11 -93.02 3.50
CA ALA M 44 -13.51 -91.98 2.68
C ALA M 44 -11.99 -92.10 2.77
N PRO M 45 -11.26 -91.84 1.69
CA PRO M 45 -9.80 -92.02 1.71
C PRO M 45 -9.11 -90.96 2.56
N LYS M 46 -8.70 -91.37 3.75
CA LYS M 46 -8.05 -90.50 4.72
C LYS M 46 -6.58 -90.36 4.34
N LEU M 47 -6.18 -89.13 4.01
CA LEU M 47 -4.81 -88.84 3.57
C LEU M 47 -3.79 -89.13 4.67
N LEU M 48 -2.67 -89.75 4.29
CA LEU M 48 -1.67 -90.15 5.25
C LEU M 48 -0.38 -89.34 5.13
N ILE M 49 0.21 -89.26 3.94
CA ILE M 49 1.44 -88.51 3.71
C ILE M 49 1.19 -87.54 2.58
N TYR M 50 1.70 -86.32 2.70
CA TYR M 50 1.64 -85.39 1.59
C TYR M 50 3.07 -85.04 1.20
N ALA M 51 3.29 -84.87 -0.11
CA ALA M 51 4.60 -84.65 -0.75
C ALA M 51 5.60 -85.75 -0.44
N ALA M 52 5.10 -86.97 -0.15
CA ALA M 52 5.85 -88.21 -0.01
C ALA M 52 6.86 -88.24 1.13
N SER M 53 7.00 -87.16 1.89
CA SER M 53 7.98 -87.08 2.96
C SER M 53 7.49 -86.30 4.17
N SER M 54 6.19 -86.20 4.39
CA SER M 54 5.69 -85.36 5.46
C SER M 54 4.47 -86.00 6.11
N LEU M 55 4.44 -86.01 7.44
CA LEU M 55 3.35 -86.65 8.19
C LEU M 55 2.09 -85.81 8.13
N GLN M 56 1.05 -86.28 8.81
CA GLN M 56 -0.23 -85.61 8.78
C GLN M 56 -0.83 -85.59 10.17
N SER M 57 -1.66 -84.58 10.43
CA SER M 57 -2.41 -84.44 11.68
C SER M 57 -3.30 -85.66 11.91
N GLY M 58 -3.34 -86.11 13.17
CA GLY M 58 -4.06 -87.30 13.55
C GLY M 58 -3.35 -88.60 13.28
N VAL M 59 -2.38 -88.61 12.37
CA VAL M 59 -1.66 -89.82 11.99
C VAL M 59 -0.26 -89.74 12.60
N PRO M 60 0.07 -90.56 13.58
CA PRO M 60 1.41 -90.53 14.17
C PRO M 60 2.48 -91.07 13.23
N SER M 61 3.70 -91.13 13.75
CA SER M 61 4.85 -91.53 12.93
C SER M 61 4.99 -93.05 12.78
N ARG M 62 3.97 -93.83 13.15
CA ARG M 62 3.92 -95.23 12.75
C ARG M 62 3.86 -95.39 11.23
N PHE M 63 3.36 -94.39 10.52
CA PHE M 63 3.52 -94.26 9.09
C PHE M 63 4.63 -93.25 8.84
N SER M 64 5.36 -93.41 7.75
CA SER M 64 6.56 -92.62 7.49
C SER M 64 6.93 -92.72 6.02
N GLY M 65 6.88 -91.60 5.32
CA GLY M 65 7.15 -91.60 3.89
C GLY M 65 8.55 -91.13 3.55
N SER M 66 9.05 -91.62 2.42
CA SER M 66 10.30 -91.15 1.84
C SER M 66 10.33 -91.55 0.38
N GLY M 67 11.31 -91.03 -0.34
CA GLY M 67 11.53 -91.33 -1.73
C GLY M 67 11.31 -90.11 -2.62
N SER M 68 11.80 -90.23 -3.84
CA SER M 68 11.70 -89.18 -4.84
C SER M 68 11.97 -89.77 -6.22
N GLY M 69 11.75 -88.96 -7.24
CA GLY M 69 12.05 -89.39 -8.60
C GLY M 69 11.04 -90.39 -9.10
N THR M 70 11.48 -91.65 -9.21
CA THR M 70 10.58 -92.72 -9.61
C THR M 70 10.13 -93.56 -8.43
N ASP M 71 10.94 -93.56 -7.37
CA ASP M 71 10.82 -94.54 -6.30
C ASP M 71 10.18 -93.87 -5.10
N PHE M 72 9.08 -94.43 -4.61
CA PHE M 72 8.39 -93.86 -3.46
C PHE M 72 8.04 -94.98 -2.50
N THR M 73 8.06 -94.65 -1.22
CA THR M 73 8.06 -95.66 -0.17
C THR M 73 7.07 -95.31 0.92
N LEU M 74 6.23 -96.28 1.28
CA LEU M 74 5.33 -96.20 2.42
C LEU M 74 5.96 -97.01 3.55
N THR M 75 6.42 -96.32 4.58
CA THR M 75 7.14 -96.92 5.69
C THR M 75 6.18 -97.06 6.86
N ILE M 76 5.43 -98.13 6.90
CA ILE M 76 4.57 -98.44 8.02
C ILE M 76 5.41 -99.12 9.07
N SER M 77 5.35 -98.63 10.30
CA SER M 77 6.16 -99.16 11.39
C SER M 77 5.28 -99.42 12.61
N SER M 78 5.60 -100.50 13.34
CA SER M 78 4.90 -100.93 14.55
C SER M 78 3.40 -101.12 14.28
N LEU M 79 3.12 -102.12 13.44
CA LEU M 79 1.83 -102.22 12.76
C LEU M 79 0.70 -102.51 13.73
N GLN M 80 -0.29 -101.63 13.72
CA GLN M 80 -1.35 -101.55 14.71
C GLN M 80 -2.59 -102.29 14.21
N PRO M 81 -3.40 -102.83 15.13
CA PRO M 81 -4.62 -103.55 14.72
C PRO M 81 -5.66 -102.71 13.97
N GLU M 82 -5.59 -101.38 14.03
CA GLU M 82 -6.47 -100.55 13.23
C GLU M 82 -5.89 -100.24 11.86
N ASP M 83 -4.60 -100.48 11.65
CA ASP M 83 -3.96 -100.10 10.40
C ASP M 83 -4.20 -101.09 9.27
N PHE M 84 -4.95 -102.15 9.51
CA PHE M 84 -5.17 -103.18 8.49
C PHE M 84 -6.34 -102.76 7.60
N ALA M 85 -6.02 -102.19 6.44
CA ALA M 85 -7.04 -101.66 5.53
C ALA M 85 -6.44 -101.60 4.13
N THR M 86 -7.18 -100.99 3.21
CA THR M 86 -6.78 -100.87 1.82
C THR M 86 -6.21 -99.48 1.56
N TYR M 87 -4.95 -99.44 1.12
CA TYR M 87 -4.22 -98.19 1.05
C TYR M 87 -3.90 -97.85 -0.41
N TYR M 88 -3.42 -96.63 -0.62
CA TYR M 88 -3.26 -96.09 -1.97
C TYR M 88 -2.13 -95.08 -2.03
N CYS M 89 -1.38 -95.10 -3.13
CA CYS M 89 -0.49 -94.01 -3.46
C CYS M 89 -1.13 -93.09 -4.49
N GLN M 90 -0.44 -92.00 -4.82
CA GLN M 90 -1.04 -90.89 -5.55
C GLN M 90 -0.01 -90.00 -6.18
N GLN M 91 -0.12 -89.79 -7.50
CA GLN M 91 0.64 -88.73 -8.16
C GLN M 91 -0.16 -87.45 -8.14
N SER M 92 0.54 -86.33 -8.22
CA SER M 92 -0.05 -85.06 -8.59
C SER M 92 0.86 -84.28 -9.52
N TYR M 93 1.72 -85.00 -10.25
CA TYR M 93 2.76 -84.37 -11.06
C TYR M 93 2.16 -83.68 -12.26
N SER M 94 1.44 -84.43 -13.09
CA SER M 94 0.85 -83.92 -14.31
C SER M 94 -0.64 -84.11 -14.28
N THR M 95 -1.27 -83.71 -15.34
CA THR M 95 -2.63 -84.10 -15.63
C THR M 95 -2.62 -85.10 -16.77
N PRO M 96 -3.26 -86.28 -16.66
CA PRO M 96 -4.12 -86.84 -15.61
C PRO M 96 -3.42 -87.35 -14.36
N ARG M 97 -4.11 -87.25 -13.23
CA ARG M 97 -3.67 -87.90 -12.02
C ARG M 97 -4.13 -89.35 -12.06
N THR M 98 -3.25 -90.25 -11.64
CA THR M 98 -3.65 -91.64 -11.44
C THR M 98 -3.31 -92.00 -10.02
N PHE M 99 -3.97 -93.02 -9.52
CA PHE M 99 -3.73 -93.51 -8.18
C PHE M 99 -3.22 -94.93 -8.32
N GLY M 100 -2.56 -95.45 -7.30
CA GLY M 100 -2.15 -96.84 -7.34
C GLY M 100 -3.33 -97.78 -7.25
N GLN M 101 -3.07 -99.06 -7.53
CA GLN M 101 -4.17 -100.03 -7.50
C GLN M 101 -4.59 -100.41 -6.08
N GLY M 102 -3.83 -100.01 -5.08
CA GLY M 102 -4.20 -100.28 -3.71
C GLY M 102 -3.37 -101.43 -3.13
N THR M 103 -3.14 -101.35 -1.82
CA THR M 103 -2.48 -102.43 -1.10
C THR M 103 -3.24 -102.69 0.18
N LYS M 104 -3.83 -103.87 0.28
CA LYS M 104 -4.63 -104.25 1.43
C LYS M 104 -3.74 -104.94 2.44
N VAL M 105 -3.43 -104.24 3.53
CA VAL M 105 -2.75 -104.83 4.66
C VAL M 105 -3.80 -105.44 5.56
N GLU M 106 -3.66 -106.73 5.87
CA GLU M 106 -4.73 -107.49 6.48
C GLU M 106 -4.14 -108.52 7.43
N ILE M 107 -4.96 -108.98 8.37
CA ILE M 107 -4.47 -109.75 9.50
C ILE M 107 -4.19 -111.18 9.07
N LYS M 108 -3.00 -111.67 9.41
CA LYS M 108 -2.56 -113.00 9.03
C LYS M 108 -3.21 -114.07 9.87
N ILE N 1 -1.35 -55.10 36.40
CA ILE N 1 -0.26 -55.84 35.77
C ILE N 1 1.05 -55.49 36.46
N VAL N 2 0.97 -55.08 37.72
CA VAL N 2 2.12 -54.65 38.51
C VAL N 2 2.62 -55.83 39.32
N LEU N 3 3.93 -55.93 39.48
CA LEU N 3 4.59 -57.00 40.19
C LEU N 3 5.07 -56.50 41.55
N THR N 4 5.06 -57.39 42.54
CA THR N 4 5.39 -57.08 43.92
C THR N 4 6.54 -57.96 44.41
N GLN N 5 7.53 -57.34 45.04
CA GLN N 5 8.64 -58.08 45.64
C GLN N 5 8.73 -57.79 47.13
N SER N 6 9.40 -58.69 47.85
CA SER N 6 9.55 -58.53 49.30
C SER N 6 10.81 -57.73 49.61
N PRO N 7 10.75 -56.82 50.59
CA PRO N 7 11.80 -55.78 50.68
C PRO N 7 13.22 -56.27 50.96
N PHE N 8 13.44 -57.14 51.96
CA PHE N 8 14.79 -57.60 52.20
C PHE N 8 14.73 -59.04 52.69
N GLN N 9 15.76 -59.80 52.34
CA GLN N 9 15.81 -61.22 52.60
C GLN N 9 17.11 -61.58 53.28
N SER N 10 16.99 -62.08 54.51
CA SER N 10 18.11 -62.24 55.42
C SER N 10 18.37 -63.72 55.67
N VAL N 11 19.47 -64.21 55.10
CA VAL N 11 19.85 -65.61 55.16
C VAL N 11 21.36 -65.65 55.34
N SER N 12 21.96 -66.85 55.49
CA SER N 12 23.37 -67.06 55.78
C SER N 12 23.98 -68.05 54.78
N PRO N 13 25.33 -68.21 54.69
CA PRO N 13 25.89 -69.11 53.69
C PRO N 13 25.36 -70.54 53.85
N LYS N 14 25.25 -71.29 52.75
CA LYS N 14 24.77 -72.70 52.78
C LYS N 14 23.25 -72.77 52.95
N GLU N 15 22.58 -71.68 53.34
CA GLU N 15 21.14 -71.73 53.41
C GLU N 15 20.54 -71.25 52.09
N LYS N 16 19.32 -71.71 51.80
CA LYS N 16 18.64 -71.38 50.55
C LYS N 16 17.67 -70.21 50.80
N VAL N 17 17.60 -69.28 49.85
CA VAL N 17 16.77 -68.10 49.95
C VAL N 17 15.84 -68.02 48.73
N THR N 18 14.62 -67.54 48.96
CA THR N 18 13.58 -67.47 47.95
C THR N 18 12.97 -66.07 47.94
N ILE N 19 13.16 -65.34 46.84
CA ILE N 19 12.71 -63.96 46.75
C ILE N 19 11.67 -63.88 45.65
N THR N 20 10.44 -63.58 46.02
CA THR N 20 9.28 -63.70 45.14
C THR N 20 9.18 -62.50 44.19
N CYS N 21 8.65 -62.77 43.00
CA CYS N 21 8.17 -61.73 42.10
C CYS N 21 6.69 -62.03 41.90
N ARG N 22 5.83 -61.19 42.49
CA ARG N 22 4.41 -61.44 42.60
C ARG N 22 3.64 -60.39 41.82
N ALA N 23 3.01 -60.78 40.73
CA ALA N 23 2.32 -59.84 39.86
C ALA N 23 0.83 -59.89 40.13
N SER N 24 0.23 -58.71 40.28
CA SER N 24 -1.22 -58.62 40.35
C SER N 24 -1.86 -59.20 39.10
N GLN N 25 -2.99 -59.87 39.30
CA GLN N 25 -3.81 -60.39 38.19
C GLN N 25 -2.93 -61.32 37.36
N SER N 26 -2.97 -61.23 36.03
CA SER N 26 -2.31 -62.22 35.20
C SER N 26 -0.82 -62.00 35.19
N ILE N 27 -0.09 -63.08 34.97
CA ILE N 27 1.36 -63.08 34.84
C ILE N 27 1.70 -63.57 33.45
N SER N 28 2.88 -63.22 32.97
CA SER N 28 3.45 -63.95 31.86
C SER N 28 4.58 -64.83 32.37
N SER N 29 4.59 -66.09 31.93
CA SER N 29 5.55 -67.05 32.45
C SER N 29 6.97 -66.51 32.40
N ASN N 30 7.39 -65.99 31.24
CA ASN N 30 8.70 -65.38 31.11
C ASN N 30 8.88 -64.30 32.18
N LEU N 31 10.10 -64.23 32.72
CA LEU N 31 10.46 -63.18 33.66
C LEU N 31 11.98 -63.05 33.71
N HIS N 32 12.46 -61.90 34.16
CA HIS N 32 13.87 -61.58 34.03
C HIS N 32 14.39 -61.05 35.36
N TRP N 33 15.36 -61.78 35.95
CA TRP N 33 15.86 -61.53 37.30
C TRP N 33 17.23 -60.84 37.26
N TYR N 34 17.39 -59.81 38.08
CA TYR N 34 18.52 -58.89 38.00
C TYR N 34 19.23 -58.76 39.34
N GLN N 35 20.55 -58.92 39.31
CA GLN N 35 21.40 -58.78 40.50
C GLN N 35 22.14 -57.45 40.44
N GLN N 36 21.75 -56.50 41.31
CA GLN N 36 22.36 -55.17 41.36
C GLN N 36 23.37 -55.10 42.50
N LYS N 37 24.64 -55.04 42.14
CA LYS N 37 25.69 -54.70 43.08
C LYS N 37 25.72 -53.20 43.31
N PRO N 38 26.01 -52.76 44.53
CA PRO N 38 25.81 -51.34 44.87
C PRO N 38 26.51 -50.43 43.89
N ASP N 39 25.77 -49.47 43.34
CA ASP N 39 26.25 -48.53 42.34
C ASP N 39 26.80 -49.23 41.10
N GLN N 40 26.35 -50.46 40.83
CA GLN N 40 26.77 -51.21 39.68
C GLN N 40 25.56 -51.65 38.89
N SER N 41 25.74 -51.79 37.58
CA SER N 41 24.66 -52.21 36.71
C SER N 41 24.16 -53.59 37.13
N PRO N 42 22.89 -53.70 37.48
CA PRO N 42 22.28 -55.03 37.66
C PRO N 42 22.57 -55.92 36.47
N LYS N 43 22.86 -57.18 36.76
CA LYS N 43 23.20 -58.18 35.77
C LYS N 43 22.08 -59.20 35.73
N LEU N 44 21.72 -59.67 34.54
CA LEU N 44 20.53 -60.50 34.47
C LEU N 44 20.87 -61.89 34.98
N LEU N 45 20.22 -62.28 36.08
CA LEU N 45 20.33 -63.64 36.59
C LEU N 45 19.48 -64.65 35.86
N ILE N 46 18.20 -64.38 35.65
CA ILE N 46 17.28 -65.38 35.11
C ILE N 46 16.49 -64.79 33.95
N LYS N 47 16.54 -65.49 32.81
CA LYS N 47 15.80 -65.04 31.60
C LYS N 47 14.76 -66.10 31.25
N TYR N 48 13.50 -65.68 31.04
CA TYR N 48 12.38 -66.61 30.67
C TYR N 48 11.87 -67.31 31.92
N ALA N 49 12.50 -67.06 33.08
CA ALA N 49 12.08 -67.65 34.38
C ALA N 49 12.38 -69.15 34.40
N SER N 50 13.07 -69.67 33.38
CA SER N 50 13.44 -71.11 33.35
C SER N 50 14.92 -71.28 33.01
N GLN N 51 15.61 -70.19 32.64
CA GLN N 51 17.02 -70.33 32.18
C GLN N 51 17.90 -69.25 32.81
N SER N 52 19.19 -69.53 32.99
CA SER N 52 20.15 -68.51 33.50
C SER N 52 21.18 -68.23 32.41
N ILE N 53 21.57 -66.97 32.21
CA ILE N 53 22.50 -66.61 31.10
C ILE N 53 23.84 -67.34 31.28
N SER N 54 24.64 -67.46 30.23
CA SER N 54 25.89 -68.21 30.27
C SER N 54 26.83 -67.67 31.34
N GLY N 55 27.54 -68.58 32.03
CA GLY N 55 28.51 -68.24 33.04
C GLY N 55 27.95 -67.95 34.41
N ILE N 56 26.65 -68.07 34.57
CA ILE N 56 26.01 -67.79 35.86
C ILE N 56 25.97 -69.07 36.69
N PRO N 57 26.58 -69.08 37.89
CA PRO N 57 26.73 -70.34 38.63
C PRO N 57 25.38 -70.98 38.91
N SER N 58 25.41 -72.29 39.17
CA SER N 58 24.18 -73.09 39.18
C SER N 58 23.37 -72.90 40.44
N ARG N 59 23.90 -72.25 41.48
CA ARG N 59 23.05 -71.97 42.63
C ARG N 59 21.88 -71.05 42.27
N PHE N 60 21.98 -70.31 41.18
CA PHE N 60 20.97 -69.36 40.78
C PHE N 60 19.91 -70.06 39.94
N SER N 61 18.66 -69.93 40.36
CA SER N 61 17.53 -70.44 39.61
C SER N 61 16.44 -69.38 39.61
N GLY N 62 15.44 -69.61 38.77
CA GLY N 62 14.23 -68.81 38.83
C GLY N 62 13.05 -69.69 38.45
N SER N 63 11.86 -69.23 38.82
CA SER N 63 10.67 -70.01 38.60
C SER N 63 9.45 -69.14 38.87
N GLY N 64 8.28 -69.74 38.68
CA GLY N 64 7.05 -69.09 39.07
C GLY N 64 5.93 -70.08 39.34
N SER N 65 4.98 -69.67 40.18
CA SER N 65 3.82 -70.48 40.45
C SER N 65 2.63 -69.53 40.61
N GLY N 66 1.55 -69.80 39.88
CA GLY N 66 0.41 -68.90 39.93
C GLY N 66 0.85 -67.49 39.56
N THR N 67 0.58 -66.55 40.47
CA THR N 67 0.89 -65.14 40.29
C THR N 67 2.31 -64.81 40.76
N ASP N 68 3.06 -65.82 41.20
CA ASP N 68 4.36 -65.63 41.83
C ASP N 68 5.47 -66.01 40.87
N PHE N 69 6.60 -65.37 41.04
CA PHE N 69 7.86 -65.79 40.45
C PHE N 69 8.97 -65.70 41.48
N THR N 70 9.59 -66.83 41.77
CA THR N 70 10.59 -66.90 42.83
C THR N 70 11.97 -66.80 42.21
N LEU N 71 12.84 -66.02 42.86
CA LEU N 71 14.27 -66.12 42.66
C LEU N 71 14.80 -66.97 43.82
N THR N 72 15.33 -68.14 43.50
CA THR N 72 15.72 -69.10 44.52
C THR N 72 17.18 -69.53 44.33
N ILE N 73 18.02 -69.18 45.29
CA ILE N 73 19.46 -69.41 45.21
C ILE N 73 19.82 -70.38 46.31
N ASN N 74 20.57 -71.44 45.96
CA ASN N 74 20.91 -72.49 46.97
C ASN N 74 22.36 -72.32 47.43
N SER N 75 22.71 -72.86 48.61
CA SER N 75 24.12 -72.83 49.06
C SER N 75 24.73 -71.43 48.95
N LEU N 76 24.13 -70.41 49.58
CA LEU N 76 24.60 -69.01 49.46
C LEU N 76 26.06 -68.83 49.91
N GLU N 77 26.75 -67.80 49.40
CA GLU N 77 28.10 -67.47 49.84
C GLU N 77 28.19 -65.96 50.10
N ALA N 78 29.05 -65.58 51.05
CA ALA N 78 29.18 -64.18 51.44
C ALA N 78 29.63 -63.31 50.28
N GLU N 79 30.21 -63.95 49.25
CA GLU N 79 30.61 -63.19 48.06
C GLU N 79 29.41 -62.80 47.22
N ASP N 80 28.33 -63.59 47.31
CA ASP N 80 27.31 -63.56 46.28
C ASP N 80 26.36 -62.38 46.44
N PHE N 81 25.95 -62.10 47.68
CA PHE N 81 24.67 -61.41 47.88
C PHE N 81 24.65 -60.00 47.31
N GLY N 82 23.46 -59.57 46.90
CA GLY N 82 23.21 -58.27 46.33
C GLY N 82 21.72 -58.09 46.15
N ILE N 83 21.32 -56.86 45.85
CA ILE N 83 19.91 -56.56 45.71
C ILE N 83 19.38 -57.23 44.45
N TYR N 84 18.21 -57.86 44.55
CA TYR N 84 17.67 -58.66 43.48
C TYR N 84 16.48 -57.99 42.83
N PHE N 85 16.33 -58.21 41.52
CA PHE N 85 15.22 -57.68 40.75
C PHE N 85 14.56 -58.78 39.96
N CYS N 86 13.32 -58.54 39.59
CA CYS N 86 12.68 -59.19 38.47
C CYS N 86 12.22 -58.11 37.51
N GLN N 87 11.97 -58.50 36.26
CA GLN N 87 11.27 -57.65 35.32
C GLN N 87 10.01 -58.38 34.87
N GLN N 88 8.91 -57.65 34.77
CA GLN N 88 7.69 -58.19 34.18
C GLN N 88 7.97 -58.56 32.73
N THR N 89 7.03 -59.28 32.09
CA THR N 89 7.22 -59.53 30.64
C THR N 89 6.04 -59.02 29.81
N ASN N 90 6.33 -58.41 28.64
CA ASN N 90 5.28 -57.91 27.71
C ASN N 90 4.29 -56.99 28.44
N PHE N 91 2.99 -57.12 28.17
CA PHE N 91 1.96 -56.26 28.82
C PHE N 91 2.33 -54.78 28.69
N TRP N 92 2.73 -54.32 27.50
CA TRP N 92 3.03 -52.87 27.24
C TRP N 92 4.32 -52.40 27.96
N PRO N 93 4.39 -51.78 29.18
CA PRO N 93 5.68 -51.49 29.82
C PRO N 93 6.10 -52.63 30.75
N TYR N 94 7.40 -52.74 31.02
CA TYR N 94 7.85 -53.76 31.99
C TYR N 94 8.16 -53.05 33.31
N ILE N 95 7.42 -53.38 34.37
CA ILE N 95 7.68 -52.78 35.70
C ILE N 95 8.84 -53.56 36.31
N PHE N 96 9.94 -52.89 36.67
CA PHE N 96 11.07 -53.63 37.18
C PHE N 96 10.87 -53.80 38.67
N GLY N 97 11.49 -54.83 39.23
CA GLY N 97 11.35 -55.13 40.64
C GLY N 97 11.65 -53.91 41.47
N GLN N 98 10.83 -53.68 42.50
CA GLN N 98 11.16 -52.70 43.50
C GLN N 98 12.56 -52.93 44.07
N GLY N 99 13.00 -54.17 44.05
CA GLY N 99 14.29 -54.63 44.51
C GLY N 99 14.21 -55.24 45.89
N THR N 100 15.05 -56.25 46.12
CA THR N 100 15.16 -56.91 47.41
C THR N 100 16.64 -57.09 47.72
N LYS N 101 17.09 -56.46 48.80
CA LYS N 101 18.49 -56.50 49.18
C LYS N 101 18.78 -57.84 49.87
N LEU N 102 19.70 -58.61 49.31
CA LEU N 102 20.07 -59.89 49.90
C LEU N 102 21.21 -59.64 50.87
N GLU N 103 20.95 -59.92 52.15
CA GLU N 103 21.97 -59.90 53.19
C GLU N 103 22.35 -61.33 53.51
N ILE N 104 23.62 -61.56 53.80
CA ILE N 104 24.11 -62.86 54.19
C ILE N 104 24.93 -62.69 55.47
N LEU N 105 24.51 -63.40 56.51
CA LEU N 105 25.04 -63.28 57.86
C LEU N 105 26.25 -64.18 58.05
N LYS N 106 26.66 -64.32 59.31
CA LYS N 106 27.68 -65.26 59.76
C LYS N 106 29.09 -64.69 59.56
N ARG N 107 29.17 -63.50 58.97
CA ARG N 107 30.42 -62.75 59.03
C ARG N 107 30.68 -62.31 60.46
N VAL O 1 28.39 -56.48 23.21
CA VAL O 1 29.50 -56.51 24.14
C VAL O 1 29.74 -55.13 24.73
N GLN O 2 29.50 -54.06 23.97
CA GLN O 2 29.83 -52.73 24.47
C GLN O 2 28.72 -51.73 24.20
N LEU O 3 28.12 -51.24 25.28
CA LEU O 3 27.22 -50.09 25.29
C LEU O 3 27.93 -49.05 26.12
N VAL O 4 28.38 -47.96 25.49
CA VAL O 4 29.09 -46.90 26.18
C VAL O 4 28.18 -45.68 26.23
N GLN O 5 28.01 -45.13 27.41
CA GLN O 5 27.04 -44.09 27.68
C GLN O 5 27.73 -42.79 27.99
N SER O 6 27.18 -41.71 27.45
CA SER O 6 27.83 -40.42 27.50
C SER O 6 27.96 -39.97 28.95
N GLY O 7 28.83 -39.00 29.18
CA GLY O 7 29.07 -38.54 30.53
C GLY O 7 27.81 -38.04 31.19
N ALA O 8 27.92 -37.89 32.51
CA ALA O 8 26.80 -37.44 33.34
C ALA O 8 26.40 -36.03 32.97
N GLU O 9 25.15 -35.67 33.29
CA GLU O 9 24.63 -34.35 33.00
C GLU O 9 24.16 -33.69 34.29
N VAL O 10 24.12 -32.36 34.29
CA VAL O 10 23.49 -31.59 35.35
C VAL O 10 22.71 -30.46 34.70
N LYS O 11 21.37 -30.48 34.78
CA LYS O 11 20.57 -29.47 34.04
C LYS O 11 19.56 -28.77 34.96
N LYS O 12 19.27 -27.49 34.71
CA LYS O 12 18.30 -26.73 35.53
C LYS O 12 16.88 -27.21 35.21
N PRO O 13 15.93 -27.17 36.17
CA PRO O 13 14.57 -27.67 35.93
C PRO O 13 13.88 -27.18 34.64
N GLY O 14 13.04 -28.02 34.03
CA GLY O 14 12.37 -27.66 32.80
C GLY O 14 13.26 -27.65 31.58
N ALA O 15 14.56 -27.85 31.75
CA ALA O 15 15.50 -27.84 30.64
C ALA O 15 15.50 -29.20 29.94
N THR O 16 16.49 -29.42 29.08
CA THR O 16 16.57 -30.64 28.29
C THR O 16 17.92 -31.32 28.49
N VAL O 17 17.90 -32.64 28.35
CA VAL O 17 19.10 -33.46 28.29
C VAL O 17 18.91 -34.57 27.27
N LYS O 18 19.84 -34.66 26.32
CA LYS O 18 19.90 -35.81 25.43
C LYS O 18 21.14 -36.62 25.77
N ILE O 19 20.94 -37.89 26.10
CA ILE O 19 22.04 -38.78 26.43
C ILE O 19 22.15 -39.85 25.36
N SER O 20 23.39 -40.21 25.04
CA SER O 20 23.72 -41.15 23.99
C SER O 20 24.10 -42.51 24.60
N CYS O 21 23.69 -43.56 23.91
CA CYS O 21 24.18 -44.91 24.20
C CYS O 21 24.85 -45.42 22.95
N LYS O 22 26.17 -45.55 22.98
CA LYS O 22 26.94 -46.02 21.84
C LYS O 22 27.10 -47.53 21.94
N VAL O 23 27.14 -48.18 20.81
CA VAL O 23 27.12 -49.64 20.75
C VAL O 23 28.35 -50.17 20.03
N SER O 24 28.86 -51.29 20.53
CA SER O 24 29.81 -52.11 19.79
C SER O 24 29.82 -53.52 20.38
N GLY O 25 30.42 -54.45 19.64
CA GLY O 25 30.58 -55.80 20.14
C GLY O 25 29.53 -56.77 19.65
N TYR O 26 28.51 -56.29 18.93
CA TYR O 26 27.49 -57.15 18.35
C TYR O 26 26.99 -56.49 17.06
N SER O 27 25.86 -56.99 16.56
CA SER O 27 25.20 -56.40 15.40
C SER O 27 24.06 -55.47 15.85
N PHE O 28 24.21 -54.17 15.56
CA PHE O 28 23.41 -53.14 16.21
C PHE O 28 21.96 -53.11 15.71
N SER O 29 21.73 -53.54 14.46
CA SER O 29 20.36 -53.59 13.96
C SER O 29 19.65 -54.88 14.33
N ASN O 30 20.36 -55.86 14.89
CA ASN O 30 19.74 -57.11 15.35
C ASN O 30 19.16 -57.02 16.75
N TYR O 31 19.21 -55.86 17.40
CA TYR O 31 18.78 -55.75 18.78
C TYR O 31 18.05 -54.45 19.03
N TYR O 32 16.90 -54.53 19.70
CA TYR O 32 16.26 -53.34 20.20
C TYR O 32 17.00 -52.83 21.45
N ILE O 33 16.73 -51.57 21.81
CA ILE O 33 17.40 -50.92 22.93
C ILE O 33 16.36 -50.39 23.92
N HIS O 34 16.44 -50.85 25.16
CA HIS O 34 15.63 -50.33 26.26
C HIS O 34 16.41 -49.24 26.98
N TRP O 35 15.70 -48.21 27.42
CA TRP O 35 16.29 -47.17 28.25
C TRP O 35 15.70 -47.24 29.65
N VAL O 36 16.57 -47.33 30.65
CA VAL O 36 16.16 -47.62 32.01
C VAL O 36 16.73 -46.57 32.95
N LYS O 37 15.89 -46.04 33.82
CA LYS O 37 16.28 -45.07 34.83
C LYS O 37 16.21 -45.70 36.21
N GLN O 38 17.06 -45.23 37.11
CA GLN O 38 17.00 -45.65 38.50
C GLN O 38 17.25 -44.42 39.37
N ALA O 39 16.30 -44.09 40.24
CA ALA O 39 16.36 -42.85 41.00
C ALA O 39 17.30 -43.00 42.19
N PRO O 40 17.50 -41.92 42.97
CA PRO O 40 18.13 -42.08 44.29
C PRO O 40 17.35 -43.01 45.21
N GLY O 41 18.08 -44.00 45.76
CA GLY O 41 17.51 -44.96 46.69
C GLY O 41 16.42 -45.83 46.12
N LYS O 42 16.15 -45.76 44.82
CA LYS O 42 14.96 -46.38 44.23
C LYS O 42 15.37 -47.39 43.16
N SER O 43 14.37 -47.92 42.47
CA SER O 43 14.52 -49.10 41.64
C SER O 43 14.80 -48.75 40.17
N LEU O 44 14.99 -49.80 39.38
CA LEU O 44 15.07 -49.67 37.94
C LEU O 44 13.77 -49.12 37.40
N GLU O 45 13.84 -48.25 36.41
CA GLU O 45 12.65 -47.76 35.75
C GLU O 45 12.89 -47.71 34.26
N TRP O 46 12.08 -48.45 33.52
CA TRP O 46 12.16 -48.50 32.07
C TRP O 46 11.34 -47.36 31.47
N ILE O 47 12.02 -46.45 30.76
CA ILE O 47 11.33 -45.34 30.10
C ILE O 47 10.79 -45.73 28.72
N GLY O 48 11.55 -46.53 27.96
CA GLY O 48 11.15 -46.81 26.60
C GLY O 48 12.06 -47.84 25.96
N TYR O 49 11.57 -48.41 24.86
CA TYR O 49 12.40 -49.19 23.95
C TYR O 49 12.30 -48.58 22.57
N ILE O 50 13.39 -48.75 21.80
CA ILE O 50 13.57 -48.17 20.47
C ILE O 50 13.92 -49.32 19.52
N ASP O 51 13.89 -49.02 18.23
CA ASP O 51 14.40 -49.91 17.20
C ASP O 51 15.59 -49.27 16.52
N PRO O 52 16.63 -50.04 16.21
CA PRO O 52 17.74 -49.47 15.44
C PRO O 52 17.36 -49.13 14.01
N PHE O 53 16.57 -50.01 13.38
CA PHE O 53 16.24 -49.89 11.95
C PHE O 53 15.09 -48.92 11.73
N ASN O 54 14.33 -48.61 12.78
CA ASN O 54 13.13 -47.75 12.57
C ASN O 54 12.79 -47.08 13.89
N GLY O 55 11.61 -46.46 13.96
CA GLY O 55 11.19 -45.95 15.28
C GLY O 55 10.82 -47.16 16.11
N GLY O 56 10.92 -47.07 17.44
CA GLY O 56 10.44 -48.20 18.27
C GLY O 56 9.79 -47.67 19.53
N THR O 57 9.63 -46.34 19.64
CA THR O 57 9.16 -45.75 20.90
C THR O 57 7.85 -46.37 21.39
N SER O 58 7.85 -46.88 22.62
CA SER O 58 6.63 -47.38 23.30
C SER O 58 6.84 -46.82 24.69
N ASP O 59 6.98 -45.49 24.80
CA ASP O 59 7.33 -44.84 26.08
C ASP O 59 6.23 -44.99 27.13
N ASN O 60 6.54 -45.63 28.26
CA ASN O 60 5.56 -45.67 29.37
C ASN O 60 5.40 -44.22 29.81
N LEU O 61 4.18 -43.77 30.08
CA LEU O 61 4.04 -42.33 30.39
C LEU O 61 4.87 -42.02 31.62
N LYS O 62 4.72 -42.79 32.71
CA LYS O 62 5.63 -42.63 33.89
C LYS O 62 5.84 -41.15 34.16
N PHE O 63 7.12 -40.73 34.25
CA PHE O 63 7.43 -39.28 34.35
C PHE O 63 7.38 -38.77 32.91
N LYS O 64 6.59 -37.73 32.65
CA LYS O 64 6.44 -37.31 31.23
C LYS O 64 7.51 -36.29 30.84
N GLY O 65 8.63 -36.77 30.26
CA GLY O 65 9.63 -35.83 29.79
C GLY O 65 9.59 -35.60 28.30
N ALA O 66 8.45 -35.87 27.64
CA ALA O 66 8.34 -35.81 26.18
C ALA O 66 9.45 -36.63 25.53
N ALA O 67 9.83 -37.73 26.18
CA ALA O 67 11.01 -38.48 25.81
C ALA O 67 10.89 -39.00 24.38
N THR O 68 11.98 -38.88 23.62
CA THR O 68 12.11 -39.46 22.29
C THR O 68 13.45 -40.17 22.22
N LEU O 69 13.44 -41.39 21.71
CA LEU O 69 14.67 -42.13 21.47
C LEU O 69 14.95 -42.09 19.97
N THR O 70 16.20 -41.82 19.62
CA THR O 70 16.60 -41.89 18.23
C THR O 70 17.86 -42.74 18.13
N ALA O 71 17.88 -43.61 17.12
CA ALA O 71 19.07 -44.37 16.79
C ALA O 71 19.79 -43.68 15.65
N ASP O 72 21.08 -43.48 15.83
CA ASP O 72 21.97 -43.07 14.74
C ASP O 72 22.66 -44.38 14.36
N THR O 73 22.26 -44.92 13.21
CA THR O 73 22.73 -46.24 12.82
C THR O 73 24.17 -46.23 12.35
N SER O 74 24.66 -45.09 11.87
CA SER O 74 26.03 -45.03 11.37
C SER O 74 27.04 -45.30 12.48
N THR O 75 26.84 -44.72 13.66
CA THR O 75 27.75 -44.90 14.78
C THR O 75 27.31 -46.02 15.71
N ASP O 76 26.18 -46.67 15.42
CA ASP O 76 25.55 -47.61 16.33
C ASP O 76 25.35 -46.98 17.70
N THR O 77 24.70 -45.81 17.70
CA THR O 77 24.39 -45.11 18.94
C THR O 77 22.88 -45.04 19.07
N ALA O 78 22.39 -45.09 20.31
CA ALA O 78 21.01 -44.77 20.63
C ALA O 78 20.98 -43.52 21.50
N TYR O 79 19.98 -42.67 21.28
CA TYR O 79 19.90 -41.36 21.91
C TYR O 79 18.64 -41.29 22.76
N MET O 80 18.72 -40.56 23.87
CA MET O 80 17.57 -40.32 24.72
C MET O 80 17.47 -38.84 25.03
N GLU O 81 16.44 -38.18 24.49
CA GLU O 81 16.17 -36.79 24.79
C GLU O 81 15.06 -36.70 25.84
N LEU O 82 15.34 -35.98 26.91
CA LEU O 82 14.42 -35.83 28.03
C LEU O 82 14.27 -34.35 28.34
N SER O 83 13.09 -33.82 28.09
CA SER O 83 12.77 -32.41 28.31
C SER O 83 11.90 -32.25 29.56
N SER O 84 11.63 -30.99 29.89
CA SER O 84 10.91 -30.63 31.12
C SER O 84 11.51 -31.36 32.32
N LEU O 85 12.82 -31.19 32.48
CA LEU O 85 13.52 -31.80 33.60
C LEU O 85 12.95 -31.35 34.93
N ARG O 86 12.63 -32.31 35.78
CA ARG O 86 11.98 -32.03 37.03
C ARG O 86 12.83 -32.54 38.19
N SER O 87 12.55 -32.00 39.38
CA SER O 87 13.41 -32.20 40.54
C SER O 87 13.58 -33.68 40.87
N GLU O 88 12.67 -34.52 40.39
CA GLU O 88 12.81 -35.95 40.55
C GLU O 88 13.33 -36.64 39.29
N ASP O 89 13.65 -35.90 38.23
CA ASP O 89 14.34 -36.49 37.09
C ASP O 89 15.81 -36.72 37.34
N THR O 90 16.27 -36.33 38.53
CA THR O 90 17.69 -36.51 38.94
C THR O 90 17.94 -38.00 39.16
N ALA O 91 18.42 -38.72 38.13
CA ALA O 91 18.57 -40.18 38.29
C ALA O 91 19.55 -40.77 37.28
N VAL O 92 20.02 -42.01 37.52
CA VAL O 92 20.97 -42.69 36.60
C VAL O 92 20.20 -43.22 35.40
N TYR O 93 20.74 -43.10 34.19
CA TYR O 93 20.07 -43.55 32.98
C TYR O 93 20.82 -44.72 32.36
N TYR O 94 20.22 -45.90 32.39
CA TYR O 94 20.77 -47.07 31.71
C TYR O 94 20.10 -47.23 30.36
N CYS O 95 20.90 -47.64 29.38
CA CYS O 95 20.39 -48.16 28.12
C CYS O 95 20.55 -49.68 28.12
N ALA O 96 19.60 -50.37 27.48
CA ALA O 96 19.48 -51.81 27.64
C ALA O 96 19.27 -52.49 26.30
N ARG O 97 20.19 -53.39 25.96
CA ARG O 97 20.12 -54.11 24.69
C ARG O 97 19.05 -55.20 24.76
N SER O 98 18.06 -55.14 23.86
CA SER O 98 16.97 -56.15 23.82
C SER O 98 17.07 -56.97 22.52
N GLU O 99 16.40 -58.13 22.47
CA GLU O 99 16.38 -58.93 21.21
C GLU O 99 15.46 -58.26 20.18
N TYR O 100 15.79 -58.37 18.89
CA TYR O 100 14.91 -57.82 17.81
C TYR O 100 13.58 -58.57 17.81
N ASP O 101 13.62 -59.87 18.12
CA ASP O 101 12.39 -60.71 18.16
C ASP O 101 11.59 -60.35 19.43
N PRO O 102 10.37 -60.89 19.67
CA PRO O 102 9.55 -60.47 20.81
C PRO O 102 10.24 -60.70 22.16
N TYR O 103 11.33 -61.45 22.20
CA TYR O 103 12.12 -61.65 23.45
C TYR O 103 12.62 -60.30 23.96
N TYR O 104 12.68 -60.08 25.28
CA TYR O 104 13.07 -58.75 25.80
C TYR O 104 13.95 -58.80 27.06
N VAL O 105 15.17 -59.36 27.00
CA VAL O 105 16.06 -59.23 28.15
C VAL O 105 16.92 -58.01 27.90
N MET O 106 17.58 -57.55 28.93
CA MET O 106 18.81 -56.82 28.83
C MET O 106 19.87 -57.66 29.54
N ASP O 107 20.71 -58.33 28.74
CA ASP O 107 21.85 -59.09 29.30
C ASP O 107 23.02 -58.13 29.48
N TYR O 108 23.32 -57.32 28.46
CA TYR O 108 24.46 -56.36 28.55
C TYR O 108 23.97 -54.90 28.52
N TRP O 109 24.55 -54.06 29.38
CA TRP O 109 24.18 -52.67 29.52
C TRP O 109 25.32 -51.72 29.24
N GLY O 110 25.02 -50.42 29.26
CA GLY O 110 26.01 -49.40 29.52
C GLY O 110 26.28 -49.36 31.02
N GLN O 111 27.04 -48.35 31.43
CA GLN O 111 27.43 -48.24 32.83
C GLN O 111 26.50 -47.34 33.65
N GLY O 112 25.57 -46.65 33.02
CA GLY O 112 24.76 -45.63 33.69
C GLY O 112 25.28 -44.23 33.43
N THR O 113 24.36 -43.28 33.37
CA THR O 113 24.69 -41.88 33.21
C THR O 113 23.83 -41.04 34.15
N THR O 114 24.45 -40.37 35.11
CA THR O 114 23.68 -39.62 36.09
C THR O 114 23.34 -38.25 35.51
N VAL O 115 22.08 -37.87 35.60
CA VAL O 115 21.65 -36.51 35.32
C VAL O 115 21.05 -35.95 36.59
N THR O 116 21.57 -34.79 37.01
CA THR O 116 21.07 -34.08 38.16
C THR O 116 20.26 -32.88 37.67
N VAL O 117 19.00 -32.84 38.04
CA VAL O 117 18.13 -31.71 37.77
C VAL O 117 17.97 -30.96 39.09
N SER O 118 18.65 -29.82 39.19
CA SER O 118 18.64 -29.01 40.41
C SER O 118 18.82 -27.56 40.03
N SER O 119 18.06 -26.70 40.70
CA SER O 119 18.26 -25.26 40.54
C SER O 119 19.62 -24.84 41.10
N ALA O 120 20.30 -25.72 41.80
CA ALA O 120 21.61 -25.42 42.37
C ALA O 120 22.71 -25.76 41.37
N SER O 121 23.69 -24.89 41.29
CA SER O 121 24.79 -25.03 40.35
C SER O 121 25.82 -26.04 40.83
N THR O 122 26.58 -26.56 39.87
CA THR O 122 27.72 -27.43 40.14
C THR O 122 28.90 -26.59 40.62
#